data_8JJ1
#
_entry.id   8JJ1
#
_cell.length_a   1.00
_cell.length_b   1.00
_cell.length_c   1.00
_cell.angle_alpha   90.00
_cell.angle_beta   90.00
_cell.angle_gamma   90.00
#
_symmetry.space_group_name_H-M   'P 1'
#
loop_
_entity.id
_entity.type
_entity.pdbx_description
1 polymer 'Fab 2G7 Heavy Chain'
2 polymer 'Glutamate receptor ionotropic, NMDA 2A'
3 polymer 'Glutamate receptor ionotropic, NMDA 1'
4 polymer 'Fab 2G7 Light Chain'
5 branched 2-acetamido-2-deoxy-beta-D-glucopyranose-(1-4)-2-acetamido-2-deoxy-beta-D-glucopyranose
6 non-polymer 2-acetamido-2-deoxy-beta-D-glucopyranose
#
loop_
_entity_poly.entity_id
_entity_poly.type
_entity_poly.pdbx_seq_one_letter_code
_entity_poly.pdbx_strand_id
1 'polypeptide(L)'
;MDWTWSILFLVAAPTGAHSQVQLVQSGAEVRKPGASVKVSCRASGYSFTGYYVHWVRQAPGQGLEWLGWINPNTGGTDYS
QKFQGRVTMTRDTSITTAYVELSSLISDDTAVYYCARDATGAASSPFDYWGQGTLVTVSSASTKGPSVFPLAPSSKSTSG
GTAALGCLVKDYFPEPVTVSWNSGALTSGVHTFPAVLQSSGLYSLSSVVTVPSSSLGTQTYICNVNHKPSNTKVDKRVEP
KSCDKTHTCPPCP
;
H,E
2 'polypeptide(L)'
;MGRVGYWTLLVLPALLVWRGPAPSAAAEKGPPALNIAVMLGHSHDVTERELRTLWGPEQAAGLPLDVNVVALLMNRTDPK
SLITHVCDLMSGARIHGLVFGDDTDQEAVAQMLDFISSHTFVPILGIHGGASMIMADKDPTSTFFQFGASIQQQATVMLK
IMQDYDWHVFSLVTTIFPGYREFISFVKTTVDNSFVGWDMQNVITLDTSFEDAKTQVQLKKIHSSVILLYCSKDEAVLIL
SEARSLGLTGYDFFWIVPSLVSGNTELIPKEFPSGLISVSYDDWDYSLEARVRDGIGILTTAASSMLEKFSYIPEAKASC
YGQMERPEVPMHTLHPFMVNVTWDGKDLSFTEEGYQVHPRLVVIVLNKDREWEKVGKWENHTLSLRHAVWPRYKSFSDCE
PDDNHLSIVTLEEAPFVIVEDIDPLTETCVRNTVPCRKFVKINNSTNEGMNVKKCCKGFCIDILKKLSRTVKFTYDLYLV
TNGKHGKKVNNVWNGMIGEVVYQRAVMAVGSLTINEERSEVVDFSVPFVETGISVMVSRSNGTVSPSAFLEPFSASVWVM
MFVMLLIVSAIAVFVFEYFSPVGYNRNLAKGKAPHGPSFTIGKAIWLLWGLVFNNSVPVQNPKGTTSKIMVSVWAFFAVI
FLASYTANLAAFMIQEEFVDQVTGLSDKKFQRPHDYSPPFRFGTVPNGSTERNIRNNYPYMHQYMTKFNQKGVEDALVSL
KTGKLDAFIYDAAVLNYKAGRDEGCKLVTIGSGYIFATTGYGIALQKGSPWKRQIDLALLQFVGDGEMEELETLWLTGIC
HNEKNEVMSSQLDIDNMAGVFYMLAAAMALSLITFIWEHLF
;
A,C
3 'polypeptide(L)'
;MSTMRLLTLALLFSCSVARAACDPKIVNIGAVLSTRKHEQMFREAVNQANKRHGSWKIQLNATSVTHKPNAIQMALSVCE
DLISSQVYAILVSHPPTPNDHFTPTPVSYTAGFYRIPVLGLTTRMSIYSDKSIHLSFLRTVPPYSHQSSVWFEMMRVYSW
NHIILLVSDDHEGRAAQKRLETLLEERESKAEKVLQFDPGTKNVTALLMEAKELEARVIILSASEDDAATVYRAAAMLNM
TGSGYVWLVGEREISGNALRYAPDGILGLQLINGKNESAHISDAVGVVAQAVHELLEKENITDPPRGCVGNTNIWKTGPL
FKRVLMSSKYADGVTGRVEFNEDGDRKFANYSIMNLQNRKLVQVGIYNGTHVIPNDRKIIWPGGETEKPRGYQMSTRLKI
VTIHQEPFVYVKPTLSDGTCKEEFTVNGDPVKKVICTGPNDTSPGSPRHTVPQCCYGFCIDLLIKLARTMNFTYEVHLVA
DGKFGTQERVNNSNKKEWNGMMGELLSGQADMIVAPLTINNERAQYIEFSKPFKYQGLTILVKKEIPRSTLDSFMQPFQS
TLWLLVGLSVHVVAVMLYLLDRFSPFGRFKVNSEEEEEDALTLSSAMWFSWGVLLNSGIGEGAPRSFSARILGMVWAGFA
MIIVASYTANLAAFLVLDRPEERITGINDPRLRNPSDKFIYATVKQSSVDIYFRRQVELSTMYRHMEKHNYESAAEAIQA
VRDNKLHAFIWDSAVLEFEASQKCDLVTTGELFFRSGFGIGMRKDSPWKQNVSLSILKSHENGFMEDLDKTWVRYQECDS
RSNAPATLTFENMAGVFMLVAGGIVAGIFLIFIEIAYKRHKDARRKQ
;
B,D
4 'polypeptide(L)'
;MDMRVPAQLLGLLLLWLRGARCDIQMTQSPSTLSASVGDRVTITCRASQSISSWLAWYQQRPGQAPKLLIYMASTLQTGV
PSRFSGSGSGTEFTLTISSLQPDDFATYYCQHYKSYSFGPGTKVDIKRTVAAPSVFIFPPSDEQLKSGTASVVCLLNNFY
PREAKVQWKVDNALQSGNSQESVTEQDSKDSTYSLSSTLTLSKADYEKHKVYACEVTHQGLSSPVTKSFNRGEC
;
F,G
#
loop_
_chem_comp.id
_chem_comp.type
_chem_comp.name
_chem_comp.formula
NAG D-saccharide, beta linking 2-acetamido-2-deoxy-beta-D-glucopyranose 'C8 H15 N O6'
#
# COMPACT_ATOMS: atom_id res chain seq x y z
N GLN A 20 7.68 50.16 -75.71
CA GLN A 20 6.31 50.51 -75.36
C GLN A 20 5.71 49.46 -74.43
N VAL A 21 5.09 49.92 -73.35
CA VAL A 21 4.48 49.02 -72.38
C VAL A 21 3.12 48.58 -72.91
N GLN A 22 2.97 47.28 -73.16
CA GLN A 22 1.73 46.73 -73.68
C GLN A 22 1.38 45.46 -72.92
N LEU A 23 0.08 45.22 -72.73
CA LEU A 23 -0.42 44.04 -72.06
C LEU A 23 -1.44 43.37 -72.96
N VAL A 24 -1.23 42.08 -73.23
CA VAL A 24 -2.10 41.30 -74.11
C VAL A 24 -2.69 40.16 -73.30
N GLN A 25 -4.02 40.03 -73.34
CA GLN A 25 -4.74 38.99 -72.62
C GLN A 25 -5.39 38.04 -73.62
N SER A 26 -6.15 37.08 -73.09
CA SER A 26 -6.83 36.09 -73.91
C SER A 26 -8.20 36.59 -74.33
N GLY A 27 -8.82 35.86 -75.27
CA GLY A 27 -10.13 36.23 -75.76
C GLY A 27 -11.24 35.83 -74.80
N ALA A 28 -12.45 36.27 -75.14
CA ALA A 28 -13.62 35.99 -74.32
C ALA A 28 -13.93 34.49 -74.32
N GLU A 29 -14.29 33.97 -73.15
CA GLU A 29 -14.59 32.57 -72.98
C GLU A 29 -15.90 32.41 -72.20
N VAL A 30 -16.64 31.36 -72.52
CA VAL A 30 -17.89 31.02 -71.85
C VAL A 30 -17.75 29.63 -71.24
N ARG A 31 -17.99 29.54 -69.94
CA ARG A 31 -17.84 28.28 -69.21
C ARG A 31 -19.09 28.00 -68.38
N LYS A 32 -19.40 26.72 -68.24
CA LYS A 32 -20.54 26.32 -67.42
C LYS A 32 -20.23 26.54 -65.95
N PRO A 33 -21.25 26.72 -65.11
CA PRO A 33 -21.00 26.87 -63.67
C PRO A 33 -20.31 25.65 -63.09
N GLY A 34 -19.42 25.90 -62.14
CA GLY A 34 -18.65 24.84 -61.52
C GLY A 34 -17.42 24.38 -62.28
N ALA A 35 -17.11 25.01 -63.41
CA ALA A 35 -15.96 24.64 -64.21
C ALA A 35 -14.77 25.53 -63.85
N SER A 36 -13.69 25.42 -64.63
CA SER A 36 -12.48 26.19 -64.42
C SER A 36 -12.15 27.01 -65.67
N VAL A 37 -11.70 28.24 -65.46
CA VAL A 37 -11.36 29.15 -66.54
C VAL A 37 -9.95 29.69 -66.29
N LYS A 38 -9.13 29.73 -67.34
CA LYS A 38 -7.77 30.23 -67.28
C LYS A 38 -7.64 31.45 -68.15
N VAL A 39 -7.07 32.52 -67.60
CA VAL A 39 -6.88 33.78 -68.32
C VAL A 39 -5.40 34.11 -68.33
N SER A 40 -4.88 34.45 -69.51
CA SER A 40 -3.48 34.76 -69.69
C SER A 40 -3.26 36.26 -69.78
N CYS A 41 -2.03 36.68 -69.53
CA CYS A 41 -1.65 38.09 -69.59
C CYS A 41 -0.18 38.17 -69.97
N ARG A 42 0.10 38.65 -71.17
CA ARG A 42 1.46 38.77 -71.68
C ARG A 42 1.92 40.21 -71.58
N ALA A 43 3.13 40.41 -71.06
CA ALA A 43 3.69 41.74 -70.85
C ALA A 43 4.89 41.95 -71.76
N SER A 44 5.06 43.18 -72.24
CA SER A 44 6.17 43.52 -73.10
C SER A 44 6.54 44.98 -72.89
N GLY A 45 7.78 45.31 -73.26
CA GLY A 45 8.27 46.67 -73.13
C GLY A 45 8.82 47.05 -71.79
N TYR A 46 8.82 46.14 -70.81
CA TYR A 46 9.35 46.43 -69.49
C TYR A 46 9.78 45.13 -68.83
N SER A 47 10.52 45.26 -67.74
CA SER A 47 11.02 44.10 -67.00
C SER A 47 9.83 43.37 -66.37
N PHE A 48 9.54 42.17 -66.87
CA PHE A 48 8.40 41.41 -66.36
C PHE A 48 8.61 41.02 -64.89
N THR A 49 9.82 40.61 -64.53
CA THR A 49 10.09 40.20 -63.16
C THR A 49 10.13 41.39 -62.20
N GLY A 50 10.45 42.58 -62.69
CA GLY A 50 10.57 43.75 -61.84
C GLY A 50 9.29 44.49 -61.53
N TYR A 51 8.14 43.98 -61.97
CA TYR A 51 6.87 44.64 -61.73
C TYR A 51 5.81 43.61 -61.36
N TYR A 52 4.95 43.97 -60.42
CA TYR A 52 3.87 43.08 -60.00
C TYR A 52 2.78 43.02 -61.07
N VAL A 53 2.03 41.92 -61.06
CA VAL A 53 0.86 41.73 -61.92
C VAL A 53 -0.34 41.54 -61.02
N HIS A 54 -1.32 42.43 -61.12
CA HIS A 54 -2.52 42.41 -60.30
C HIS A 54 -3.74 42.10 -61.16
N TRP A 55 -4.63 41.26 -60.65
CA TRP A 55 -5.84 40.86 -61.34
C TRP A 55 -7.04 41.50 -60.66
N VAL A 56 -7.81 42.27 -61.42
CA VAL A 56 -9.00 42.96 -60.92
C VAL A 56 -10.17 42.63 -61.82
N ARG A 57 -11.28 42.20 -61.24
CA ARG A 57 -12.49 41.87 -61.97
C ARG A 57 -13.55 42.95 -61.75
N GLN A 58 -14.50 43.01 -62.67
CA GLN A 58 -15.57 44.01 -62.61
C GLN A 58 -16.82 43.42 -63.23
N ALA A 59 -17.81 43.09 -62.42
CA ALA A 59 -19.09 42.62 -62.93
C ALA A 59 -19.88 43.78 -63.53
N PRO A 60 -20.72 43.50 -64.53
CA PRO A 60 -21.57 44.56 -65.09
C PRO A 60 -22.47 45.16 -64.03
N GLY A 61 -22.62 46.48 -64.07
CA GLY A 61 -23.39 47.18 -63.06
C GLY A 61 -22.76 47.19 -61.69
N GLN A 62 -21.47 46.89 -61.59
CA GLN A 62 -20.78 46.82 -60.32
C GLN A 62 -19.38 47.40 -60.48
N GLY A 63 -18.82 47.87 -59.37
CA GLY A 63 -17.49 48.45 -59.37
C GLY A 63 -16.39 47.40 -59.46
N LEU A 64 -15.16 47.91 -59.48
CA LEU A 64 -14.00 47.02 -59.58
C LEU A 64 -13.86 46.18 -58.32
N GLU A 65 -13.48 44.91 -58.51
CA GLU A 65 -13.26 43.99 -57.41
C GLU A 65 -11.87 43.38 -57.56
N TRP A 66 -11.10 43.39 -56.47
CA TRP A 66 -9.72 42.93 -56.48
C TRP A 66 -9.66 41.45 -56.12
N LEU A 67 -8.83 40.70 -56.85
CA LEU A 67 -8.64 39.28 -56.63
C LEU A 67 -7.31 38.95 -55.98
N GLY A 68 -6.21 39.40 -56.57
CA GLY A 68 -4.91 39.10 -56.01
C GLY A 68 -3.81 39.64 -56.90
N TRP A 69 -2.57 39.30 -56.54
CA TRP A 69 -1.42 39.72 -57.32
C TRP A 69 -0.34 38.65 -57.24
N ILE A 70 0.56 38.68 -58.23
CA ILE A 70 1.64 37.72 -58.35
C ILE A 70 2.93 38.47 -58.63
N ASN A 71 3.99 38.12 -57.91
CA ASN A 71 5.30 38.72 -58.13
C ASN A 71 6.15 37.79 -58.98
N PRO A 72 6.42 38.11 -60.24
CA PRO A 72 7.22 37.21 -61.07
C PRO A 72 8.63 36.97 -60.56
N ASN A 73 9.23 37.95 -59.86
CA ASN A 73 10.61 37.82 -59.43
C ASN A 73 10.77 36.67 -58.43
N THR A 74 9.85 36.54 -57.49
CA THR A 74 9.96 35.52 -56.45
C THR A 74 8.85 34.47 -56.52
N GLY A 75 7.81 34.68 -57.31
CA GLY A 75 6.72 33.73 -57.41
C GLY A 75 5.70 33.81 -56.30
N GLY A 76 5.84 34.75 -55.37
CA GLY A 76 4.89 34.90 -54.28
C GLY A 76 3.49 35.21 -54.75
N THR A 77 2.50 34.47 -54.23
CA THR A 77 1.11 34.64 -54.61
C THR A 77 0.32 35.14 -53.40
N ASP A 78 -0.45 36.21 -53.60
CA ASP A 78 -1.33 36.75 -52.58
C ASP A 78 -2.76 36.73 -53.11
N TYR A 79 -3.67 36.16 -52.32
CA TYR A 79 -5.06 35.99 -52.72
C TYR A 79 -5.98 36.63 -51.70
N SER A 80 -7.10 37.17 -52.18
CA SER A 80 -8.10 37.73 -51.29
C SER A 80 -8.75 36.63 -50.46
N GLN A 81 -9.09 36.95 -49.22
CA GLN A 81 -9.67 35.95 -48.31
C GLN A 81 -10.98 35.40 -48.84
N LYS A 82 -11.75 36.23 -49.57
CA LYS A 82 -13.01 35.75 -50.14
C LYS A 82 -12.76 34.70 -51.22
N PHE A 83 -11.70 34.86 -52.00
CA PHE A 83 -11.42 34.00 -53.14
C PHE A 83 -10.34 32.96 -52.84
N GLN A 84 -9.99 32.76 -51.57
CA GLN A 84 -9.00 31.74 -51.23
C GLN A 84 -9.52 30.35 -51.55
N GLY A 85 -8.62 29.50 -52.03
CA GLY A 85 -8.97 28.13 -52.38
C GLY A 85 -9.46 27.93 -53.79
N ARG A 86 -9.61 29.00 -54.57
CA ARG A 86 -10.10 28.89 -55.94
C ARG A 86 -9.23 29.60 -56.96
N VAL A 87 -8.41 30.58 -56.56
CA VAL A 87 -7.60 31.36 -57.48
C VAL A 87 -6.17 30.86 -57.41
N THR A 88 -5.61 30.50 -58.56
CA THR A 88 -4.22 30.07 -58.68
C THR A 88 -3.53 30.92 -59.74
N MET A 89 -2.38 31.47 -59.38
CA MET A 89 -1.62 32.35 -60.27
C MET A 89 -0.25 31.75 -60.53
N THR A 90 0.12 31.67 -61.82
CA THR A 90 1.41 31.15 -62.23
C THR A 90 2.07 32.14 -63.19
N ARG A 91 3.40 32.15 -63.20
CA ARG A 91 4.17 33.04 -64.04
C ARG A 91 5.30 32.27 -64.71
N ASP A 92 5.72 32.76 -65.88
CA ASP A 92 6.81 32.17 -66.63
C ASP A 92 7.74 33.27 -67.10
N THR A 93 8.99 33.23 -66.64
CA THR A 93 9.96 34.27 -67.00
C THR A 93 10.40 34.14 -68.45
N SER A 94 10.45 32.92 -68.99
CA SER A 94 10.95 32.72 -70.35
C SER A 94 10.06 33.40 -71.38
N ILE A 95 8.75 33.45 -71.14
CA ILE A 95 7.80 34.05 -72.07
C ILE A 95 7.16 35.31 -71.52
N THR A 96 7.47 35.70 -70.27
CA THR A 96 6.93 36.90 -69.64
C THR A 96 5.40 36.93 -69.70
N THR A 97 4.80 35.79 -69.36
CA THR A 97 3.35 35.64 -69.38
C THR A 97 2.87 35.15 -68.03
N ALA A 98 1.75 35.69 -67.57
CA ALA A 98 1.14 35.33 -66.30
C ALA A 98 -0.22 34.70 -66.55
N TYR A 99 -0.52 33.64 -65.79
CA TYR A 99 -1.77 32.90 -65.94
C TYR A 99 -2.49 32.86 -64.61
N VAL A 100 -3.81 33.03 -64.64
CA VAL A 100 -4.67 32.95 -63.47
C VAL A 100 -5.74 31.90 -63.72
N GLU A 101 -5.92 31.01 -62.75
CA GLU A 101 -6.90 29.94 -62.85
C GLU A 101 -7.94 30.10 -61.74
N LEU A 102 -9.21 30.08 -62.12
CA LEU A 102 -10.32 30.21 -61.18
C LEU A 102 -11.24 29.01 -61.32
N SER A 103 -11.58 28.40 -60.19
CA SER A 103 -12.45 27.22 -60.17
C SER A 103 -13.74 27.54 -59.43
N SER A 104 -14.68 26.60 -59.52
CA SER A 104 -16.00 26.73 -58.89
C SER A 104 -16.71 28.00 -59.34
N LEU A 105 -16.86 28.13 -60.65
CA LEU A 105 -17.50 29.30 -61.22
C LEU A 105 -18.99 29.32 -60.87
N ILE A 106 -19.49 30.52 -60.57
CA ILE A 106 -20.90 30.73 -60.25
C ILE A 106 -21.44 31.81 -61.17
N SER A 107 -22.75 32.03 -61.08
CA SER A 107 -23.39 33.04 -61.92
C SER A 107 -22.89 34.45 -61.59
N ASP A 108 -22.41 34.67 -60.37
CA ASP A 108 -21.88 35.96 -59.98
C ASP A 108 -20.46 36.21 -60.46
N ASP A 109 -19.80 35.18 -61.01
CA ASP A 109 -18.43 35.32 -61.49
C ASP A 109 -18.34 35.88 -62.90
N THR A 110 -19.48 36.12 -63.56
CA THR A 110 -19.47 36.70 -64.90
C THR A 110 -18.99 38.14 -64.82
N ALA A 111 -17.76 38.39 -65.25
CA ALA A 111 -17.15 39.71 -65.15
C ALA A 111 -16.01 39.79 -66.15
N VAL A 112 -15.36 40.96 -66.19
CA VAL A 112 -14.22 41.21 -67.06
C VAL A 112 -12.98 41.31 -66.18
N TYR A 113 -11.94 40.54 -66.52
CA TYR A 113 -10.73 40.47 -65.73
C TYR A 113 -9.63 41.28 -66.41
N TYR A 114 -8.95 42.11 -65.62
CA TYR A 114 -7.88 42.97 -66.10
C TYR A 114 -6.60 42.68 -65.33
N CYS A 115 -5.47 42.68 -66.03
CA CYS A 115 -4.16 42.58 -65.40
C CYS A 115 -3.45 43.92 -65.51
N ALA A 116 -2.89 44.38 -64.38
CA ALA A 116 -2.28 45.69 -64.30
C ALA A 116 -0.86 45.57 -63.76
N ARG A 117 -0.06 46.59 -64.02
CA ARG A 117 1.34 46.63 -63.62
C ARG A 117 1.51 47.50 -62.38
N ASP A 118 2.35 47.05 -61.45
CA ASP A 118 2.68 47.80 -60.25
C ASP A 118 4.18 47.73 -60.02
N ALA A 119 4.76 48.85 -59.57
CA ALA A 119 6.19 48.92 -59.35
C ALA A 119 6.60 48.10 -58.13
N THR A 120 7.81 47.53 -58.20
CA THR A 120 8.35 46.73 -57.11
C THR A 120 9.07 47.64 -56.11
N GLY A 121 8.72 47.49 -54.84
CA GLY A 121 9.29 48.29 -53.77
C GLY A 121 8.60 49.63 -53.58
N ALA A 122 8.30 50.32 -54.68
CA ALA A 122 7.60 51.60 -54.60
C ALA A 122 6.11 51.38 -54.46
N ALA A 123 5.50 52.03 -53.47
CA ALA A 123 4.08 51.92 -53.20
C ALA A 123 3.33 53.20 -53.54
N SER A 124 3.68 53.85 -54.64
CA SER A 124 3.06 55.11 -55.03
C SER A 124 2.61 55.11 -56.49
N SER A 125 2.64 53.96 -57.15
CA SER A 125 2.23 53.83 -58.55
C SER A 125 1.23 52.71 -58.68
N PRO A 126 -0.03 52.94 -58.30
CA PRO A 126 -1.04 51.88 -58.31
C PRO A 126 -1.67 51.72 -59.69
N PHE A 127 -1.40 50.58 -60.33
CA PHE A 127 -2.02 50.22 -61.60
C PHE A 127 -1.76 51.30 -62.67
N ASP A 128 -0.48 51.50 -62.97
CA ASP A 128 -0.11 52.53 -63.93
C ASP A 128 -0.61 52.20 -65.34
N TYR A 129 -0.59 50.92 -65.71
CA TYR A 129 -1.02 50.48 -67.03
C TYR A 129 -2.06 49.38 -66.88
N TRP A 130 -2.99 49.33 -67.84
CA TRP A 130 -4.07 48.37 -67.83
C TRP A 130 -4.18 47.69 -69.18
N GLY A 131 -4.58 46.41 -69.16
CA GLY A 131 -4.83 45.68 -70.38
C GLY A 131 -6.26 45.87 -70.88
N GLN A 132 -6.51 45.36 -72.08
CA GLN A 132 -7.84 45.51 -72.68
C GLN A 132 -8.90 44.71 -71.94
N GLY A 133 -8.51 43.69 -71.18
CA GLY A 133 -9.47 42.93 -70.40
C GLY A 133 -10.00 41.70 -71.13
N THR A 134 -10.40 40.71 -70.35
CA THR A 134 -10.97 39.47 -70.87
C THR A 134 -12.31 39.24 -70.20
N LEU A 135 -13.34 38.96 -71.00
CA LEU A 135 -14.68 38.73 -70.51
C LEU A 135 -14.93 37.24 -70.34
N VAL A 136 -15.40 36.85 -69.16
CA VAL A 136 -15.75 35.47 -68.86
C VAL A 136 -17.24 35.42 -68.52
N THR A 137 -17.97 34.56 -69.22
CA THR A 137 -19.41 34.43 -69.05
C THR A 137 -19.72 33.06 -68.46
N VAL A 138 -20.48 33.03 -67.37
CA VAL A 138 -20.89 31.81 -66.71
C VAL A 138 -22.40 31.69 -66.85
N SER A 139 -22.84 30.63 -67.53
CA SER A 139 -24.27 30.40 -67.75
C SER A 139 -24.49 28.93 -68.05
N SER A 140 -25.74 28.50 -67.90
CA SER A 140 -26.13 27.13 -68.17
C SER A 140 -26.49 26.87 -69.62
N ALA A 141 -26.49 27.91 -70.45
CA ALA A 141 -26.83 27.76 -71.86
C ALA A 141 -25.61 27.33 -72.68
N LEU B 34 49.75 37.47 -13.88
CA LEU B 34 50.53 38.56 -13.32
C LEU B 34 49.63 39.73 -12.92
N ASN B 35 48.61 39.99 -13.74
CA ASN B 35 47.67 41.06 -13.50
C ASN B 35 46.25 40.51 -13.56
N ILE B 36 45.45 40.82 -12.55
CA ILE B 36 44.07 40.34 -12.45
C ILE B 36 43.15 41.54 -12.31
N ALA B 37 42.08 41.54 -13.11
CA ALA B 37 41.08 42.61 -13.07
C ALA B 37 39.76 42.04 -12.56
N VAL B 38 39.18 42.71 -11.57
CA VAL B 38 37.95 42.27 -10.93
C VAL B 38 36.90 43.36 -11.09
N MET B 39 35.71 42.97 -11.57
CA MET B 39 34.59 43.88 -11.73
C MET B 39 33.46 43.45 -10.81
N LEU B 40 32.97 44.38 -10.01
CA LEU B 40 31.92 44.11 -9.02
C LEU B 40 30.72 45.01 -9.29
N GLY B 41 29.72 44.89 -8.42
CA GLY B 41 28.52 45.70 -8.50
C GLY B 41 28.65 46.99 -7.71
N HIS B 42 27.51 47.65 -7.51
CA HIS B 42 27.44 48.92 -6.81
C HIS B 42 27.00 48.77 -5.35
N SER B 43 26.98 47.55 -4.84
CA SER B 43 26.52 47.34 -3.46
C SER B 43 27.45 48.01 -2.45
N HIS B 44 28.75 47.90 -2.64
CA HIS B 44 29.74 48.46 -1.73
C HIS B 44 30.66 49.42 -2.48
N ASP B 45 31.67 49.91 -1.77
CA ASP B 45 32.62 50.87 -2.34
C ASP B 45 33.72 50.14 -3.10
N VAL B 46 34.18 50.76 -4.19
CA VAL B 46 35.19 50.13 -5.04
C VAL B 46 36.54 50.11 -4.35
N THR B 47 36.90 51.19 -3.65
CA THR B 47 38.24 51.30 -3.09
C THR B 47 38.51 50.24 -2.02
N GLU B 48 37.55 50.04 -1.11
CA GLU B 48 37.75 49.05 -0.06
C GLU B 48 37.84 47.64 -0.63
N ARG B 49 37.00 47.33 -1.62
CA ARG B 49 37.07 46.02 -2.27
C ARG B 49 38.42 45.82 -2.96
N GLU B 50 38.91 46.85 -3.66
CA GLU B 50 40.21 46.75 -4.30
C GLU B 50 41.32 46.53 -3.26
N LEU B 51 41.27 47.26 -2.15
CA LEU B 51 42.29 47.12 -1.12
C LEU B 51 42.27 45.72 -0.52
N ARG B 52 41.09 45.19 -0.20
CA ARG B 52 41.02 43.88 0.42
C ARG B 52 41.40 42.78 -0.56
N THR B 53 41.03 42.93 -1.84
CA THR B 53 41.45 41.94 -2.84
C THR B 53 42.97 41.97 -3.03
N LEU B 54 43.57 43.15 -2.99
CA LEU B 54 45.03 43.24 -3.08
C LEU B 54 45.70 42.62 -1.87
N TRP B 55 45.15 42.85 -0.67
CA TRP B 55 45.76 42.34 0.55
C TRP B 55 45.48 40.87 0.80
N GLY B 56 44.51 40.28 0.09
CA GLY B 56 44.20 38.88 0.23
C GLY B 56 45.39 37.95 0.08
N PRO B 57 45.97 37.90 -1.13
CA PRO B 57 47.14 37.03 -1.34
C PRO B 57 48.34 37.42 -0.50
N GLU B 58 48.41 38.66 -0.03
CA GLU B 58 49.54 39.08 0.81
C GLU B 58 49.49 38.50 2.21
N GLN B 59 48.35 37.94 2.63
CA GLN B 59 48.24 37.37 3.96
C GLN B 59 49.16 36.17 4.14
N ALA B 60 49.19 35.27 3.15
CA ALA B 60 50.01 34.07 3.22
C ALA B 60 50.23 33.54 1.81
N ALA B 61 51.18 32.62 1.69
CA ALA B 61 51.52 31.96 0.43
C ALA B 61 51.90 32.99 -0.64
N GLY B 62 52.97 33.73 -0.35
CA GLY B 62 53.47 34.74 -1.27
C GLY B 62 53.89 34.18 -2.61
N LEU B 63 53.35 34.77 -3.69
CA LEU B 63 53.71 34.33 -5.02
C LEU B 63 55.13 34.75 -5.37
N PRO B 64 55.80 34.00 -6.24
CA PRO B 64 57.13 34.44 -6.71
C PRO B 64 57.10 35.79 -7.40
N LEU B 65 56.02 36.10 -8.12
CA LEU B 65 55.84 37.39 -8.78
C LEU B 65 54.60 38.06 -8.20
N ASP B 66 54.76 39.33 -7.83
CA ASP B 66 53.65 40.07 -7.24
C ASP B 66 52.53 40.28 -8.25
N VAL B 67 51.29 40.21 -7.77
CA VAL B 67 50.11 40.36 -8.62
C VAL B 67 49.26 41.50 -8.06
N ASN B 68 48.79 42.37 -8.94
CA ASN B 68 47.95 43.50 -8.58
C ASN B 68 46.50 43.24 -9.00
N VAL B 69 45.59 43.95 -8.35
CA VAL B 69 44.15 43.80 -8.60
C VAL B 69 43.60 45.15 -9.05
N VAL B 70 42.87 45.13 -10.17
CA VAL B 70 42.22 46.31 -10.71
C VAL B 70 40.72 46.14 -10.52
N ALA B 71 40.09 47.11 -9.87
CA ALA B 71 38.67 47.05 -9.53
C ALA B 71 37.88 48.05 -10.37
N LEU B 72 36.75 47.59 -10.90
CA LEU B 72 35.85 48.43 -11.67
C LEU B 72 34.44 48.30 -11.10
N LEU B 73 33.69 49.39 -11.17
CA LEU B 73 32.32 49.44 -10.67
C LEU B 73 31.42 50.01 -11.76
N MET B 74 30.33 49.29 -12.06
CA MET B 74 29.37 49.74 -13.06
C MET B 74 27.96 49.42 -12.57
N ASN B 75 27.03 50.32 -12.87
CA ASN B 75 25.63 50.15 -12.47
C ASN B 75 24.82 49.38 -13.50
N ARG B 76 25.38 49.09 -14.67
CA ARG B 76 24.69 48.36 -15.72
C ARG B 76 25.61 47.28 -16.27
N THR B 77 24.99 46.24 -16.82
CA THR B 77 25.72 45.09 -17.36
C THR B 77 25.20 44.72 -18.75
N ASP B 78 24.96 45.73 -19.58
CA ASP B 78 24.57 45.45 -20.95
C ASP B 78 25.76 44.86 -21.72
N PRO B 79 25.49 44.02 -22.72
CA PRO B 79 26.61 43.32 -23.39
C PRO B 79 27.64 44.24 -24.00
N LYS B 80 27.21 45.37 -24.59
CA LYS B 80 28.18 46.30 -25.18
C LYS B 80 29.08 46.91 -24.11
N SER B 81 28.50 47.31 -22.98
CA SER B 81 29.32 47.84 -21.89
C SER B 81 30.29 46.78 -21.38
N LEU B 82 29.83 45.54 -21.25
CA LEU B 82 30.70 44.47 -20.76
C LEU B 82 31.87 44.23 -21.69
N ILE B 83 31.60 44.16 -23.00
CA ILE B 83 32.68 43.88 -23.95
C ILE B 83 33.63 45.06 -24.05
N THR B 84 33.11 46.29 -23.97
CA THR B 84 34.00 47.46 -23.96
C THR B 84 34.88 47.47 -22.72
N HIS B 85 34.31 47.12 -21.56
CA HIS B 85 35.12 47.05 -20.34
C HIS B 85 36.18 45.97 -20.45
N VAL B 86 35.83 44.82 -21.04
CA VAL B 86 36.81 43.74 -21.23
C VAL B 86 37.93 44.20 -22.14
N CYS B 87 37.61 44.90 -23.23
CA CYS B 87 38.64 45.40 -24.13
C CYS B 87 39.51 46.45 -23.45
N ASP B 88 38.91 47.32 -22.64
CA ASP B 88 39.70 48.30 -21.90
C ASP B 88 40.64 47.62 -20.92
N LEU B 89 40.17 46.57 -20.24
CA LEU B 89 41.04 45.82 -19.34
C LEU B 89 42.12 45.08 -20.10
N MET B 90 41.86 44.70 -21.36
CA MET B 90 42.88 44.04 -22.16
C MET B 90 44.10 44.92 -22.35
N SER B 91 43.88 46.21 -22.62
CA SER B 91 44.99 47.17 -22.70
C SER B 91 45.55 47.52 -21.33
N GLY B 92 44.87 47.11 -20.25
CA GLY B 92 45.34 47.40 -18.90
C GLY B 92 46.50 46.55 -18.47
N ALA B 93 47.66 46.76 -19.09
CA ALA B 93 48.89 46.03 -18.75
C ALA B 93 48.72 44.52 -18.89
N ARG B 94 47.98 44.10 -19.92
CA ARG B 94 47.82 42.69 -20.28
C ARG B 94 47.23 41.89 -19.12
N ILE B 95 45.99 42.23 -18.78
CA ILE B 95 45.27 41.50 -17.74
C ILE B 95 45.16 40.03 -18.13
N HIS B 96 45.59 39.16 -17.22
CA HIS B 96 45.60 37.73 -17.50
C HIS B 96 44.33 37.02 -17.05
N GLY B 97 43.74 37.46 -15.94
CA GLY B 97 42.53 36.84 -15.43
C GLY B 97 41.47 37.87 -15.12
N LEU B 98 40.22 37.48 -15.38
CA LEU B 98 39.07 38.35 -15.18
C LEU B 98 38.14 37.72 -14.15
N VAL B 99 37.74 38.52 -13.16
CA VAL B 99 36.77 38.11 -12.16
C VAL B 99 35.58 39.05 -12.27
N PHE B 100 34.40 38.50 -12.52
CA PHE B 100 33.20 39.29 -12.76
C PHE B 100 32.20 39.08 -11.64
N GLY B 101 31.73 40.19 -11.06
CA GLY B 101 30.66 40.16 -10.10
C GLY B 101 29.42 40.83 -10.64
N ASP B 102 28.24 40.40 -10.20
CA ASP B 102 26.99 40.93 -10.72
C ASP B 102 26.00 41.10 -9.58
N ASP B 103 25.05 42.01 -9.77
CA ASP B 103 23.99 42.27 -8.81
C ASP B 103 22.59 42.01 -9.36
N THR B 104 22.46 41.70 -10.64
CA THR B 104 21.16 41.46 -11.26
C THR B 104 20.87 39.96 -11.33
N ASP B 105 19.64 39.65 -11.69
CA ASP B 105 19.18 38.26 -11.81
C ASP B 105 19.27 37.74 -13.24
N GLN B 106 19.80 38.53 -14.18
CA GLN B 106 19.90 38.10 -15.56
C GLN B 106 21.02 37.07 -15.71
N GLU B 107 20.66 35.88 -16.21
CA GLU B 107 21.62 34.80 -16.37
C GLU B 107 22.33 34.82 -17.72
N ALA B 108 21.90 35.68 -18.65
CA ALA B 108 22.56 35.76 -19.96
C ALA B 108 23.97 36.30 -19.86
N VAL B 109 24.31 36.98 -18.76
CA VAL B 109 25.67 37.46 -18.58
C VAL B 109 26.64 36.29 -18.50
N ALA B 110 26.19 35.14 -18.02
CA ALA B 110 27.04 33.94 -18.04
C ALA B 110 27.35 33.53 -19.47
N GLN B 111 26.35 33.57 -20.35
CA GLN B 111 26.60 33.25 -21.76
C GLN B 111 27.53 34.28 -22.40
N MET B 112 27.36 35.56 -22.05
CA MET B 112 28.24 36.59 -22.58
C MET B 112 29.68 36.36 -22.13
N LEU B 113 29.88 36.03 -20.85
CA LEU B 113 31.23 35.76 -20.35
C LEU B 113 31.82 34.52 -21.02
N ASP B 114 31.01 33.49 -21.24
CA ASP B 114 31.50 32.30 -21.94
C ASP B 114 31.92 32.64 -23.37
N PHE B 115 31.12 33.46 -24.05
CA PHE B 115 31.48 33.88 -25.41
C PHE B 115 32.76 34.69 -25.41
N ILE B 116 32.93 35.59 -24.43
CA ILE B 116 34.15 36.38 -24.35
C ILE B 116 35.36 35.49 -24.12
N SER B 117 35.27 34.57 -23.15
CA SER B 117 36.38 33.68 -22.85
C SER B 117 36.66 32.71 -23.98
N SER B 118 35.68 32.43 -24.85
CA SER B 118 35.88 31.51 -25.96
C SER B 118 36.61 32.14 -27.13
N HIS B 119 36.84 33.46 -27.11
CA HIS B 119 37.50 34.13 -28.23
C HIS B 119 38.58 35.13 -27.79
N THR B 120 38.83 35.28 -26.49
CA THR B 120 39.89 36.16 -26.02
C THR B 120 40.96 35.43 -25.21
N PHE B 121 40.76 34.17 -24.89
CA PHE B 121 41.74 33.33 -24.19
C PHE B 121 42.08 33.85 -22.81
N VAL B 122 41.16 34.58 -22.18
CA VAL B 122 41.32 35.10 -20.83
C VAL B 122 40.32 34.37 -19.93
N PRO B 123 40.78 33.61 -18.94
CA PRO B 123 39.84 32.90 -18.07
C PRO B 123 38.96 33.87 -17.29
N ILE B 124 37.71 33.48 -17.10
CA ILE B 124 36.72 34.29 -16.38
C ILE B 124 36.13 33.42 -15.28
N LEU B 125 36.05 33.99 -14.07
CA LEU B 125 35.53 33.28 -12.90
C LEU B 125 34.22 33.92 -12.47
N GLY B 126 33.20 33.10 -12.23
CA GLY B 126 31.89 33.59 -11.86
C GLY B 126 31.74 33.76 -10.36
N ILE B 127 31.13 34.88 -9.97
CA ILE B 127 30.90 35.20 -8.56
C ILE B 127 29.40 35.41 -8.38
N HIS B 128 28.98 35.73 -7.16
CA HIS B 128 27.56 35.88 -6.86
C HIS B 128 26.92 36.94 -7.75
N GLY B 129 25.73 36.62 -8.27
CA GLY B 129 25.03 37.49 -9.18
C GLY B 129 24.40 36.71 -10.32
N GLY B 130 24.33 37.33 -11.51
CA GLY B 130 23.77 36.66 -12.66
C GLY B 130 24.65 35.58 -13.25
N ALA B 131 25.96 35.62 -12.97
CA ALA B 131 26.89 34.64 -13.50
C ALA B 131 26.90 33.34 -12.70
N SER B 132 26.25 33.31 -11.53
CA SER B 132 26.24 32.11 -10.71
C SER B 132 25.30 31.04 -11.25
N MET B 133 24.35 31.40 -12.11
CA MET B 133 23.41 30.45 -12.68
C MET B 133 24.12 29.67 -13.78
N ILE B 134 24.68 28.52 -13.40
CA ILE B 134 25.39 27.66 -14.34
C ILE B 134 24.35 26.76 -15.00
N MET B 135 24.00 27.08 -16.24
CA MET B 135 23.04 26.31 -17.02
C MET B 135 23.49 25.99 -18.44
N ALA B 136 24.43 26.76 -19.00
CA ALA B 136 24.86 26.56 -20.37
C ALA B 136 26.05 25.61 -20.42
N ASP B 137 26.18 24.91 -21.56
CA ASP B 137 27.31 24.02 -21.78
C ASP B 137 28.51 24.84 -22.24
N LYS B 138 29.59 24.80 -21.47
CA LYS B 138 30.77 25.60 -21.77
C LYS B 138 31.44 25.11 -23.06
N ASP B 139 31.87 26.06 -23.88
CA ASP B 139 32.57 25.71 -25.11
C ASP B 139 33.91 25.07 -24.78
N PRO B 140 34.32 24.03 -25.53
CA PRO B 140 35.62 23.42 -25.26
C PRO B 140 36.79 24.39 -25.36
N THR B 141 36.71 25.35 -26.28
CA THR B 141 37.75 26.37 -26.40
C THR B 141 37.60 27.49 -25.38
N SER B 142 36.46 27.56 -24.69
CA SER B 142 36.25 28.61 -23.69
C SER B 142 36.96 28.26 -22.39
N THR B 143 37.11 29.28 -21.54
CA THR B 143 37.76 29.14 -20.24
C THR B 143 36.92 29.84 -19.17
N PHE B 144 35.62 29.57 -19.17
CA PHE B 144 34.69 30.16 -18.22
C PHE B 144 34.40 29.14 -17.12
N PHE B 145 34.65 29.54 -15.87
CA PHE B 145 34.38 28.70 -14.71
C PHE B 145 33.51 29.49 -13.73
N GLN B 146 32.44 28.86 -13.25
CA GLN B 146 31.49 29.52 -12.38
C GLN B 146 31.50 28.85 -11.01
N PHE B 147 31.39 29.67 -9.96
CA PHE B 147 31.35 29.15 -8.59
C PHE B 147 30.01 28.51 -8.25
N GLY B 148 28.99 28.67 -9.08
CA GLY B 148 27.70 28.10 -8.80
C GLY B 148 27.68 26.59 -8.96
N ALA B 149 26.62 25.98 -8.45
CA ALA B 149 26.45 24.53 -8.49
C ALA B 149 25.42 24.16 -9.55
N SER B 150 25.82 23.28 -10.46
CA SER B 150 24.91 22.83 -11.51
C SER B 150 23.83 21.92 -10.91
N ILE B 151 22.72 21.81 -11.65
CA ILE B 151 21.62 20.97 -11.20
C ILE B 151 21.98 19.49 -11.20
N GLN B 152 23.05 19.11 -11.93
CA GLN B 152 23.48 17.72 -11.94
C GLN B 152 23.87 17.25 -10.53
N GLN B 153 24.61 18.07 -9.80
CA GLN B 153 24.94 17.75 -8.42
C GLN B 153 23.82 18.14 -7.45
N GLN B 154 22.96 19.08 -7.85
CA GLN B 154 21.79 19.38 -7.02
C GLN B 154 20.87 18.17 -6.91
N ALA B 155 20.75 17.40 -8.00
CA ALA B 155 19.96 16.16 -7.94
C ALA B 155 20.55 15.18 -6.93
N THR B 156 21.89 15.04 -6.92
CA THR B 156 22.53 14.16 -5.96
C THR B 156 22.33 14.66 -4.54
N VAL B 157 22.39 15.97 -4.34
CA VAL B 157 22.17 16.54 -3.01
C VAL B 157 20.75 16.26 -2.54
N MET B 158 19.76 16.44 -3.44
CA MET B 158 18.38 16.14 -3.07
C MET B 158 18.19 14.66 -2.77
N LEU B 159 18.86 13.79 -3.53
CA LEU B 159 18.78 12.36 -3.25
C LEU B 159 19.38 12.02 -1.88
N LYS B 160 20.51 12.65 -1.55
CA LYS B 160 21.10 12.43 -0.24
C LYS B 160 20.19 12.93 0.88
N ILE B 161 19.55 14.08 0.67
CA ILE B 161 18.62 14.61 1.66
C ILE B 161 17.45 13.66 1.86
N MET B 162 16.91 13.12 0.75
CA MET B 162 15.84 12.15 0.87
C MET B 162 16.29 10.88 1.56
N GLN B 163 17.55 10.47 1.34
CA GLN B 163 18.10 9.33 2.09
C GLN B 163 18.14 9.63 3.58
N ASP B 164 18.54 10.85 3.95
CA ASP B 164 18.57 11.22 5.36
C ASP B 164 17.16 11.24 5.97
N TYR B 165 16.15 11.50 5.15
CA TYR B 165 14.75 11.45 5.60
C TYR B 165 14.11 10.09 5.38
N ASP B 166 14.86 9.12 4.83
CA ASP B 166 14.34 7.77 4.59
C ASP B 166 13.10 7.80 3.69
N TRP B 167 13.12 8.66 2.68
CA TRP B 167 12.04 8.76 1.69
C TRP B 167 12.43 7.90 0.49
N HIS B 168 11.87 6.70 0.43
CA HIS B 168 12.19 5.75 -0.62
C HIS B 168 11.16 5.72 -1.75
N VAL B 169 10.24 6.69 -1.76
CA VAL B 169 9.26 6.82 -2.84
C VAL B 169 9.62 8.04 -3.67
N PHE B 170 9.31 7.98 -4.97
CA PHE B 170 9.75 8.98 -5.91
C PHE B 170 8.60 9.41 -6.81
N SER B 171 8.69 10.65 -7.29
CA SER B 171 7.73 11.19 -8.24
C SER B 171 8.33 12.42 -8.90
N LEU B 172 8.34 12.46 -10.23
CA LEU B 172 8.93 13.54 -11.01
C LEU B 172 7.82 14.25 -11.77
N VAL B 173 7.41 15.40 -11.27
CA VAL B 173 6.47 16.27 -11.96
C VAL B 173 7.29 17.35 -12.67
N THR B 174 7.38 17.24 -13.99
CA THR B 174 8.24 18.11 -14.78
C THR B 174 7.44 18.82 -15.85
N THR B 175 7.97 19.96 -16.30
CA THR B 175 7.40 20.74 -17.38
C THR B 175 8.45 20.86 -18.48
N ILE B 176 8.00 21.22 -19.69
CA ILE B 176 8.90 21.35 -20.82
C ILE B 176 9.75 22.60 -20.62
N PHE B 177 10.97 22.42 -20.13
CA PHE B 177 11.92 23.48 -19.89
C PHE B 177 13.27 23.05 -20.44
N PRO B 178 14.03 23.97 -21.04
CA PRO B 178 15.30 23.58 -21.65
C PRO B 178 16.29 22.99 -20.64
N GLY B 179 17.02 21.98 -21.08
CA GLY B 179 18.05 21.38 -20.26
C GLY B 179 17.55 20.45 -19.18
N TYR B 180 16.27 20.06 -19.22
CA TYR B 180 15.72 19.18 -18.20
C TYR B 180 15.66 17.72 -18.62
N ARG B 181 15.68 17.43 -19.93
CA ARG B 181 15.70 16.03 -20.37
C ARG B 181 16.97 15.34 -19.90
N GLU B 182 18.11 16.02 -19.97
CA GLU B 182 19.36 15.45 -19.48
C GLU B 182 19.30 15.22 -17.97
N PHE B 183 18.67 16.14 -17.23
CA PHE B 183 18.54 15.95 -15.79
C PHE B 183 17.62 14.77 -15.46
N ILE B 184 16.54 14.61 -16.23
CA ILE B 184 15.66 13.46 -16.03
C ILE B 184 16.41 12.16 -16.31
N SER B 185 17.19 12.13 -17.39
CA SER B 185 17.97 10.94 -17.69
C SER B 185 18.98 10.66 -16.59
N PHE B 186 19.63 11.71 -16.08
CA PHE B 186 20.63 11.53 -15.02
C PHE B 186 20.00 10.97 -13.76
N VAL B 187 18.85 11.52 -13.35
CA VAL B 187 18.21 11.04 -12.14
C VAL B 187 17.67 9.63 -12.33
N LYS B 188 17.17 9.30 -13.53
CA LYS B 188 16.73 7.94 -13.80
C LYS B 188 17.89 6.95 -13.72
N THR B 189 19.04 7.31 -14.29
CA THR B 189 20.21 6.44 -14.19
C THR B 189 20.67 6.31 -12.75
N THR B 190 20.62 7.41 -11.98
CA THR B 190 21.07 7.37 -10.59
C THR B 190 20.16 6.46 -9.75
N VAL B 191 18.85 6.60 -9.91
CA VAL B 191 17.95 5.75 -9.14
C VAL B 191 18.03 4.30 -9.60
N ASP B 192 18.26 4.07 -10.90
CA ASP B 192 18.37 2.69 -11.39
C ASP B 192 19.70 2.06 -10.98
N ASN B 193 20.73 2.87 -10.75
CA ASN B 193 22.07 2.38 -10.45
C ASN B 193 22.48 2.69 -9.02
N SER B 194 21.54 2.57 -8.08
CA SER B 194 21.81 2.81 -6.67
C SER B 194 21.22 1.68 -5.83
N PHE B 195 21.91 1.38 -4.73
CA PHE B 195 21.46 0.33 -3.82
C PHE B 195 20.28 0.74 -2.96
N VAL B 196 19.96 2.04 -2.89
CA VAL B 196 18.83 2.49 -2.08
C VAL B 196 17.52 1.93 -2.65
N GLY B 197 17.35 2.00 -3.96
CA GLY B 197 16.16 1.47 -4.60
C GLY B 197 14.92 2.26 -4.33
N TRP B 198 14.89 3.52 -4.77
CA TRP B 198 13.71 4.35 -4.61
C TRP B 198 12.55 3.81 -5.46
N ASP B 199 11.34 3.99 -4.94
CA ASP B 199 10.13 3.55 -5.64
C ASP B 199 9.77 4.59 -6.69
N MET B 200 10.49 4.53 -7.82
CA MET B 200 10.28 5.48 -8.91
C MET B 200 8.94 5.21 -9.56
N GLN B 201 7.97 6.09 -9.31
CA GLN B 201 6.65 5.99 -9.92
C GLN B 201 6.66 6.64 -11.29
N ASN B 202 5.49 6.83 -11.88
CA ASN B 202 5.39 7.44 -13.19
C ASN B 202 5.87 8.88 -13.15
N VAL B 203 6.67 9.26 -14.14
CA VAL B 203 7.20 10.61 -14.25
C VAL B 203 6.18 11.47 -15.00
N ILE B 204 5.80 12.60 -14.41
CA ILE B 204 4.80 13.49 -14.98
C ILE B 204 5.52 14.58 -15.76
N THR B 205 5.31 14.60 -17.08
CA THR B 205 5.87 15.62 -17.95
C THR B 205 4.73 16.46 -18.52
N LEU B 206 4.68 17.73 -18.13
CA LEU B 206 3.61 18.61 -18.55
C LEU B 206 3.82 19.02 -20.01
N ASP B 207 2.76 18.90 -20.82
CA ASP B 207 2.86 19.24 -22.23
C ASP B 207 3.05 20.74 -22.42
N THR B 208 2.28 21.55 -21.71
CA THR B 208 2.43 23.00 -21.78
C THR B 208 1.85 23.62 -20.52
N SER B 209 2.35 24.81 -20.20
CA SER B 209 1.88 25.54 -19.03
C SER B 209 0.49 26.10 -19.27
N PHE B 210 -0.29 26.20 -18.18
CA PHE B 210 -1.65 26.76 -18.21
C PHE B 210 -2.56 26.00 -19.17
N GLU B 211 -2.34 24.69 -19.30
CA GLU B 211 -3.21 23.89 -20.17
C GLU B 211 -4.62 23.78 -19.62
N ASP B 212 -4.74 23.44 -18.33
CA ASP B 212 -6.01 23.30 -17.63
C ASP B 212 -6.92 22.25 -18.26
N ALA B 213 -6.36 21.38 -19.11
CA ALA B 213 -7.12 20.31 -19.75
C ALA B 213 -6.66 18.93 -19.32
N LYS B 214 -5.36 18.63 -19.46
CA LYS B 214 -4.81 17.34 -19.06
C LYS B 214 -3.88 17.44 -17.86
N THR B 215 -3.56 18.65 -17.40
CA THR B 215 -2.68 18.80 -16.25
C THR B 215 -3.30 18.19 -15.00
N GLN B 216 -4.60 18.39 -14.81
CA GLN B 216 -5.26 17.88 -13.61
C GLN B 216 -5.20 16.36 -13.54
N VAL B 217 -5.42 15.69 -14.67
CA VAL B 217 -5.38 14.23 -14.69
C VAL B 217 -3.98 13.74 -14.34
N GLN B 218 -2.95 14.35 -14.95
CA GLN B 218 -1.58 13.94 -14.67
C GLN B 218 -1.22 14.17 -13.20
N LEU B 219 -1.65 15.29 -12.62
CA LEU B 219 -1.37 15.55 -11.22
C LEU B 219 -2.16 14.65 -10.28
N LYS B 220 -3.34 14.18 -10.70
CA LYS B 220 -4.14 13.28 -9.90
C LYS B 220 -3.82 11.81 -10.11
N LYS B 221 -2.96 11.49 -11.08
CA LYS B 221 -2.57 10.10 -11.32
C LYS B 221 -1.44 9.63 -10.42
N ILE B 222 -0.92 10.49 -9.53
CA ILE B 222 0.17 10.13 -8.63
C ILE B 222 -0.38 10.12 -7.21
N HIS B 223 -0.02 9.08 -6.45
CA HIS B 223 -0.45 8.93 -5.06
C HIS B 223 0.74 8.87 -4.10
N SER B 224 1.89 9.37 -4.52
CA SER B 224 3.11 9.29 -3.71
C SER B 224 3.12 10.39 -2.66
N SER B 225 4.24 10.55 -1.98
CA SER B 225 4.40 11.56 -0.93
C SER B 225 5.51 12.57 -1.20
N VAL B 226 6.53 12.20 -1.97
CA VAL B 226 7.65 13.08 -2.28
C VAL B 226 7.64 13.38 -3.77
N ILE B 227 7.62 14.66 -4.12
CA ILE B 227 7.58 15.11 -5.50
C ILE B 227 8.76 16.03 -5.74
N LEU B 228 9.56 15.73 -6.77
CA LEU B 228 10.70 16.57 -7.16
C LEU B 228 10.27 17.39 -8.37
N LEU B 229 9.91 18.64 -8.13
CA LEU B 229 9.45 19.53 -9.19
C LEU B 229 10.61 19.95 -10.08
N TYR B 230 10.30 20.21 -11.35
CA TYR B 230 11.30 20.66 -12.31
C TYR B 230 10.60 21.59 -13.31
N CYS B 231 10.69 22.90 -13.07
CA CYS B 231 10.11 23.90 -13.95
C CYS B 231 10.61 25.27 -13.50
N SER B 232 10.15 26.31 -14.19
CA SER B 232 10.53 27.67 -13.86
C SER B 232 9.72 28.16 -12.66
N LYS B 233 10.08 29.37 -12.18
CA LYS B 233 9.45 29.90 -10.98
C LYS B 233 7.96 30.13 -11.18
N ASP B 234 7.58 30.74 -12.31
CA ASP B 234 6.16 30.95 -12.60
C ASP B 234 5.44 29.62 -12.78
N GLU B 235 6.05 28.69 -13.51
CA GLU B 235 5.46 27.37 -13.66
C GLU B 235 5.39 26.64 -12.33
N ALA B 236 6.39 26.83 -11.47
CA ALA B 236 6.35 26.24 -10.14
C ALA B 236 5.18 26.79 -9.34
N VAL B 237 4.95 28.11 -9.41
CA VAL B 237 3.82 28.71 -8.70
C VAL B 237 2.51 28.17 -9.24
N LEU B 238 2.40 28.04 -10.56
CA LEU B 238 1.17 27.49 -11.15
C LEU B 238 0.94 26.05 -10.71
N ILE B 239 1.99 25.23 -10.70
CA ILE B 239 1.84 23.83 -10.32
C ILE B 239 1.49 23.72 -8.84
N LEU B 240 2.08 24.55 -8.00
CA LEU B 240 1.74 24.53 -6.58
C LEU B 240 0.30 24.98 -6.34
N SER B 241 -0.16 25.97 -7.11
CA SER B 241 -1.56 26.38 -7.01
C SER B 241 -2.49 25.25 -7.44
N GLU B 242 -2.13 24.54 -8.50
CA GLU B 242 -2.93 23.40 -8.93
C GLU B 242 -2.95 22.30 -7.86
N ALA B 243 -1.81 22.06 -7.22
CA ALA B 243 -1.75 21.08 -6.14
C ALA B 243 -2.61 21.51 -4.96
N ARG B 244 -2.59 22.80 -4.62
CA ARG B 244 -3.44 23.32 -3.56
C ARG B 244 -4.91 23.11 -3.90
N SER B 245 -5.29 23.36 -5.16
CA SER B 245 -6.66 23.11 -5.58
C SER B 245 -6.99 21.63 -5.51
N LEU B 246 -6.01 20.76 -5.77
CA LEU B 246 -6.21 19.32 -5.73
C LEU B 246 -5.87 18.71 -4.38
N GLY B 247 -5.49 19.52 -3.40
CA GLY B 247 -5.19 19.01 -2.07
C GLY B 247 -3.96 18.11 -2.00
N LEU B 248 -2.87 18.51 -2.66
CA LEU B 248 -1.63 17.74 -2.65
C LEU B 248 -0.56 18.42 -1.80
N THR B 249 -0.97 19.21 -0.81
CA THR B 249 -0.05 19.94 0.05
C THR B 249 -0.32 19.61 1.52
N GLY B 250 -0.56 18.34 1.82
CA GLY B 250 -0.82 17.92 3.18
C GLY B 250 0.46 17.68 3.96
N TYR B 251 0.29 17.16 5.17
CA TYR B 251 1.43 16.84 6.02
C TYR B 251 2.29 15.75 5.38
N ASP B 252 1.66 14.73 4.80
CA ASP B 252 2.39 13.62 4.21
C ASP B 252 3.01 13.96 2.86
N PHE B 253 2.59 15.05 2.23
CA PHE B 253 3.14 15.44 0.94
C PHE B 253 4.37 16.31 1.12
N PHE B 254 5.48 15.90 0.50
CA PHE B 254 6.74 16.63 0.57
C PHE B 254 7.11 17.13 -0.82
N TRP B 255 7.41 18.42 -0.92
CA TRP B 255 7.74 19.05 -2.20
C TRP B 255 9.20 19.50 -2.17
N ILE B 256 9.96 19.10 -3.18
CA ILE B 256 11.36 19.49 -3.33
C ILE B 256 11.53 20.15 -4.68
N VAL B 257 12.15 21.33 -4.69
CA VAL B 257 12.30 22.11 -5.92
C VAL B 257 13.78 22.46 -6.11
N PRO B 258 14.24 22.65 -7.35
CA PRO B 258 15.66 22.96 -7.58
C PRO B 258 16.02 24.39 -7.20
N SER B 259 17.27 24.77 -7.48
CA SER B 259 17.77 26.08 -7.06
C SER B 259 17.06 27.22 -7.78
N LEU B 260 16.81 27.07 -9.09
CA LEU B 260 16.24 28.18 -9.85
C LEU B 260 14.82 28.50 -9.40
N VAL B 261 14.08 27.53 -8.87
CA VAL B 261 12.76 27.79 -8.35
C VAL B 261 12.83 28.72 -7.14
N SER B 262 13.78 28.47 -6.24
CA SER B 262 13.96 29.28 -5.04
C SER B 262 15.22 30.14 -5.14
N GLY B 263 15.55 30.61 -6.34
CA GLY B 263 16.71 31.46 -6.51
C GLY B 263 16.58 32.78 -5.77
N ASN B 264 15.41 33.41 -5.86
CA ASN B 264 15.14 34.68 -5.17
C ASN B 264 14.55 34.35 -3.80
N THR B 265 15.44 34.16 -2.82
CA THR B 265 15.00 33.83 -1.47
C THR B 265 14.24 34.97 -0.81
N GLU B 266 14.46 36.21 -1.25
CA GLU B 266 13.76 37.35 -0.68
C GLU B 266 12.31 37.44 -1.14
N LEU B 267 11.95 36.77 -2.23
CA LEU B 267 10.60 36.78 -2.77
C LEU B 267 9.97 35.42 -2.53
N ILE B 268 8.94 35.39 -1.69
CA ILE B 268 8.22 34.16 -1.36
C ILE B 268 6.76 34.33 -1.79
N PRO B 269 6.38 33.73 -2.92
CA PRO B 269 4.98 33.81 -3.34
C PRO B 269 4.07 33.05 -2.39
N LYS B 270 2.82 33.50 -2.32
CA LYS B 270 1.85 32.91 -1.41
C LYS B 270 1.49 31.48 -1.77
N GLU B 271 1.72 31.08 -3.03
CA GLU B 271 1.36 29.72 -3.46
C GLU B 271 2.31 28.66 -2.92
N PHE B 272 3.50 29.06 -2.47
CA PHE B 272 4.45 28.09 -1.94
C PHE B 272 4.02 27.66 -0.54
N PRO B 273 3.79 26.37 -0.29
CA PRO B 273 3.41 25.93 1.05
C PRO B 273 4.61 25.90 1.99
N SER B 274 4.30 25.90 3.28
CA SER B 274 5.34 25.83 4.30
C SER B 274 6.06 24.48 4.25
N GLY B 275 7.35 24.51 4.55
CA GLY B 275 8.16 23.31 4.52
C GLY B 275 8.72 22.94 3.17
N LEU B 276 8.64 23.83 2.18
CA LEU B 276 9.17 23.55 0.85
C LEU B 276 10.69 23.39 0.93
N ILE B 277 11.18 22.19 0.65
CA ILE B 277 12.60 21.88 0.71
C ILE B 277 13.23 22.24 -0.63
N SER B 278 14.40 22.88 -0.57
CA SER B 278 15.11 23.29 -1.78
C SER B 278 16.59 23.45 -1.45
N VAL B 279 17.38 23.67 -2.50
CA VAL B 279 18.81 23.93 -2.37
C VAL B 279 19.11 25.26 -3.04
N SER B 280 20.13 25.94 -2.54
CA SER B 280 20.51 27.25 -3.05
C SER B 280 21.93 27.56 -2.58
N TYR B 281 22.35 28.80 -2.79
CA TYR B 281 23.65 29.28 -2.33
C TYR B 281 23.56 30.79 -2.16
N ASP B 282 23.66 31.26 -0.93
CA ASP B 282 23.52 32.68 -0.62
C ASP B 282 24.61 33.06 0.37
N ASP B 283 24.49 34.26 0.93
CA ASP B 283 25.49 34.81 1.84
C ASP B 283 25.25 34.43 3.29
N TRP B 284 24.46 33.38 3.54
CA TRP B 284 24.24 32.94 4.92
C TRP B 284 25.54 32.45 5.56
N ASP B 285 26.34 31.68 4.81
CA ASP B 285 27.62 31.19 5.29
C ASP B 285 28.81 31.78 4.57
N TYR B 286 28.59 32.55 3.50
CA TYR B 286 29.68 33.17 2.77
C TYR B 286 29.40 34.66 2.55
N SER B 287 30.22 35.32 1.74
CA SER B 287 30.02 36.72 1.43
C SER B 287 30.66 37.02 0.09
N LEU B 288 30.26 38.15 -0.51
CA LEU B 288 30.81 38.55 -1.80
C LEU B 288 32.30 38.81 -1.70
N GLU B 289 32.73 39.48 -0.62
CA GLU B 289 34.16 39.72 -0.43
C GLU B 289 34.93 38.41 -0.27
N ALA B 290 34.37 37.47 0.50
CA ALA B 290 35.02 36.17 0.65
C ALA B 290 35.10 35.44 -0.68
N ARG B 291 34.02 35.50 -1.48
CA ARG B 291 34.02 34.82 -2.77
C ARG B 291 35.04 35.42 -3.73
N VAL B 292 35.14 36.75 -3.78
CA VAL B 292 36.13 37.36 -4.67
C VAL B 292 37.54 37.10 -4.17
N ARG B 293 37.75 37.06 -2.85
CA ARG B 293 39.06 36.69 -2.33
C ARG B 293 39.42 35.26 -2.71
N ASP B 294 38.45 34.34 -2.63
CA ASP B 294 38.68 32.97 -3.05
C ASP B 294 39.01 32.89 -4.53
N GLY B 295 38.32 33.67 -5.35
CA GLY B 295 38.62 33.69 -6.78
C GLY B 295 40.03 34.22 -7.06
N ILE B 296 40.42 35.27 -6.34
CA ILE B 296 41.79 35.79 -6.48
C ILE B 296 42.80 34.73 -6.07
N GLY B 297 42.53 34.02 -4.98
CA GLY B 297 43.42 32.94 -4.57
C GLY B 297 43.51 31.84 -5.60
N ILE B 298 42.38 31.48 -6.21
CA ILE B 298 42.38 30.45 -7.25
C ILE B 298 43.22 30.90 -8.44
N LEU B 299 43.05 32.16 -8.86
CA LEU B 299 43.85 32.67 -9.98
C LEU B 299 45.34 32.66 -9.65
N THR B 300 45.69 33.09 -8.43
CA THR B 300 47.10 33.11 -8.04
C THR B 300 47.68 31.70 -7.99
N THR B 301 46.93 30.74 -7.46
CA THR B 301 47.40 29.37 -7.41
C THR B 301 47.57 28.79 -8.81
N ALA B 302 46.63 29.07 -9.71
CA ALA B 302 46.75 28.59 -11.08
C ALA B 302 47.98 29.18 -11.77
N ALA B 303 48.22 30.48 -11.58
CA ALA B 303 49.40 31.11 -12.16
C ALA B 303 50.68 30.51 -11.58
N SER B 304 50.70 30.27 -10.27
CA SER B 304 51.87 29.67 -9.64
C SER B 304 52.12 28.26 -10.17
N SER B 305 51.07 27.47 -10.34
CA SER B 305 51.22 26.12 -10.89
C SER B 305 51.73 26.17 -12.32
N MET B 306 51.21 27.10 -13.13
CA MET B 306 51.69 27.23 -14.50
C MET B 306 53.16 27.62 -14.53
N LEU B 307 53.57 28.54 -13.65
CA LEU B 307 54.97 28.93 -13.60
C LEU B 307 55.86 27.77 -13.14
N GLU B 308 55.38 26.99 -12.18
CA GLU B 308 56.17 25.85 -11.70
C GLU B 308 56.34 24.79 -12.78
N LYS B 309 55.25 24.46 -13.49
CA LYS B 309 55.34 23.41 -14.50
C LYS B 309 56.10 23.90 -15.74
N PHE B 310 55.82 25.13 -16.18
CA PHE B 310 56.47 25.70 -17.35
C PHE B 310 57.08 27.04 -16.98
N SER B 311 58.34 27.25 -17.36
CA SER B 311 59.02 28.50 -17.05
C SER B 311 58.43 29.68 -17.82
N TYR B 312 57.64 29.42 -18.87
CA TYR B 312 57.04 30.48 -19.65
C TYR B 312 56.02 31.24 -18.81
N ILE B 313 56.07 32.57 -18.90
CA ILE B 313 55.14 33.44 -18.19
C ILE B 313 53.97 33.73 -19.14
N PRO B 314 52.73 33.42 -18.73
CA PRO B 314 51.59 33.70 -19.62
C PRO B 314 51.43 35.19 -19.88
N GLU B 315 50.96 35.52 -21.08
CA GLU B 315 50.75 36.89 -21.48
C GLU B 315 49.42 37.00 -22.21
N ALA B 316 48.75 38.14 -22.04
CA ALA B 316 47.48 38.39 -22.69
C ALA B 316 47.71 38.78 -24.16
N LYS B 317 46.63 38.71 -24.93
CA LYS B 317 46.70 39.08 -26.33
C LYS B 317 46.96 40.57 -26.49
N ALA B 318 47.72 40.92 -27.54
CA ALA B 318 48.06 42.32 -27.79
C ALA B 318 46.81 43.14 -28.05
N SER B 319 46.08 42.81 -29.10
CA SER B 319 44.82 43.47 -29.41
C SER B 319 43.67 42.77 -28.70
N CYS B 320 42.57 43.50 -28.53
CA CYS B 320 41.40 42.94 -27.87
C CYS B 320 40.84 41.77 -28.67
N TYR B 321 40.34 42.05 -29.87
CA TYR B 321 39.81 41.00 -30.74
C TYR B 321 40.22 41.14 -32.20
N GLY B 322 40.91 42.21 -32.60
CA GLY B 322 41.27 42.41 -33.99
C GLY B 322 42.22 41.37 -34.54
N GLN B 323 41.71 40.51 -35.42
CA GLN B 323 42.51 39.46 -36.04
C GLN B 323 42.17 39.37 -37.52
N MET B 324 43.14 38.91 -38.30
CA MET B 324 42.96 38.69 -39.74
C MET B 324 42.95 37.21 -40.11
N GLU B 325 42.91 36.33 -39.12
CA GLU B 325 42.92 34.89 -39.36
C GLU B 325 42.23 34.19 -38.20
N ARG B 326 42.09 32.88 -38.31
CA ARG B 326 41.42 32.12 -37.26
C ARG B 326 42.23 32.18 -35.97
N PRO B 327 41.57 32.30 -34.82
CA PRO B 327 42.31 32.38 -33.55
C PRO B 327 42.99 31.07 -33.22
N GLU B 328 44.10 31.18 -32.50
CA GLU B 328 44.86 30.01 -32.06
C GLU B 328 45.56 30.34 -30.75
N VAL B 329 45.91 29.31 -30.01
CA VAL B 329 46.57 29.44 -28.72
C VAL B 329 47.96 28.82 -28.84
N PRO B 330 49.00 29.63 -29.09
CA PRO B 330 50.35 29.07 -29.20
C PRO B 330 50.85 28.41 -27.93
N MET B 331 50.43 28.90 -26.76
CA MET B 331 50.91 28.39 -25.49
C MET B 331 49.86 27.48 -24.85
N HIS B 332 50.28 26.81 -23.77
CA HIS B 332 49.38 25.93 -23.04
C HIS B 332 48.31 26.74 -22.32
N THR B 333 47.10 26.19 -22.27
CA THR B 333 45.98 26.86 -21.62
C THR B 333 46.03 26.64 -20.11
N LEU B 334 45.11 27.31 -19.40
CA LEU B 334 45.05 27.23 -17.95
C LEU B 334 44.20 26.07 -17.44
N HIS B 335 43.50 25.36 -18.33
CA HIS B 335 42.62 24.27 -17.90
C HIS B 335 43.36 23.18 -17.14
N PRO B 336 44.49 22.62 -17.62
CA PRO B 336 45.15 21.56 -16.84
C PRO B 336 45.71 22.04 -15.51
N PHE B 337 45.90 23.34 -15.31
CA PHE B 337 46.50 23.86 -14.10
C PHE B 337 45.48 24.24 -13.03
N MET B 338 44.18 24.08 -13.32
CA MET B 338 43.13 24.45 -12.37
C MET B 338 42.21 23.28 -12.07
N VAL B 339 42.67 22.05 -12.23
CA VAL B 339 41.88 20.87 -11.90
C VAL B 339 42.18 20.32 -10.51
N ASN B 340 43.36 20.62 -9.95
CA ASN B 340 43.74 20.20 -8.61
C ASN B 340 44.36 21.41 -7.91
N VAL B 341 43.51 22.19 -7.23
CA VAL B 341 43.93 23.43 -6.59
C VAL B 341 43.54 23.37 -5.12
N THR B 342 44.48 23.72 -4.25
CA THR B 342 44.24 23.82 -2.82
C THR B 342 44.53 25.24 -2.36
N TRP B 343 43.60 25.82 -1.62
CA TRP B 343 43.70 27.20 -1.15
C TRP B 343 43.52 27.21 0.37
N ASP B 344 44.64 27.29 1.08
CA ASP B 344 44.69 27.29 2.55
C ASP B 344 43.70 26.30 3.16
N GLY B 345 43.73 25.07 2.66
CA GLY B 345 42.88 24.01 3.16
C GLY B 345 41.54 23.88 2.46
N LYS B 346 41.20 24.81 1.57
CA LYS B 346 39.96 24.75 0.80
C LYS B 346 40.30 24.37 -0.63
N ASP B 347 39.87 23.18 -1.05
CA ASP B 347 40.14 22.68 -2.39
C ASP B 347 38.98 23.09 -3.30
N LEU B 348 39.14 24.23 -3.96
CA LEU B 348 38.11 24.75 -4.88
C LEU B 348 38.43 24.31 -6.31
N SER B 349 38.51 23.00 -6.49
CA SER B 349 38.80 22.43 -7.79
C SER B 349 37.57 22.52 -8.70
N PHE B 350 37.80 22.31 -10.00
CA PHE B 350 36.75 22.36 -11.00
C PHE B 350 36.82 21.12 -11.87
N THR B 351 35.65 20.70 -12.35
CA THR B 351 35.54 19.52 -13.19
C THR B 351 35.76 19.91 -14.65
N GLU B 352 35.53 18.97 -15.57
CA GLU B 352 35.70 19.25 -16.99
C GLU B 352 34.70 20.29 -17.47
N GLU B 353 33.44 20.20 -17.02
CA GLU B 353 32.43 21.15 -17.46
C GLU B 353 32.76 22.57 -17.00
N GLY B 354 33.18 22.72 -15.74
CA GLY B 354 33.56 24.03 -15.26
C GLY B 354 32.94 24.42 -13.93
N TYR B 355 32.28 23.48 -13.27
CA TYR B 355 31.66 23.73 -11.97
C TYR B 355 32.55 23.20 -10.85
N GLN B 356 32.31 23.73 -9.65
CA GLN B 356 33.11 23.36 -8.50
C GLN B 356 32.91 21.89 -8.14
N VAL B 357 34.00 21.23 -7.75
CA VAL B 357 33.92 19.85 -7.29
C VAL B 357 33.19 19.78 -5.95
N HIS B 358 33.43 20.75 -5.08
CA HIS B 358 32.82 20.80 -3.75
C HIS B 358 32.13 22.15 -3.55
N PRO B 359 30.98 22.35 -4.18
CA PRO B 359 30.24 23.61 -3.98
C PRO B 359 29.55 23.64 -2.62
N ARG B 360 29.21 24.85 -2.19
CA ARG B 360 28.48 25.03 -0.95
C ARG B 360 27.11 24.36 -1.03
N LEU B 361 26.25 24.87 -1.90
CA LEU B 361 24.92 24.31 -2.15
C LEU B 361 24.17 24.05 -0.84
N VAL B 362 23.90 25.14 -0.12
CA VAL B 362 23.24 25.04 1.17
C VAL B 362 21.78 24.65 0.97
N VAL B 363 21.33 23.64 1.72
CA VAL B 363 19.95 23.18 1.66
C VAL B 363 19.11 24.03 2.60
N ILE B 364 17.99 24.55 2.09
CA ILE B 364 17.11 25.42 2.85
C ILE B 364 15.69 24.91 2.76
N VAL B 365 14.86 25.32 3.72
CA VAL B 365 13.47 24.95 3.77
C VAL B 365 12.65 26.21 4.01
N LEU B 366 11.36 26.13 3.66
CA LEU B 366 10.44 27.25 3.84
C LEU B 366 9.90 27.20 5.26
N ASN B 367 10.34 28.14 6.10
CA ASN B 367 9.95 28.18 7.49
C ASN B 367 8.48 28.58 7.63
N LYS B 368 7.92 28.35 8.82
CA LYS B 368 6.52 28.67 9.07
C LYS B 368 6.23 30.17 9.00
N ASP B 369 7.28 31.01 9.04
CA ASP B 369 7.11 32.46 8.95
C ASP B 369 7.19 32.97 7.51
N ARG B 370 6.87 32.12 6.53
CA ARG B 370 6.88 32.49 5.11
C ARG B 370 8.26 33.02 4.69
N GLU B 371 9.31 32.34 5.14
CA GLU B 371 10.67 32.73 4.81
C GLU B 371 11.55 31.49 4.79
N TRP B 372 12.68 31.59 4.09
CA TRP B 372 13.60 30.49 3.92
C TRP B 372 14.59 30.44 5.08
N GLU B 373 14.86 29.23 5.57
CA GLU B 373 15.77 29.02 6.68
C GLU B 373 16.74 27.89 6.34
N LYS B 374 18.02 28.10 6.64
CA LYS B 374 19.02 27.08 6.42
C LYS B 374 18.79 25.88 7.34
N VAL B 375 18.88 24.67 6.79
CA VAL B 375 18.65 23.46 7.56
C VAL B 375 19.76 22.45 7.32
N GLY B 376 20.61 22.70 6.33
CA GLY B 376 21.68 21.75 6.04
C GLY B 376 22.69 22.32 5.07
N LYS B 377 23.83 21.64 5.01
CA LYS B 377 24.92 22.01 4.11
C LYS B 377 25.49 20.74 3.48
N TRP B 378 26.14 20.92 2.33
CA TRP B 378 26.67 19.80 1.56
C TRP B 378 28.15 19.92 1.22
N GLU B 379 28.78 21.08 1.46
CA GLU B 379 30.17 21.27 1.06
C GLU B 379 31.13 20.36 1.81
N ASN B 380 30.74 19.85 2.98
CA ASN B 380 31.64 19.06 3.82
C ASN B 380 31.88 17.67 3.24
N HIS B 381 32.94 17.54 2.43
CA HIS B 381 33.37 16.25 1.88
C HIS B 381 32.23 15.56 1.12
N THR B 382 31.44 16.33 0.38
CA THR B 382 30.31 15.83 -0.39
C THR B 382 29.36 15.02 0.49
N LEU B 383 29.15 15.49 1.72
CA LEU B 383 28.25 14.86 2.67
C LEU B 383 27.27 15.89 3.19
N SER B 384 26.07 15.41 3.53
CA SER B 384 24.98 16.28 3.99
C SER B 384 24.91 16.26 5.50
N LEU B 385 25.10 17.42 6.12
CA LEU B 385 24.93 17.59 7.56
C LEU B 385 23.66 18.42 7.77
N ARG B 386 22.72 17.87 8.53
CA ARG B 386 21.39 18.46 8.67
C ARG B 386 21.08 18.69 10.14
N HIS B 387 20.33 19.76 10.41
CA HIS B 387 19.91 20.08 11.77
C HIS B 387 18.88 19.11 12.32
N ALA B 388 18.35 18.21 11.48
CA ALA B 388 17.38 17.20 11.88
C ALA B 388 16.11 17.84 12.44
N VAL B 389 15.43 18.59 11.59
CA VAL B 389 14.15 19.21 11.91
C VAL B 389 13.14 18.65 10.91
N TRP B 390 12.44 17.59 11.31
CA TRP B 390 11.49 16.91 10.43
C TRP B 390 10.15 17.63 10.36
N PRO B 391 9.47 17.91 11.49
CA PRO B 391 8.10 18.47 11.36
C PRO B 391 8.10 19.96 11.04
N ARG B 392 8.54 20.30 9.83
CA ARG B 392 8.51 21.67 9.34
C ARG B 392 7.35 21.93 8.39
N TYR B 393 6.45 20.97 8.21
CA TYR B 393 5.32 21.11 7.30
C TYR B 393 4.10 21.50 8.12
N LYS B 394 4.05 22.77 8.51
CA LYS B 394 2.91 23.28 9.26
C LYS B 394 1.69 23.44 8.35
N SER B 395 0.52 23.43 8.96
CA SER B 395 -0.75 23.49 8.22
C SER B 395 -1.21 24.93 8.01
N PHE B 396 -0.35 25.75 7.41
CA PHE B 396 -0.75 27.11 7.06
C PHE B 396 -1.56 27.17 5.78
N SER B 397 -1.59 26.08 4.99
CA SER B 397 -2.34 26.01 3.76
C SER B 397 -3.56 25.13 3.94
N ASP B 398 -4.74 25.68 3.64
CA ASP B 398 -6.02 24.97 3.65
C ASP B 398 -6.48 24.65 5.07
N CYS B 399 -5.63 24.93 6.06
CA CYS B 399 -5.94 24.73 7.48
C CYS B 399 -6.46 23.32 7.74
N GLU B 400 -5.61 22.34 7.48
CA GLU B 400 -5.95 20.92 7.64
C GLU B 400 -5.01 20.28 8.66
N PRO B 401 -5.40 20.25 9.93
CA PRO B 401 -4.57 19.58 10.93
C PRO B 401 -4.56 18.07 10.73
N ASP B 402 -3.48 17.44 11.18
CA ASP B 402 -3.31 16.00 11.06
C ASP B 402 -2.58 15.48 12.29
N ASP B 403 -2.95 14.26 12.70
CA ASP B 403 -2.34 13.59 13.84
C ASP B 403 -1.51 12.39 13.41
N ASN B 404 -1.07 12.36 12.15
CA ASN B 404 -0.27 11.24 11.67
C ASN B 404 1.07 11.15 12.38
N HIS B 405 1.70 12.30 12.64
CA HIS B 405 3.02 12.33 13.27
C HIS B 405 2.91 12.02 14.76
N LEU B 406 3.04 10.74 15.12
CA LEU B 406 2.97 10.31 16.50
C LEU B 406 4.38 10.06 17.01
N SER B 407 4.75 10.71 18.12
CA SER B 407 6.06 10.56 18.72
C SER B 407 6.07 9.36 19.64
N ILE B 408 7.07 8.49 19.48
CA ILE B 408 7.20 7.25 20.24
C ILE B 408 8.52 7.30 20.99
N VAL B 409 8.49 6.99 22.28
CA VAL B 409 9.67 6.94 23.13
C VAL B 409 9.97 5.49 23.44
N THR B 410 11.19 5.06 23.14
CA THR B 410 11.63 3.68 23.33
C THR B 410 12.84 3.66 24.27
N LEU B 411 13.32 2.45 24.54
CA LEU B 411 14.44 2.25 25.45
C LEU B 411 15.36 1.16 24.90
N GLU B 412 16.57 1.11 25.43
CA GLU B 412 17.53 0.05 25.14
C GLU B 412 17.87 -0.64 26.46
N GLU B 413 17.01 -1.59 26.85
CA GLU B 413 17.24 -2.40 28.04
C GLU B 413 16.94 -3.87 27.86
N ALA B 414 16.12 -4.25 26.89
CA ALA B 414 15.68 -5.62 26.69
C ALA B 414 15.88 -6.01 25.23
N PRO B 415 15.98 -7.32 24.95
CA PRO B 415 16.11 -7.75 23.55
C PRO B 415 14.89 -7.42 22.69
N PHE B 416 13.74 -7.12 23.31
CA PHE B 416 12.55 -6.80 22.55
C PHE B 416 12.74 -5.56 21.68
N VAL B 417 13.63 -4.66 22.08
CA VAL B 417 13.96 -3.47 21.28
C VAL B 417 15.46 -3.22 21.41
N ILE B 418 16.16 -3.25 20.28
CA ILE B 418 17.59 -3.01 20.25
C ILE B 418 17.89 -1.95 19.19
N VAL B 419 18.85 -1.09 19.48
CA VAL B 419 19.22 0.03 18.62
C VAL B 419 20.66 -0.17 18.15
N GLU B 420 20.88 -0.07 16.84
CA GLU B 420 22.19 -0.25 16.25
C GLU B 420 22.56 0.98 15.43
N ASP B 421 23.86 1.18 15.25
CA ASP B 421 24.36 2.34 14.54
C ASP B 421 24.15 2.18 13.02
N ILE B 422 24.22 3.30 12.32
CA ILE B 422 24.09 3.29 10.87
C ILE B 422 25.35 2.68 10.25
N ASP B 423 25.15 1.76 9.29
CA ASP B 423 26.30 1.24 8.56
C ASP B 423 26.51 2.03 7.27
N PRO B 424 27.75 2.19 6.82
CA PRO B 424 28.01 2.96 5.60
C PRO B 424 27.62 2.25 4.32
N LEU B 425 26.94 1.11 4.39
CA LEU B 425 26.55 0.35 3.21
C LEU B 425 25.04 0.27 3.10
N THR B 426 24.58 -0.04 1.89
CA THR B 426 23.15 -0.23 1.58
C THR B 426 22.41 1.06 1.93
N GLU B 427 21.25 0.99 2.57
CA GLU B 427 20.44 2.16 2.88
C GLU B 427 20.68 2.67 4.29
N THR B 428 21.87 2.40 4.85
CA THR B 428 22.29 2.79 6.19
C THR B 428 21.49 2.05 7.27
N CYS B 429 20.50 1.26 6.85
CA CYS B 429 19.73 0.42 7.75
C CYS B 429 19.22 -0.77 6.95
N VAL B 430 18.87 -1.84 7.67
CA VAL B 430 18.28 -3.03 7.05
C VAL B 430 16.83 -2.72 6.68
N ARG B 431 16.22 -3.60 5.89
CA ARG B 431 14.84 -3.40 5.48
C ARG B 431 13.83 -3.82 6.55
N ASN B 432 14.29 -4.41 7.64
CA ASN B 432 13.42 -4.88 8.72
C ASN B 432 13.71 -4.14 10.02
N THR B 433 13.87 -2.82 9.95
CA THR B 433 14.15 -2.00 11.11
C THR B 433 13.28 -0.75 11.08
N VAL B 434 13.42 0.07 12.11
CA VAL B 434 12.68 1.32 12.22
C VAL B 434 13.67 2.44 12.54
N PRO B 435 13.57 3.60 11.89
CA PRO B 435 14.45 4.72 12.23
C PRO B 435 14.27 5.14 13.69
N CYS B 436 15.39 5.48 14.33
CA CYS B 436 15.41 5.81 15.74
C CYS B 436 16.22 7.07 15.98
N ARG B 437 15.84 7.82 17.01
CA ARG B 437 16.53 9.04 17.40
C ARG B 437 17.14 8.85 18.79
N LYS B 438 18.40 9.23 18.94
CA LYS B 438 19.08 9.08 20.22
C LYS B 438 20.09 10.20 20.39
N PHE B 439 20.14 10.78 21.59
CA PHE B 439 21.11 11.82 21.90
C PHE B 439 22.46 11.17 22.22
N VAL B 440 23.52 11.72 21.64
CA VAL B 440 24.88 11.21 21.83
C VAL B 440 25.67 12.21 22.65
N LYS B 441 26.33 11.73 23.70
CA LYS B 441 27.12 12.58 24.57
C LYS B 441 28.49 12.83 23.95
N ILE B 442 28.85 14.10 23.79
CA ILE B 442 30.11 14.44 23.14
C ILE B 442 31.25 14.55 24.14
N ASN B 443 30.97 14.96 25.38
CA ASN B 443 32.01 15.07 26.40
C ASN B 443 31.37 14.83 27.75
N ASN B 444 32.21 14.42 28.72
CA ASN B 444 31.71 14.10 30.05
C ASN B 444 31.11 15.33 30.74
N SER B 445 31.76 16.49 30.58
CA SER B 445 31.34 17.71 31.26
C SER B 445 30.34 18.53 30.45
N THR B 446 29.99 18.09 29.24
CA THR B 446 29.05 18.81 28.39
C THR B 446 27.81 17.96 28.16
N ASN B 447 26.64 18.58 28.33
CA ASN B 447 25.37 17.89 28.12
C ASN B 447 24.83 18.06 26.70
N GLU B 448 25.58 18.73 25.82
CA GLU B 448 25.13 18.93 24.45
C GLU B 448 25.10 17.60 23.70
N GLY B 449 24.07 17.41 22.90
CA GLY B 449 23.92 16.19 22.12
C GLY B 449 23.13 16.43 20.86
N MET B 450 23.30 15.52 19.90
CA MET B 450 22.62 15.60 18.62
C MET B 450 21.77 14.35 18.41
N ASN B 451 20.70 14.51 17.63
CA ASN B 451 19.78 13.41 17.33
C ASN B 451 20.31 12.64 16.13
N VAL B 452 21.15 11.64 16.40
CA VAL B 452 21.72 10.79 15.37
C VAL B 452 20.74 9.68 15.03
N LYS B 453 20.45 9.51 13.74
CA LYS B 453 19.54 8.46 13.33
C LYS B 453 20.12 7.08 13.62
N LYS B 454 19.26 6.17 14.05
CA LYS B 454 19.65 4.81 14.38
C LYS B 454 18.63 3.83 13.81
N CYS B 455 19.07 2.59 13.60
CA CYS B 455 18.18 1.53 13.15
C CYS B 455 17.71 0.76 14.38
N CYS B 456 16.39 0.67 14.56
CA CYS B 456 15.79 0.00 15.70
C CYS B 456 15.04 -1.24 15.24
N LYS B 457 15.26 -2.36 15.92
CA LYS B 457 14.63 -3.62 15.55
C LYS B 457 14.37 -4.44 16.82
N GLY B 458 13.50 -5.43 16.69
CA GLY B 458 13.19 -6.33 17.77
C GLY B 458 11.72 -6.63 17.81
N PHE B 459 11.30 -7.27 18.90
CA PHE B 459 9.89 -7.62 19.08
C PHE B 459 9.02 -6.37 19.17
N CYS B 460 9.47 -5.37 19.92
CA CYS B 460 8.70 -4.12 20.02
C CYS B 460 8.57 -3.43 18.67
N ILE B 461 9.64 -3.47 17.87
CA ILE B 461 9.60 -2.86 16.54
C ILE B 461 8.58 -3.58 15.66
N ASP B 462 8.56 -4.91 15.72
CA ASP B 462 7.58 -5.67 14.93
C ASP B 462 6.15 -5.37 15.39
N ILE B 463 5.94 -5.27 16.70
CA ILE B 463 4.61 -4.94 17.22
C ILE B 463 4.19 -3.55 16.74
N LEU B 464 5.11 -2.59 16.78
CA LEU B 464 4.79 -1.24 16.31
C LEU B 464 4.50 -1.23 14.82
N LYS B 465 5.24 -2.02 14.05
CA LYS B 465 4.97 -2.11 12.61
C LYS B 465 3.58 -2.68 12.34
N LYS B 466 3.20 -3.74 13.07
CA LYS B 466 1.87 -4.32 12.89
C LYS B 466 0.78 -3.33 13.30
N LEU B 467 1.00 -2.60 14.40
CA LEU B 467 0.04 -1.59 14.83
C LEU B 467 -0.10 -0.49 13.78
N SER B 468 1.02 -0.06 13.18
CA SER B 468 0.95 0.95 12.13
C SER B 468 0.22 0.42 10.91
N ARG B 469 0.44 -0.84 10.56
CA ARG B 469 -0.26 -1.42 9.42
C ARG B 469 -1.77 -1.50 9.67
N THR B 470 -2.17 -1.84 10.89
CA THR B 470 -3.60 -1.97 11.19
C THR B 470 -4.26 -0.60 11.30
N VAL B 471 -3.79 0.23 12.24
CA VAL B 471 -4.39 1.54 12.46
C VAL B 471 -4.16 2.48 11.28
N LYS B 472 -3.18 2.16 10.42
CA LYS B 472 -2.89 2.95 9.21
C LYS B 472 -2.46 4.37 9.58
N PHE B 473 -1.36 4.47 10.31
CA PHE B 473 -0.75 5.74 10.65
C PHE B 473 0.74 5.55 10.83
N THR B 474 1.49 6.65 10.69
CA THR B 474 2.94 6.63 10.79
C THR B 474 3.36 6.88 12.24
N TYR B 475 4.66 6.90 12.48
CA TYR B 475 5.20 7.07 13.82
C TYR B 475 6.59 7.68 13.75
N ASP B 476 7.03 8.22 14.88
CA ASP B 476 8.38 8.76 15.01
C ASP B 476 8.96 8.26 16.33
N LEU B 477 10.11 7.60 16.26
CA LEU B 477 10.74 7.00 17.43
C LEU B 477 11.93 7.83 17.91
N TYR B 478 12.06 7.93 19.22
CA TYR B 478 13.21 8.57 19.84
C TYR B 478 13.48 7.92 21.19
N LEU B 479 14.71 8.06 21.66
CA LEU B 479 15.14 7.46 22.91
C LEU B 479 15.32 8.55 23.97
N VAL B 480 14.74 8.34 25.14
CA VAL B 480 14.84 9.28 26.25
C VAL B 480 16.11 8.97 27.03
N THR B 481 16.77 10.03 27.50
CA THR B 481 18.01 9.89 28.27
C THR B 481 17.85 10.16 29.76
N ASN B 482 16.82 10.92 30.16
CA ASN B 482 16.60 11.24 31.57
C ASN B 482 15.81 10.11 32.23
N GLY B 483 16.53 9.01 32.46
CA GLY B 483 15.90 7.85 33.08
C GLY B 483 15.31 6.90 32.06
N LYS B 484 15.28 5.62 32.42
CA LYS B 484 14.75 4.59 31.52
C LYS B 484 13.28 4.32 31.80
N HIS B 485 12.95 3.87 33.01
CA HIS B 485 11.57 3.59 33.39
C HIS B 485 10.93 4.71 34.17
N GLY B 486 11.65 5.31 35.10
CA GLY B 486 11.12 6.44 35.85
C GLY B 486 10.45 6.01 37.15
N LYS B 487 10.47 6.93 38.11
CA LYS B 487 9.85 6.68 39.41
C LYS B 487 9.53 8.04 40.05
N LYS B 488 8.64 7.99 41.05
CA LYS B 488 8.22 9.21 41.72
C LYS B 488 9.30 9.74 42.64
N VAL B 489 10.12 10.66 42.13
CA VAL B 489 11.16 11.33 42.92
C VAL B 489 10.74 12.79 43.07
N ASN B 490 10.56 13.22 44.32
CA ASN B 490 10.10 14.57 44.63
C ASN B 490 8.78 14.88 43.92
N ASN B 491 7.90 13.87 43.84
CA ASN B 491 6.61 13.99 43.17
C ASN B 491 6.78 14.43 41.71
N VAL B 492 7.85 13.96 41.08
CA VAL B 492 8.15 14.27 39.68
C VAL B 492 8.37 12.97 38.93
N TRP B 493 7.65 12.78 37.83
CA TRP B 493 7.81 11.60 36.99
C TRP B 493 8.91 11.84 35.96
N ASN B 494 9.83 10.89 35.87
CA ASN B 494 10.92 10.92 34.91
C ASN B 494 10.86 9.67 34.02
N GLY B 495 11.87 9.52 33.17
CA GLY B 495 11.92 8.36 32.31
C GLY B 495 10.85 8.38 31.23
N MET B 496 10.54 7.19 30.73
CA MET B 496 9.52 7.07 29.69
C MET B 496 8.14 7.46 30.21
N ILE B 497 7.81 7.07 31.45
CA ILE B 497 6.53 7.44 32.02
C ILE B 497 6.44 8.96 32.18
N GLY B 498 7.51 9.60 32.65
CA GLY B 498 7.51 11.04 32.75
C GLY B 498 7.40 11.72 31.39
N GLU B 499 8.03 11.13 30.37
CA GLU B 499 7.91 11.65 29.02
C GLU B 499 6.46 11.58 28.53
N VAL B 500 5.79 10.47 28.82
CA VAL B 500 4.39 10.32 28.41
C VAL B 500 3.49 11.30 29.15
N VAL B 501 3.71 11.45 30.46
CA VAL B 501 2.83 12.30 31.27
C VAL B 501 2.92 13.75 30.83
N TYR B 502 4.13 14.22 30.51
CA TYR B 502 4.34 15.62 30.16
C TYR B 502 3.95 15.94 28.73
N GLN B 503 3.14 15.10 28.09
CA GLN B 503 2.64 15.30 26.73
C GLN B 503 3.75 15.34 25.69
N ARG B 504 4.93 14.82 26.03
CA ARG B 504 6.03 14.74 25.08
C ARG B 504 5.91 13.56 24.14
N ALA B 505 5.01 12.61 24.44
CA ALA B 505 4.78 11.46 23.58
C ALA B 505 3.34 11.01 23.75
N VAL B 506 2.82 10.32 22.73
CA VAL B 506 1.47 9.80 22.74
C VAL B 506 1.44 8.32 23.10
N MET B 507 2.33 7.53 22.53
CA MET B 507 2.41 6.10 22.81
C MET B 507 3.85 5.75 23.18
N ALA B 508 4.00 4.72 24.02
CA ALA B 508 5.31 4.31 24.50
C ALA B 508 5.35 2.80 24.61
N VAL B 509 6.26 2.17 23.87
CA VAL B 509 6.49 0.74 23.94
C VAL B 509 7.98 0.54 24.18
N GLY B 510 8.36 0.21 25.41
CA GLY B 510 9.76 0.05 25.76
C GLY B 510 10.00 -1.12 26.70
N SER B 511 9.18 -2.16 26.57
CA SER B 511 9.23 -3.35 27.41
C SER B 511 8.98 -3.05 28.89
N LEU B 512 8.33 -1.93 29.17
CA LEU B 512 7.99 -1.58 30.55
C LEU B 512 6.88 -2.51 31.05
N THR B 513 6.93 -2.79 32.35
CA THR B 513 5.97 -3.69 32.99
C THR B 513 4.87 -2.90 33.67
N ILE B 514 3.72 -3.56 33.84
CA ILE B 514 2.57 -2.95 34.48
C ILE B 514 2.80 -2.89 35.98
N ASN B 515 2.57 -1.72 36.57
CA ASN B 515 2.77 -1.53 38.00
C ASN B 515 1.58 -0.76 38.57
N GLU B 516 1.39 -0.89 39.88
CA GLU B 516 0.26 -0.23 40.53
C GLU B 516 0.37 1.29 40.45
N GLU B 517 1.57 1.83 40.64
CA GLU B 517 1.75 3.28 40.58
C GLU B 517 1.91 3.81 39.17
N ARG B 518 2.00 2.93 38.16
CA ARG B 518 2.06 3.37 36.77
C ARG B 518 0.67 3.51 36.15
N SER B 519 -0.22 2.55 36.41
CA SER B 519 -1.55 2.58 35.82
C SER B 519 -2.39 3.73 36.36
N GLU B 520 -2.00 4.34 37.48
CA GLU B 520 -2.76 5.43 38.06
C GLU B 520 -2.41 6.79 37.47
N VAL B 521 -1.37 6.87 36.64
CA VAL B 521 -0.97 8.15 36.05
C VAL B 521 -1.06 8.07 34.53
N VAL B 522 -0.92 6.87 33.98
CA VAL B 522 -1.06 6.63 32.55
C VAL B 522 -1.94 5.40 32.36
N ASP B 523 -2.47 5.27 31.15
CA ASP B 523 -3.37 4.18 30.79
C ASP B 523 -2.65 3.20 29.87
N PHE B 524 -2.66 1.92 30.25
CA PHE B 524 -2.04 0.87 29.48
C PHE B 524 -3.10 0.09 28.69
N SER B 525 -2.61 -0.69 27.72
CA SER B 525 -3.46 -1.52 26.89
C SER B 525 -3.38 -2.96 27.38
N VAL B 526 -4.00 -3.88 26.64
CA VAL B 526 -3.99 -5.29 27.01
C VAL B 526 -2.57 -5.84 26.86
N PRO B 527 -2.02 -6.49 27.87
CA PRO B 527 -0.67 -7.06 27.73
C PRO B 527 -0.62 -8.13 26.65
N PHE B 528 0.53 -8.22 25.98
CA PHE B 528 0.73 -9.17 24.90
C PHE B 528 1.74 -10.26 25.22
N VAL B 529 2.61 -10.05 26.22
CA VAL B 529 3.59 -11.04 26.62
C VAL B 529 3.56 -11.18 28.13
N GLU B 530 3.67 -12.42 28.61
CA GLU B 530 3.67 -12.68 30.04
C GLU B 530 5.07 -12.46 30.61
N THR B 531 5.12 -11.77 31.75
CA THR B 531 6.39 -11.49 32.41
C THR B 531 6.16 -11.44 33.91
N GLY B 532 7.19 -11.06 34.65
CA GLY B 532 7.09 -11.02 36.10
C GLY B 532 8.45 -10.87 36.73
N ILE B 533 8.55 -11.25 38.00
CA ILE B 533 9.79 -11.18 38.76
C ILE B 533 10.28 -12.59 38.99
N SER B 534 11.50 -12.88 38.53
CA SER B 534 12.10 -14.20 38.64
C SER B 534 13.52 -14.07 39.17
N VAL B 535 14.10 -15.21 39.54
CA VAL B 535 15.44 -15.27 40.11
C VAL B 535 16.28 -16.22 39.26
N MET B 536 17.49 -15.79 38.92
CA MET B 536 18.42 -16.58 38.14
C MET B 536 19.48 -17.20 39.06
N VAL B 537 19.69 -18.50 38.92
CA VAL B 537 20.66 -19.23 39.73
C VAL B 537 21.53 -20.07 38.80
N SER B 538 22.72 -20.43 39.30
CA SER B 538 23.65 -21.25 38.53
C SER B 538 23.07 -22.64 38.29
N ARG B 539 23.37 -23.19 37.12
CA ARG B 539 22.91 -24.52 36.72
C ARG B 539 24.07 -25.49 36.79
N SER B 540 23.86 -26.60 37.50
CA SER B 540 24.91 -27.61 37.66
C SER B 540 24.36 -29.01 37.36
N VAL B 544 25.84 -40.61 37.34
CA VAL B 544 24.41 -40.45 37.63
C VAL B 544 24.20 -40.07 39.09
N SER B 545 23.69 -38.86 39.31
CA SER B 545 23.47 -38.38 40.67
C SER B 545 22.44 -39.22 41.43
N PRO B 546 21.27 -39.55 40.87
CA PRO B 546 20.35 -40.44 41.60
C PRO B 546 20.97 -41.79 41.84
N SER B 547 20.64 -42.38 42.99
CA SER B 547 21.19 -43.68 43.37
C SER B 547 20.63 -44.78 42.47
N ALA B 548 21.44 -45.81 42.27
CA ALA B 548 21.07 -46.97 41.46
C ALA B 548 21.05 -48.21 42.35
N PHE B 549 20.19 -49.16 41.97
CA PHE B 549 20.00 -50.41 42.72
C PHE B 549 19.56 -50.14 44.16
N LEU B 550 18.84 -49.04 44.37
CA LEU B 550 18.37 -48.67 45.71
C LEU B 550 16.91 -48.24 45.68
N GLU B 551 16.43 -47.68 46.78
CA GLU B 551 15.04 -47.25 46.86
C GLU B 551 14.66 -46.21 45.81
N PRO B 552 15.40 -45.11 45.62
CA PRO B 552 15.01 -44.16 44.56
C PRO B 552 15.04 -44.75 43.16
N PHE B 553 15.96 -45.69 42.90
CA PHE B 553 16.06 -46.28 41.58
C PHE B 553 14.82 -47.12 41.25
N SER B 554 14.45 -48.02 42.15
CA SER B 554 13.29 -48.87 41.94
C SER B 554 12.85 -49.42 43.29
N ALA B 555 11.62 -49.93 43.33
CA ALA B 555 11.03 -50.49 44.54
C ALA B 555 11.07 -49.48 45.69
N SER B 556 10.29 -48.40 45.49
CA SER B 556 10.26 -47.31 46.46
C SER B 556 9.84 -47.77 47.84
N VAL B 557 9.07 -48.87 47.92
CA VAL B 557 8.71 -49.42 49.23
C VAL B 557 9.95 -49.91 49.96
N TRP B 558 10.84 -50.60 49.24
CA TRP B 558 12.19 -50.96 49.66
C TRP B 558 12.24 -51.98 50.79
N VAL B 559 11.10 -52.42 51.32
CA VAL B 559 11.11 -53.33 52.46
C VAL B 559 10.95 -54.77 51.98
N MET B 560 9.88 -55.06 51.23
CA MET B 560 9.57 -56.44 50.88
C MET B 560 10.64 -57.04 49.97
N MET B 561 11.16 -56.25 49.03
CA MET B 561 12.15 -56.78 48.08
C MET B 561 13.43 -57.19 48.78
N PHE B 562 13.90 -56.38 49.74
CA PHE B 562 15.15 -56.68 50.43
C PHE B 562 15.01 -57.68 51.55
N VAL B 563 13.78 -57.97 52.00
CA VAL B 563 13.56 -59.05 52.96
C VAL B 563 13.13 -60.34 52.30
N MET B 564 12.82 -60.30 50.99
CA MET B 564 12.51 -61.54 50.29
C MET B 564 13.69 -62.51 50.31
N LEU B 565 14.90 -61.99 50.10
CA LEU B 565 16.08 -62.85 50.16
C LEU B 565 16.25 -63.45 51.55
N LEU B 566 16.02 -62.65 52.60
CA LEU B 566 16.16 -63.15 53.96
C LEU B 566 15.13 -64.24 54.26
N ILE B 567 13.88 -64.03 53.85
CA ILE B 567 12.84 -65.01 54.17
C ILE B 567 13.05 -66.29 53.37
N VAL B 568 13.45 -66.18 52.10
CA VAL B 568 13.69 -67.40 51.33
C VAL B 568 14.92 -68.14 51.84
N SER B 569 15.93 -67.40 52.33
CA SER B 569 17.08 -68.06 52.95
C SER B 569 16.67 -68.79 54.23
N ALA B 570 15.80 -68.17 55.03
CA ALA B 570 15.32 -68.83 56.24
C ALA B 570 14.53 -70.08 55.90
N ILE B 571 13.68 -70.01 54.87
CA ILE B 571 12.90 -71.18 54.46
C ILE B 571 13.83 -72.27 53.94
N ALA B 572 14.87 -71.89 53.20
CA ALA B 572 15.84 -72.87 52.72
C ALA B 572 16.57 -73.54 53.88
N VAL B 573 16.94 -72.76 54.90
CA VAL B 573 17.57 -73.35 56.08
C VAL B 573 16.62 -74.32 56.77
N PHE B 574 15.35 -73.92 56.90
CA PHE B 574 14.37 -74.78 57.57
C PHE B 574 14.17 -76.09 56.82
N VAL B 575 14.05 -76.02 55.49
CA VAL B 575 13.83 -77.25 54.72
C VAL B 575 15.10 -78.11 54.72
N PHE B 576 16.27 -77.48 54.66
CA PHE B 576 17.52 -78.24 54.71
C PHE B 576 17.65 -78.98 56.04
N GLU B 577 17.26 -78.34 57.14
CA GLU B 577 17.19 -79.04 58.41
C GLU B 577 16.16 -80.16 58.37
N TYR B 578 15.03 -79.91 57.70
CA TYR B 578 13.97 -80.91 57.59
C TYR B 578 14.35 -82.07 56.67
N PHE B 579 15.35 -81.88 55.80
CA PHE B 579 15.75 -82.92 54.86
C PHE B 579 16.59 -84.03 55.49
N SER B 580 16.65 -84.10 56.83
CA SER B 580 17.43 -85.14 57.48
C SER B 580 16.95 -86.55 57.15
N PRO B 581 15.64 -86.87 57.19
CA PRO B 581 15.30 -88.25 56.82
C PRO B 581 15.32 -88.48 55.30
N SER B 598 27.17 -80.74 59.16
CA SER B 598 27.67 -79.46 59.64
C SER B 598 26.55 -78.61 60.22
N PHE B 599 26.72 -77.29 60.16
CA PHE B 599 25.71 -76.36 60.67
C PHE B 599 24.75 -75.99 59.55
N THR B 600 23.49 -76.38 59.73
CA THR B 600 22.48 -76.10 58.70
C THR B 600 22.22 -74.60 58.57
N ILE B 601 22.20 -73.89 59.70
CA ILE B 601 21.90 -72.45 59.67
C ILE B 601 23.02 -71.69 58.97
N GLY B 602 24.27 -72.10 59.18
CA GLY B 602 25.41 -71.41 58.62
C GLY B 602 25.86 -71.88 57.26
N LYS B 603 25.17 -72.84 56.64
CA LYS B 603 25.57 -73.36 55.35
C LYS B 603 24.47 -73.27 54.31
N ALA B 604 23.21 -73.49 54.68
CA ALA B 604 22.12 -73.43 53.72
C ALA B 604 21.89 -72.02 53.18
N ILE B 605 22.36 -70.99 53.90
CA ILE B 605 22.25 -69.63 53.39
C ILE B 605 23.11 -69.45 52.15
N TRP B 606 24.26 -70.13 52.10
CA TRP B 606 25.14 -70.05 50.94
C TRP B 606 24.45 -70.56 49.68
N LEU B 607 23.54 -71.53 49.82
CA LEU B 607 22.85 -72.09 48.66
C LEU B 607 22.01 -71.01 47.97
N LEU B 608 21.25 -70.24 48.76
CA LEU B 608 20.44 -69.18 48.18
C LEU B 608 21.30 -68.00 47.75
N TRP B 609 22.29 -67.62 48.56
CA TRP B 609 23.14 -66.49 48.21
C TRP B 609 24.16 -66.84 47.13
N GLY B 610 24.31 -68.12 46.79
CA GLY B 610 25.16 -68.52 45.69
C GLY B 610 24.52 -68.49 44.33
N LEU B 611 23.20 -68.28 44.26
CA LEU B 611 22.50 -68.22 42.99
C LEU B 611 21.88 -66.86 42.70
N VAL B 612 21.88 -65.93 43.66
CA VAL B 612 21.36 -64.59 43.40
C VAL B 612 22.23 -63.86 42.38
N PHE B 613 23.50 -64.22 42.29
CA PHE B 613 24.41 -63.67 41.29
C PHE B 613 25.20 -64.81 40.66
N ASN B 614 25.63 -64.59 39.42
CA ASN B 614 26.24 -65.64 38.60
C ASN B 614 27.76 -65.62 38.66
N ASN B 615 28.34 -65.21 39.80
CA ASN B 615 29.79 -65.23 39.99
C ASN B 615 30.19 -66.03 41.22
N SER B 616 29.29 -66.85 41.76
CA SER B 616 29.55 -67.58 42.99
C SER B 616 30.15 -68.95 42.65
N VAL B 617 31.40 -69.15 43.08
CA VAL B 617 32.08 -70.43 42.90
C VAL B 617 31.62 -71.44 43.96
N PRO B 618 31.58 -71.09 45.27
CA PRO B 618 31.15 -72.08 46.27
C PRO B 618 29.65 -72.35 46.21
N VAL B 619 29.22 -73.17 45.26
CA VAL B 619 27.83 -73.55 45.12
C VAL B 619 27.78 -75.07 45.08
N GLN B 620 27.33 -75.69 46.17
CA GLN B 620 27.24 -77.14 46.30
C GLN B 620 25.77 -77.54 46.31
N ASN B 621 25.29 -78.07 45.19
CA ASN B 621 23.90 -78.50 45.05
C ASN B 621 23.90 -79.93 44.51
N PRO B 622 24.14 -80.93 45.38
CA PRO B 622 24.16 -82.33 44.97
C PRO B 622 22.76 -82.89 44.73
N THR B 625 17.74 -83.61 41.50
CA THR B 625 16.29 -83.59 41.35
C THR B 625 15.84 -82.32 40.62
N THR B 626 14.53 -82.08 40.61
CA THR B 626 13.99 -80.88 39.98
C THR B 626 14.32 -79.62 40.77
N SER B 627 14.83 -79.74 42.00
CA SER B 627 15.26 -78.57 42.74
C SER B 627 16.42 -77.87 42.03
N LYS B 628 17.24 -78.62 41.29
CA LYS B 628 18.28 -78.00 40.49
C LYS B 628 17.68 -77.14 39.39
N ILE B 629 16.62 -77.63 38.74
CA ILE B 629 15.93 -76.81 37.74
C ILE B 629 15.31 -75.58 38.40
N MET B 630 14.78 -75.75 39.62
CA MET B 630 14.18 -74.63 40.32
C MET B 630 15.21 -73.55 40.64
N VAL B 631 16.38 -73.94 41.14
CA VAL B 631 17.41 -72.95 41.45
C VAL B 631 17.97 -72.34 40.17
N SER B 632 18.01 -73.11 39.07
CA SER B 632 18.39 -72.53 37.78
C SER B 632 17.39 -71.48 37.35
N VAL B 633 16.09 -71.74 37.54
CA VAL B 633 15.07 -70.75 37.22
C VAL B 633 15.21 -69.51 38.10
N TRP B 634 15.53 -69.71 39.38
CA TRP B 634 15.75 -68.57 40.27
C TRP B 634 16.94 -67.75 39.82
N ALA B 635 18.02 -68.40 39.39
CA ALA B 635 19.17 -67.68 38.87
C ALA B 635 18.82 -66.93 37.59
N PHE B 636 18.00 -67.54 36.74
CA PHE B 636 17.52 -66.85 35.54
C PHE B 636 16.72 -65.61 35.90
N PHE B 637 15.85 -65.72 36.91
CA PHE B 637 15.11 -64.56 37.37
C PHE B 637 16.04 -63.48 37.91
N ALA B 638 17.06 -63.88 38.65
CA ALA B 638 18.01 -62.91 39.21
C ALA B 638 18.78 -62.19 38.10
N VAL B 639 19.24 -62.93 37.09
CA VAL B 639 19.98 -62.29 36.01
C VAL B 639 19.05 -61.42 35.16
N ILE B 640 17.79 -61.81 35.02
CA ILE B 640 16.83 -60.96 34.31
C ILE B 640 16.61 -59.65 35.09
N PHE B 641 16.52 -59.75 36.42
CA PHE B 641 16.38 -58.55 37.24
C PHE B 641 17.61 -57.66 37.12
N LEU B 642 18.80 -58.26 37.11
CA LEU B 642 20.02 -57.48 36.95
C LEU B 642 20.07 -56.78 35.60
N ALA B 643 19.70 -57.49 34.53
CA ALA B 643 19.69 -56.88 33.21
C ALA B 643 18.66 -55.76 33.12
N SER B 644 17.49 -55.96 33.72
CA SER B 644 16.46 -54.92 33.71
C SER B 644 16.93 -53.68 34.47
N TYR B 645 17.57 -53.88 35.63
CA TYR B 645 18.10 -52.76 36.38
C TYR B 645 19.20 -52.03 35.60
N THR B 646 20.06 -52.78 34.93
CA THR B 646 21.11 -52.15 34.12
C THR B 646 20.50 -51.33 32.98
N ALA B 647 19.49 -51.88 32.31
CA ALA B 647 18.85 -51.15 31.21
C ALA B 647 18.14 -49.91 31.73
N ASN B 648 17.48 -50.00 32.88
CA ASN B 648 16.82 -48.84 33.46
C ASN B 648 17.83 -47.77 33.83
N LEU B 649 18.97 -48.17 34.40
CA LEU B 649 20.02 -47.21 34.71
C LEU B 649 20.57 -46.56 33.45
N ALA B 650 20.63 -47.32 32.34
CA ALA B 650 21.05 -46.72 31.08
C ALA B 650 20.09 -45.63 30.62
N ALA B 651 18.81 -45.77 30.96
CA ALA B 651 17.78 -44.79 30.57
C ALA B 651 17.41 -43.84 31.70
N PHE B 652 18.15 -43.85 32.81
CA PHE B 652 17.87 -43.00 33.96
C PHE B 652 18.99 -41.99 34.19
N MET B 653 19.50 -41.40 33.11
CA MET B 653 20.55 -40.40 33.18
C MET B 653 20.11 -39.05 32.65
N ILE B 654 18.90 -38.92 32.13
CA ILE B 654 18.42 -37.66 31.59
C ILE B 654 17.92 -36.80 32.75
N GLN B 655 18.48 -35.60 32.87
CA GLN B 655 18.10 -34.68 33.94
C GLN B 655 18.32 -33.23 33.51
N ASP B 660 17.13 -26.34 40.67
CA ASP B 660 16.46 -25.26 41.38
C ASP B 660 16.40 -25.56 42.87
N GLN B 661 16.84 -24.59 43.68
CA GLN B 661 16.81 -24.73 45.14
C GLN B 661 16.15 -23.56 45.86
N VAL B 662 16.05 -22.38 45.23
CA VAL B 662 15.41 -21.25 45.89
C VAL B 662 13.93 -21.53 46.13
N THR B 663 13.24 -22.08 45.13
CA THR B 663 11.82 -22.43 45.23
C THR B 663 10.97 -21.24 45.68
N GLY B 664 11.26 -20.06 45.11
CA GLY B 664 10.52 -18.86 45.42
C GLY B 664 11.15 -18.03 46.52
N LEU B 665 10.56 -16.86 46.74
CA LEU B 665 11.07 -15.92 47.73
C LEU B 665 10.76 -16.34 49.16
N SER B 666 9.90 -17.36 49.35
CA SER B 666 9.55 -17.81 50.69
C SER B 666 10.67 -18.57 51.38
N ASP B 667 11.75 -18.90 50.67
CA ASP B 667 12.85 -19.65 51.26
C ASP B 667 13.56 -18.80 52.31
N LYS B 668 14.15 -19.49 53.31
CA LYS B 668 14.82 -18.81 54.39
C LYS B 668 16.05 -18.03 53.94
N LYS B 669 16.67 -18.42 52.82
CA LYS B 669 17.82 -17.68 52.32
C LYS B 669 17.46 -16.26 51.94
N PHE B 670 16.31 -16.08 51.28
CA PHE B 670 15.85 -14.73 50.94
C PHE B 670 15.52 -13.93 52.20
N GLN B 671 14.87 -14.57 53.17
CA GLN B 671 14.49 -13.86 54.39
C GLN B 671 15.70 -13.61 55.29
N ARG B 672 16.63 -14.55 55.34
CA ARG B 672 17.81 -14.45 56.21
C ARG B 672 19.06 -14.71 55.37
N PRO B 673 19.49 -13.73 54.58
CA PRO B 673 20.72 -13.91 53.79
C PRO B 673 21.96 -14.11 54.64
N HIS B 674 22.01 -13.51 55.84
CA HIS B 674 23.17 -13.59 56.71
C HIS B 674 23.12 -14.76 57.68
N ASP B 675 22.11 -15.62 57.59
CA ASP B 675 22.00 -16.76 58.50
C ASP B 675 23.19 -17.70 58.33
N TYR B 676 23.56 -17.99 57.10
CA TYR B 676 24.70 -18.86 56.84
C TYR B 676 26.01 -18.09 57.00
N SER B 677 27.10 -18.84 57.19
CA SER B 677 28.41 -18.22 57.30
C SER B 677 28.79 -17.44 56.04
N PRO B 678 28.63 -17.96 54.82
CA PRO B 678 28.82 -17.11 53.64
C PRO B 678 27.56 -16.32 53.35
N PRO B 679 27.64 -14.99 53.32
CA PRO B 679 26.46 -14.18 53.04
C PRO B 679 25.91 -14.46 51.64
N PHE B 680 24.58 -14.46 51.53
CA PHE B 680 23.91 -14.69 50.25
C PHE B 680 23.65 -13.34 49.60
N ARG B 681 24.29 -13.11 48.46
CA ARG B 681 24.24 -11.82 47.79
C ARG B 681 23.30 -11.89 46.58
N PHE B 682 22.32 -10.98 46.54
CA PHE B 682 21.42 -10.84 45.42
C PHE B 682 21.80 -9.61 44.59
N GLY B 683 21.04 -9.37 43.54
CA GLY B 683 21.28 -8.23 42.68
C GLY B 683 19.99 -7.68 42.12
N THR B 684 20.00 -6.38 41.83
CA THR B 684 18.85 -5.72 41.23
C THR B 684 19.33 -4.53 40.42
N VAL B 685 18.49 -4.10 39.49
CA VAL B 685 18.78 -2.95 38.62
C VAL B 685 17.87 -1.81 39.05
N PRO B 686 18.42 -0.68 39.49
CA PRO B 686 17.57 0.45 39.90
C PRO B 686 16.88 1.10 38.71
N ASN B 687 16.15 2.19 38.98
CA ASN B 687 15.28 2.85 37.99
C ASN B 687 14.34 1.84 37.35
N GLY B 688 13.75 0.98 38.17
CA GLY B 688 12.88 -0.06 37.68
C GLY B 688 11.73 -0.41 38.60
N SER B 689 11.02 -1.50 38.30
CA SER B 689 9.87 -1.91 39.08
C SER B 689 10.20 -3.01 40.09
N THR B 690 11.27 -3.79 39.86
CA THR B 690 11.64 -4.83 40.83
C THR B 690 12.00 -4.22 42.17
N GLU B 691 12.74 -3.11 42.15
CA GLU B 691 13.05 -2.41 43.40
C GLU B 691 11.77 -1.93 44.07
N ARG B 692 10.80 -1.45 43.29
CA ARG B 692 9.52 -1.04 43.86
C ARG B 692 8.82 -2.22 44.52
N ASN B 693 8.81 -3.38 43.86
CA ASN B 693 8.14 -4.55 44.42
C ASN B 693 8.80 -5.00 45.72
N ILE B 694 10.14 -5.05 45.74
CA ILE B 694 10.82 -5.50 46.95
C ILE B 694 10.66 -4.46 48.06
N ARG B 695 10.60 -3.17 47.72
CA ARG B 695 10.36 -2.15 48.73
C ARG B 695 8.95 -2.27 49.32
N ASN B 696 7.96 -2.53 48.48
CA ASN B 696 6.59 -2.62 48.94
C ASN B 696 6.25 -3.96 49.59
N ASN B 697 7.10 -4.97 49.44
CA ASN B 697 6.78 -6.24 50.06
C ASN B 697 7.78 -6.66 51.14
N TYR B 698 9.08 -6.45 50.90
CA TYR B 698 10.12 -6.83 51.85
C TYR B 698 11.04 -5.64 52.07
N PRO B 699 10.60 -4.67 52.89
CA PRO B 699 11.44 -3.47 53.09
C PRO B 699 12.83 -3.77 53.64
N TYR B 700 12.95 -4.73 54.57
CA TYR B 700 14.26 -5.08 55.09
C TYR B 700 15.12 -5.73 54.00
N MET B 701 14.53 -6.61 53.19
CA MET B 701 15.27 -7.21 52.10
C MET B 701 15.64 -6.18 51.05
N HIS B 702 14.76 -5.20 50.81
CA HIS B 702 15.10 -4.11 49.89
C HIS B 702 16.28 -3.31 50.41
N GLN B 703 16.31 -3.01 51.71
CA GLN B 703 17.43 -2.28 52.28
C GLN B 703 18.71 -3.09 52.18
N TYR B 704 18.63 -4.40 52.43
CA TYR B 704 19.80 -5.25 52.30
C TYR B 704 20.30 -5.30 50.86
N MET B 705 19.39 -5.39 49.90
CA MET B 705 19.78 -5.50 48.49
C MET B 705 20.28 -4.20 47.91
N THR B 706 19.88 -3.05 48.49
CA THR B 706 20.37 -1.77 48.00
C THR B 706 21.88 -1.63 48.12
N LYS B 707 22.52 -2.44 48.98
CA LYS B 707 23.97 -2.41 49.12
C LYS B 707 24.69 -3.20 48.04
N PHE B 708 23.97 -3.92 47.19
CA PHE B 708 24.55 -4.74 46.13
C PHE B 708 23.86 -4.45 44.80
N ASN B 709 23.66 -3.18 44.50
CA ASN B 709 23.00 -2.78 43.26
C ASN B 709 23.99 -2.83 42.09
N GLN B 710 23.45 -3.04 40.90
CA GLN B 710 24.23 -3.08 39.67
C GLN B 710 23.69 -2.04 38.70
N LYS B 711 24.60 -1.32 38.05
CA LYS B 711 24.22 -0.26 37.13
C LYS B 711 23.57 -0.78 35.85
N GLY B 712 23.70 -2.07 35.55
CA GLY B 712 23.11 -2.61 34.34
C GLY B 712 22.93 -4.11 34.46
N VAL B 713 22.21 -4.66 33.47
CA VAL B 713 21.94 -6.09 33.46
C VAL B 713 23.19 -6.88 33.13
N GLU B 714 24.04 -6.35 32.24
CA GLU B 714 25.22 -7.09 31.80
C GLU B 714 26.21 -7.31 32.94
N ASP B 715 26.42 -6.28 33.77
CA ASP B 715 27.34 -6.43 34.91
C ASP B 715 26.83 -7.47 35.89
N ALA B 716 25.52 -7.46 36.18
CA ALA B 716 24.96 -8.47 37.07
C ALA B 716 25.09 -9.86 36.47
N LEU B 717 24.86 -9.99 35.16
CA LEU B 717 24.97 -11.28 34.51
C LEU B 717 26.39 -11.82 34.57
N VAL B 718 27.38 -10.97 34.29
CA VAL B 718 28.76 -11.44 34.31
C VAL B 718 29.23 -11.71 35.75
N SER B 719 28.71 -10.96 36.72
CA SER B 719 29.03 -11.25 38.12
C SER B 719 28.45 -12.60 38.53
N LEU B 720 27.22 -12.90 38.11
CA LEU B 720 26.64 -14.20 38.40
C LEU B 720 27.41 -15.32 37.72
N LYS B 721 27.85 -15.10 36.48
CA LYS B 721 28.61 -16.11 35.76
C LYS B 721 29.94 -16.38 36.45
N THR B 722 30.59 -15.34 36.96
CA THR B 722 31.86 -15.49 37.65
C THR B 722 31.70 -15.90 39.12
N GLY B 723 30.48 -16.03 39.61
CA GLY B 723 30.23 -16.43 40.98
C GLY B 723 30.24 -15.30 42.00
N LYS B 724 30.35 -14.05 41.55
CA LYS B 724 30.32 -12.93 42.49
C LYS B 724 28.98 -12.82 43.19
N LEU B 725 27.89 -13.03 42.45
CA LEU B 725 26.54 -12.99 43.00
C LEU B 725 25.93 -14.38 42.95
N ASP B 726 25.41 -14.83 44.10
CA ASP B 726 24.78 -16.15 44.15
C ASP B 726 23.53 -16.20 43.28
N ALA B 727 22.73 -15.14 43.31
CA ALA B 727 21.50 -15.09 42.53
C ALA B 727 21.23 -13.65 42.12
N PHE B 728 20.44 -13.51 41.05
CA PHE B 728 20.08 -12.19 40.52
C PHE B 728 18.58 -12.14 40.31
N ILE B 729 17.97 -11.02 40.66
CA ILE B 729 16.52 -10.83 40.58
C ILE B 729 16.25 -9.69 39.60
N TYR B 730 15.42 -9.95 38.60
CA TYR B 730 15.08 -8.96 37.59
C TYR B 730 13.79 -9.41 36.90
N ASP B 731 13.46 -8.74 35.79
CA ASP B 731 12.26 -9.07 35.03
C ASP B 731 12.34 -10.49 34.49
N ALA B 732 11.18 -11.16 34.45
CA ALA B 732 11.15 -12.57 34.05
C ALA B 732 11.57 -12.74 32.59
N ALA B 733 11.09 -11.86 31.70
CA ALA B 733 11.38 -12.02 30.28
C ALA B 733 12.86 -11.85 29.99
N VAL B 734 13.47 -10.79 30.53
CA VAL B 734 14.90 -10.55 30.30
C VAL B 734 15.73 -11.66 30.93
N LEU B 735 15.35 -12.11 32.12
CA LEU B 735 16.08 -13.18 32.79
C LEU B 735 16.02 -14.47 31.99
N ASN B 736 14.84 -14.82 31.47
CA ASN B 736 14.71 -16.01 30.64
C ASN B 736 15.51 -15.89 29.36
N TYR B 737 15.49 -14.71 28.73
CA TYR B 737 16.25 -14.51 27.51
C TYR B 737 17.75 -14.66 27.76
N LYS B 738 18.24 -14.11 28.87
CA LYS B 738 19.66 -14.22 29.19
C LYS B 738 20.04 -15.66 29.55
N ALA B 739 19.13 -16.37 30.23
CA ALA B 739 19.39 -17.78 30.53
C ALA B 739 19.47 -18.60 29.24
N GLY B 740 18.58 -18.32 28.28
CA GLY B 740 18.63 -19.02 27.01
C GLY B 740 19.88 -18.67 26.21
N ARG B 741 20.29 -17.41 26.25
CA ARG B 741 21.46 -16.94 25.51
C ARG B 741 22.77 -17.18 26.24
N ASP B 742 22.73 -17.65 27.48
CA ASP B 742 23.96 -17.88 28.24
C ASP B 742 24.77 -19.01 27.61
N GLU B 743 26.09 -18.83 27.59
CA GLU B 743 26.98 -19.83 27.02
C GLU B 743 27.04 -21.05 27.92
N GLY B 744 26.73 -22.22 27.37
CA GLY B 744 26.77 -23.46 28.11
C GLY B 744 25.54 -23.73 28.97
N CYS B 745 24.56 -22.83 28.96
CA CYS B 745 23.34 -22.98 29.76
C CYS B 745 23.67 -23.18 31.24
N LYS B 746 24.66 -22.43 31.72
CA LYS B 746 25.09 -22.55 33.12
C LYS B 746 24.23 -21.74 34.07
N LEU B 747 23.35 -20.87 33.55
CA LEU B 747 22.46 -20.07 34.37
C LEU B 747 21.02 -20.36 33.96
N VAL B 748 20.18 -20.68 34.93
CA VAL B 748 18.79 -21.02 34.69
C VAL B 748 17.91 -20.29 35.71
N THR B 749 16.63 -20.14 35.37
CA THR B 749 15.67 -19.51 36.26
C THR B 749 15.31 -20.45 37.40
N ILE B 750 14.38 -20.01 38.24
CA ILE B 750 13.96 -20.81 39.42
C ILE B 750 12.81 -21.70 38.94
N GLY B 751 13.18 -22.84 38.37
CA GLY B 751 12.21 -23.84 37.97
C GLY B 751 11.22 -23.30 36.95
N SER B 752 9.93 -23.60 37.19
CA SER B 752 8.85 -23.11 36.36
C SER B 752 7.59 -23.08 37.20
N GLY B 753 6.95 -21.91 37.27
CA GLY B 753 5.76 -21.71 38.07
C GLY B 753 6.01 -21.04 39.40
N TYR B 754 7.27 -20.95 39.83
CA TYR B 754 7.64 -20.27 41.07
C TYR B 754 7.83 -18.76 40.87
N ILE B 755 7.30 -18.21 39.78
CA ILE B 755 7.47 -16.80 39.48
C ILE B 755 6.69 -15.95 40.47
N PHE B 756 7.15 -14.70 40.64
CA PHE B 756 6.46 -13.74 41.50
C PHE B 756 5.27 -13.16 40.75
N ALA B 757 4.69 -12.09 41.27
CA ALA B 757 3.48 -11.49 40.71
C ALA B 757 3.59 -11.30 39.20
N THR B 758 2.74 -12.01 38.46
CA THR B 758 2.84 -12.10 37.01
C THR B 758 2.06 -10.98 36.36
N THR B 759 2.75 -10.17 35.55
CA THR B 759 2.12 -9.08 34.81
C THR B 759 2.51 -9.13 33.34
N GLY B 760 2.16 -8.09 32.58
CA GLY B 760 2.51 -7.98 31.19
C GLY B 760 3.26 -6.69 30.89
N TYR B 761 3.59 -6.52 29.60
CA TYR B 761 4.29 -5.31 29.17
C TYR B 761 3.31 -4.23 28.71
N GLY B 762 2.49 -4.54 27.71
CA GLY B 762 1.55 -3.56 27.21
C GLY B 762 2.25 -2.42 26.48
N ILE B 763 1.47 -1.37 26.24
CA ILE B 763 1.96 -0.13 25.65
C ILE B 763 1.41 1.04 26.45
N ALA B 764 2.28 1.98 26.81
CA ALA B 764 1.88 3.10 27.63
C ALA B 764 1.24 4.20 26.78
N LEU B 765 0.08 4.67 27.22
CA LEU B 765 -0.63 5.76 26.55
C LEU B 765 -1.12 6.76 27.57
N GLN B 766 -1.28 8.01 27.13
CA GLN B 766 -1.84 9.05 27.98
C GLN B 766 -3.30 8.74 28.31
N LYS B 767 -3.70 9.05 29.53
CA LYS B 767 -5.07 8.80 29.94
C LYS B 767 -6.04 9.63 29.12
N GLY B 768 -7.13 9.00 28.68
CA GLY B 768 -8.12 9.64 27.85
C GLY B 768 -7.82 9.66 26.38
N SER B 769 -6.69 9.09 25.95
CA SER B 769 -6.36 9.06 24.53
C SER B 769 -7.33 8.16 23.78
N PRO B 770 -7.79 8.58 22.59
CA PRO B 770 -8.72 7.76 21.82
C PRO B 770 -8.07 6.64 21.02
N TRP B 771 -6.78 6.38 21.19
CA TRP B 771 -6.09 5.35 20.42
C TRP B 771 -6.09 3.99 21.11
N LYS B 772 -6.22 3.97 22.44
CA LYS B 772 -6.14 2.71 23.17
C LYS B 772 -7.28 1.77 22.79
N ARG B 773 -8.45 2.31 22.46
CA ARG B 773 -9.62 1.47 22.18
C ARG B 773 -9.37 0.54 21.00
N GLN B 774 -8.76 1.06 19.93
CA GLN B 774 -8.40 0.20 18.81
C GLN B 774 -7.08 -0.51 19.01
N ILE B 775 -6.20 0.02 19.86
CA ILE B 775 -4.92 -0.64 20.13
C ILE B 775 -5.14 -1.98 20.82
N ASP B 776 -6.05 -2.01 21.82
CA ASP B 776 -6.32 -3.27 22.49
C ASP B 776 -6.92 -4.30 21.54
N LEU B 777 -7.83 -3.86 20.67
CA LEU B 777 -8.41 -4.75 19.68
C LEU B 777 -7.35 -5.30 18.72
N ALA B 778 -6.43 -4.43 18.28
CA ALA B 778 -5.37 -4.88 17.39
C ALA B 778 -4.45 -5.88 18.08
N LEU B 779 -4.11 -5.62 19.34
CA LEU B 779 -3.25 -6.56 20.07
C LEU B 779 -3.95 -7.90 20.28
N LEU B 780 -5.25 -7.89 20.58
CA LEU B 780 -5.98 -9.14 20.74
C LEU B 780 -6.08 -9.88 19.42
N GLN B 781 -6.27 -9.16 18.31
CA GLN B 781 -6.27 -9.81 17.00
C GLN B 781 -4.93 -10.44 16.70
N PHE B 782 -3.84 -9.75 17.05
CA PHE B 782 -2.50 -10.29 16.83
C PHE B 782 -2.28 -11.56 17.65
N VAL B 783 -2.65 -11.52 18.93
CA VAL B 783 -2.40 -12.67 19.79
C VAL B 783 -3.31 -13.84 19.43
N GLY B 784 -4.51 -13.56 18.91
CA GLY B 784 -5.43 -14.61 18.53
C GLY B 784 -5.21 -15.18 17.14
N ASP B 785 -4.42 -14.51 16.30
CA ASP B 785 -4.14 -14.97 14.95
C ASP B 785 -2.78 -15.66 14.84
N GLY B 786 -2.12 -15.92 15.95
CA GLY B 786 -0.82 -16.55 15.93
C GLY B 786 0.33 -15.62 15.60
N GLU B 787 0.13 -14.31 15.67
CA GLU B 787 1.17 -13.33 15.36
C GLU B 787 2.08 -13.04 16.54
N MET B 788 2.07 -13.88 17.56
CA MET B 788 2.93 -13.72 18.73
C MET B 788 3.88 -14.88 18.96
N GLU B 789 3.42 -16.11 18.74
CA GLU B 789 4.29 -17.27 18.92
C GLU B 789 5.48 -17.24 17.97
N GLU B 790 5.22 -16.87 16.71
CA GLU B 790 6.32 -16.76 15.75
C GLU B 790 7.30 -15.66 16.15
N LEU B 791 6.79 -14.53 16.64
CA LEU B 791 7.68 -13.48 17.11
C LEU B 791 8.48 -13.93 18.33
N GLU B 792 7.84 -14.66 19.24
CA GLU B 792 8.55 -15.19 20.40
C GLU B 792 9.66 -16.14 19.99
N THR B 793 9.39 -17.01 19.01
CA THR B 793 10.43 -17.93 18.54
C THR B 793 11.56 -17.17 17.85
N LEU B 794 11.22 -16.14 17.06
CA LEU B 794 12.25 -15.40 16.33
C LEU B 794 13.12 -14.56 17.25
N TRP B 795 12.55 -13.98 18.31
CA TRP B 795 13.28 -13.06 19.17
C TRP B 795 13.73 -13.67 20.49
N LEU B 796 13.22 -14.83 20.86
CA LEU B 796 13.64 -15.48 22.11
C LEU B 796 13.30 -16.97 22.10
N ASP B 813 30.71 -42.68 41.61
CA ASP B 813 30.18 -41.40 42.03
C ASP B 813 29.58 -41.48 43.44
N ILE B 814 28.56 -40.65 43.69
CA ILE B 814 27.92 -40.65 45.00
C ILE B 814 27.21 -41.98 45.25
N ASP B 815 26.52 -42.51 44.23
CA ASP B 815 25.81 -43.77 44.41
C ASP B 815 26.76 -44.91 44.72
N ASN B 816 27.90 -44.97 44.05
CA ASN B 816 28.86 -46.03 44.32
C ASN B 816 29.43 -45.93 45.73
N MET B 817 29.72 -44.71 46.19
CA MET B 817 30.22 -44.54 47.55
C MET B 817 29.17 -44.93 48.59
N ALA B 818 27.91 -44.56 48.34
CA ALA B 818 26.84 -44.97 49.24
C ALA B 818 26.68 -46.48 49.26
N GLY B 819 26.78 -47.12 48.10
CA GLY B 819 26.71 -48.58 48.06
C GLY B 819 27.86 -49.23 48.80
N VAL B 820 29.06 -48.66 48.69
CA VAL B 820 30.21 -49.21 49.41
C VAL B 820 30.01 -49.07 50.91
N PHE B 821 29.51 -47.91 51.36
CA PHE B 821 29.24 -47.73 52.78
C PHE B 821 28.18 -48.70 53.28
N TYR B 822 27.11 -48.90 52.50
CA TYR B 822 26.07 -49.84 52.89
C TYR B 822 26.61 -51.27 52.93
N MET B 823 27.50 -51.61 51.99
CA MET B 823 28.12 -52.94 52.02
C MET B 823 29.02 -53.11 53.23
N LEU B 824 29.74 -52.06 53.62
CA LEU B 824 30.54 -52.13 54.84
C LEU B 824 29.66 -52.34 56.08
N ALA B 825 28.54 -51.61 56.15
CA ALA B 825 27.61 -51.79 57.26
C ALA B 825 27.04 -53.20 57.27
N ALA B 826 26.68 -53.72 56.10
CA ALA B 826 26.16 -55.09 56.01
C ALA B 826 27.23 -56.10 56.41
N ALA B 827 28.49 -55.85 56.04
CA ALA B 827 29.57 -56.73 56.45
C ALA B 827 29.74 -56.75 57.97
N MET B 828 29.67 -55.57 58.59
CA MET B 828 29.74 -55.50 60.05
C MET B 828 28.58 -56.26 60.69
N ALA B 829 27.36 -56.08 60.15
CA ALA B 829 26.20 -56.76 60.70
C ALA B 829 26.33 -58.27 60.55
N LEU B 830 26.82 -58.73 59.39
CA LEU B 830 27.00 -60.17 59.17
C LEU B 830 28.08 -60.74 60.08
N SER B 831 29.16 -59.98 60.31
CA SER B 831 30.18 -60.43 61.25
C SER B 831 29.61 -60.55 62.66
N LEU B 832 28.79 -59.58 63.08
CA LEU B 832 28.16 -59.67 64.39
C LEU B 832 27.23 -60.88 64.47
N ILE B 833 26.46 -61.13 63.40
CA ILE B 833 25.56 -62.28 63.38
C ILE B 833 26.35 -63.58 63.47
N THR B 834 27.44 -63.68 62.72
CA THR B 834 28.28 -64.88 62.76
C THR B 834 28.88 -65.08 64.15
N PHE B 835 29.31 -63.99 64.80
CA PHE B 835 29.80 -64.09 66.17
C PHE B 835 28.71 -64.59 67.11
N ILE B 836 27.49 -64.08 66.95
CA ILE B 836 26.37 -64.58 67.74
C ILE B 836 26.08 -66.04 67.39
N TRP B 837 26.08 -66.37 66.11
CA TRP B 837 25.84 -67.74 65.65
C TRP B 837 26.94 -68.68 66.10
N LYS C 25 -40.88 41.51 -16.12
CA LYS C 25 -39.96 41.50 -14.98
C LYS C 25 -40.70 41.68 -13.67
N ILE C 26 -41.64 40.79 -13.39
CA ILE C 26 -42.44 40.81 -12.17
C ILE C 26 -42.26 39.49 -11.45
N VAL C 27 -41.91 39.56 -10.17
CA VAL C 27 -41.73 38.38 -9.33
C VAL C 27 -42.85 38.36 -8.30
N ASN C 28 -43.61 37.27 -8.26
CA ASN C 28 -44.73 37.13 -7.35
C ASN C 28 -44.40 36.16 -6.23
N ILE C 29 -44.81 36.51 -5.02
CA ILE C 29 -44.60 35.68 -3.83
C ILE C 29 -45.95 35.42 -3.20
N GLY C 30 -46.26 34.13 -2.97
CA GLY C 30 -47.51 33.74 -2.37
C GLY C 30 -47.38 33.50 -0.88
N ALA C 31 -48.52 33.57 -0.19
CA ALA C 31 -48.55 33.37 1.26
C ALA C 31 -49.86 32.69 1.64
N VAL C 32 -49.78 31.75 2.58
CA VAL C 32 -50.94 31.07 3.15
C VAL C 32 -50.99 31.44 4.62
N LEU C 33 -52.04 32.16 5.03
CA LEU C 33 -52.11 32.70 6.38
C LEU C 33 -53.44 32.36 7.05
N SER C 34 -53.69 32.97 8.21
CA SER C 34 -54.87 32.66 9.01
C SER C 34 -55.81 33.84 9.18
N THR C 35 -55.28 35.05 9.38
CA THR C 35 -56.10 36.22 9.64
C THR C 35 -55.75 37.33 8.66
N ARG C 36 -56.70 38.27 8.51
CA ARG C 36 -56.54 39.35 7.54
C ARG C 36 -55.39 40.28 7.90
N LYS C 37 -55.20 40.54 9.20
CA LYS C 37 -54.10 41.41 9.62
C LYS C 37 -52.75 40.81 9.26
N HIS C 38 -52.63 39.48 9.30
CA HIS C 38 -51.40 38.85 8.85
C HIS C 38 -51.17 39.11 7.36
N GLU C 39 -52.24 39.03 6.56
CA GLU C 39 -52.09 39.35 5.14
C GLU C 39 -51.67 40.80 4.93
N GLN C 40 -52.27 41.71 5.70
CA GLN C 40 -51.91 43.13 5.57
C GLN C 40 -50.45 43.37 5.94
N MET C 41 -49.97 42.76 7.03
CA MET C 41 -48.59 42.95 7.41
C MET C 41 -47.64 42.26 6.44
N PHE C 42 -48.04 41.14 5.85
CA PHE C 42 -47.24 40.52 4.80
C PHE C 42 -47.12 41.44 3.60
N ARG C 43 -48.22 42.08 3.19
CA ARG C 43 -48.17 43.01 2.08
C ARG C 43 -47.30 44.22 2.40
N GLU C 44 -47.40 44.72 3.64
CA GLU C 44 -46.55 45.84 4.03
C GLU C 44 -45.07 45.46 4.01
N ALA C 45 -44.75 44.25 4.47
CA ALA C 45 -43.36 43.79 4.43
C ALA C 45 -42.88 43.63 3.00
N VAL C 46 -43.75 43.14 2.12
CA VAL C 46 -43.39 43.02 0.71
C VAL C 46 -43.13 44.39 0.10
N ASN C 47 -43.96 45.37 0.46
CA ASN C 47 -43.78 46.74 -0.01
C ASN C 47 -42.45 47.30 0.46
N GLN C 48 -42.11 47.06 1.73
CA GLN C 48 -40.81 47.50 2.24
C GLN C 48 -39.67 46.81 1.50
N ALA C 49 -39.81 45.52 1.22
CA ALA C 49 -38.77 44.78 0.52
C ALA C 49 -38.54 45.32 -0.88
N ASN C 50 -39.62 45.63 -1.59
CA ASN C 50 -39.49 46.17 -2.94
C ASN C 50 -39.28 47.67 -2.97
N LYS C 51 -39.26 48.33 -1.82
CA LYS C 51 -39.06 49.77 -1.74
C LYS C 51 -37.60 50.15 -1.53
N ARG C 52 -36.68 49.17 -1.58
CA ARG C 52 -35.27 49.47 -1.44
C ARG C 52 -34.77 50.32 -2.60
N HIS C 53 -33.73 51.12 -2.33
CA HIS C 53 -33.17 51.98 -3.36
C HIS C 53 -32.59 51.16 -4.51
N GLY C 54 -31.86 50.11 -4.20
CA GLY C 54 -31.30 49.26 -5.24
C GLY C 54 -32.36 48.49 -6.00
N SER C 55 -33.38 48.01 -5.27
CA SER C 55 -34.43 47.21 -5.89
C SER C 55 -35.36 48.09 -6.71
N TRP C 56 -35.33 47.87 -8.03
CA TRP C 56 -36.14 48.68 -8.94
C TRP C 56 -36.95 47.82 -9.90
N LYS C 57 -36.44 46.64 -10.23
CA LYS C 57 -37.05 45.79 -11.25
C LYS C 57 -37.67 44.51 -10.71
N ILE C 58 -37.55 44.26 -9.42
CA ILE C 58 -38.04 43.01 -8.82
C ILE C 58 -39.56 42.96 -8.89
N GLN C 59 -40.22 44.04 -8.49
CA GLN C 59 -41.68 44.14 -8.49
C GLN C 59 -42.30 42.96 -7.74
N LEU C 60 -42.01 42.90 -6.45
CA LEU C 60 -42.49 41.80 -5.60
C LEU C 60 -44.01 41.86 -5.51
N ASN C 61 -44.68 40.99 -6.26
CA ASN C 61 -46.13 40.90 -6.20
C ASN C 61 -46.56 40.12 -4.96
N ALA C 62 -47.63 40.56 -4.32
CA ALA C 62 -48.10 39.97 -3.07
C ALA C 62 -49.44 39.31 -3.28
N THR C 63 -49.50 38.00 -3.04
CA THR C 63 -50.74 37.23 -3.07
C THR C 63 -50.86 36.45 -1.77
N SER C 64 -52.03 36.54 -1.13
CA SER C 64 -52.25 35.90 0.16
C SER C 64 -53.57 35.15 0.15
N VAL C 65 -53.58 33.99 0.80
CA VAL C 65 -54.79 33.17 0.95
C VAL C 65 -54.89 32.74 2.40
N THR C 66 -56.10 32.34 2.79
CA THR C 66 -56.38 31.92 4.15
C THR C 66 -56.18 30.41 4.31
N HIS C 67 -56.05 29.99 5.56
CA HIS C 67 -55.89 28.57 5.90
C HIS C 67 -57.26 27.91 5.87
N LYS C 68 -57.63 27.39 4.71
CA LYS C 68 -58.89 26.67 4.58
C LYS C 68 -58.78 25.31 5.26
N PRO C 69 -59.73 24.95 6.13
CA PRO C 69 -59.62 23.65 6.82
C PRO C 69 -59.56 22.46 5.89
N ASN C 70 -60.26 22.51 4.76
CA ASN C 70 -60.27 21.39 3.83
C ASN C 70 -58.95 21.31 3.06
N ALA C 71 -58.40 20.10 2.96
CA ALA C 71 -57.12 19.92 2.28
C ALA C 71 -57.25 20.08 0.78
N ILE C 72 -58.27 19.44 0.19
CA ILE C 72 -58.45 19.54 -1.26
C ILE C 72 -58.87 20.95 -1.65
N GLN C 73 -59.70 21.59 -0.82
CA GLN C 73 -60.04 22.99 -1.07
C GLN C 73 -58.81 23.88 -0.96
N MET C 74 -57.92 23.57 -0.02
CA MET C 74 -56.66 24.32 0.09
C MET C 74 -55.82 24.15 -1.16
N ALA C 75 -55.71 22.92 -1.68
CA ALA C 75 -54.94 22.68 -2.89
C ALA C 75 -55.54 23.41 -4.09
N LEU C 76 -56.87 23.36 -4.23
CA LEU C 76 -57.52 24.07 -5.32
C LEU C 76 -57.31 25.57 -5.21
N SER C 77 -57.44 26.11 -4.00
CA SER C 77 -57.26 27.55 -3.81
C SER C 77 -55.83 27.97 -4.12
N VAL C 78 -54.85 27.20 -3.66
CA VAL C 78 -53.47 27.59 -3.93
C VAL C 78 -53.16 27.47 -5.42
N CYS C 79 -53.61 26.40 -6.09
CA CYS C 79 -53.33 26.30 -7.53
C CYS C 79 -54.08 27.32 -8.36
N GLU C 80 -55.23 27.82 -7.88
CA GLU C 80 -55.98 28.83 -8.61
C GLU C 80 -55.62 30.26 -8.22
N ASP C 81 -54.85 30.45 -7.15
CA ASP C 81 -54.47 31.80 -6.74
C ASP C 81 -52.98 32.10 -6.85
N LEU C 82 -52.10 31.20 -6.40
CA LEU C 82 -50.67 31.44 -6.37
C LEU C 82 -49.99 30.93 -7.63
N ILE C 83 -50.11 29.63 -7.91
CA ILE C 83 -49.44 29.05 -9.08
C ILE C 83 -49.94 29.68 -10.36
N SER C 84 -51.25 29.98 -10.42
CA SER C 84 -51.81 30.66 -11.58
C SER C 84 -51.34 32.11 -11.68
N SER C 85 -50.71 32.66 -10.65
CA SER C 85 -50.23 34.03 -10.65
C SER C 85 -48.71 34.12 -10.71
N GLN C 86 -48.04 33.04 -11.15
CA GLN C 86 -46.59 33.05 -11.38
C GLN C 86 -45.81 33.34 -10.09
N VAL C 87 -46.05 32.52 -9.07
CA VAL C 87 -45.35 32.68 -7.79
C VAL C 87 -43.98 32.03 -7.88
N TYR C 88 -43.00 32.64 -7.21
CA TYR C 88 -41.67 32.08 -7.08
C TYR C 88 -41.40 31.45 -5.72
N ALA C 89 -42.14 31.84 -4.70
CA ALA C 89 -42.00 31.28 -3.37
C ALA C 89 -43.32 31.39 -2.64
N ILE C 90 -43.59 30.43 -1.75
CA ILE C 90 -44.83 30.36 -0.98
C ILE C 90 -44.48 30.35 0.50
N LEU C 91 -45.16 31.20 1.27
CA LEU C 91 -44.94 31.32 2.70
C LEU C 91 -46.13 30.74 3.45
N VAL C 92 -45.86 29.90 4.43
CA VAL C 92 -46.89 29.25 5.23
C VAL C 92 -46.59 29.49 6.71
N SER C 93 -47.63 29.81 7.47
CA SER C 93 -47.51 30.13 8.89
C SER C 93 -48.29 29.11 9.71
N HIS C 94 -48.39 29.37 11.01
CA HIS C 94 -49.10 28.48 11.91
C HIS C 94 -50.60 28.51 11.60
N PRO C 95 -51.29 27.37 11.73
CA PRO C 95 -52.74 27.39 11.52
C PRO C 95 -53.43 28.19 12.60
N PRO C 96 -54.61 28.74 12.32
CA PRO C 96 -55.30 29.57 13.32
C PRO C 96 -55.68 28.83 14.59
N THR C 97 -55.75 27.50 14.56
CA THR C 97 -56.10 26.72 15.74
C THR C 97 -54.86 26.02 16.27
N PRO C 98 -54.28 26.50 17.38
CA PRO C 98 -53.10 25.80 17.94
C PRO C 98 -53.39 24.37 18.37
N ASN C 99 -54.60 24.08 18.84
CA ASN C 99 -54.92 22.74 19.31
C ASN C 99 -54.83 21.72 18.16
N ASP C 100 -55.35 22.07 17.00
CA ASP C 100 -55.28 21.19 15.84
C ASP C 100 -53.87 21.23 15.25
N HIS C 101 -53.39 20.06 14.81
CA HIS C 101 -52.07 19.98 14.20
C HIS C 101 -52.02 20.79 12.90
N PHE C 102 -52.80 20.38 11.91
CA PHE C 102 -52.95 21.10 10.64
C PHE C 102 -51.59 21.37 10.00
N THR C 103 -50.94 20.29 9.60
CA THR C 103 -49.61 20.39 9.02
C THR C 103 -49.68 21.10 7.66
N PRO C 104 -48.60 21.81 7.27
CA PRO C 104 -48.58 22.47 5.96
C PRO C 104 -48.31 21.51 4.80
N THR C 105 -48.46 20.21 5.05
CA THR C 105 -48.25 19.21 3.99
C THR C 105 -49.09 19.44 2.73
N PRO C 106 -50.40 19.79 2.81
CA PRO C 106 -51.16 19.95 1.57
C PRO C 106 -50.57 20.97 0.60
N VAL C 107 -50.04 22.09 1.10
CA VAL C 107 -49.38 23.03 0.21
C VAL C 107 -47.94 22.65 -0.07
N SER C 108 -47.28 21.96 0.87
CA SER C 108 -45.89 21.56 0.65
C SER C 108 -45.77 20.59 -0.51
N TYR C 109 -46.67 19.60 -0.59
CA TYR C 109 -46.62 18.64 -1.69
C TYR C 109 -46.90 19.32 -3.02
N THR C 110 -47.90 20.21 -3.07
CA THR C 110 -48.21 20.91 -4.31
C THR C 110 -47.04 21.78 -4.77
N ALA C 111 -46.38 22.46 -3.83
CA ALA C 111 -45.22 23.26 -4.19
C ALA C 111 -44.06 22.39 -4.65
N GLY C 112 -43.87 21.23 -4.00
CA GLY C 112 -42.79 20.33 -4.38
C GLY C 112 -43.03 19.61 -5.69
N PHE C 113 -44.28 19.54 -6.15
CA PHE C 113 -44.55 18.94 -7.46
C PHE C 113 -43.86 19.74 -8.57
N TYR C 114 -43.91 21.07 -8.48
CA TYR C 114 -43.25 21.95 -9.43
C TYR C 114 -41.92 22.47 -8.92
N ARG C 115 -41.40 21.90 -7.83
CA ARG C 115 -40.15 22.35 -7.21
C ARG C 115 -40.21 23.83 -6.82
N ILE C 116 -41.37 24.28 -6.37
CA ILE C 116 -41.56 25.64 -5.90
C ILE C 116 -41.18 25.68 -4.43
N PRO C 117 -40.21 26.52 -4.03
CA PRO C 117 -39.79 26.54 -2.62
C PRO C 117 -40.91 27.03 -1.72
N VAL C 118 -40.96 26.46 -0.52
CA VAL C 118 -41.91 26.86 0.52
C VAL C 118 -41.13 27.13 1.80
N LEU C 119 -41.40 28.27 2.43
CA LEU C 119 -40.75 28.67 3.66
C LEU C 119 -41.74 28.56 4.82
N GLY C 120 -41.39 27.77 5.82
CA GLY C 120 -42.23 27.60 6.99
C GLY C 120 -41.89 28.57 8.10
N LEU C 121 -42.71 29.60 8.27
CA LEU C 121 -42.43 30.61 9.29
C LEU C 121 -42.52 30.01 10.69
N THR C 122 -43.52 29.18 10.95
CA THR C 122 -43.74 28.59 12.26
C THR C 122 -44.06 27.11 12.13
N THR C 123 -43.27 26.40 11.32
CA THR C 123 -43.42 24.96 11.12
C THR C 123 -42.25 24.27 11.80
N ARG C 124 -42.48 23.79 13.02
CA ARG C 124 -41.43 23.16 13.83
C ARG C 124 -41.42 21.64 13.69
N MET C 125 -42.32 21.07 12.89
CA MET C 125 -42.35 19.62 12.71
C MET C 125 -41.10 19.14 11.98
N SER C 126 -40.51 18.06 12.48
CA SER C 126 -39.23 17.58 11.97
C SER C 126 -39.34 16.68 10.74
N ILE C 127 -40.54 16.25 10.37
CA ILE C 127 -40.68 15.41 9.18
C ILE C 127 -40.47 16.18 7.89
N TYR C 128 -40.39 17.51 7.97
CA TYR C 128 -40.12 18.34 6.80
C TYR C 128 -38.63 18.53 6.54
N SER C 129 -37.76 18.06 7.44
CA SER C 129 -36.32 18.16 7.23
C SER C 129 -35.81 17.18 6.21
N ASP C 130 -36.61 16.18 5.83
CA ASP C 130 -36.21 15.18 4.85
C ASP C 130 -36.62 15.68 3.46
N LYS C 131 -35.64 16.05 2.65
CA LYS C 131 -35.92 16.57 1.31
C LYS C 131 -36.39 15.49 0.35
N SER C 132 -36.28 14.22 0.71
CA SER C 132 -36.82 13.16 -0.13
C SER C 132 -38.34 13.26 -0.21
N ILE C 133 -38.99 13.57 0.91
CA ILE C 133 -40.44 13.73 0.93
C ILE C 133 -40.84 15.11 0.44
N HIS C 134 -40.39 16.15 1.14
CA HIS C 134 -40.67 17.53 0.77
C HIS C 134 -39.45 18.06 0.01
N LEU C 135 -39.57 18.10 -1.32
CA LEU C 135 -38.41 18.36 -2.16
C LEU C 135 -37.85 19.76 -1.96
N SER C 136 -38.73 20.76 -1.84
CA SER C 136 -38.32 22.16 -1.79
C SER C 136 -38.94 22.87 -0.60
N PHE C 137 -38.83 22.27 0.58
CA PHE C 137 -39.37 22.85 1.80
C PHE C 137 -38.24 23.45 2.62
N LEU C 138 -38.39 24.72 2.99
CA LEU C 138 -37.46 25.41 3.86
C LEU C 138 -38.23 26.03 5.01
N ARG C 139 -37.49 26.51 6.02
CA ARG C 139 -38.13 27.13 7.18
C ARG C 139 -37.09 27.94 7.94
N THR C 140 -37.56 29.02 8.57
CA THR C 140 -36.73 29.85 9.41
C THR C 140 -36.80 29.48 10.88
N VAL C 141 -37.55 28.44 11.23
CA VAL C 141 -37.70 27.96 12.60
C VAL C 141 -37.09 26.57 12.68
N PRO C 142 -36.12 26.34 13.57
CA PRO C 142 -35.54 24.99 13.66
C PRO C 142 -36.55 24.00 14.18
N PRO C 143 -36.47 22.75 13.76
CA PRO C 143 -37.41 21.73 14.23
C PRO C 143 -37.04 21.26 15.64
N TYR C 144 -37.89 20.37 16.18
CA TYR C 144 -37.62 19.81 17.49
C TYR C 144 -36.39 18.92 17.51
N SER C 145 -35.95 18.44 16.35
CA SER C 145 -34.73 17.62 16.30
C SER C 145 -33.50 18.42 16.67
N HIS C 146 -33.47 19.72 16.32
CA HIS C 146 -32.34 20.57 16.67
C HIS C 146 -32.22 20.83 18.17
N GLN C 147 -33.25 20.50 18.95
CA GLN C 147 -33.14 20.60 20.40
C GLN C 147 -32.13 19.62 20.98
N SER C 148 -31.75 18.59 20.22
CA SER C 148 -30.71 17.68 20.66
C SER C 148 -29.38 18.40 20.82
N SER C 149 -29.12 19.41 19.98
CA SER C 149 -27.92 20.22 20.15
C SER C 149 -27.95 20.97 21.49
N VAL C 150 -29.10 21.53 21.85
CA VAL C 150 -29.23 22.21 23.13
C VAL C 150 -29.05 21.23 24.28
N TRP C 151 -29.61 20.02 24.14
CA TRP C 151 -29.43 19.01 25.16
C TRP C 151 -27.96 18.63 25.31
N PHE C 152 -27.25 18.49 24.20
CA PHE C 152 -25.82 18.18 24.24
C PHE C 152 -25.03 19.31 24.92
N GLU C 153 -25.37 20.56 24.60
CA GLU C 153 -24.71 21.69 25.25
C GLU C 153 -24.97 21.68 26.76
N MET C 154 -26.21 21.42 27.16
CA MET C 154 -26.53 21.36 28.59
C MET C 154 -25.77 20.24 29.27
N MET C 155 -25.69 19.07 28.63
CA MET C 155 -24.94 17.96 29.21
C MET C 155 -23.47 18.32 29.35
N ARG C 156 -22.89 18.98 28.34
CA ARG C 156 -21.48 19.33 28.42
C ARG C 156 -21.20 20.37 29.48
N VAL C 157 -22.11 21.33 29.68
CA VAL C 157 -21.86 22.39 30.66
C VAL C 157 -22.20 21.95 32.08
N TYR C 158 -23.11 20.98 32.25
CA TYR C 158 -23.47 20.50 33.58
C TYR C 158 -22.86 19.14 33.90
N SER C 159 -21.97 18.64 33.05
CA SER C 159 -21.25 17.37 33.28
C SER C 159 -22.24 16.20 33.41
N TRP C 160 -22.99 15.98 32.35
CA TRP C 160 -23.88 14.83 32.24
C TRP C 160 -23.27 13.83 31.26
N ASN C 161 -23.14 12.58 31.69
CA ASN C 161 -22.61 11.51 30.86
C ASN C 161 -23.63 10.43 30.55
N HIS C 162 -24.25 9.85 31.58
CA HIS C 162 -25.27 8.81 31.40
C HIS C 162 -26.63 9.49 31.34
N ILE C 163 -27.32 9.35 30.20
CA ILE C 163 -28.58 10.02 29.94
C ILE C 163 -29.61 8.99 29.53
N ILE C 164 -30.84 9.14 30.05
CA ILE C 164 -31.97 8.28 29.72
C ILE C 164 -32.90 9.08 28.81
N LEU C 165 -33.27 8.48 27.68
CA LEU C 165 -34.11 9.14 26.69
C LEU C 165 -35.46 8.43 26.59
N LEU C 166 -36.54 9.20 26.69
CA LEU C 166 -37.90 8.70 26.49
C LEU C 166 -38.44 9.34 25.22
N VAL C 167 -38.59 8.55 24.17
CA VAL C 167 -38.98 9.03 22.85
C VAL C 167 -40.16 8.22 22.36
N SER C 168 -41.21 8.91 21.91
CA SER C 168 -42.40 8.23 21.41
C SER C 168 -42.13 7.62 20.03
N ASP C 169 -42.91 6.59 19.71
CA ASP C 169 -42.78 5.88 18.43
C ASP C 169 -43.45 6.70 17.33
N ASP C 170 -42.74 7.74 16.89
CA ASP C 170 -43.21 8.61 15.83
C ASP C 170 -42.01 9.11 15.04
N HIS C 171 -42.27 9.63 13.84
CA HIS C 171 -41.19 10.13 12.99
C HIS C 171 -40.47 11.30 13.66
N GLU C 172 -41.22 12.16 14.34
CA GLU C 172 -40.60 13.25 15.09
C GLU C 172 -39.66 12.72 16.15
N GLY C 173 -40.14 11.77 16.96
CA GLY C 173 -39.29 11.20 17.99
C GLY C 173 -38.12 10.42 17.44
N ARG C 174 -38.35 9.68 16.35
CA ARG C 174 -37.25 8.93 15.72
C ARG C 174 -36.18 9.88 15.20
N ALA C 175 -36.58 10.98 14.56
CA ALA C 175 -35.61 11.95 14.09
C ALA C 175 -34.85 12.59 15.25
N ALA C 176 -35.55 12.92 16.33
CA ALA C 176 -34.88 13.49 17.49
C ALA C 176 -33.88 12.51 18.09
N GLN C 177 -34.26 11.23 18.19
CA GLN C 177 -33.34 10.23 18.73
C GLN C 177 -32.14 10.04 17.82
N LYS C 178 -32.35 10.03 16.50
CA LYS C 178 -31.23 9.90 15.58
C LYS C 178 -30.27 11.08 15.68
N ARG C 179 -30.81 12.30 15.78
CA ARG C 179 -29.97 13.47 15.95
C ARG C 179 -29.19 13.42 17.26
N LEU C 180 -29.85 13.01 18.34
CA LEU C 180 -29.17 12.91 19.63
C LEU C 180 -28.05 11.87 19.60
N GLU C 181 -28.31 10.72 18.98
CA GLU C 181 -27.27 9.69 18.88
C GLU C 181 -26.12 10.17 18.01
N THR C 182 -26.41 10.85 16.90
CA THR C 182 -25.35 11.36 16.04
C THR C 182 -24.49 12.38 16.78
N LEU C 183 -25.12 13.26 17.56
CA LEU C 183 -24.34 14.24 18.31
C LEU C 183 -23.56 13.59 19.46
N LEU C 184 -24.11 12.54 20.07
CA LEU C 184 -23.46 11.90 21.20
C LEU C 184 -22.29 11.01 20.78
N GLU C 185 -22.39 10.37 19.61
CA GLU C 185 -21.34 9.46 19.18
C GLU C 185 -20.02 10.16 18.85
N GLU C 186 -20.03 11.49 18.72
CA GLU C 186 -18.79 12.21 18.50
C GLU C 186 -17.85 12.10 19.70
N ARG C 187 -18.39 11.91 20.89
CA ARG C 187 -17.61 11.72 22.11
C ARG C 187 -17.35 10.26 22.42
N GLU C 188 -17.68 9.35 21.50
CA GLU C 188 -17.54 7.90 21.71
C GLU C 188 -18.33 7.45 22.94
N SER C 189 -19.52 8.03 23.11
CA SER C 189 -20.40 7.68 24.22
C SER C 189 -21.78 7.34 23.67
N LYS C 190 -22.48 6.46 24.40
CA LYS C 190 -23.81 6.01 24.00
C LYS C 190 -24.79 6.20 25.14
N ALA C 191 -26.05 6.40 24.79
CA ALA C 191 -27.10 6.53 25.79
C ALA C 191 -27.27 5.23 26.57
N GLU C 192 -27.50 5.36 27.87
CA GLU C 192 -27.62 4.17 28.72
C GLU C 192 -28.81 3.31 28.32
N LYS C 193 -29.96 3.93 28.05
CA LYS C 193 -31.14 3.19 27.63
C LYS C 193 -32.08 4.14 26.91
N VAL C 194 -32.72 3.62 25.85
CA VAL C 194 -33.69 4.38 25.05
C VAL C 194 -34.99 3.59 25.03
N LEU C 195 -36.10 4.26 25.34
CA LEU C 195 -37.41 3.64 25.42
C LEU C 195 -38.32 4.21 24.33
N GLN C 196 -39.16 3.34 23.76
CA GLN C 196 -40.11 3.71 22.73
C GLN C 196 -41.52 3.65 23.30
N PHE C 197 -42.28 4.73 23.12
CA PHE C 197 -43.64 4.84 23.62
C PHE C 197 -44.60 4.96 22.45
N ASP C 198 -45.68 4.18 22.49
CA ASP C 198 -46.70 4.30 21.46
C ASP C 198 -47.47 5.61 21.64
N PRO C 199 -47.70 6.35 20.56
CA PRO C 199 -48.41 7.65 20.65
C PRO C 199 -49.91 7.50 20.91
N GLY C 200 -50.26 7.37 22.18
CA GLY C 200 -51.66 7.28 22.57
C GLY C 200 -51.91 6.31 23.71
N THR C 201 -50.93 5.48 24.02
CA THR C 201 -51.08 4.52 25.12
C THR C 201 -50.94 5.23 26.46
N LYS C 202 -51.74 4.80 27.43
CA LYS C 202 -51.74 5.37 28.77
C LYS C 202 -51.02 4.50 29.79
N ASN C 203 -51.12 3.18 29.66
CA ASN C 203 -50.48 2.26 30.60
C ASN C 203 -49.04 2.03 30.17
N VAL C 204 -48.21 3.04 30.43
CA VAL C 204 -46.79 3.00 30.12
C VAL C 204 -45.94 2.98 31.38
N THR C 205 -46.53 2.58 32.51
CA THR C 205 -45.80 2.56 33.77
C THR C 205 -44.69 1.52 33.78
N ALA C 206 -44.82 0.47 32.95
CA ALA C 206 -43.80 -0.57 32.93
C ALA C 206 -42.47 -0.03 32.42
N LEU C 207 -42.49 0.82 31.39
CA LEU C 207 -41.26 1.40 30.89
C LEU C 207 -40.58 2.29 31.93
N LEU C 208 -41.36 3.11 32.64
CA LEU C 208 -40.78 3.93 33.70
C LEU C 208 -40.23 3.08 34.83
N MET C 209 -40.92 2.00 35.19
CA MET C 209 -40.43 1.12 36.24
C MET C 209 -39.11 0.46 35.83
N GLU C 210 -39.02 -0.02 34.59
CA GLU C 210 -37.77 -0.65 34.15
C GLU C 210 -36.67 0.38 33.96
N ALA C 211 -37.01 1.63 33.69
CA ALA C 211 -36.02 2.69 33.64
C ALA C 211 -35.57 3.15 35.03
N LYS C 212 -36.38 2.90 36.05
CA LYS C 212 -35.98 3.29 37.41
C LYS C 212 -34.74 2.54 37.87
N GLU C 213 -34.64 1.25 37.53
CA GLU C 213 -33.50 0.43 37.95
C GLU C 213 -32.29 0.69 37.06
N LEU C 214 -31.88 1.96 36.96
CA LEU C 214 -30.74 2.35 36.17
C LEU C 214 -29.90 3.35 36.94
N GLU C 215 -28.60 3.38 36.63
CA GLU C 215 -27.70 4.31 37.31
C GLU C 215 -28.06 5.77 37.01
N ALA C 216 -28.38 6.07 35.75
CA ALA C 216 -28.71 7.43 35.37
C ALA C 216 -30.08 7.83 35.91
N ARG C 217 -30.19 9.09 36.32
CA ARG C 217 -31.45 9.63 36.85
C ARG C 217 -31.89 10.88 36.11
N VAL C 218 -31.33 11.14 34.92
CA VAL C 218 -31.70 12.28 34.10
C VAL C 218 -32.48 11.76 32.90
N ILE C 219 -33.64 12.37 32.65
CA ILE C 219 -34.56 11.90 31.62
C ILE C 219 -34.83 13.04 30.64
N ILE C 220 -34.72 12.74 29.35
CA ILE C 220 -35.07 13.67 28.28
C ILE C 220 -36.36 13.18 27.66
N LEU C 221 -37.38 14.05 27.64
CA LEU C 221 -38.70 13.70 27.15
C LEU C 221 -38.93 14.36 25.79
N SER C 222 -39.36 13.55 24.81
CA SER C 222 -39.68 14.04 23.46
C SER C 222 -40.94 13.33 23.02
N ALA C 223 -42.09 13.95 23.26
CA ALA C 223 -43.38 13.35 22.93
C ALA C 223 -44.39 14.47 22.69
N SER C 224 -45.66 14.10 22.60
CA SER C 224 -46.74 15.06 22.41
C SER C 224 -47.21 15.58 23.76
N GLU C 225 -48.17 16.52 23.73
CA GLU C 225 -48.66 17.12 24.97
C GLU C 225 -49.36 16.10 25.84
N ASP C 226 -50.28 15.32 25.25
CA ASP C 226 -50.98 14.29 26.01
C ASP C 226 -50.02 13.21 26.51
N ASP C 227 -49.08 12.80 25.66
CA ASP C 227 -48.08 11.82 26.07
C ASP C 227 -47.20 12.36 27.18
N ALA C 228 -46.83 13.64 27.10
CA ALA C 228 -46.03 14.25 28.15
C ALA C 228 -46.80 14.28 29.47
N ALA C 229 -48.10 14.62 29.42
CA ALA C 229 -48.91 14.62 30.63
C ALA C 229 -49.02 13.21 31.21
N THR C 230 -49.20 12.22 30.35
CA THR C 230 -49.27 10.83 30.82
C THR C 230 -47.97 10.40 31.48
N VAL C 231 -46.84 10.77 30.89
CA VAL C 231 -45.54 10.42 31.48
C VAL C 231 -45.35 11.14 32.81
N TYR C 232 -45.78 12.40 32.90
CA TYR C 232 -45.68 13.13 34.16
C TYR C 232 -46.53 12.47 35.24
N ARG C 233 -47.75 12.06 34.90
CA ARG C 233 -48.60 11.40 35.87
C ARG C 233 -48.01 10.05 36.31
N ALA C 234 -47.45 9.30 35.36
CA ALA C 234 -46.84 8.02 35.70
C ALA C 234 -45.63 8.22 36.61
N ALA C 235 -44.82 9.24 36.35
CA ALA C 235 -43.68 9.53 37.21
C ALA C 235 -44.15 9.96 38.60
N ALA C 236 -45.22 10.76 38.67
CA ALA C 236 -45.73 11.21 39.96
C ALA C 236 -46.26 10.04 40.78
N MET C 237 -46.99 9.11 40.15
CA MET C 237 -47.52 7.97 40.88
C MET C 237 -46.46 6.95 41.23
N LEU C 238 -45.32 6.97 40.54
CA LEU C 238 -44.21 6.06 40.82
C LEU C 238 -43.10 6.72 41.62
N ASN C 239 -43.35 7.91 42.17
CA ASN C 239 -42.37 8.64 42.98
C ASN C 239 -41.07 8.89 42.22
N MET C 240 -41.19 9.18 40.93
CA MET C 240 -40.03 9.49 40.10
C MET C 240 -39.79 11.00 39.95
N THR C 241 -40.58 11.83 40.62
CA THR C 241 -40.43 13.27 40.56
C THR C 241 -39.74 13.85 41.78
N GLY C 242 -39.12 13.01 42.61
CA GLY C 242 -38.46 13.46 43.81
C GLY C 242 -37.09 14.02 43.55
N SER C 243 -36.31 14.15 44.63
CA SER C 243 -34.97 14.70 44.54
C SER C 243 -34.06 13.77 43.76
N GLY C 244 -33.04 14.35 43.13
CA GLY C 244 -32.10 13.60 42.31
C GLY C 244 -32.44 13.53 40.84
N TYR C 245 -33.69 13.23 40.53
CA TYR C 245 -34.12 13.19 39.13
C TYR C 245 -34.12 14.59 38.52
N VAL C 246 -33.61 14.69 37.30
CA VAL C 246 -33.63 15.92 36.52
C VAL C 246 -34.29 15.63 35.19
N TRP C 247 -35.29 16.42 34.85
CA TRP C 247 -36.08 16.22 33.63
C TRP C 247 -35.71 17.29 32.62
N LEU C 248 -35.24 16.87 31.45
CA LEU C 248 -34.94 17.77 30.34
C LEU C 248 -36.10 17.68 29.35
N VAL C 249 -36.83 18.78 29.20
CA VAL C 249 -38.09 18.79 28.48
C VAL C 249 -38.05 19.83 27.36
N GLY C 250 -38.52 19.44 26.18
CA GLY C 250 -38.56 20.32 25.04
C GLY C 250 -39.73 21.29 25.08
N GLU C 251 -39.89 22.03 23.97
CA GLU C 251 -40.91 23.07 23.91
C GLU C 251 -42.31 22.48 23.88
N ARG C 252 -42.52 21.42 23.10
CA ARG C 252 -43.87 20.90 22.89
C ARG C 252 -44.41 20.18 24.12
N GLU C 253 -43.55 19.66 24.99
CA GLU C 253 -43.97 18.83 26.11
C GLU C 253 -44.28 19.63 27.37
N ILE C 254 -44.20 20.96 27.31
CA ILE C 254 -44.57 21.80 28.45
C ILE C 254 -45.77 22.66 28.08
N SER C 255 -45.89 22.99 26.79
CA SER C 255 -46.98 23.84 26.33
C SER C 255 -48.32 23.10 26.42
N GLY C 256 -49.36 23.82 26.83
CA GLY C 256 -50.69 23.25 26.90
C GLY C 256 -51.06 22.74 28.28
N ASN C 257 -51.73 21.59 28.32
CA ASN C 257 -52.16 21.00 29.59
C ASN C 257 -51.02 20.49 30.44
N ALA C 258 -49.81 20.37 29.88
CA ALA C 258 -48.68 19.88 30.65
C ALA C 258 -48.28 20.81 31.79
N LEU C 259 -48.67 22.09 31.72
CA LEU C 259 -48.34 23.01 32.79
C LEU C 259 -49.01 22.62 34.11
N ARG C 260 -50.21 22.05 34.04
CA ARG C 260 -50.93 21.64 35.25
C ARG C 260 -50.45 20.29 35.79
N TYR C 261 -49.58 19.59 35.07
CA TYR C 261 -49.08 18.30 35.52
C TYR C 261 -47.57 18.20 35.61
N ALA C 262 -46.84 19.19 35.12
CA ALA C 262 -45.38 19.15 35.18
C ALA C 262 -44.92 19.48 36.60
N PRO C 263 -44.14 18.62 37.25
CA PRO C 263 -43.63 18.94 38.58
C PRO C 263 -42.59 20.04 38.51
N ASP C 264 -42.41 20.71 39.65
CA ASP C 264 -41.44 21.79 39.75
C ASP C 264 -40.02 21.28 39.54
N GLY C 265 -39.19 22.10 38.90
CA GLY C 265 -37.82 21.76 38.64
C GLY C 265 -37.53 21.29 37.22
N ILE C 266 -38.53 21.25 36.35
CA ILE C 266 -38.32 20.80 34.98
C ILE C 266 -37.53 21.86 34.23
N LEU C 267 -36.48 21.43 33.51
CA LEU C 267 -35.67 22.32 32.68
C LEU C 267 -36.26 22.33 31.29
N GLY C 268 -37.26 23.19 31.08
CA GLY C 268 -37.91 23.29 29.79
C GLY C 268 -37.19 24.23 28.85
N LEU C 269 -37.46 24.05 27.55
CA LEU C 269 -36.89 24.90 26.51
C LEU C 269 -38.00 25.72 25.85
N GLN C 270 -37.64 26.93 25.43
CA GLN C 270 -38.54 27.81 24.72
C GLN C 270 -37.78 28.52 23.61
N LEU C 271 -38.48 28.81 22.52
CA LEU C 271 -37.89 29.46 21.35
C LEU C 271 -38.20 30.95 21.39
N ILE C 272 -37.16 31.78 21.30
CA ILE C 272 -37.34 33.22 21.30
C ILE C 272 -38.01 33.63 20.00
N ASN C 273 -39.15 34.30 20.10
CA ASN C 273 -39.95 34.71 18.94
C ASN C 273 -40.35 33.51 18.07
N GLY C 274 -40.54 32.36 18.71
CA GLY C 274 -40.94 31.17 17.96
C GLY C 274 -42.33 31.31 17.36
N LYS C 275 -43.28 31.82 18.14
CA LYS C 275 -44.63 32.05 17.66
C LYS C 275 -44.87 33.47 17.19
N ASN C 276 -43.84 34.31 17.19
CA ASN C 276 -43.95 35.70 16.74
C ASN C 276 -43.87 35.72 15.21
N GLU C 277 -45.01 35.87 14.56
CA GLU C 277 -45.04 35.86 13.10
C GLU C 277 -44.34 37.07 12.51
N SER C 278 -44.29 38.18 13.25
CA SER C 278 -43.72 39.42 12.72
C SER C 278 -42.24 39.25 12.40
N ALA C 279 -41.48 38.68 13.34
CA ALA C 279 -40.06 38.48 13.10
C ALA C 279 -39.83 37.50 11.96
N HIS C 280 -40.62 36.43 11.90
CA HIS C 280 -40.45 35.44 10.84
C HIS C 280 -40.71 36.05 9.48
N ILE C 281 -41.78 36.83 9.34
CA ILE C 281 -42.07 37.43 8.03
C ILE C 281 -41.03 38.50 7.69
N SER C 282 -40.56 39.24 8.71
CA SER C 282 -39.54 40.25 8.44
C SER C 282 -38.26 39.62 7.92
N ASP C 283 -37.86 38.48 8.48
CA ASP C 283 -36.70 37.77 7.95
C ASP C 283 -37.00 37.18 6.57
N ALA C 284 -38.20 36.63 6.39
CA ALA C 284 -38.52 35.91 5.16
C ALA C 284 -38.58 36.84 3.96
N VAL C 285 -39.14 38.04 4.12
CA VAL C 285 -39.22 38.95 2.98
C VAL C 285 -37.83 39.36 2.52
N GLY C 286 -36.93 39.65 3.45
CA GLY C 286 -35.57 39.99 3.07
C GLY C 286 -34.84 38.83 2.42
N VAL C 287 -34.99 37.63 2.97
CA VAL C 287 -34.33 36.46 2.40
C VAL C 287 -34.84 36.22 0.98
N VAL C 288 -36.16 36.31 0.79
CA VAL C 288 -36.74 36.09 -0.53
C VAL C 288 -36.27 37.15 -1.51
N ALA C 289 -36.24 38.42 -1.09
CA ALA C 289 -35.80 39.49 -1.97
C ALA C 289 -34.34 39.28 -2.40
N GLN C 290 -33.47 38.95 -1.46
CA GLN C 290 -32.07 38.72 -1.80
C GLN C 290 -31.92 37.52 -2.71
N ALA C 291 -32.68 36.44 -2.46
CA ALA C 291 -32.62 35.26 -3.31
C ALA C 291 -33.09 35.58 -4.72
N VAL C 292 -34.15 36.39 -4.86
CA VAL C 292 -34.62 36.79 -6.17
C VAL C 292 -33.58 37.63 -6.88
N HIS C 293 -32.92 38.54 -6.15
CA HIS C 293 -31.84 39.32 -6.72
C HIS C 293 -30.76 38.40 -7.29
N GLU C 294 -30.31 37.44 -6.48
CA GLU C 294 -29.23 36.54 -6.90
C GLU C 294 -29.65 35.68 -8.08
N LEU C 295 -30.90 35.21 -8.08
CA LEU C 295 -31.42 34.39 -9.17
C LEU C 295 -31.58 35.16 -10.47
N LEU C 296 -32.00 36.43 -10.41
CA LEU C 296 -32.08 37.25 -11.61
C LEU C 296 -30.71 37.66 -12.11
N GLU C 297 -29.71 37.78 -11.23
CA GLU C 297 -28.38 38.19 -11.65
C GLU C 297 -27.48 37.03 -12.07
N LYS C 298 -27.65 35.83 -11.49
CA LYS C 298 -26.71 34.75 -11.74
C LYS C 298 -26.79 34.27 -13.20
N GLU C 299 -27.99 33.97 -13.68
CA GLU C 299 -28.14 33.33 -14.98
C GLU C 299 -29.58 33.50 -15.45
N ASN C 300 -29.81 33.19 -16.72
CA ASN C 300 -31.15 33.22 -17.28
C ASN C 300 -32.03 32.17 -16.60
N ILE C 301 -33.29 32.53 -16.37
CA ILE C 301 -34.23 31.66 -15.66
C ILE C 301 -35.51 31.53 -16.48
N THR C 302 -36.27 30.49 -16.17
CA THR C 302 -37.55 30.22 -16.81
C THR C 302 -38.68 30.51 -15.83
N ASP C 303 -39.75 31.12 -16.34
CA ASP C 303 -40.88 31.46 -15.50
C ASP C 303 -41.59 30.20 -15.00
N PRO C 304 -42.14 30.24 -13.79
CA PRO C 304 -42.87 29.07 -13.29
C PRO C 304 -44.13 28.82 -14.11
N PRO C 305 -44.59 27.58 -14.19
CA PRO C 305 -45.78 27.28 -15.00
C PRO C 305 -47.05 27.91 -14.45
N ARG C 306 -47.61 28.88 -15.19
CA ARG C 306 -48.85 29.51 -14.76
C ARG C 306 -50.01 28.51 -14.74
N GLY C 307 -50.10 27.67 -15.76
CA GLY C 307 -51.21 26.74 -15.87
C GLY C 307 -51.10 25.55 -14.95
N CYS C 308 -51.97 25.49 -13.94
CA CYS C 308 -52.01 24.33 -13.06
C CYS C 308 -52.66 23.13 -13.72
N VAL C 309 -53.40 23.33 -14.81
CA VAL C 309 -54.07 22.26 -15.55
C VAL C 309 -53.35 22.08 -16.88
N GLY C 310 -52.97 20.84 -17.19
CA GLY C 310 -52.33 20.51 -18.43
C GLY C 310 -50.82 20.63 -18.44
N ASN C 311 -50.21 21.07 -17.35
CA ASN C 311 -48.77 21.22 -17.25
C ASN C 311 -48.22 20.22 -16.24
N THR C 312 -47.22 19.45 -16.66
CA THR C 312 -46.60 18.45 -15.79
C THR C 312 -45.07 18.54 -15.81
N ASN C 313 -44.51 19.59 -16.43
CA ASN C 313 -43.07 19.73 -16.51
C ASN C 313 -42.49 20.26 -15.21
N ILE C 314 -41.23 19.92 -14.96
CA ILE C 314 -40.52 20.34 -13.76
C ILE C 314 -39.89 21.71 -14.02
N TRP C 315 -39.97 22.59 -13.04
CA TRP C 315 -39.33 23.90 -13.15
C TRP C 315 -37.83 23.74 -13.21
N LYS C 316 -37.21 24.27 -14.27
CA LYS C 316 -35.77 24.10 -14.46
C LYS C 316 -34.97 24.80 -13.38
N THR C 317 -35.38 26.00 -12.97
CA THR C 317 -34.64 26.79 -12.01
C THR C 317 -35.13 26.59 -10.58
N GLY C 318 -36.07 25.68 -10.36
CA GLY C 318 -36.56 25.40 -9.03
C GLY C 318 -35.49 24.90 -8.08
N PRO C 319 -34.77 23.84 -8.47
CA PRO C 319 -33.61 23.43 -7.67
C PRO C 319 -32.57 24.51 -7.51
N LEU C 320 -32.33 25.32 -8.55
CA LEU C 320 -31.39 26.41 -8.44
C LEU C 320 -31.88 27.45 -7.43
N PHE C 321 -33.17 27.76 -7.45
CA PHE C 321 -33.73 28.68 -6.48
C PHE C 321 -33.60 28.15 -5.06
N LYS C 322 -33.86 26.85 -4.87
CA LYS C 322 -33.72 26.24 -3.56
C LYS C 322 -32.27 26.29 -3.08
N ARG C 323 -31.32 26.03 -3.98
CA ARG C 323 -29.90 26.09 -3.60
C ARG C 323 -29.50 27.51 -3.24
N VAL C 324 -30.00 28.51 -3.98
CA VAL C 324 -29.71 29.90 -3.66
C VAL C 324 -30.29 30.24 -2.28
N LEU C 325 -31.52 29.81 -2.00
CA LEU C 325 -32.13 30.07 -0.70
C LEU C 325 -31.34 29.44 0.44
N MET C 326 -30.91 28.18 0.25
CA MET C 326 -30.17 27.50 1.30
C MET C 326 -28.80 28.14 1.53
N SER C 327 -28.14 28.59 0.46
CA SER C 327 -26.81 29.17 0.54
C SER C 327 -26.84 30.69 0.69
N SER C 328 -27.88 31.25 1.29
CA SER C 328 -28.01 32.68 1.48
C SER C 328 -27.87 33.02 2.97
N LYS C 329 -26.97 33.94 3.28
CA LYS C 329 -26.74 34.40 4.64
C LYS C 329 -26.88 35.92 4.67
N TYR C 330 -27.84 36.41 5.45
CA TYR C 330 -28.09 37.84 5.56
C TYR C 330 -28.56 38.16 6.97
N ALA C 331 -28.03 39.26 7.52
CA ALA C 331 -28.37 39.71 8.86
C ALA C 331 -29.39 40.83 8.86
N ASP C 332 -30.04 41.10 7.72
CA ASP C 332 -31.02 42.18 7.66
C ASP C 332 -32.26 41.90 8.50
N GLY C 333 -32.50 40.65 8.87
CA GLY C 333 -33.65 40.32 9.67
C GLY C 333 -33.54 40.84 11.10
N VAL C 334 -34.70 41.02 11.72
CA VAL C 334 -34.74 41.52 13.10
C VAL C 334 -34.18 40.50 14.08
N THR C 335 -34.15 39.22 13.72
CA THR C 335 -33.60 38.17 14.57
C THR C 335 -32.13 37.90 14.28
N GLY C 336 -31.40 38.88 13.76
CA GLY C 336 -29.99 38.69 13.45
C GLY C 336 -29.79 37.91 12.17
N ARG C 337 -28.60 37.33 12.06
CA ARG C 337 -28.24 36.55 10.88
C ARG C 337 -29.13 35.31 10.76
N VAL C 338 -29.48 34.97 9.52
CA VAL C 338 -30.29 33.80 9.23
C VAL C 338 -29.55 32.94 8.21
N GLU C 339 -29.35 31.66 8.54
CA GLU C 339 -28.67 30.72 7.67
C GLU C 339 -29.49 29.44 7.56
N PHE C 340 -29.29 28.74 6.46
CA PHE C 340 -29.97 27.46 6.19
C PHE C 340 -28.94 26.37 5.97
N ASN C 341 -29.20 25.20 6.53
CA ASN C 341 -28.30 24.07 6.40
C ASN C 341 -28.55 23.37 5.06
N GLU C 342 -27.90 22.23 4.85
CA GLU C 342 -28.15 21.45 3.65
C GLU C 342 -29.55 20.86 3.61
N ASP C 343 -30.21 20.78 4.77
CA ASP C 343 -31.58 20.28 4.85
C ASP C 343 -32.61 21.39 4.93
N GLY C 344 -32.20 22.63 4.71
CA GLY C 344 -33.13 23.76 4.72
C GLY C 344 -33.75 24.06 6.06
N ASP C 345 -32.96 24.06 7.12
CA ASP C 345 -33.44 24.38 8.46
C ASP C 345 -32.64 25.53 9.04
N ARG C 346 -33.24 26.20 10.03
CA ARG C 346 -32.60 27.35 10.67
C ARG C 346 -31.34 26.91 11.39
N LYS C 347 -30.31 27.76 11.35
CA LYS C 347 -29.02 27.48 11.96
C LYS C 347 -28.74 28.49 13.07
N PHE C 348 -28.32 27.98 14.22
CA PHE C 348 -27.94 28.81 15.37
C PHE C 348 -29.08 29.73 15.80
N ALA C 349 -30.18 29.11 16.19
CA ALA C 349 -31.34 29.84 16.70
C ALA C 349 -31.21 30.05 18.20
N ASN C 350 -31.78 31.16 18.68
CA ASN C 350 -31.69 31.51 20.09
C ASN C 350 -32.74 30.74 20.88
N TYR C 351 -32.29 29.86 21.77
CA TYR C 351 -33.16 29.14 22.67
C TYR C 351 -33.07 29.74 24.08
N SER C 352 -34.13 29.52 24.86
CA SER C 352 -34.18 29.97 26.24
C SER C 352 -34.49 28.79 27.13
N ILE C 353 -33.71 28.64 28.20
CA ILE C 353 -33.88 27.55 29.15
C ILE C 353 -34.85 28.00 30.24
N MET C 354 -35.94 27.28 30.40
CA MET C 354 -36.99 27.62 31.36
C MET C 354 -36.97 26.61 32.50
N ASN C 355 -36.86 27.10 33.72
CA ASN C 355 -36.90 26.26 34.92
C ASN C 355 -38.22 26.50 35.63
N LEU C 356 -38.98 25.43 35.84
CA LEU C 356 -40.31 25.53 36.43
C LEU C 356 -40.17 25.73 37.94
N GLN C 357 -40.56 26.91 38.42
CA GLN C 357 -40.50 27.25 39.84
C GLN C 357 -41.90 27.64 40.30
N ASN C 358 -42.44 26.86 41.24
CA ASN C 358 -43.79 27.11 41.79
C ASN C 358 -44.83 27.20 40.68
N ARG C 359 -44.75 26.26 39.72
CA ARG C 359 -45.66 26.21 38.57
C ARG C 359 -45.60 27.49 37.74
N LYS C 360 -44.44 28.13 37.70
CA LYS C 360 -44.22 29.34 36.91
C LYS C 360 -42.98 29.17 36.05
N LEU C 361 -43.07 29.64 34.81
CA LEU C 361 -41.95 29.54 33.88
C LEU C 361 -40.99 30.70 34.10
N VAL C 362 -39.77 30.39 34.52
CA VAL C 362 -38.74 31.39 34.79
C VAL C 362 -37.58 31.16 33.84
N GLN C 363 -37.21 32.21 33.10
CA GLN C 363 -36.11 32.12 32.14
C GLN C 363 -34.80 32.15 32.92
N VAL C 364 -34.17 30.98 33.08
CA VAL C 364 -32.95 30.87 33.86
C VAL C 364 -31.69 30.81 33.00
N GLY C 365 -31.82 30.47 31.72
CA GLY C 365 -30.67 30.39 30.85
C GLY C 365 -31.04 30.71 29.42
N ILE C 366 -30.01 31.10 28.65
CA ILE C 366 -30.18 31.47 27.25
C ILE C 366 -29.21 30.66 26.39
N TYR C 367 -29.58 30.50 25.14
CA TYR C 367 -28.79 29.75 24.17
C TYR C 367 -28.65 30.57 22.89
N ASN C 368 -27.45 30.56 22.30
CA ASN C 368 -27.18 31.34 21.10
C ASN C 368 -26.48 30.52 20.02
N GLY C 369 -26.36 29.22 20.19
CA GLY C 369 -25.58 28.40 19.28
C GLY C 369 -24.23 28.08 19.88
N THR C 370 -24.09 26.87 20.42
CA THR C 370 -22.92 26.42 21.17
C THR C 370 -22.77 27.20 22.47
N HIS C 371 -22.54 26.47 23.58
CA HIS C 371 -22.40 27.04 24.92
C HIS C 371 -23.72 27.62 25.42
N VAL C 372 -23.92 27.57 26.75
CA VAL C 372 -25.13 28.08 27.38
C VAL C 372 -24.71 29.10 28.44
N ILE C 373 -25.35 30.26 28.42
CA ILE C 373 -25.03 31.36 29.34
C ILE C 373 -26.10 31.35 30.44
N PRO C 374 -25.75 31.00 31.68
CA PRO C 374 -26.73 31.06 32.76
C PRO C 374 -27.01 32.50 33.18
N ASN C 375 -28.10 32.66 33.92
CA ASN C 375 -28.52 33.96 34.43
C ASN C 375 -28.34 34.01 35.94
N ASP C 376 -28.75 35.14 36.53
CA ASP C 376 -28.60 35.33 37.97
C ASP C 376 -29.60 34.50 38.76
N ARG C 377 -30.72 34.11 38.16
CA ARG C 377 -31.72 33.32 38.88
C ARG C 377 -31.18 31.94 39.20
N LYS C 378 -31.50 31.47 40.41
CA LYS C 378 -31.05 30.16 40.84
C LYS C 378 -31.82 29.06 40.10
N ILE C 379 -31.15 27.93 39.91
CA ILE C 379 -31.74 26.79 39.22
C ILE C 379 -32.35 25.87 40.27
N ILE C 380 -33.69 25.85 40.33
CA ILE C 380 -34.41 24.99 41.26
C ILE C 380 -34.58 23.62 40.62
N TRP C 381 -34.01 22.60 41.26
CA TRP C 381 -34.06 21.24 40.77
C TRP C 381 -35.30 20.52 41.27
N PRO C 382 -35.74 19.47 40.58
CA PRO C 382 -36.93 18.73 41.03
C PRO C 382 -36.71 18.13 42.41
N GLY C 383 -37.82 18.05 43.17
CA GLY C 383 -37.77 17.59 44.53
C GLY C 383 -37.58 18.67 45.57
N GLY C 384 -37.41 19.93 45.16
CA GLY C 384 -37.25 21.03 46.07
C GLY C 384 -35.82 21.33 46.47
N GLU C 385 -34.86 20.50 46.07
CA GLU C 385 -33.46 20.74 46.41
C GLU C 385 -32.91 21.90 45.60
N THR C 386 -32.13 22.75 46.26
CA THR C 386 -31.50 23.90 45.63
C THR C 386 -30.06 23.63 45.21
N GLU C 387 -29.59 22.39 45.36
CA GLU C 387 -28.22 22.01 45.02
C GLU C 387 -28.24 21.11 43.80
N LYS C 388 -27.25 21.27 42.93
CA LYS C 388 -27.17 20.47 41.72
C LYS C 388 -26.90 19.02 42.05
N PRO C 389 -27.75 18.08 41.63
CA PRO C 389 -27.51 16.67 41.91
C PRO C 389 -26.55 16.07 40.89
N ARG C 390 -26.32 14.77 41.02
CA ARG C 390 -25.45 14.01 40.12
C ARG C 390 -26.26 12.93 39.41
N GLY C 391 -25.88 12.65 38.17
CA GLY C 391 -26.51 11.63 37.38
C GLY C 391 -25.97 10.23 37.55
N TYR C 392 -24.99 10.05 38.44
CA TYR C 392 -24.36 8.74 38.67
C TYR C 392 -24.70 8.30 40.08
N GLN C 393 -25.65 7.37 40.19
CA GLN C 393 -26.06 6.80 41.47
C GLN C 393 -25.92 5.28 41.36
N MET C 394 -24.77 4.77 41.80
CA MET C 394 -24.51 3.33 41.76
C MET C 394 -25.24 2.66 42.92
N SER C 395 -26.11 1.71 42.60
CA SER C 395 -26.86 0.99 43.62
C SER C 395 -25.99 0.00 44.40
N THR C 396 -24.77 -0.25 43.94
CA THR C 396 -23.81 -1.17 44.56
C THR C 396 -24.31 -2.59 44.64
N ARG C 397 -25.42 -2.91 43.96
CA ARG C 397 -25.96 -4.27 43.92
C ARG C 397 -25.57 -4.86 42.57
N LEU C 398 -24.40 -5.49 42.52
CA LEU C 398 -23.85 -6.03 41.29
C LEU C 398 -24.29 -7.49 41.14
N LYS C 399 -24.99 -7.79 40.05
CA LYS C 399 -25.46 -9.15 39.78
C LYS C 399 -24.34 -9.91 39.09
N ILE C 400 -23.46 -10.49 39.90
CA ILE C 400 -22.33 -11.24 39.37
C ILE C 400 -22.82 -12.54 38.75
N VAL C 401 -22.28 -12.88 37.58
CA VAL C 401 -22.60 -14.12 36.87
C VAL C 401 -21.32 -14.95 36.78
N THR C 402 -21.41 -16.22 37.14
CA THR C 402 -20.27 -17.12 37.15
C THR C 402 -20.60 -18.40 36.40
N ILE C 403 -19.56 -19.06 35.90
CA ILE C 403 -19.69 -20.31 35.17
C ILE C 403 -19.13 -21.43 36.04
N HIS C 404 -19.65 -22.63 35.82
CA HIS C 404 -19.28 -23.80 36.62
C HIS C 404 -17.92 -24.32 36.14
N GLN C 405 -16.87 -24.04 36.90
CA GLN C 405 -15.54 -24.56 36.62
C GLN C 405 -14.95 -25.06 37.94
N GLU C 406 -14.63 -26.35 37.99
CA GLU C 406 -14.15 -26.94 39.24
C GLU C 406 -12.91 -26.26 39.81
N PRO C 407 -11.84 -26.01 39.04
CA PRO C 407 -10.66 -25.36 39.64
C PRO C 407 -10.92 -23.94 40.12
N PHE C 408 -11.97 -23.29 39.63
CA PHE C 408 -12.25 -21.90 39.97
C PHE C 408 -13.52 -21.70 40.77
N VAL C 409 -14.61 -22.35 40.39
CA VAL C 409 -15.91 -22.19 41.06
C VAL C 409 -16.43 -23.57 41.41
N TYR C 410 -16.17 -24.02 42.64
CA TYR C 410 -16.73 -25.27 43.12
C TYR C 410 -18.22 -25.07 43.44
N VAL C 411 -19.06 -25.95 42.90
CA VAL C 411 -20.50 -25.85 43.08
C VAL C 411 -20.98 -27.11 43.79
N LYS C 412 -21.66 -26.94 44.92
CA LYS C 412 -22.23 -28.02 45.69
C LYS C 412 -23.66 -27.69 46.08
N PRO C 413 -24.53 -28.69 46.16
CA PRO C 413 -25.92 -28.43 46.55
C PRO C 413 -26.02 -28.03 48.02
N THR C 414 -27.06 -27.26 48.32
CA THR C 414 -27.31 -26.82 49.69
C THR C 414 -27.97 -27.94 50.50
N LEU C 415 -27.93 -27.78 51.82
CA LEU C 415 -28.54 -28.73 52.73
C LEU C 415 -30.01 -28.34 52.95
N SER C 416 -30.66 -28.98 53.94
CA SER C 416 -32.05 -28.68 54.23
C SER C 416 -32.24 -27.27 54.80
N ASP C 417 -31.19 -26.68 55.34
CA ASP C 417 -31.28 -25.33 55.91
C ASP C 417 -30.92 -24.23 54.93
N GLY C 418 -30.66 -24.58 53.66
CA GLY C 418 -30.31 -23.60 52.66
C GLY C 418 -28.84 -23.24 52.60
N THR C 419 -28.01 -23.83 53.44
CA THR C 419 -26.57 -23.57 53.46
C THR C 419 -25.83 -24.87 53.15
N CYS C 420 -24.50 -24.81 53.24
CA CYS C 420 -23.64 -25.96 52.99
C CYS C 420 -22.67 -26.12 54.15
N LYS C 421 -21.96 -27.25 54.15
CA LYS C 421 -21.01 -27.55 55.20
C LYS C 421 -19.85 -26.55 55.18
N GLU C 422 -19.37 -26.19 56.37
CA GLU C 422 -18.23 -25.29 56.51
C GLU C 422 -16.95 -26.12 56.59
N GLU C 423 -16.02 -25.85 55.69
CA GLU C 423 -14.76 -26.58 55.62
C GLU C 423 -13.59 -25.64 55.89
N PHE C 424 -12.40 -26.23 56.03
CA PHE C 424 -11.18 -25.49 56.28
C PHE C 424 -10.07 -26.01 55.37
N THR C 425 -9.10 -25.15 55.10
CA THR C 425 -7.98 -25.50 54.24
C THR C 425 -6.94 -26.27 55.04
N VAL C 426 -5.78 -26.55 54.42
CA VAL C 426 -4.71 -27.26 55.11
C VAL C 426 -4.18 -26.41 56.26
N ASN C 427 -3.98 -25.11 56.03
CA ASN C 427 -3.49 -24.22 57.06
C ASN C 427 -4.52 -23.94 58.15
N GLY C 428 -5.78 -24.35 57.95
CA GLY C 428 -6.82 -24.13 58.92
C GLY C 428 -7.64 -22.88 58.72
N ASP C 429 -7.32 -22.08 57.71
CA ASP C 429 -8.10 -20.88 57.43
C ASP C 429 -9.50 -21.26 56.97
N PRO C 430 -10.52 -20.50 57.35
CA PRO C 430 -11.88 -20.83 56.91
C PRO C 430 -12.04 -20.64 55.41
N VAL C 431 -12.91 -21.46 54.83
CA VAL C 431 -13.22 -21.41 53.40
C VAL C 431 -14.44 -20.55 53.22
N LYS C 432 -14.30 -19.44 52.50
CA LYS C 432 -15.42 -18.54 52.28
C LYS C 432 -16.38 -19.14 51.26
N LYS C 433 -17.67 -19.10 51.59
CA LYS C 433 -18.72 -19.61 50.72
C LYS C 433 -19.85 -18.59 50.63
N VAL C 434 -20.51 -18.56 49.47
CA VAL C 434 -21.60 -17.62 49.21
C VAL C 434 -22.80 -18.43 48.76
N ILE C 435 -23.99 -17.84 48.94
CA ILE C 435 -25.23 -18.43 48.47
C ILE C 435 -25.39 -18.09 46.99
N CYS C 436 -25.52 -19.12 46.15
CA CYS C 436 -25.54 -18.95 44.71
C CYS C 436 -26.74 -19.70 44.13
N THR C 437 -27.33 -19.12 43.09
CA THR C 437 -28.51 -19.69 42.43
C THR C 437 -28.14 -20.09 41.01
N GLY C 438 -28.54 -21.30 40.63
CA GLY C 438 -28.26 -21.81 39.31
C GLY C 438 -29.20 -22.94 38.91
N PRO C 439 -29.19 -23.29 37.62
CA PRO C 439 -30.05 -24.38 37.15
C PRO C 439 -29.63 -25.72 37.73
N ASN C 440 -30.62 -26.60 37.91
CA ASN C 440 -30.36 -27.91 38.47
C ASN C 440 -29.67 -28.82 37.45
N ASP C 441 -30.11 -28.77 36.19
CA ASP C 441 -29.56 -29.60 35.13
C ASP C 441 -29.01 -28.71 34.03
N THR C 442 -27.73 -28.91 33.70
CA THR C 442 -27.11 -28.12 32.64
C THR C 442 -27.52 -28.58 31.24
N SER C 443 -27.88 -29.86 31.10
CA SER C 443 -28.22 -30.39 29.79
C SER C 443 -29.51 -29.76 29.27
N PRO C 444 -29.61 -29.53 27.96
CA PRO C 444 -30.85 -28.96 27.40
C PRO C 444 -31.98 -29.97 27.42
N GLY C 445 -33.20 -29.46 27.31
CA GLY C 445 -34.39 -30.30 27.34
C GLY C 445 -34.63 -30.96 28.68
N SER C 446 -34.41 -30.23 29.77
CA SER C 446 -34.59 -30.73 31.13
C SER C 446 -35.39 -29.73 31.93
N PRO C 447 -36.06 -30.17 33.00
CA PRO C 447 -36.85 -29.23 33.82
C PRO C 447 -35.96 -28.30 34.63
N ARG C 448 -35.49 -27.23 34.00
CA ARG C 448 -34.60 -26.28 34.65
C ARG C 448 -35.29 -25.65 35.86
N HIS C 449 -34.59 -25.63 36.99
CA HIS C 449 -35.09 -25.01 38.22
C HIS C 449 -33.97 -24.19 38.84
N THR C 450 -34.30 -22.98 39.26
CA THR C 450 -33.31 -22.07 39.86
C THR C 450 -33.18 -22.39 41.35
N VAL C 451 -32.61 -23.55 41.63
CA VAL C 451 -32.38 -24.01 43.00
C VAL C 451 -31.13 -23.32 43.54
N PRO C 452 -31.05 -23.05 44.84
CA PRO C 452 -29.85 -22.40 45.39
C PRO C 452 -28.75 -23.40 45.69
N GLN C 453 -27.51 -22.98 45.46
CA GLN C 453 -26.32 -23.77 45.75
C GLN C 453 -25.31 -22.89 46.47
N CYS C 454 -24.19 -23.49 46.85
CA CYS C 454 -23.04 -22.76 47.39
C CYS C 454 -21.90 -22.87 46.40
N CYS C 455 -21.43 -21.72 45.91
CA CYS C 455 -20.33 -21.67 44.96
C CYS C 455 -19.13 -21.00 45.63
N TYR C 456 -17.99 -21.69 45.62
CA TYR C 456 -16.78 -21.19 46.27
C TYR C 456 -15.57 -21.56 45.42
N GLY C 457 -14.49 -20.81 45.60
CA GLY C 457 -13.26 -21.07 44.90
C GLY C 457 -12.49 -19.79 44.69
N PHE C 458 -11.59 -19.83 43.69
CA PHE C 458 -10.73 -18.69 43.40
C PHE C 458 -11.55 -17.48 42.96
N CYS C 459 -12.53 -17.70 42.07
CA CYS C 459 -13.30 -16.58 41.55
C CYS C 459 -14.11 -15.89 42.64
N ILE C 460 -14.74 -16.66 43.51
CA ILE C 460 -15.53 -16.06 44.58
C ILE C 460 -14.63 -15.34 45.58
N ASP C 461 -13.42 -15.87 45.83
CA ASP C 461 -12.49 -15.19 46.71
C ASP C 461 -12.04 -13.86 46.12
N LEU C 462 -11.77 -13.84 44.82
CA LEU C 462 -11.41 -12.59 44.16
C LEU C 462 -12.58 -11.60 44.21
N LEU C 463 -13.80 -12.08 44.00
CA LEU C 463 -14.96 -11.21 44.08
C LEU C 463 -15.14 -10.64 45.48
N ILE C 464 -14.94 -11.47 46.51
CA ILE C 464 -15.05 -11.00 47.89
C ILE C 464 -13.98 -9.94 48.17
N LYS C 465 -12.75 -10.17 47.71
CA LYS C 465 -11.69 -9.18 47.91
C LYS C 465 -12.01 -7.87 47.21
N LEU C 466 -12.52 -7.93 45.97
CA LEU C 466 -12.88 -6.72 45.25
C LEU C 466 -14.02 -5.98 45.94
N ALA C 467 -15.01 -6.71 46.42
CA ALA C 467 -16.13 -6.08 47.13
C ALA C 467 -15.66 -5.44 48.43
N ARG C 468 -14.76 -6.10 49.15
CA ARG C 468 -14.24 -5.54 50.39
C ARG C 468 -13.45 -4.26 50.12
N THR C 469 -12.63 -4.27 49.05
CA THR C 469 -11.83 -3.10 48.74
C THR C 469 -12.69 -1.94 48.25
N MET C 470 -13.71 -2.23 47.44
CA MET C 470 -14.53 -1.21 46.80
C MET C 470 -15.88 -1.00 47.49
N ASN C 471 -16.09 -1.62 48.65
CA ASN C 471 -17.36 -1.49 49.40
C ASN C 471 -18.56 -1.88 48.55
N PHE C 472 -18.42 -2.97 47.79
CA PHE C 472 -19.49 -3.45 46.94
C PHE C 472 -20.35 -4.47 47.67
N THR C 473 -21.57 -4.66 47.16
CA THR C 473 -22.51 -5.66 47.67
C THR C 473 -22.91 -6.54 46.49
N TYR C 474 -22.13 -7.61 46.28
CA TYR C 474 -22.32 -8.47 45.11
C TYR C 474 -23.50 -9.41 45.30
N GLU C 475 -23.93 -10.00 44.19
CA GLU C 475 -25.00 -11.01 44.17
C GLU C 475 -24.64 -12.02 43.09
N VAL C 476 -24.06 -13.14 43.51
CA VAL C 476 -23.53 -14.11 42.55
C VAL C 476 -24.68 -14.89 41.92
N HIS C 477 -24.57 -15.11 40.61
CA HIS C 477 -25.56 -15.87 39.86
C HIS C 477 -24.84 -16.82 38.92
N LEU C 478 -25.52 -17.90 38.55
CA LEU C 478 -24.96 -18.90 37.64
C LEU C 478 -25.58 -18.77 36.26
N VAL C 479 -24.82 -19.18 35.25
CA VAL C 479 -25.29 -19.09 33.86
C VAL C 479 -26.43 -20.08 33.64
N ALA C 480 -27.56 -19.57 33.16
CA ALA C 480 -28.69 -20.44 32.87
C ALA C 480 -28.37 -21.40 31.74
N ASP C 481 -27.69 -20.92 30.70
CA ASP C 481 -27.32 -21.78 29.57
C ASP C 481 -26.20 -22.75 29.95
N GLY C 482 -25.39 -22.41 30.95
CA GLY C 482 -24.28 -23.27 31.32
C GLY C 482 -23.10 -23.23 30.38
N LYS C 483 -23.00 -22.20 29.54
CA LYS C 483 -21.91 -22.07 28.59
C LYS C 483 -21.37 -20.65 28.63
N PHE C 484 -20.12 -20.50 28.20
CA PHE C 484 -19.50 -19.17 28.13
C PHE C 484 -20.25 -18.28 27.15
N GLY C 485 -20.60 -18.81 25.98
CA GLY C 485 -21.38 -18.07 25.02
C GLY C 485 -20.55 -17.24 24.06
N THR C 486 -20.76 -17.45 22.76
CA THR C 486 -20.08 -16.69 21.71
C THR C 486 -21.09 -16.39 20.62
N GLN C 487 -20.60 -15.93 19.47
CA GLN C 487 -21.43 -15.65 18.32
C GLN C 487 -21.65 -16.94 17.54
N GLU C 488 -22.85 -17.50 17.64
CA GLU C 488 -23.20 -18.75 16.98
C GLU C 488 -24.30 -18.52 15.96
N ARG C 489 -24.28 -19.32 14.90
CA ARG C 489 -25.26 -19.19 13.83
C ARG C 489 -26.56 -19.89 14.20
N VAL C 490 -27.68 -19.20 13.99
CA VAL C 490 -29.00 -19.71 14.33
C VAL C 490 -29.89 -19.56 13.10
N ASN C 491 -31.19 -19.85 13.26
CA ASN C 491 -32.14 -19.59 12.19
C ASN C 491 -32.05 -18.13 11.76
N ASN C 492 -32.13 -17.91 10.44
CA ASN C 492 -31.77 -16.63 9.82
C ASN C 492 -30.31 -16.30 10.15
N SER C 493 -29.44 -17.15 9.60
CA SER C 493 -28.02 -17.17 9.97
C SER C 493 -27.32 -15.83 9.73
N ASN C 494 -27.86 -14.97 8.87
CA ASN C 494 -27.28 -13.66 8.64
C ASN C 494 -27.62 -12.71 9.80
N LYS C 495 -27.19 -13.14 11.00
CA LYS C 495 -27.44 -12.39 12.23
C LYS C 495 -26.56 -12.91 13.35
N LYS C 496 -25.92 -12.00 14.08
CA LYS C 496 -25.05 -12.34 15.20
C LYS C 496 -25.76 -11.98 16.51
N GLU C 497 -25.86 -12.95 17.40
CA GLU C 497 -26.44 -12.73 18.72
C GLU C 497 -25.57 -13.43 19.77
N TRP C 498 -25.40 -12.78 20.91
CA TRP C 498 -24.59 -13.33 22.00
C TRP C 498 -25.49 -14.12 22.94
N ASN C 499 -25.03 -15.31 23.32
CA ASN C 499 -25.73 -16.18 24.24
C ASN C 499 -24.84 -16.48 25.45
N GLY C 500 -25.35 -17.34 26.34
CA GLY C 500 -24.58 -17.73 27.50
C GLY C 500 -24.33 -16.56 28.44
N MET C 501 -23.17 -16.62 29.11
CA MET C 501 -22.81 -15.58 30.08
C MET C 501 -22.64 -14.23 29.41
N MET C 502 -22.00 -14.21 28.23
CA MET C 502 -21.82 -12.95 27.52
C MET C 502 -23.16 -12.38 27.07
N GLY C 503 -24.06 -13.23 26.60
CA GLY C 503 -25.39 -12.77 26.22
C GLY C 503 -26.17 -12.23 27.40
N GLU C 504 -26.06 -12.90 28.56
CA GLU C 504 -26.71 -12.39 29.76
C GLU C 504 -26.16 -11.04 30.18
N LEU C 505 -24.83 -10.87 30.09
CA LEU C 505 -24.24 -9.58 30.43
C LEU C 505 -24.70 -8.49 29.46
N LEU C 506 -24.74 -8.80 28.16
CA LEU C 506 -25.12 -7.79 27.17
C LEU C 506 -26.62 -7.51 27.18
N SER C 507 -27.43 -8.40 27.74
CA SER C 507 -28.88 -8.19 27.83
C SER C 507 -29.27 -7.35 29.04
N GLY C 508 -28.32 -6.96 29.89
CA GLY C 508 -28.62 -6.20 31.08
C GLY C 508 -28.94 -7.02 32.31
N GLN C 509 -29.07 -8.34 32.16
CA GLN C 509 -29.36 -9.19 33.32
C GLN C 509 -28.19 -9.21 34.30
N ALA C 510 -26.96 -9.22 33.79
CA ALA C 510 -25.77 -9.26 34.60
C ALA C 510 -25.07 -7.91 34.61
N ASP C 511 -24.29 -7.67 35.66
CA ASP C 511 -23.56 -6.42 35.82
C ASP C 511 -22.05 -6.59 35.80
N MET C 512 -21.53 -7.75 36.19
CA MET C 512 -20.10 -8.00 36.22
C MET C 512 -19.84 -9.48 36.04
N ILE C 513 -18.78 -9.81 35.30
CA ILE C 513 -18.39 -11.18 35.04
C ILE C 513 -17.08 -11.46 35.77
N VAL C 514 -17.10 -12.46 36.66
CA VAL C 514 -15.90 -12.96 37.32
C VAL C 514 -15.87 -14.46 37.09
N ALA C 515 -15.03 -14.91 36.17
CA ALA C 515 -14.96 -16.30 35.76
C ALA C 515 -13.67 -16.51 34.99
N PRO C 516 -13.20 -17.76 34.86
CA PRO C 516 -12.00 -18.01 34.04
C PRO C 516 -12.27 -17.83 32.56
N LEU C 517 -12.49 -16.58 32.16
CA LEU C 517 -12.75 -16.22 30.76
C LEU C 517 -11.54 -15.55 30.18
N THR C 518 -11.03 -16.08 29.06
CA THR C 518 -9.87 -15.51 28.42
C THR C 518 -10.21 -14.22 27.71
N ILE C 519 -9.20 -13.36 27.57
CA ILE C 519 -9.38 -12.09 26.85
C ILE C 519 -9.33 -12.38 25.35
N ASN C 520 -10.37 -11.98 24.64
CA ASN C 520 -10.51 -12.27 23.22
C ASN C 520 -10.93 -11.01 22.48
N ASN C 521 -10.57 -10.94 21.19
CA ASN C 521 -10.91 -9.77 20.39
C ASN C 521 -12.42 -9.61 20.25
N GLU C 522 -13.14 -10.72 20.02
CA GLU C 522 -14.60 -10.64 19.92
C GLU C 522 -15.21 -10.17 21.24
N ARG C 523 -14.68 -10.67 22.37
CA ARG C 523 -15.19 -10.23 23.66
C ARG C 523 -14.95 -8.74 23.89
N ALA C 524 -13.78 -8.24 23.49
CA ALA C 524 -13.44 -6.86 23.76
C ALA C 524 -14.22 -5.89 22.89
N GLN C 525 -14.68 -6.34 21.72
CA GLN C 525 -15.44 -5.46 20.82
C GLN C 525 -16.78 -5.04 21.43
N TYR C 526 -17.27 -5.78 22.43
CA TYR C 526 -18.54 -5.44 23.08
C TYR C 526 -18.46 -5.38 24.59
N ILE C 527 -17.49 -6.04 25.22
CA ILE C 527 -17.37 -6.07 26.68
C ILE C 527 -15.97 -5.61 27.05
N GLU C 528 -15.88 -4.62 27.93
CA GLU C 528 -14.59 -4.14 28.40
C GLU C 528 -14.04 -5.06 29.48
N PHE C 529 -12.71 -5.24 29.48
CA PHE C 529 -12.04 -6.10 30.43
C PHE C 529 -10.94 -5.33 31.15
N SER C 530 -10.74 -5.64 32.42
CA SER C 530 -9.67 -5.03 33.20
C SER C 530 -8.37 -5.78 32.95
N LYS C 531 -7.34 -5.47 33.73
CA LYS C 531 -6.08 -6.16 33.59
C LYS C 531 -6.23 -7.63 33.99
N PRO C 532 -5.62 -8.56 33.25
CA PRO C 532 -5.77 -9.97 33.58
C PRO C 532 -5.07 -10.32 34.90
N PHE C 533 -5.81 -10.94 35.80
CA PHE C 533 -5.26 -11.33 37.10
C PHE C 533 -4.49 -12.64 37.06
N LYS C 534 -4.63 -13.43 35.99
CA LYS C 534 -3.90 -14.68 35.84
C LYS C 534 -3.52 -14.86 34.39
N TYR C 535 -2.26 -15.23 34.15
CA TYR C 535 -1.73 -15.44 32.81
C TYR C 535 -1.52 -16.92 32.58
N GLN C 536 -2.04 -17.43 31.47
CA GLN C 536 -1.95 -18.85 31.15
C GLN C 536 -2.19 -19.01 29.65
N GLY C 537 -2.08 -20.26 29.19
CA GLY C 537 -2.28 -20.61 27.81
C GLY C 537 -3.26 -21.76 27.67
N LEU C 538 -3.07 -22.54 26.60
CA LEU C 538 -3.88 -23.72 26.32
C LEU C 538 -2.99 -24.94 26.21
N THR C 539 -3.44 -26.05 26.76
CA THR C 539 -2.74 -27.33 26.69
C THR C 539 -3.69 -28.41 26.19
N ILE C 540 -3.19 -29.63 26.14
CA ILE C 540 -3.95 -30.77 25.63
C ILE C 540 -4.09 -31.79 26.75
N LEU C 541 -5.32 -32.25 26.99
CA LEU C 541 -5.60 -33.24 28.01
C LEU C 541 -5.71 -34.61 27.36
N VAL C 542 -4.86 -35.54 27.79
CA VAL C 542 -4.82 -36.90 27.25
C VAL C 542 -4.75 -37.88 28.41
N LYS C 543 -5.44 -38.99 28.28
CA LYS C 543 -5.41 -40.03 29.31
C LYS C 543 -3.99 -40.53 29.51
N LYS C 544 -3.56 -40.59 30.76
CA LYS C 544 -2.20 -40.96 31.12
C LYS C 544 -2.22 -42.34 31.78
N GLU C 545 -1.77 -43.35 31.05
CA GLU C 545 -1.62 -44.68 31.62
C GLU C 545 -0.47 -44.69 32.62
N ILE C 546 -0.62 -45.53 33.65
CA ILE C 546 0.43 -45.65 34.66
C ILE C 546 1.70 -46.20 34.00
N PRO C 547 2.87 -45.61 34.24
CA PRO C 547 4.10 -46.12 33.60
C PRO C 547 4.45 -47.53 34.07
N ARG C 548 4.35 -48.49 33.17
CA ARG C 548 4.61 -49.89 33.47
C ARG C 548 5.68 -50.43 32.52
N SER C 549 6.61 -51.20 33.08
CA SER C 549 7.62 -51.88 32.27
C SER C 549 6.99 -53.11 31.66
N THR C 550 6.86 -53.13 30.34
CA THR C 550 6.20 -54.24 29.65
C THR C 550 7.11 -55.47 29.62
N LEU C 551 7.28 -56.11 30.77
CA LEU C 551 8.11 -57.31 30.91
C LEU C 551 7.26 -58.51 31.30
N ASP C 552 6.03 -58.57 30.79
CA ASP C 552 5.17 -59.73 31.05
C ASP C 552 5.80 -60.99 30.47
N SER C 553 6.36 -60.90 29.27
CA SER C 553 7.14 -61.98 28.68
C SER C 553 8.51 -61.96 29.35
N PHE C 554 8.74 -62.91 30.26
CA PHE C 554 9.96 -62.88 31.07
C PHE C 554 11.20 -63.06 30.20
N MET C 555 11.16 -63.99 29.24
CA MET C 555 12.34 -64.24 28.42
C MET C 555 12.45 -63.25 27.27
N GLN C 556 11.49 -63.31 26.35
CA GLN C 556 11.43 -62.40 25.19
C GLN C 556 9.98 -62.31 24.74
N PRO C 557 9.59 -61.18 24.12
CA PRO C 557 8.20 -61.03 23.67
C PRO C 557 7.82 -61.99 22.55
N PHE C 558 8.63 -62.05 21.49
CA PHE C 558 8.32 -62.85 20.31
C PHE C 558 9.48 -63.77 19.99
N GLN C 559 9.25 -64.64 19.00
CA GLN C 559 10.24 -65.61 18.53
C GLN C 559 10.72 -66.51 19.67
N SER C 560 9.79 -67.30 20.20
CA SER C 560 10.06 -68.20 21.29
C SER C 560 10.63 -69.54 20.86
N THR C 561 10.81 -69.76 19.55
CA THR C 561 11.36 -71.01 19.06
C THR C 561 12.82 -71.21 19.47
N LEU C 562 13.53 -70.13 19.78
CA LEU C 562 14.93 -70.25 20.18
C LEU C 562 15.07 -71.02 21.48
N TRP C 563 14.13 -70.82 22.42
CA TRP C 563 14.20 -71.54 23.68
C TRP C 563 13.95 -73.03 23.49
N LEU C 564 13.00 -73.39 22.63
CA LEU C 564 12.80 -74.80 22.30
C LEU C 564 14.04 -75.38 21.62
N LEU C 565 14.67 -74.59 20.74
CA LEU C 565 15.87 -75.06 20.07
C LEU C 565 17.00 -75.31 21.05
N VAL C 566 17.19 -74.40 22.00
CA VAL C 566 18.28 -74.58 22.97
C VAL C 566 17.95 -75.72 23.93
N GLY C 567 16.67 -75.94 24.25
CA GLY C 567 16.31 -77.10 25.03
C GLY C 567 16.62 -78.41 24.31
N LEU C 568 16.29 -78.46 23.03
CA LEU C 568 16.64 -79.64 22.23
C LEU C 568 18.14 -79.82 22.14
N SER C 569 18.89 -78.72 22.03
CA SER C 569 20.34 -78.79 22.03
C SER C 569 20.87 -79.34 23.36
N VAL C 570 20.28 -78.92 24.47
CA VAL C 570 20.66 -79.45 25.78
C VAL C 570 20.40 -80.95 25.82
N HIS C 571 19.24 -81.38 25.33
CA HIS C 571 18.92 -82.80 25.33
C HIS C 571 19.91 -83.61 24.47
N VAL C 572 20.24 -83.10 23.28
CA VAL C 572 21.11 -83.85 22.39
C VAL C 572 22.54 -83.87 22.92
N VAL C 573 23.00 -82.79 23.56
CA VAL C 573 24.34 -82.84 24.13
C VAL C 573 24.35 -83.73 25.37
N ALA C 574 23.23 -83.83 26.09
CA ALA C 574 23.15 -84.75 27.21
C ALA C 574 23.27 -86.20 26.73
N VAL C 575 22.55 -86.55 25.66
CA VAL C 575 22.66 -87.90 25.15
C VAL C 575 24.03 -88.13 24.51
N MET C 576 24.64 -87.07 23.97
CA MET C 576 26.00 -87.18 23.46
C MET C 576 26.98 -87.50 24.59
N LEU C 577 26.84 -86.83 25.73
CA LEU C 577 27.66 -87.14 26.89
C LEU C 577 27.41 -88.56 27.37
N TYR C 578 26.14 -89.00 27.35
CA TYR C 578 25.83 -90.37 27.72
C TYR C 578 26.55 -91.36 26.83
N LEU C 579 26.59 -91.10 25.52
CA LEU C 579 27.35 -91.96 24.61
C LEU C 579 28.85 -91.86 24.89
N LEU C 580 29.33 -90.66 25.21
CA LEU C 580 30.77 -90.46 25.42
C LEU C 580 31.28 -91.24 26.63
N ASP C 581 30.53 -91.22 27.73
CA ASP C 581 31.00 -91.94 28.91
C ASP C 581 31.00 -93.45 28.73
N ARG C 582 30.29 -93.96 27.72
CA ARG C 582 30.32 -95.38 27.40
C ARG C 582 31.43 -95.74 26.42
N PHE C 583 32.11 -94.75 25.85
CA PHE C 583 33.20 -95.01 24.92
C PHE C 583 34.49 -95.42 25.63
N SER C 584 34.73 -94.91 26.83
CA SER C 584 35.93 -95.25 27.58
C SER C 584 35.61 -96.21 28.71
N SER C 604 20.83 -88.35 34.20
CA SER C 604 20.18 -87.09 34.53
C SER C 604 21.19 -86.04 34.96
N SER C 605 22.39 -86.49 35.31
CA SER C 605 23.44 -85.57 35.74
C SER C 605 23.93 -84.71 34.58
N ALA C 606 24.02 -85.29 33.38
CA ALA C 606 24.53 -84.54 32.23
C ALA C 606 23.59 -83.38 31.87
N MET C 607 22.29 -83.64 31.84
CA MET C 607 21.35 -82.56 31.52
C MET C 607 21.26 -81.55 32.64
N TRP C 608 21.40 -81.98 33.89
CA TRP C 608 21.47 -81.04 35.00
C TRP C 608 22.67 -80.11 34.86
N PHE C 609 23.84 -80.66 34.50
CA PHE C 609 25.02 -79.83 34.30
C PHE C 609 24.83 -78.90 33.10
N SER C 610 24.19 -79.37 32.04
CA SER C 610 23.94 -78.52 30.88
C SER C 610 23.03 -77.36 31.24
N TRP C 611 21.97 -77.62 32.02
CA TRP C 611 21.10 -76.54 32.45
C TRP C 611 21.82 -75.57 33.39
N GLY C 612 22.67 -76.10 34.26
CA GLY C 612 23.46 -75.22 35.12
C GLY C 612 24.41 -74.33 34.34
N VAL C 613 24.95 -74.86 33.25
CA VAL C 613 25.77 -74.03 32.36
C VAL C 613 24.91 -72.97 31.68
N LEU C 614 23.75 -73.36 31.18
CA LEU C 614 22.85 -72.40 30.53
C LEU C 614 22.30 -71.41 31.53
N LEU C 615 21.76 -71.88 32.64
CA LEU C 615 21.26 -71.04 33.72
C LEU C 615 22.25 -71.12 34.88
N ASN C 616 23.01 -70.05 35.09
CA ASN C 616 24.17 -70.09 35.98
C ASN C 616 23.75 -70.20 37.44
N SER C 617 23.69 -71.43 37.96
CA SER C 617 23.36 -71.66 39.35
C SER C 617 24.25 -72.71 40.00
N GLY C 618 25.37 -73.06 39.37
CA GLY C 618 26.28 -74.03 39.95
C GLY C 618 25.74 -75.45 40.06
N ILE C 619 25.08 -75.94 39.02
CA ILE C 619 24.53 -77.28 38.99
C ILE C 619 25.48 -78.19 38.21
N GLY C 620 25.88 -79.29 38.84
CA GLY C 620 26.78 -80.23 38.20
C GLY C 620 26.58 -81.66 38.68
N SER C 626 36.80 -89.22 27.37
CA SER C 626 37.64 -88.38 28.21
C SER C 626 37.93 -87.05 27.52
N PHE C 627 38.82 -87.07 26.52
CA PHE C 627 39.17 -85.86 25.81
C PHE C 627 37.96 -85.28 25.07
N SER C 628 37.14 -86.16 24.47
CA SER C 628 35.96 -85.70 23.76
C SER C 628 34.98 -84.99 24.69
N ALA C 629 34.77 -85.55 25.88
CA ALA C 629 33.89 -84.90 26.86
C ALA C 629 34.45 -83.54 27.27
N ARG C 630 35.75 -83.45 27.49
CA ARG C 630 36.36 -82.19 27.90
C ARG C 630 36.22 -81.12 26.81
N ILE C 631 36.50 -81.48 25.56
CA ILE C 631 36.40 -80.49 24.49
C ILE C 631 34.95 -80.11 24.25
N LEU C 632 34.02 -81.06 24.40
CA LEU C 632 32.60 -80.73 24.30
C LEU C 632 32.19 -79.75 25.38
N GLY C 633 32.68 -79.96 26.62
CA GLY C 633 32.40 -79.01 27.68
C GLY C 633 32.98 -77.64 27.41
N MET C 634 34.20 -77.59 26.87
CA MET C 634 34.81 -76.31 26.51
C MET C 634 33.95 -75.56 25.50
N VAL C 635 33.54 -76.25 24.43
CA VAL C 635 32.73 -75.63 23.39
C VAL C 635 31.38 -75.19 23.95
N TRP C 636 30.78 -76.03 24.79
CA TRP C 636 29.48 -75.69 25.38
C TRP C 636 29.57 -74.47 26.26
N ALA C 637 30.62 -74.36 27.08
CA ALA C 637 30.78 -73.19 27.93
C ALA C 637 31.04 -71.94 27.10
N GLY C 638 31.89 -72.03 26.08
CA GLY C 638 32.14 -70.89 25.23
C GLY C 638 30.91 -70.43 24.48
N PHE C 639 30.06 -71.38 24.07
CA PHE C 639 28.80 -71.02 23.43
C PHE C 639 27.82 -70.39 24.42
N ALA C 640 27.76 -70.94 25.64
CA ALA C 640 26.80 -70.47 26.63
C ALA C 640 27.12 -69.06 27.09
N MET C 641 28.41 -68.74 27.28
CA MET C 641 28.76 -67.39 27.71
C MET C 641 28.39 -66.36 26.64
N ILE C 642 28.65 -66.69 25.38
CA ILE C 642 28.26 -65.80 24.28
C ILE C 642 26.74 -65.65 24.24
N ILE C 643 26.02 -66.76 24.42
CA ILE C 643 24.56 -66.71 24.37
C ILE C 643 24.00 -65.83 25.48
N VAL C 644 24.51 -65.99 26.71
CA VAL C 644 23.97 -65.21 27.82
C VAL C 644 24.34 -63.74 27.65
N ALA C 645 25.54 -63.44 27.16
CA ALA C 645 25.90 -62.04 26.93
C ALA C 645 24.99 -61.42 25.87
N SER C 646 24.75 -62.14 24.78
CA SER C 646 23.89 -61.62 23.72
C SER C 646 22.46 -61.45 24.21
N TYR C 647 21.97 -62.41 25.01
CA TYR C 647 20.61 -62.30 25.54
C TYR C 647 20.48 -61.11 26.48
N THR C 648 21.48 -60.88 27.35
CA THR C 648 21.43 -59.72 28.22
C THR C 648 21.46 -58.43 27.42
N ALA C 649 22.28 -58.36 26.38
CA ALA C 649 22.32 -57.16 25.54
C ALA C 649 20.98 -56.94 24.85
N ASN C 650 20.37 -58.00 24.32
CA ASN C 650 19.08 -57.87 23.65
C ASN C 650 17.99 -57.44 24.63
N LEU C 651 17.99 -57.99 25.84
CA LEU C 651 17.00 -57.59 26.83
C LEU C 651 17.19 -56.13 27.22
N ALA C 652 18.43 -55.70 27.40
CA ALA C 652 18.70 -54.30 27.72
C ALA C 652 18.23 -53.38 26.60
N ALA C 653 18.47 -53.77 25.34
CA ALA C 653 18.01 -52.97 24.21
C ALA C 653 16.49 -52.93 24.14
N PHE C 654 15.83 -54.05 24.45
CA PHE C 654 14.38 -54.10 24.36
C PHE C 654 13.74 -53.27 25.47
N LEU C 655 14.33 -53.25 26.66
CA LEU C 655 13.71 -52.53 27.78
C LEU C 655 13.67 -51.03 27.55
N VAL C 656 14.66 -50.47 26.84
CA VAL C 656 14.72 -49.04 26.58
C VAL C 656 13.88 -48.78 25.34
N LEU C 657 12.57 -48.61 25.55
CA LEU C 657 11.63 -48.36 24.46
C LEU C 657 10.41 -47.65 25.03
N ASP C 658 9.88 -46.69 24.28
CA ASP C 658 8.71 -45.92 24.71
C ASP C 658 7.46 -46.66 24.24
N ARG C 659 6.97 -47.58 25.09
CA ARG C 659 5.75 -48.30 24.77
C ARG C 659 4.54 -47.38 24.63
N PRO C 660 4.28 -46.43 25.53
CA PRO C 660 3.18 -45.49 25.29
C PRO C 660 3.48 -44.55 24.15
N GLU C 661 2.42 -44.00 23.56
CA GLU C 661 2.57 -43.08 22.44
C GLU C 661 3.29 -41.82 22.89
N GLU C 662 4.01 -41.20 21.95
CA GLU C 662 4.76 -40.00 22.25
C GLU C 662 3.83 -38.86 22.67
N ARG C 663 4.26 -38.10 23.67
CA ARG C 663 3.46 -36.98 24.17
C ARG C 663 3.33 -35.90 23.10
N ILE C 664 2.19 -35.23 23.12
CA ILE C 664 1.91 -34.18 22.14
C ILE C 664 2.81 -32.99 22.42
N THR C 665 3.71 -32.68 21.49
CA THR C 665 4.57 -31.52 21.65
C THR C 665 3.77 -30.22 21.55
N GLY C 666 2.78 -30.18 20.66
CA GLY C 666 1.98 -28.99 20.50
C GLY C 666 1.08 -29.11 19.29
N ILE C 667 0.61 -27.95 18.80
CA ILE C 667 -0.28 -27.90 17.66
C ILE C 667 0.42 -28.26 16.35
N ASN C 668 1.75 -28.26 16.33
CA ASN C 668 2.50 -28.52 15.12
C ASN C 668 2.60 -30.02 14.79
N ASP C 669 2.13 -30.89 15.67
CA ASP C 669 2.20 -32.32 15.40
C ASP C 669 1.26 -32.69 14.26
N PRO C 670 1.74 -33.40 13.24
CA PRO C 670 0.84 -33.81 12.13
C PRO C 670 -0.28 -34.73 12.57
N ARG C 671 -0.13 -35.45 13.69
CA ARG C 671 -1.18 -36.33 14.16
C ARG C 671 -2.43 -35.55 14.54
N LEU C 672 -2.26 -34.40 15.19
CA LEU C 672 -3.41 -33.56 15.50
C LEU C 672 -3.94 -32.84 14.27
N ARG C 673 -3.03 -32.35 13.42
CA ARG C 673 -3.46 -31.60 12.24
C ARG C 673 -4.24 -32.46 11.27
N ASN C 674 -3.83 -33.72 11.10
CA ASN C 674 -4.54 -34.64 10.22
C ASN C 674 -5.56 -35.42 11.04
N PRO C 675 -6.86 -35.22 10.83
CA PRO C 675 -7.86 -35.97 11.62
C PRO C 675 -7.90 -37.43 11.20
N SER C 676 -8.32 -38.27 12.15
CA SER C 676 -8.46 -39.69 11.90
C SER C 676 -9.53 -40.26 12.83
N ASP C 677 -10.11 -41.39 12.41
CA ASP C 677 -11.13 -42.03 13.23
C ASP C 677 -10.52 -42.75 14.43
N LYS C 678 -9.25 -43.15 14.33
CA LYS C 678 -8.59 -43.85 15.43
C LYS C 678 -8.11 -42.89 16.51
N PHE C 679 -8.14 -41.58 16.27
CA PHE C 679 -7.70 -40.59 17.26
C PHE C 679 -8.64 -39.39 17.14
N ILE C 680 -9.63 -39.32 18.02
CA ILE C 680 -10.65 -38.28 18.00
C ILE C 680 -10.37 -37.32 19.14
N TYR C 681 -10.35 -36.02 18.83
CA TYR C 681 -10.17 -34.98 19.83
C TYR C 681 -10.96 -33.75 19.40
N ALA C 682 -11.48 -33.03 20.40
CA ALA C 682 -12.31 -31.86 20.12
C ALA C 682 -12.35 -30.99 21.36
N THR C 683 -12.91 -29.79 21.19
CA THR C 683 -13.11 -28.87 22.30
C THR C 683 -14.41 -29.23 23.01
N VAL C 684 -14.87 -28.36 23.91
CA VAL C 684 -16.08 -28.62 24.68
C VAL C 684 -17.29 -28.06 23.94
N LYS C 685 -17.28 -26.77 23.63
CA LYS C 685 -18.40 -26.10 22.99
C LYS C 685 -17.85 -24.84 22.31
N GLN C 686 -18.74 -23.92 21.95
CA GLN C 686 -18.33 -22.68 21.31
C GLN C 686 -17.74 -21.72 22.35
N SER C 687 -16.57 -22.04 22.87
CA SER C 687 -15.88 -21.22 23.84
C SER C 687 -14.78 -20.41 23.16
N SER C 688 -13.92 -19.78 23.98
CA SER C 688 -12.83 -18.98 23.42
C SER C 688 -11.89 -19.82 22.57
N VAL C 689 -11.74 -21.11 22.90
CA VAL C 689 -10.91 -22.00 22.07
C VAL C 689 -11.53 -22.15 20.69
N ASP C 690 -12.86 -22.27 20.63
CA ASP C 690 -13.55 -22.34 19.35
C ASP C 690 -13.33 -21.06 18.54
N ILE C 691 -13.37 -19.91 19.20
CA ILE C 691 -13.14 -18.64 18.51
C ILE C 691 -11.70 -18.58 17.98
N TYR C 692 -10.74 -19.01 18.79
CA TYR C 692 -9.35 -19.02 18.35
C TYR C 692 -9.15 -19.93 17.14
N PHE C 693 -9.77 -21.11 17.16
CA PHE C 693 -9.67 -22.01 16.01
C PHE C 693 -10.36 -21.43 14.79
N ARG C 694 -11.49 -20.74 14.98
CA ARG C 694 -12.22 -20.17 13.85
C ARG C 694 -11.44 -19.03 13.21
N ARG C 695 -10.78 -18.19 14.03
CA ARG C 695 -10.06 -17.04 13.48
C ARG C 695 -8.92 -17.49 12.56
N GLN C 696 -8.17 -18.50 12.97
CA GLN C 696 -7.06 -19.02 12.17
C GLN C 696 -7.60 -20.07 11.21
N VAL C 697 -7.65 -19.72 9.92
CA VAL C 697 -8.15 -20.64 8.88
C VAL C 697 -6.94 -21.43 8.40
N GLU C 698 -6.63 -22.51 9.13
CA GLU C 698 -5.54 -23.41 8.77
C GLU C 698 -5.84 -24.87 9.07
N LEU C 699 -6.83 -25.17 9.92
CA LEU C 699 -7.09 -26.52 10.39
C LEU C 699 -8.58 -26.84 10.27
N SER C 700 -9.17 -26.50 9.11
CA SER C 700 -10.58 -26.79 8.90
C SER C 700 -10.84 -28.28 8.77
N THR C 701 -9.85 -29.04 8.26
CA THR C 701 -10.03 -30.48 8.11
C THR C 701 -10.26 -31.16 9.46
N MET C 702 -9.50 -30.77 10.48
CA MET C 702 -9.76 -31.27 11.83
C MET C 702 -10.91 -30.52 12.50
N TYR C 703 -11.23 -29.31 12.02
CA TYR C 703 -12.39 -28.60 12.56
C TYR C 703 -13.68 -29.34 12.26
N ARG C 704 -13.74 -29.98 11.08
CA ARG C 704 -14.92 -30.76 10.73
C ARG C 704 -15.16 -31.89 11.72
N HIS C 705 -14.10 -32.59 12.12
CA HIS C 705 -14.26 -33.67 13.10
C HIS C 705 -14.43 -33.13 14.51
N MET C 706 -13.86 -31.96 14.81
CA MET C 706 -14.04 -31.35 16.12
C MET C 706 -15.49 -30.92 16.35
N GLU C 707 -16.16 -30.46 15.30
CA GLU C 707 -17.56 -30.04 15.43
C GLU C 707 -18.50 -31.19 15.78
N LYS C 708 -18.06 -32.45 15.64
CA LYS C 708 -18.90 -33.60 15.90
C LYS C 708 -18.71 -34.20 17.28
N HIS C 709 -17.86 -33.62 18.12
CA HIS C 709 -17.56 -34.18 19.44
C HIS C 709 -17.65 -33.10 20.51
N ASN C 710 -18.67 -32.25 20.43
CA ASN C 710 -18.85 -31.22 21.44
C ASN C 710 -19.52 -31.81 22.68
N TYR C 711 -19.30 -31.14 23.82
CA TYR C 711 -19.86 -31.56 25.10
C TYR C 711 -20.48 -30.35 25.80
N GLU C 712 -21.48 -30.63 26.64
CA GLU C 712 -22.21 -29.56 27.30
C GLU C 712 -21.32 -28.77 28.24
N SER C 713 -20.47 -29.44 29.01
CA SER C 713 -19.62 -28.78 29.99
C SER C 713 -18.21 -29.32 29.90
N ALA C 714 -17.25 -28.51 30.36
CA ALA C 714 -15.86 -28.94 30.37
C ALA C 714 -15.65 -30.11 31.31
N ALA C 715 -16.35 -30.13 32.44
CA ALA C 715 -16.23 -31.24 33.38
C ALA C 715 -16.71 -32.54 32.75
N GLU C 716 -17.79 -32.48 31.96
CA GLU C 716 -18.27 -33.67 31.27
C GLU C 716 -17.23 -34.16 30.26
N ALA C 717 -16.58 -33.24 29.55
CA ALA C 717 -15.54 -33.63 28.61
C ALA C 717 -14.36 -34.27 29.32
N ILE C 718 -13.96 -33.72 30.47
CA ILE C 718 -12.87 -34.31 31.25
C ILE C 718 -13.24 -35.71 31.72
N GLN C 719 -14.48 -35.87 32.19
CA GLN C 719 -14.94 -37.19 32.62
C GLN C 719 -14.93 -38.19 31.46
N ALA C 720 -15.36 -37.75 30.28
CA ALA C 720 -15.32 -38.62 29.10
C ALA C 720 -13.89 -38.99 28.74
N VAL C 721 -12.96 -38.05 28.85
CA VAL C 721 -11.56 -38.34 28.58
C VAL C 721 -11.04 -39.36 29.59
N ARG C 722 -11.41 -39.22 30.86
CA ARG C 722 -11.01 -40.21 31.87
C ARG C 722 -11.55 -41.59 31.54
N ASP C 723 -12.70 -41.66 30.86
CA ASP C 723 -13.29 -42.92 30.44
C ASP C 723 -12.80 -43.37 29.07
N ASN C 724 -11.76 -42.74 28.53
CA ASN C 724 -11.15 -43.05 27.25
C ASN C 724 -12.08 -42.80 26.07
N LYS C 725 -13.19 -42.09 26.28
CA LYS C 725 -14.07 -41.76 25.17
C LYS C 725 -13.39 -40.83 24.17
N LEU C 726 -12.65 -39.85 24.67
CA LEU C 726 -11.92 -38.90 23.82
C LEU C 726 -10.42 -39.14 23.97
N HIS C 727 -9.73 -39.27 22.84
CA HIS C 727 -8.28 -39.45 22.88
C HIS C 727 -7.59 -38.22 23.46
N ALA C 728 -8.05 -37.03 23.09
CA ALA C 728 -7.46 -35.80 23.59
C ALA C 728 -8.53 -34.74 23.73
N PHE C 729 -8.25 -33.73 24.55
CA PHE C 729 -9.18 -32.63 24.80
C PHE C 729 -8.40 -31.34 24.91
N ILE C 730 -8.82 -30.32 24.17
CA ILE C 730 -8.15 -29.03 24.16
C ILE C 730 -8.91 -28.07 25.05
N TRP C 731 -8.21 -27.48 26.02
CA TRP C 731 -8.82 -26.56 26.97
C TRP C 731 -7.71 -25.71 27.60
N ASP C 732 -8.09 -24.89 28.57
CA ASP C 732 -7.15 -23.97 29.20
C ASP C 732 -6.08 -24.74 29.97
N SER C 733 -4.88 -24.15 30.01
CA SER C 733 -3.74 -24.81 30.65
C SER C 733 -3.96 -24.92 32.16
N ALA C 734 -4.53 -23.89 32.79
CA ALA C 734 -4.69 -23.90 34.23
C ALA C 734 -5.63 -25.00 34.68
N VAL C 735 -6.79 -25.12 34.02
CA VAL C 735 -7.75 -26.16 34.38
C VAL C 735 -7.16 -27.54 34.16
N LEU C 736 -6.48 -27.73 33.03
CA LEU C 736 -5.92 -29.04 32.71
C LEU C 736 -4.82 -29.43 33.70
N GLU C 737 -3.96 -28.47 34.08
CA GLU C 737 -2.91 -28.79 35.03
C GLU C 737 -3.48 -29.03 36.42
N PHE C 738 -4.55 -28.32 36.80
CA PHE C 738 -5.21 -28.60 38.07
C PHE C 738 -5.80 -30.01 38.08
N GLU C 739 -6.44 -30.40 36.98
CA GLU C 739 -6.99 -31.75 36.89
C GLU C 739 -5.90 -32.81 36.92
N ALA C 740 -4.77 -32.54 36.25
CA ALA C 740 -3.66 -33.48 36.26
C ALA C 740 -3.08 -33.62 37.67
N SER C 741 -2.95 -32.50 38.39
CA SER C 741 -2.46 -32.58 39.76
C SER C 741 -3.44 -33.34 40.66
N GLN C 742 -4.74 -33.07 40.52
CA GLN C 742 -5.73 -33.76 41.35
C GLN C 742 -5.90 -35.20 40.92
N LYS C 743 -6.00 -35.45 39.61
CA LYS C 743 -6.21 -36.79 39.06
C LYS C 743 -4.94 -37.21 38.34
N CYS C 744 -4.26 -38.23 38.88
CA CYS C 744 -2.99 -38.67 38.30
C CYS C 744 -3.16 -39.41 36.98
N ASP C 745 -4.36 -39.92 36.70
CA ASP C 745 -4.60 -40.65 35.46
C ASP C 745 -4.69 -39.74 34.25
N LEU C 746 -4.74 -38.42 34.44
CA LEU C 746 -4.77 -37.46 33.35
C LEU C 746 -3.49 -36.62 33.37
N VAL C 747 -2.94 -36.37 32.19
CA VAL C 747 -1.71 -35.59 32.05
C VAL C 747 -1.93 -34.53 30.98
N THR C 748 -1.11 -33.49 31.03
CA THR C 748 -1.19 -32.37 30.11
C THR C 748 -0.02 -32.41 29.13
N THR C 749 -0.33 -32.17 27.86
CA THR C 749 0.67 -32.14 26.80
C THR C 749 0.56 -30.84 26.02
N GLY C 750 1.67 -30.43 25.42
CA GLY C 750 1.74 -29.16 24.72
C GLY C 750 2.27 -28.06 25.61
N GLU C 751 3.25 -27.31 25.11
CA GLU C 751 3.90 -26.30 25.94
C GLU C 751 3.02 -25.07 26.13
N LEU C 752 2.75 -24.35 25.04
CA LEU C 752 2.00 -23.09 25.12
C LEU C 752 1.51 -22.65 23.75
N PHE C 753 0.22 -22.32 23.65
CA PHE C 753 -0.31 -21.71 22.45
C PHE C 753 -1.59 -20.95 22.82
N PHE C 754 -1.88 -19.91 22.04
CA PHE C 754 -3.04 -19.03 22.29
C PHE C 754 -3.00 -18.47 23.70
N ARG C 755 -1.81 -18.01 24.11
CA ARG C 755 -1.63 -17.46 25.44
C ARG C 755 -2.49 -16.21 25.64
N SER C 756 -3.18 -16.17 26.77
CA SER C 756 -4.08 -15.05 27.08
C SER C 756 -4.14 -14.89 28.60
N GLY C 757 -5.13 -14.15 29.09
CA GLY C 757 -5.32 -13.96 30.50
C GLY C 757 -6.78 -13.96 30.87
N PHE C 758 -7.03 -14.07 32.17
CA PHE C 758 -8.38 -14.07 32.72
C PHE C 758 -8.71 -12.67 33.23
N GLY C 759 -9.76 -12.07 32.68
CA GLY C 759 -10.14 -10.73 33.06
C GLY C 759 -11.55 -10.62 33.61
N ILE C 760 -11.83 -9.56 34.36
CA ILE C 760 -13.14 -9.33 34.95
C ILE C 760 -14.00 -8.65 33.89
N GLY C 761 -14.90 -9.42 33.28
CA GLY C 761 -15.77 -8.89 32.25
C GLY C 761 -16.74 -7.88 32.82
N MET C 762 -16.75 -6.67 32.26
CA MET C 762 -17.64 -5.61 32.71
C MET C 762 -18.15 -4.84 31.49
N ARG C 763 -19.36 -4.31 31.61
CA ARG C 763 -19.94 -3.53 30.54
C ARG C 763 -19.24 -2.18 30.41
N LYS C 764 -19.36 -1.58 29.23
CA LYS C 764 -18.61 -0.36 28.91
C LYS C 764 -19.06 0.82 29.77
N ASP C 765 -20.32 0.85 30.18
CA ASP C 765 -20.84 1.98 30.95
C ASP C 765 -20.49 1.91 32.43
N SER C 766 -19.86 0.84 32.89
CA SER C 766 -19.47 0.73 34.29
C SER C 766 -18.33 1.71 34.57
N PRO C 767 -18.47 2.60 35.55
CA PRO C 767 -17.43 3.61 35.83
C PRO C 767 -16.32 3.15 36.77
N TRP C 768 -16.32 1.89 37.21
CA TRP C 768 -15.33 1.39 38.14
C TRP C 768 -14.30 0.48 37.49
N LYS C 769 -14.17 0.53 36.16
CA LYS C 769 -13.22 -0.32 35.47
C LYS C 769 -11.78 0.01 35.89
N GLN C 770 -11.46 1.31 35.99
CA GLN C 770 -10.12 1.70 36.44
C GLN C 770 -9.90 1.29 37.89
N ASN C 771 -10.92 1.41 38.73
CA ASN C 771 -10.79 0.98 40.11
C ASN C 771 -10.59 -0.54 40.21
N VAL C 772 -11.29 -1.30 39.38
CA VAL C 772 -11.10 -2.76 39.36
C VAL C 772 -9.69 -3.10 38.92
N SER C 773 -9.18 -2.42 37.89
CA SER C 773 -7.81 -2.68 37.44
C SER C 773 -6.79 -2.33 38.51
N LEU C 774 -6.99 -1.20 39.20
CA LEU C 774 -6.06 -0.82 40.26
C LEU C 774 -6.11 -1.80 41.42
N SER C 775 -7.31 -2.29 41.77
CA SER C 775 -7.44 -3.27 42.83
C SER C 775 -6.74 -4.59 42.45
N ILE C 776 -6.89 -5.01 41.20
CA ILE C 776 -6.21 -6.22 40.74
C ILE C 776 -4.69 -6.05 40.80
N LEU C 777 -4.20 -4.88 40.37
CA LEU C 777 -2.77 -4.62 40.43
C LEU C 777 -2.26 -4.61 41.87
N LYS C 778 -3.02 -4.00 42.78
CA LYS C 778 -2.62 -4.00 44.19
C LYS C 778 -2.63 -5.39 44.78
N SER C 779 -3.63 -6.21 44.42
CA SER C 779 -3.67 -7.58 44.90
C SER C 779 -2.48 -8.38 44.39
N HIS C 780 -2.12 -8.18 43.12
CA HIS C 780 -0.92 -8.84 42.59
C HIS C 780 0.33 -8.38 43.33
N GLU C 781 0.44 -7.09 43.60
CA GLU C 781 1.61 -6.56 44.29
C GLU C 781 1.71 -7.13 45.70
N ASN C 782 0.59 -7.23 46.41
CA ASN C 782 0.59 -7.72 47.78
C ASN C 782 0.78 -9.23 47.87
N GLY C 783 0.74 -9.95 46.76
CA GLY C 783 0.88 -11.39 46.79
C GLY C 783 -0.39 -12.15 47.07
N PHE C 784 -1.54 -11.49 47.02
CA PHE C 784 -2.81 -12.17 47.29
C PHE C 784 -3.08 -13.24 46.23
N MET C 785 -2.77 -12.94 44.97
CA MET C 785 -2.96 -13.93 43.91
C MET C 785 -2.08 -15.16 44.13
N GLU C 786 -0.84 -14.95 44.58
CA GLU C 786 0.03 -16.09 44.87
C GLU C 786 -0.54 -16.95 46.00
N ASP C 787 -1.06 -16.30 47.05
CA ASP C 787 -1.66 -17.05 48.15
C ASP C 787 -2.87 -17.84 47.67
N LEU C 788 -3.73 -17.23 46.85
CA LEU C 788 -4.88 -17.93 46.33
C LEU C 788 -4.46 -19.11 45.46
N ASP C 789 -3.44 -18.93 44.62
CA ASP C 789 -2.96 -20.02 43.78
C ASP C 789 -2.43 -21.16 44.63
N LYS C 790 -1.65 -20.84 45.68
CA LYS C 790 -1.13 -21.88 46.57
C LYS C 790 -2.26 -22.61 47.28
N THR C 791 -3.29 -21.89 47.71
CA THR C 791 -4.36 -22.52 48.48
C THR C 791 -5.27 -23.37 47.61
N TRP C 792 -5.50 -22.96 46.36
CA TRP C 792 -6.48 -23.63 45.50
C TRP C 792 -5.85 -24.51 44.44
N VAL C 793 -4.99 -23.95 43.59
CA VAL C 793 -4.46 -24.69 42.45
C VAL C 793 -3.30 -25.60 42.85
N ARG C 794 -2.38 -25.09 43.67
CA ARG C 794 -1.16 -25.84 44.03
C ARG C 794 -1.53 -26.92 45.04
N TYR C 795 -2.08 -28.02 44.53
CA TYR C 795 -2.36 -29.19 45.35
C TYR C 795 -1.19 -30.16 45.27
N GLN C 796 -1.39 -31.39 45.75
CA GLN C 796 -0.34 -32.40 45.73
C GLN C 796 -0.05 -32.86 44.30
N GLU C 811 3.33 -53.36 38.57
CA GLU C 811 3.07 -54.57 39.35
C GLU C 811 3.79 -55.78 38.76
N ASN C 812 4.29 -55.62 37.53
CA ASN C 812 5.00 -56.71 36.88
C ASN C 812 6.29 -57.07 37.62
N MET C 813 7.05 -56.06 38.04
CA MET C 813 8.30 -56.30 38.75
C MET C 813 8.05 -57.01 40.07
N ALA C 814 7.03 -56.58 40.81
CA ALA C 814 6.67 -57.28 42.04
C ALA C 814 6.00 -58.61 41.74
N GLY C 815 5.21 -58.67 40.66
CA GLY C 815 4.50 -59.89 40.34
C GLY C 815 5.44 -61.05 40.04
N VAL C 816 6.46 -60.80 39.22
CA VAL C 816 7.39 -61.88 38.86
C VAL C 816 8.15 -62.36 40.08
N PHE C 817 8.61 -61.45 40.93
CA PHE C 817 9.38 -61.86 42.11
C PHE C 817 8.50 -62.63 43.09
N MET C 818 7.26 -62.18 43.31
CA MET C 818 6.35 -62.93 44.16
C MET C 818 6.08 -64.32 43.60
N LEU C 819 5.85 -64.41 42.28
CA LEU C 819 5.56 -65.69 41.66
C LEU C 819 6.73 -66.66 41.80
N VAL C 820 7.94 -66.19 41.52
CA VAL C 820 9.09 -67.08 41.60
C VAL C 820 9.38 -67.48 43.04
N ALA C 821 9.21 -66.55 43.99
CA ALA C 821 9.40 -66.89 45.39
C ALA C 821 8.41 -67.96 45.84
N GLY C 822 7.13 -67.78 45.50
CA GLY C 822 6.14 -68.77 45.87
C GLY C 822 6.39 -70.11 45.21
N GLY C 823 6.75 -70.10 43.93
CA GLY C 823 7.05 -71.35 43.24
C GLY C 823 8.22 -72.09 43.86
N ILE C 824 9.27 -71.36 44.22
CA ILE C 824 10.44 -72.01 44.80
C ILE C 824 10.11 -72.56 46.19
N VAL C 825 9.42 -71.78 47.02
CA VAL C 825 9.13 -72.25 48.37
C VAL C 825 8.16 -73.42 48.35
N ALA C 826 7.28 -73.49 47.34
CA ALA C 826 6.44 -74.67 47.22
C ALA C 826 7.22 -75.87 46.70
N GLY C 827 8.08 -75.64 45.71
CA GLY C 827 8.79 -76.74 45.08
C GLY C 827 9.80 -77.41 45.98
N ILE C 828 10.52 -76.62 46.79
CA ILE C 828 11.56 -77.19 47.64
C ILE C 828 11.01 -78.23 48.59
N PHE C 829 9.71 -78.20 48.87
CA PHE C 829 9.03 -79.23 49.65
C PHE C 829 8.32 -80.25 48.77
N LEU C 830 7.67 -79.82 47.69
CA LEU C 830 6.92 -80.75 46.86
C LEU C 830 7.83 -81.77 46.18
N ILE C 831 8.91 -81.31 45.57
CA ILE C 831 9.80 -82.24 44.88
C ILE C 831 10.48 -83.16 45.89
N PHE C 832 10.81 -82.66 47.08
CA PHE C 832 11.45 -83.51 48.08
C PHE C 832 10.51 -84.61 48.56
N ILE C 833 9.24 -84.26 48.84
CA ILE C 833 8.31 -85.29 49.28
C ILE C 833 8.01 -86.27 48.15
N GLU C 834 7.96 -85.78 46.89
CA GLU C 834 7.77 -86.69 45.77
C GLU C 834 8.93 -87.66 45.63
N ILE C 835 10.16 -87.17 45.79
CA ILE C 835 11.33 -88.04 45.70
C ILE C 835 11.34 -89.04 46.86
N ALA C 836 10.94 -88.60 48.05
CA ALA C 836 10.86 -89.51 49.19
C ALA C 836 9.83 -90.60 48.95
N TYR C 837 8.68 -90.24 48.38
CA TYR C 837 7.66 -91.23 48.06
C TYR C 837 8.15 -92.21 47.00
N LYS C 838 8.84 -91.70 45.97
CA LYS C 838 9.36 -92.58 44.93
C LYS C 838 10.40 -93.55 45.49
N ARG C 839 11.29 -93.05 46.35
CA ARG C 839 12.30 -93.92 46.97
C ARG C 839 11.66 -94.96 47.86
N HIS C 840 10.66 -94.57 48.64
CA HIS C 840 9.97 -95.49 49.54
C HIS C 840 9.10 -96.47 48.76
N LEU D 34 -65.75 -3.60 -2.71
CA LEU D 34 -67.01 -3.55 -3.46
C LEU D 34 -66.83 -2.84 -4.80
N ASN D 35 -66.00 -1.80 -4.81
CA ASN D 35 -65.74 -1.04 -6.01
C ASN D 35 -64.24 -0.79 -6.13
N ILE D 36 -63.70 -1.02 -7.33
CA ILE D 36 -62.28 -0.85 -7.60
C ILE D 36 -62.11 0.05 -8.81
N ALA D 37 -61.25 1.06 -8.68
CA ALA D 37 -60.95 1.99 -9.76
C ALA D 37 -59.48 1.86 -10.15
N VAL D 38 -59.22 1.75 -11.45
CA VAL D 38 -57.87 1.62 -11.98
C VAL D 38 -57.62 2.78 -12.93
N MET D 39 -56.52 3.50 -12.72
CA MET D 39 -56.13 4.63 -13.54
C MET D 39 -54.89 4.27 -14.35
N LEU D 40 -54.96 4.50 -15.66
CA LEU D 40 -53.89 4.16 -16.58
C LEU D 40 -53.48 5.38 -17.39
N GLY D 41 -52.32 5.28 -18.02
CA GLY D 41 -51.81 6.32 -18.88
C GLY D 41 -52.26 6.16 -20.32
N HIS D 42 -51.51 6.79 -21.22
CA HIS D 42 -51.80 6.75 -22.64
C HIS D 42 -50.96 5.71 -23.39
N SER D 43 -50.44 4.72 -22.67
CA SER D 43 -49.58 3.72 -23.30
C SER D 43 -50.38 2.82 -24.25
N HIS D 44 -51.54 2.34 -23.81
CA HIS D 44 -52.36 1.44 -24.60
C HIS D 44 -53.82 1.86 -24.48
N ASP D 45 -54.70 1.10 -25.13
CA ASP D 45 -56.13 1.38 -25.09
C ASP D 45 -56.70 1.08 -23.71
N VAL D 46 -57.79 1.76 -23.38
CA VAL D 46 -58.38 1.64 -22.05
C VAL D 46 -59.44 0.53 -21.99
N THR D 47 -60.11 0.24 -23.10
CA THR D 47 -61.17 -0.76 -23.08
C THR D 47 -60.63 -2.15 -22.79
N GLU D 48 -59.52 -2.52 -23.44
CA GLU D 48 -58.94 -3.84 -23.20
C GLU D 48 -58.45 -3.99 -21.77
N ARG D 49 -57.82 -2.93 -21.23
CA ARG D 49 -57.38 -2.97 -19.84
C ARG D 49 -58.55 -3.09 -18.88
N GLU D 50 -59.63 -2.34 -19.15
CA GLU D 50 -60.81 -2.45 -18.32
C GLU D 50 -61.39 -3.86 -18.36
N LEU D 51 -61.46 -4.46 -19.54
CA LEU D 51 -62.00 -5.81 -19.65
C LEU D 51 -61.13 -6.82 -18.93
N ARG D 52 -59.80 -6.72 -19.08
CA ARG D 52 -58.92 -7.70 -18.45
C ARG D 52 -58.88 -7.52 -16.93
N THR D 53 -59.06 -6.29 -16.44
CA THR D 53 -59.20 -6.11 -15.00
C THR D 53 -60.57 -6.58 -14.53
N LEU D 54 -61.57 -6.57 -15.40
CA LEU D 54 -62.90 -7.05 -15.03
C LEU D 54 -62.92 -8.57 -14.89
N TRP D 55 -62.32 -9.29 -15.83
CA TRP D 55 -62.32 -10.75 -15.76
C TRP D 55 -61.18 -11.30 -14.91
N GLY D 56 -60.34 -10.45 -14.34
CA GLY D 56 -59.25 -10.88 -13.51
C GLY D 56 -59.70 -11.58 -12.24
N PRO D 57 -60.35 -10.84 -11.34
CA PRO D 57 -60.83 -11.46 -10.09
C PRO D 57 -61.87 -12.56 -10.31
N GLU D 58 -62.55 -12.57 -11.46
CA GLU D 58 -63.55 -13.60 -11.71
C GLU D 58 -62.95 -14.99 -11.90
N GLN D 59 -61.63 -15.09 -12.11
CA GLN D 59 -61.01 -16.39 -12.31
C GLN D 59 -61.12 -17.26 -11.06
N ALA D 60 -60.88 -16.69 -9.89
CA ALA D 60 -60.92 -17.46 -8.64
C ALA D 60 -61.17 -16.51 -7.48
N ALA D 61 -61.56 -17.09 -6.35
CA ALA D 61 -61.85 -16.36 -5.12
C ALA D 61 -62.93 -15.30 -5.35
N GLY D 62 -64.10 -15.77 -5.77
CA GLY D 62 -65.21 -14.87 -6.02
C GLY D 62 -65.72 -14.24 -4.74
N LEU D 63 -65.78 -12.91 -4.72
CA LEU D 63 -66.29 -12.20 -3.57
C LEU D 63 -67.81 -12.38 -3.47
N PRO D 64 -68.36 -12.31 -2.26
CA PRO D 64 -69.84 -12.34 -2.13
C PRO D 64 -70.52 -11.22 -2.88
N LEU D 65 -69.89 -10.05 -2.95
CA LEU D 65 -70.40 -8.92 -3.71
C LEU D 65 -69.47 -8.66 -4.89
N ASP D 66 -70.04 -8.58 -6.10
CA ASP D 66 -69.24 -8.38 -7.29
C ASP D 66 -68.57 -7.01 -7.26
N VAL D 67 -67.32 -6.96 -7.69
CA VAL D 67 -66.54 -5.73 -7.70
C VAL D 67 -66.50 -5.20 -9.13
N ASN D 68 -67.05 -4.01 -9.33
CA ASN D 68 -67.03 -3.35 -10.63
C ASN D 68 -65.73 -2.57 -10.80
N VAL D 69 -65.15 -2.64 -11.99
CA VAL D 69 -63.89 -1.99 -12.30
C VAL D 69 -64.17 -0.73 -13.11
N VAL D 70 -63.66 0.40 -12.62
CA VAL D 70 -63.79 1.68 -13.30
C VAL D 70 -62.41 2.06 -13.82
N ALA D 71 -62.32 2.29 -15.13
CA ALA D 71 -61.08 2.62 -15.80
C ALA D 71 -61.07 4.10 -16.17
N LEU D 72 -59.99 4.78 -15.83
CA LEU D 72 -59.83 6.21 -16.12
C LEU D 72 -58.50 6.41 -16.85
N LEU D 73 -58.53 7.28 -17.86
CA LEU D 73 -57.35 7.59 -18.65
C LEU D 73 -57.17 9.10 -18.71
N MET D 74 -55.93 9.55 -18.58
CA MET D 74 -55.61 10.97 -18.63
C MET D 74 -54.25 11.17 -19.25
N ASN D 75 -54.09 12.25 -20.00
CA ASN D 75 -52.81 12.57 -20.63
C ASN D 75 -51.93 13.47 -19.78
N ARG D 76 -52.43 13.96 -18.64
CA ARG D 76 -51.66 14.80 -17.74
C ARG D 76 -51.87 14.33 -16.32
N THR D 77 -50.87 14.60 -15.47
CA THR D 77 -50.89 14.16 -14.08
C THR D 77 -50.54 15.30 -13.14
N ASP D 78 -51.04 16.50 -13.43
CA ASP D 78 -50.88 17.61 -12.51
C ASP D 78 -51.71 17.37 -11.25
N PRO D 79 -51.29 17.92 -10.10
CA PRO D 79 -52.00 17.60 -8.85
C PRO D 79 -53.49 17.94 -8.87
N LYS D 80 -53.87 19.06 -9.50
CA LYS D 80 -55.28 19.39 -9.60
C LYS D 80 -56.04 18.35 -10.42
N SER D 81 -55.46 17.92 -11.54
CA SER D 81 -56.10 16.88 -12.34
C SER D 81 -56.19 15.58 -11.56
N LEU D 82 -55.15 15.24 -10.80
CA LEU D 82 -55.17 14.01 -10.02
C LEU D 82 -56.27 14.05 -8.97
N ILE D 83 -56.38 15.16 -8.23
CA ILE D 83 -57.39 15.23 -7.18
C ILE D 83 -58.80 15.27 -7.77
N THR D 84 -58.98 15.94 -8.90
CA THR D 84 -60.29 15.95 -9.56
C THR D 84 -60.67 14.55 -10.03
N HIS D 85 -59.71 13.82 -10.60
CA HIS D 85 -59.99 12.45 -11.02
C HIS D 85 -60.31 11.55 -9.84
N VAL D 86 -59.60 11.74 -8.72
CA VAL D 86 -59.88 10.97 -7.52
C VAL D 86 -61.29 11.25 -7.01
N CYS D 87 -61.69 12.53 -7.01
CA CYS D 87 -63.03 12.89 -6.58
C CYS D 87 -64.09 12.30 -7.52
N ASP D 88 -63.82 12.34 -8.83
CA ASP D 88 -64.77 11.76 -9.78
C ASP D 88 -64.92 10.26 -9.57
N LEU D 89 -63.80 9.57 -9.32
CA LEU D 89 -63.88 8.13 -9.02
C LEU D 89 -64.62 7.88 -7.72
N MET D 90 -64.40 8.71 -6.70
CA MET D 90 -65.10 8.55 -5.44
C MET D 90 -66.60 8.72 -5.62
N SER D 91 -67.01 9.69 -6.44
CA SER D 91 -68.42 9.83 -6.77
C SER D 91 -68.94 8.65 -7.59
N GLY D 92 -68.06 7.85 -8.16
CA GLY D 92 -68.45 6.68 -8.93
C GLY D 92 -68.83 5.49 -8.07
N ALA D 93 -69.98 5.57 -7.42
CA ALA D 93 -70.53 4.47 -6.61
C ALA D 93 -69.58 4.07 -5.48
N ARG D 94 -68.95 5.06 -4.87
CA ARG D 94 -68.15 4.87 -3.65
C ARG D 94 -67.03 3.85 -3.88
N ILE D 95 -66.08 4.24 -4.73
CA ILE D 95 -64.93 3.40 -5.01
C ILE D 95 -64.19 3.09 -3.72
N HIS D 96 -64.03 1.81 -3.41
CA HIS D 96 -63.34 1.36 -2.22
C HIS D 96 -61.84 1.12 -2.43
N GLY D 97 -61.37 1.19 -3.67
CA GLY D 97 -59.97 0.96 -3.95
C GLY D 97 -59.51 1.62 -5.24
N LEU D 98 -58.42 2.37 -5.17
CA LEU D 98 -57.92 3.13 -6.30
C LEU D 98 -56.57 2.58 -6.74
N VAL D 99 -56.43 2.34 -8.05
CA VAL D 99 -55.17 1.92 -8.65
C VAL D 99 -54.72 3.01 -9.61
N PHE D 100 -53.53 3.54 -9.39
CA PHE D 100 -53.02 4.68 -10.15
C PHE D 100 -51.81 4.27 -10.96
N GLY D 101 -51.82 4.59 -12.25
CA GLY D 101 -50.68 4.38 -13.11
C GLY D 101 -50.09 5.68 -13.60
N ASP D 102 -48.87 5.65 -14.14
CA ASP D 102 -48.22 6.86 -14.61
C ASP D 102 -47.24 6.50 -15.70
N ASP D 103 -46.89 7.52 -16.51
CA ASP D 103 -45.92 7.36 -17.58
C ASP D 103 -44.74 8.32 -17.48
N THR D 104 -44.81 9.33 -16.62
CA THR D 104 -43.74 10.29 -16.46
C THR D 104 -42.78 9.86 -15.37
N ASP D 105 -41.69 10.60 -15.22
CA ASP D 105 -40.68 10.33 -14.21
C ASP D 105 -40.90 11.11 -12.93
N GLN D 106 -41.99 11.86 -12.83
CA GLN D 106 -42.30 12.65 -11.63
C GLN D 106 -42.68 11.71 -10.50
N GLU D 107 -41.85 11.66 -9.46
CA GLU D 107 -42.14 10.85 -8.28
C GLU D 107 -43.05 11.56 -7.28
N ALA D 108 -43.42 12.81 -7.54
CA ALA D 108 -44.32 13.52 -6.64
C ALA D 108 -45.75 12.99 -6.71
N VAL D 109 -46.06 12.17 -7.73
CA VAL D 109 -47.40 11.58 -7.79
C VAL D 109 -47.61 10.61 -6.63
N ALA D 110 -46.56 9.89 -6.22
CA ALA D 110 -46.68 9.02 -5.05
C ALA D 110 -46.96 9.83 -3.79
N GLN D 111 -46.29 10.97 -3.63
CA GLN D 111 -46.55 11.83 -2.48
C GLN D 111 -47.98 12.38 -2.52
N MET D 112 -48.45 12.75 -3.70
CA MET D 112 -49.83 13.23 -3.82
C MET D 112 -50.82 12.13 -3.47
N LEU D 113 -50.56 10.90 -3.92
CA LEU D 113 -51.44 9.78 -3.56
C LEU D 113 -51.42 9.52 -2.06
N ASP D 114 -50.25 9.62 -1.43
CA ASP D 114 -50.15 9.45 0.01
C ASP D 114 -50.94 10.53 0.73
N PHE D 115 -50.85 11.78 0.25
CA PHE D 115 -51.62 12.87 0.84
C PHE D 115 -53.12 12.64 0.69
N ILE D 116 -53.55 12.17 -0.47
CA ILE D 116 -54.97 11.89 -0.68
C ILE D 116 -55.44 10.78 0.25
N SER D 117 -54.65 9.72 0.37
CA SER D 117 -55.02 8.60 1.24
C SER D 117 -55.02 8.97 2.71
N SER D 118 -54.33 10.05 3.08
CA SER D 118 -54.30 10.48 4.47
C SER D 118 -55.64 11.05 4.95
N HIS D 119 -56.54 11.38 4.04
CA HIS D 119 -57.86 11.89 4.39
C HIS D 119 -59.00 11.04 3.85
N THR D 120 -58.84 10.46 2.67
CA THR D 120 -59.87 9.61 2.10
C THR D 120 -59.80 8.18 2.62
N PHE D 121 -58.75 7.82 3.36
CA PHE D 121 -58.53 6.50 3.95
C PHE D 121 -58.91 5.36 3.00
N VAL D 122 -58.55 5.48 1.72
CA VAL D 122 -58.80 4.42 0.75
C VAL D 122 -57.46 3.84 0.31
N PRO D 123 -57.35 2.52 0.15
CA PRO D 123 -56.06 1.95 -0.28
C PRO D 123 -55.70 2.37 -1.70
N ILE D 124 -54.42 2.63 -1.91
CA ILE D 124 -53.89 3.02 -3.21
C ILE D 124 -52.66 2.16 -3.47
N LEU D 125 -52.58 1.60 -4.67
CA LEU D 125 -51.47 0.73 -5.07
C LEU D 125 -50.68 1.41 -6.18
N GLY D 126 -49.35 1.35 -6.07
CA GLY D 126 -48.48 1.98 -7.06
C GLY D 126 -48.15 1.03 -8.19
N ILE D 127 -48.18 1.56 -9.41
CA ILE D 127 -47.88 0.79 -10.61
C ILE D 127 -46.72 1.47 -11.32
N HIS D 128 -46.29 0.91 -12.46
CA HIS D 128 -45.14 1.44 -13.18
C HIS D 128 -45.36 2.89 -13.57
N GLY D 129 -44.32 3.70 -13.38
CA GLY D 129 -44.40 5.12 -13.62
C GLY D 129 -43.80 5.92 -12.49
N GLY D 130 -44.42 7.07 -12.17
CA GLY D 130 -43.94 7.87 -11.06
C GLY D 130 -44.06 7.18 -9.72
N ALA D 131 -45.12 6.40 -9.52
CA ALA D 131 -45.33 5.73 -8.24
C ALA D 131 -44.32 4.62 -7.99
N SER D 132 -43.57 4.20 -9.01
CA SER D 132 -42.56 3.16 -8.81
C SER D 132 -41.44 3.65 -7.89
N MET D 133 -41.01 4.89 -8.05
CA MET D 133 -39.94 5.44 -7.23
C MET D 133 -40.44 5.64 -5.80
N ILE D 134 -39.98 4.80 -4.88
CA ILE D 134 -40.39 4.85 -3.49
C ILE D 134 -39.20 5.40 -2.70
N MET D 135 -39.31 6.66 -2.28
CA MET D 135 -38.30 7.29 -1.44
C MET D 135 -38.90 8.09 -0.29
N ALA D 136 -40.22 8.14 -0.16
CA ALA D 136 -40.88 8.92 0.87
C ALA D 136 -41.50 7.99 1.90
N ASP D 137 -41.31 8.32 3.18
CA ASP D 137 -41.89 7.53 4.25
C ASP D 137 -43.41 7.71 4.28
N LYS D 138 -44.13 6.59 4.30
CA LYS D 138 -45.58 6.65 4.29
C LYS D 138 -46.12 7.10 5.63
N ASP D 139 -47.17 7.90 5.60
CA ASP D 139 -47.84 8.35 6.81
C ASP D 139 -48.47 7.14 7.51
N PRO D 140 -48.35 7.03 8.84
CA PRO D 140 -48.96 5.89 9.55
C PRO D 140 -50.47 5.81 9.37
N THR D 141 -51.16 6.95 9.26
CA THR D 141 -52.60 6.94 9.03
C THR D 141 -52.95 6.72 7.55
N SER D 142 -51.99 6.84 6.65
CA SER D 142 -52.26 6.65 5.23
C SER D 142 -52.27 5.18 4.86
N THR D 143 -52.97 4.87 3.78
CA THR D 143 -53.06 3.49 3.28
C THR D 143 -52.50 3.41 1.87
N PHE D 144 -51.35 4.04 1.65
CA PHE D 144 -50.71 4.08 0.33
C PHE D 144 -49.57 3.09 0.28
N PHE D 145 -49.60 2.19 -0.71
CA PHE D 145 -48.58 1.18 -0.88
C PHE D 145 -48.06 1.22 -2.31
N GLN D 146 -46.76 0.93 -2.46
CA GLN D 146 -46.09 1.01 -3.74
C GLN D 146 -45.46 -0.34 -4.10
N PHE D 147 -45.57 -0.72 -5.37
CA PHE D 147 -44.97 -1.95 -5.85
C PHE D 147 -43.45 -1.87 -5.98
N GLY D 148 -42.86 -0.69 -5.83
CA GLY D 148 -41.43 -0.54 -5.94
C GLY D 148 -40.69 -1.12 -4.74
N ALA D 149 -39.38 -1.21 -4.88
CA ALA D 149 -38.51 -1.77 -3.85
C ALA D 149 -37.74 -0.65 -3.17
N SER D 150 -37.77 -0.64 -1.84
CA SER D 150 -37.06 0.36 -1.07
C SER D 150 -35.55 0.08 -1.09
N ILE D 151 -34.78 1.11 -0.74
CA ILE D 151 -33.33 0.99 -0.72
C ILE D 151 -32.85 -0.01 0.33
N GLN D 152 -33.66 -0.26 1.36
CA GLN D 152 -33.26 -1.18 2.42
C GLN D 152 -33.02 -2.58 1.87
N GLN D 153 -33.93 -3.07 1.03
CA GLN D 153 -33.73 -4.37 0.39
C GLN D 153 -32.80 -4.30 -0.80
N GLN D 154 -32.68 -3.13 -1.43
CA GLN D 154 -31.71 -2.97 -2.52
C GLN D 154 -30.29 -3.17 -2.00
N ALA D 155 -30.00 -2.67 -0.80
CA ALA D 155 -28.68 -2.88 -0.21
C ALA D 155 -28.41 -4.36 0.01
N THR D 156 -29.41 -5.09 0.52
CA THR D 156 -29.24 -6.53 0.72
C THR D 156 -29.02 -7.25 -0.60
N VAL D 157 -29.76 -6.86 -1.63
CA VAL D 157 -29.60 -7.48 -2.94
C VAL D 157 -28.20 -7.22 -3.50
N MET D 158 -27.71 -5.99 -3.36
CA MET D 158 -26.37 -5.67 -3.84
C MET D 158 -25.31 -6.45 -3.05
N LEU D 159 -25.50 -6.58 -1.74
CA LEU D 159 -24.56 -7.36 -0.93
C LEU D 159 -24.56 -8.82 -1.36
N LYS D 160 -25.74 -9.39 -1.62
CA LYS D 160 -25.80 -10.77 -2.09
C LYS D 160 -25.13 -10.94 -3.44
N ILE D 161 -25.33 -9.97 -4.34
CA ILE D 161 -24.70 -10.04 -5.65
C ILE D 161 -23.17 -9.99 -5.51
N MET D 162 -22.67 -9.10 -4.66
CA MET D 162 -21.23 -9.01 -4.45
C MET D 162 -20.69 -10.29 -3.81
N GLN D 163 -21.45 -10.89 -2.89
CA GLN D 163 -21.02 -12.14 -2.28
C GLN D 163 -20.99 -13.26 -3.31
N ASP D 164 -21.94 -13.26 -4.26
CA ASP D 164 -21.96 -14.30 -5.28
C ASP D 164 -20.74 -14.24 -6.18
N TYR D 165 -20.13 -13.07 -6.32
CA TYR D 165 -18.93 -12.88 -7.14
C TYR D 165 -17.66 -12.84 -6.31
N ASP D 166 -17.73 -13.24 -5.03
CA ASP D 166 -16.56 -13.27 -4.14
C ASP D 166 -15.91 -11.90 -4.02
N TRP D 167 -16.74 -10.86 -3.94
CA TRP D 167 -16.27 -9.49 -3.72
C TRP D 167 -16.46 -9.19 -2.24
N HIS D 168 -15.43 -9.51 -1.45
CA HIS D 168 -15.51 -9.41 0.00
C HIS D 168 -14.94 -8.11 0.54
N VAL D 169 -14.56 -7.17 -0.33
CA VAL D 169 -14.04 -5.88 0.09
C VAL D 169 -14.91 -4.80 -0.53
N PHE D 170 -15.36 -3.85 0.29
CA PHE D 170 -16.28 -2.81 -0.12
C PHE D 170 -15.62 -1.44 -0.05
N SER D 171 -16.32 -0.45 -0.61
CA SER D 171 -15.90 0.95 -0.53
C SER D 171 -17.16 1.80 -0.67
N LEU D 172 -17.66 2.31 0.45
CA LEU D 172 -18.90 3.08 0.47
C LEU D 172 -18.58 4.54 0.19
N VAL D 173 -18.62 4.92 -1.09
CA VAL D 173 -18.45 6.31 -1.51
C VAL D 173 -19.84 6.91 -1.61
N THR D 174 -20.22 7.68 -0.60
CA THR D 174 -21.55 8.26 -0.49
C THR D 174 -21.47 9.78 -0.58
N THR D 175 -22.65 10.40 -0.63
CA THR D 175 -22.79 11.84 -0.66
C THR D 175 -23.87 12.25 0.33
N ILE D 176 -23.78 13.48 0.84
CA ILE D 176 -24.73 13.96 1.82
C ILE D 176 -26.07 14.22 1.13
N PHE D 177 -26.98 13.27 1.25
CA PHE D 177 -28.32 13.36 0.70
C PHE D 177 -29.31 12.90 1.76
N PRO D 178 -30.49 13.53 1.83
CA PRO D 178 -31.46 13.14 2.88
C PRO D 178 -31.87 11.68 2.76
N GLY D 179 -32.03 11.04 3.91
CA GLY D 179 -32.42 9.65 3.97
C GLY D 179 -31.31 8.64 3.75
N TYR D 180 -30.07 9.09 3.56
CA TYR D 180 -28.97 8.19 3.28
C TYR D 180 -28.17 7.80 4.51
N ARG D 181 -28.26 8.56 5.60
CA ARG D 181 -27.64 8.14 6.85
C ARG D 181 -28.26 6.83 7.33
N GLU D 182 -29.58 6.69 7.19
CA GLU D 182 -30.25 5.44 7.53
C GLU D 182 -29.74 4.30 6.66
N PHE D 183 -29.53 4.56 5.37
CA PHE D 183 -29.02 3.52 4.48
C PHE D 183 -27.61 3.10 4.88
N ILE D 184 -26.76 4.07 5.21
CA ILE D 184 -25.39 3.75 5.63
C ILE D 184 -25.41 2.94 6.93
N SER D 185 -26.26 3.34 7.89
CA SER D 185 -26.36 2.59 9.13
C SER D 185 -26.86 1.17 8.88
N PHE D 186 -27.85 1.02 7.99
CA PHE D 186 -28.39 -0.29 7.69
C PHE D 186 -27.35 -1.19 7.04
N VAL D 187 -26.59 -0.66 6.07
CA VAL D 187 -25.59 -1.49 5.41
C VAL D 187 -24.46 -1.84 6.36
N LYS D 188 -24.08 -0.91 7.25
CA LYS D 188 -23.06 -1.22 8.25
C LYS D 188 -23.54 -2.32 9.20
N THR D 189 -24.77 -2.22 9.67
CA THR D 189 -25.31 -3.25 10.56
C THR D 189 -25.43 -4.58 9.85
N THR D 190 -25.78 -4.57 8.56
CA THR D 190 -25.88 -5.82 7.81
C THR D 190 -24.52 -6.46 7.61
N VAL D 191 -23.50 -5.68 7.27
CA VAL D 191 -22.18 -6.26 7.04
C VAL D 191 -21.56 -6.72 8.36
N ASP D 192 -21.86 -6.04 9.46
CA ASP D 192 -21.34 -6.50 10.75
C ASP D 192 -22.10 -7.72 11.27
N ASN D 193 -23.40 -7.77 11.04
CA ASN D 193 -24.23 -8.85 11.57
C ASN D 193 -24.07 -10.14 10.80
N SER D 194 -23.79 -10.06 9.49
CA SER D 194 -23.64 -11.27 8.69
C SER D 194 -22.34 -11.99 9.04
N PHE D 195 -22.35 -13.31 8.87
CA PHE D 195 -21.19 -14.15 9.13
C PHE D 195 -20.27 -14.28 7.92
N VAL D 196 -20.59 -13.65 6.80
CA VAL D 196 -19.72 -13.71 5.64
C VAL D 196 -18.37 -13.06 5.94
N GLY D 197 -18.39 -11.92 6.61
CA GLY D 197 -17.16 -11.25 7.00
C GLY D 197 -16.53 -10.44 5.89
N TRP D 198 -17.31 -9.55 5.28
CA TRP D 198 -16.78 -8.70 4.24
C TRP D 198 -15.77 -7.72 4.81
N ASP D 199 -14.70 -7.48 4.06
CA ASP D 199 -13.61 -6.60 4.50
C ASP D 199 -14.02 -5.15 4.22
N MET D 200 -14.89 -4.63 5.08
CA MET D 200 -15.33 -3.25 4.97
C MET D 200 -14.18 -2.29 5.24
N GLN D 201 -14.09 -1.23 4.44
CA GLN D 201 -13.10 -0.19 4.60
C GLN D 201 -13.78 1.09 5.09
N ASN D 202 -12.99 2.16 5.17
CA ASN D 202 -13.51 3.44 5.64
C ASN D 202 -14.57 3.96 4.66
N VAL D 203 -15.68 4.43 5.21
CA VAL D 203 -16.77 4.97 4.39
C VAL D 203 -16.42 6.38 3.96
N ILE D 204 -16.54 6.65 2.66
CA ILE D 204 -16.22 7.95 2.10
C ILE D 204 -17.53 8.70 1.86
N THR D 205 -17.64 9.89 2.45
CA THR D 205 -18.82 10.73 2.30
C THR D 205 -18.40 12.07 1.72
N LEU D 206 -19.15 12.53 0.72
CA LEU D 206 -18.88 13.81 0.08
C LEU D 206 -19.56 14.92 0.88
N ASP D 207 -18.75 15.79 1.50
CA ASP D 207 -19.32 16.84 2.35
C ASP D 207 -20.12 17.85 1.53
N THR D 208 -19.53 18.36 0.46
CA THR D 208 -20.17 19.36 -0.38
C THR D 208 -20.03 18.98 -1.85
N SER D 209 -21.08 19.24 -2.62
CA SER D 209 -21.05 18.94 -4.05
C SER D 209 -20.13 19.92 -4.78
N PHE D 210 -19.44 19.41 -5.79
CA PHE D 210 -18.49 20.20 -6.59
C PHE D 210 -17.41 20.83 -5.73
N GLU D 211 -16.99 20.13 -4.67
CA GLU D 211 -15.96 20.68 -3.79
C GLU D 211 -14.61 20.72 -4.51
N ASP D 212 -14.21 19.62 -5.14
CA ASP D 212 -12.99 19.49 -5.93
C ASP D 212 -11.73 19.75 -5.13
N ALA D 213 -11.83 19.88 -3.81
CA ALA D 213 -10.66 20.09 -2.96
C ALA D 213 -10.43 18.91 -2.02
N LYS D 214 -11.43 18.54 -1.23
CA LYS D 214 -11.33 17.39 -0.33
C LYS D 214 -11.86 16.11 -0.96
N THR D 215 -12.48 16.20 -2.13
CA THR D 215 -12.97 14.98 -2.81
C THR D 215 -11.82 14.10 -3.26
N GLN D 216 -10.76 14.70 -3.80
CA GLN D 216 -9.64 13.92 -4.34
C GLN D 216 -8.94 13.12 -3.25
N VAL D 217 -8.66 13.76 -2.11
CA VAL D 217 -7.95 13.06 -1.04
C VAL D 217 -8.80 11.94 -0.46
N GLN D 218 -10.12 12.13 -0.38
CA GLN D 218 -10.98 11.06 0.10
C GLN D 218 -11.07 9.92 -0.90
N LEU D 219 -11.08 10.23 -2.19
CA LEU D 219 -11.16 9.18 -3.21
C LEU D 219 -9.86 8.42 -3.36
N LYS D 220 -8.75 8.97 -2.89
CA LYS D 220 -7.47 8.26 -2.94
C LYS D 220 -7.30 7.28 -1.77
N LYS D 221 -8.17 7.35 -0.77
CA LYS D 221 -8.04 6.44 0.37
C LYS D 221 -8.49 5.03 0.02
N ILE D 222 -9.47 4.89 -0.86
CA ILE D 222 -10.00 3.57 -1.22
C ILE D 222 -9.07 2.91 -2.23
N HIS D 223 -8.72 1.66 -1.95
CA HIS D 223 -7.91 0.86 -2.86
C HIS D 223 -8.63 -0.41 -3.32
N SER D 224 -9.92 -0.53 -3.01
CA SER D 224 -10.68 -1.73 -3.35
C SER D 224 -11.05 -1.74 -4.83
N SER D 225 -11.38 -2.94 -5.31
CA SER D 225 -11.82 -3.13 -6.69
C SER D 225 -13.33 -2.95 -6.85
N VAL D 226 -14.09 -2.91 -5.76
CA VAL D 226 -15.54 -2.73 -5.79
C VAL D 226 -15.88 -1.50 -4.99
N ILE D 227 -16.60 -0.57 -5.62
CA ILE D 227 -16.98 0.70 -4.99
C ILE D 227 -18.50 0.84 -5.09
N LEU D 228 -19.14 1.07 -3.96
CA LEU D 228 -20.58 1.34 -3.93
C LEU D 228 -20.82 2.84 -3.95
N LEU D 229 -22.01 3.22 -4.43
CA LEU D 229 -22.38 4.61 -4.57
C LEU D 229 -23.73 4.87 -3.93
N TYR D 230 -23.89 6.06 -3.33
CA TYR D 230 -25.14 6.48 -2.71
C TYR D 230 -25.25 8.00 -2.91
N CYS D 231 -25.93 8.39 -3.99
CA CYS D 231 -26.05 9.80 -4.35
C CYS D 231 -27.11 9.91 -5.43
N SER D 232 -27.35 11.15 -5.89
CA SER D 232 -28.33 11.42 -6.92
C SER D 232 -27.73 11.13 -8.30
N LYS D 233 -28.56 11.29 -9.34
CA LYS D 233 -28.10 10.99 -10.69
C LYS D 233 -27.02 11.96 -11.14
N ASP D 234 -27.25 13.27 -10.97
CA ASP D 234 -26.22 14.25 -11.31
C ASP D 234 -25.01 14.11 -10.40
N GLU D 235 -25.24 13.81 -9.12
CA GLU D 235 -24.14 13.56 -8.20
C GLU D 235 -23.32 12.34 -8.64
N ALA D 236 -24.01 11.28 -9.08
CA ALA D 236 -23.30 10.11 -9.59
C ALA D 236 -22.50 10.46 -10.84
N VAL D 237 -23.07 11.28 -11.72
CA VAL D 237 -22.36 11.67 -12.95
C VAL D 237 -21.09 12.43 -12.61
N LEU D 238 -21.19 13.40 -11.68
CA LEU D 238 -20.01 14.18 -11.32
C LEU D 238 -18.98 13.33 -10.59
N ILE D 239 -19.43 12.40 -9.74
CA ILE D 239 -18.50 11.51 -9.05
C ILE D 239 -17.76 10.63 -10.04
N LEU D 240 -18.48 10.08 -11.03
CA LEU D 240 -17.82 9.27 -12.06
C LEU D 240 -16.86 10.11 -12.89
N SER D 241 -17.23 11.35 -13.20
CA SER D 241 -16.33 12.22 -13.96
C SER D 241 -15.05 12.49 -13.18
N GLU D 242 -15.17 12.74 -11.87
CA GLU D 242 -13.99 12.96 -11.04
C GLU D 242 -13.14 11.69 -10.93
N ALA D 243 -13.79 10.54 -10.79
CA ALA D 243 -13.06 9.28 -10.60
C ALA D 243 -12.44 8.75 -11.88
N ARG D 244 -12.92 9.18 -13.04
CA ARG D 244 -12.34 8.71 -14.31
C ARG D 244 -10.89 9.13 -14.42
N SER D 245 -10.58 10.37 -14.01
CA SER D 245 -9.20 10.84 -14.04
C SER D 245 -8.32 10.16 -12.99
N LEU D 246 -8.92 9.49 -12.01
CA LEU D 246 -8.17 8.80 -10.96
C LEU D 246 -7.91 7.33 -11.29
N GLY D 247 -8.33 6.87 -12.47
CA GLY D 247 -8.13 5.48 -12.83
C GLY D 247 -9.00 4.50 -12.09
N LEU D 248 -10.16 4.93 -11.60
CA LEU D 248 -11.07 4.08 -10.85
C LEU D 248 -12.17 3.48 -11.72
N THR D 249 -12.09 3.64 -13.04
CA THR D 249 -13.09 3.12 -13.96
C THR D 249 -12.49 2.10 -14.92
N GLY D 250 -11.50 1.32 -14.45
CA GLY D 250 -10.86 0.32 -15.27
C GLY D 250 -11.62 -1.00 -15.29
N TYR D 251 -11.01 -1.99 -15.95
CA TYR D 251 -11.60 -3.32 -16.01
C TYR D 251 -11.66 -3.96 -14.64
N ASP D 252 -10.60 -3.81 -13.84
CA ASP D 252 -10.54 -4.42 -12.52
C ASP D 252 -11.37 -3.68 -11.48
N PHE D 253 -11.83 -2.47 -11.78
CA PHE D 253 -12.64 -1.70 -10.85
C PHE D 253 -14.12 -1.88 -11.19
N PHE D 254 -14.93 -2.18 -10.19
CA PHE D 254 -16.36 -2.42 -10.35
C PHE D 254 -17.13 -1.32 -9.63
N TRP D 255 -18.08 -0.71 -10.33
CA TRP D 255 -18.92 0.34 -9.78
C TRP D 255 -20.35 -0.18 -9.64
N ILE D 256 -20.96 0.08 -8.48
CA ILE D 256 -22.32 -0.34 -8.20
C ILE D 256 -23.13 0.88 -7.77
N VAL D 257 -24.29 1.06 -8.37
CA VAL D 257 -25.13 2.24 -8.13
C VAL D 257 -26.53 1.77 -7.79
N PRO D 258 -27.30 2.52 -7.00
CA PRO D 258 -28.65 2.09 -6.62
C PRO D 258 -29.63 2.29 -7.78
N SER D 259 -30.89 1.93 -7.52
CA SER D 259 -31.92 1.98 -8.55
C SER D 259 -32.28 3.42 -8.91
N LEU D 260 -32.27 4.31 -7.93
CA LEU D 260 -32.70 5.69 -8.19
C LEU D 260 -31.76 6.40 -9.17
N VAL D 261 -30.47 6.06 -9.15
CA VAL D 261 -29.54 6.65 -10.11
C VAL D 261 -29.89 6.21 -11.53
N SER D 262 -30.17 4.92 -11.72
CA SER D 262 -30.52 4.38 -13.02
C SER D 262 -32.03 4.23 -13.21
N GLY D 263 -32.81 5.11 -12.58
CA GLY D 263 -34.25 5.04 -12.75
C GLY D 263 -34.69 5.31 -14.17
N ASN D 264 -34.08 6.31 -14.82
CA ASN D 264 -34.37 6.64 -16.21
C ASN D 264 -33.50 5.75 -17.09
N THR D 265 -34.00 4.56 -17.40
CA THR D 265 -33.22 3.59 -18.16
C THR D 265 -32.96 4.09 -19.59
N GLU D 266 -33.96 4.71 -20.22
CA GLU D 266 -33.81 5.16 -21.60
C GLU D 266 -32.90 6.37 -21.74
N LEU D 267 -32.56 7.04 -20.65
CA LEU D 267 -31.66 8.20 -20.68
C LEU D 267 -30.39 7.82 -19.94
N ILE D 268 -29.35 7.48 -20.70
CA ILE D 268 -28.06 7.08 -20.15
C ILE D 268 -27.04 8.15 -20.50
N PRO D 269 -26.54 8.91 -19.52
CA PRO D 269 -25.50 9.89 -19.82
C PRO D 269 -24.20 9.21 -20.26
N LYS D 270 -23.44 9.92 -21.10
CA LYS D 270 -22.20 9.36 -21.64
C LYS D 270 -21.10 9.24 -20.59
N GLU D 271 -21.26 9.85 -19.43
CA GLU D 271 -20.25 9.76 -18.38
C GLU D 271 -20.30 8.44 -17.61
N PHE D 272 -21.37 7.67 -17.75
CA PHE D 272 -21.45 6.38 -17.05
C PHE D 272 -20.63 5.34 -17.80
N PRO D 273 -19.62 4.74 -17.18
CA PRO D 273 -18.86 3.70 -17.86
C PRO D 273 -19.66 2.42 -18.00
N SER D 274 -19.31 1.64 -19.01
CA SER D 274 -19.98 0.35 -19.22
C SER D 274 -19.60 -0.62 -18.12
N GLY D 275 -20.48 -1.61 -17.90
CA GLY D 275 -20.30 -2.56 -16.83
C GLY D 275 -20.82 -2.11 -15.48
N LEU D 276 -21.50 -0.97 -15.41
CA LEU D 276 -22.06 -0.49 -14.15
C LEU D 276 -23.17 -1.43 -13.69
N ILE D 277 -23.04 -1.96 -12.48
CA ILE D 277 -24.01 -2.89 -11.93
C ILE D 277 -25.01 -2.11 -11.09
N SER D 278 -26.30 -2.32 -11.36
CA SER D 278 -27.34 -1.61 -10.64
C SER D 278 -28.61 -2.46 -10.63
N VAL D 279 -29.49 -2.17 -9.68
CA VAL D 279 -30.79 -2.80 -9.59
C VAL D 279 -31.81 -1.85 -10.22
N SER D 280 -32.94 -2.42 -10.62
CA SER D 280 -33.98 -1.62 -11.28
C SER D 280 -35.32 -2.33 -11.11
N TYR D 281 -36.36 -1.73 -11.68
CA TYR D 281 -37.71 -2.28 -11.62
C TYR D 281 -38.47 -1.74 -12.84
N ASP D 282 -38.59 -2.58 -13.87
CA ASP D 282 -39.19 -2.16 -15.12
C ASP D 282 -39.90 -3.36 -15.74
N ASP D 283 -40.23 -3.27 -17.02
CA ASP D 283 -41.02 -4.28 -17.72
C ASP D 283 -40.17 -5.41 -18.28
N TRP D 284 -38.95 -5.59 -17.79
CA TRP D 284 -38.12 -6.70 -18.26
C TRP D 284 -38.72 -8.05 -17.90
N ASP D 285 -39.28 -8.18 -16.70
CA ASP D 285 -39.92 -9.41 -16.26
C ASP D 285 -41.42 -9.28 -16.07
N TYR D 286 -41.98 -8.08 -16.15
CA TYR D 286 -43.41 -7.88 -15.98
C TYR D 286 -43.98 -6.95 -17.04
N SER D 287 -45.22 -6.51 -16.87
CA SER D 287 -45.87 -5.62 -17.81
C SER D 287 -46.95 -4.83 -17.09
N LEU D 288 -47.44 -3.79 -17.77
CA LEU D 288 -48.49 -2.97 -17.18
C LEU D 288 -49.76 -3.79 -16.92
N GLU D 289 -50.16 -4.62 -17.89
CA GLU D 289 -51.34 -5.45 -17.71
C GLU D 289 -51.15 -6.44 -16.57
N ALA D 290 -49.98 -7.08 -16.51
CA ALA D 290 -49.70 -8.02 -15.42
C ALA D 290 -49.69 -7.29 -14.08
N ARG D 291 -49.10 -6.10 -14.03
CA ARG D 291 -49.05 -5.35 -12.78
C ARG D 291 -50.44 -4.95 -12.30
N VAL D 292 -51.29 -4.46 -13.20
CA VAL D 292 -52.63 -4.06 -12.78
C VAL D 292 -53.47 -5.27 -12.38
N ARG D 293 -53.30 -6.40 -13.08
CA ARG D 293 -53.99 -7.61 -12.67
C ARG D 293 -53.54 -8.07 -11.30
N ASP D 294 -52.23 -8.02 -11.03
CA ASP D 294 -51.74 -8.39 -9.71
C ASP D 294 -52.27 -7.45 -8.64
N GLY D 295 -52.32 -6.15 -8.93
CA GLY D 295 -52.83 -5.20 -7.95
C GLY D 295 -54.29 -5.42 -7.63
N ILE D 296 -55.11 -5.62 -8.66
CA ILE D 296 -56.53 -5.86 -8.41
C ILE D 296 -56.74 -7.20 -7.70
N GLY D 297 -55.91 -8.21 -8.01
CA GLY D 297 -55.99 -9.45 -7.27
C GLY D 297 -55.64 -9.30 -5.82
N ILE D 298 -54.60 -8.50 -5.51
CA ILE D 298 -54.24 -8.24 -4.14
C ILE D 298 -55.38 -7.52 -3.42
N LEU D 299 -55.98 -6.53 -4.09
CA LEU D 299 -57.11 -5.81 -3.48
C LEU D 299 -58.27 -6.75 -3.20
N THR D 300 -58.60 -7.63 -4.14
CA THR D 300 -59.71 -8.57 -3.94
C THR D 300 -59.40 -9.55 -2.81
N THR D 301 -58.16 -10.04 -2.73
CA THR D 301 -57.81 -10.95 -1.65
C THR D 301 -57.86 -10.24 -0.29
N ALA D 302 -57.41 -8.98 -0.24
CA ALA D 302 -57.50 -8.22 1.01
C ALA D 302 -58.96 -8.01 1.41
N ALA D 303 -59.83 -7.70 0.44
CA ALA D 303 -61.24 -7.54 0.74
C ALA D 303 -61.85 -8.85 1.24
N SER D 304 -61.47 -9.97 0.63
CA SER D 304 -61.97 -11.27 1.07
C SER D 304 -61.52 -11.58 2.50
N SER D 305 -60.24 -11.30 2.80
CA SER D 305 -59.75 -11.52 4.15
C SER D 305 -60.47 -10.64 5.17
N MET D 306 -60.71 -9.38 4.80
CA MET D 306 -61.43 -8.47 5.70
C MET D 306 -62.85 -8.97 5.94
N LEU D 307 -63.53 -9.43 4.89
CA LEU D 307 -64.89 -9.94 5.05
C LEU D 307 -64.90 -11.19 5.92
N GLU D 308 -63.93 -12.08 5.73
CA GLU D 308 -63.86 -13.28 6.56
C GLU D 308 -63.59 -12.95 8.02
N LYS D 309 -62.72 -11.97 8.27
CA LYS D 309 -62.38 -11.62 9.64
C LYS D 309 -63.39 -10.64 10.24
N PHE D 310 -63.81 -9.64 9.48
CA PHE D 310 -64.74 -8.63 9.96
C PHE D 310 -66.06 -8.76 9.19
N SER D 311 -67.16 -8.91 9.93
CA SER D 311 -68.47 -9.03 9.30
C SER D 311 -68.85 -7.74 8.58
N TYR D 312 -68.53 -6.60 9.18
CA TYR D 312 -68.91 -5.31 8.60
C TYR D 312 -68.21 -5.10 7.25
N ILE D 313 -68.98 -4.64 6.27
CA ILE D 313 -68.47 -4.38 4.93
C ILE D 313 -67.92 -2.94 4.92
N PRO D 314 -66.65 -2.74 4.54
CA PRO D 314 -66.11 -1.38 4.52
C PRO D 314 -66.83 -0.49 3.53
N GLU D 315 -66.93 0.79 3.87
CA GLU D 315 -67.60 1.78 3.05
C GLU D 315 -66.73 3.01 2.93
N ALA D 316 -66.72 3.62 1.73
CA ALA D 316 -65.93 4.81 1.50
C ALA D 316 -66.64 6.05 2.03
N LYS D 317 -65.93 7.17 2.02
CA LYS D 317 -66.48 8.42 2.50
C LYS D 317 -67.62 8.89 1.59
N ALA D 318 -68.66 9.47 2.20
CA ALA D 318 -69.80 9.92 1.43
C ALA D 318 -69.44 11.01 0.44
N SER D 319 -68.61 11.96 0.87
CA SER D 319 -68.15 13.05 0.01
C SER D 319 -66.68 12.87 -0.33
N CYS D 320 -66.24 13.62 -1.35
CA CYS D 320 -64.84 13.58 -1.73
C CYS D 320 -63.95 14.10 -0.62
N TYR D 321 -64.09 15.37 -0.27
CA TYR D 321 -63.31 15.97 0.80
C TYR D 321 -64.11 16.89 1.72
N GLY D 322 -65.42 16.98 1.53
CA GLY D 322 -66.22 17.87 2.35
C GLY D 322 -66.29 17.46 3.80
N GLN D 323 -65.62 18.23 4.67
CA GLN D 323 -65.63 17.98 6.10
C GLN D 323 -65.22 19.24 6.83
N MET D 324 -65.54 19.29 8.12
CA MET D 324 -65.15 20.39 8.99
C MET D 324 -64.39 19.90 10.22
N GLU D 325 -63.89 18.67 10.19
CA GLU D 325 -63.18 18.09 11.32
C GLU D 325 -62.13 17.12 10.78
N ARG D 326 -61.35 16.55 11.68
CA ARG D 326 -60.30 15.62 11.29
C ARG D 326 -60.94 14.35 10.72
N PRO D 327 -60.32 13.74 9.70
CA PRO D 327 -60.87 12.50 9.15
C PRO D 327 -60.81 11.35 10.13
N GLU D 328 -61.76 10.44 10.01
CA GLU D 328 -61.82 9.26 10.87
C GLU D 328 -62.46 8.11 10.10
N VAL D 329 -62.07 6.90 10.45
CA VAL D 329 -62.56 5.68 9.82
C VAL D 329 -63.50 4.98 10.80
N PRO D 330 -64.78 4.81 10.46
CA PRO D 330 -65.70 4.13 11.40
C PRO D 330 -65.29 2.72 11.75
N MET D 331 -64.69 1.99 10.81
CA MET D 331 -64.20 0.63 11.05
C MET D 331 -62.68 0.64 11.13
N HIS D 332 -62.11 -0.55 11.28
CA HIS D 332 -60.66 -0.67 11.37
C HIS D 332 -60.02 -0.50 10.00
N THR D 333 -58.74 -0.11 10.02
CA THR D 333 -58.02 0.14 8.79
C THR D 333 -57.70 -1.19 8.09
N LEU D 334 -57.31 -1.08 6.81
CA LEU D 334 -57.02 -2.24 5.97
C LEU D 334 -55.57 -2.69 6.10
N HIS D 335 -54.75 -1.99 6.89
CA HIS D 335 -53.34 -2.38 7.04
C HIS D 335 -53.15 -3.79 7.59
N PRO D 336 -53.81 -4.20 8.69
CA PRO D 336 -53.59 -5.56 9.19
C PRO D 336 -54.19 -6.65 8.32
N PHE D 337 -55.07 -6.31 7.38
CA PHE D 337 -55.72 -7.30 6.53
C PHE D 337 -54.90 -7.63 5.28
N MET D 338 -53.75 -6.99 5.09
CA MET D 338 -52.90 -7.27 3.93
C MET D 338 -51.47 -7.60 4.34
N VAL D 339 -51.24 -7.96 5.60
CA VAL D 339 -49.90 -8.31 6.05
C VAL D 339 -49.46 -9.63 5.41
N ASN D 340 -50.39 -10.58 5.27
CA ASN D 340 -50.10 -11.88 4.66
C ASN D 340 -51.13 -12.11 3.56
N VAL D 341 -50.69 -12.00 2.30
CA VAL D 341 -51.56 -12.15 1.15
C VAL D 341 -50.96 -13.19 0.21
N THR D 342 -51.80 -14.12 -0.25
CA THR D 342 -51.39 -15.13 -1.22
C THR D 342 -52.27 -14.97 -2.47
N TRP D 343 -51.62 -14.89 -3.63
CA TRP D 343 -52.32 -14.72 -4.90
C TRP D 343 -51.61 -15.53 -5.97
N ASP D 344 -52.29 -16.56 -6.48
CA ASP D 344 -51.76 -17.41 -7.55
C ASP D 344 -50.42 -18.03 -7.17
N GLY D 345 -50.27 -18.37 -5.89
CA GLY D 345 -49.05 -18.97 -5.39
C GLY D 345 -47.91 -18.01 -5.14
N LYS D 346 -48.12 -16.71 -5.34
CA LYS D 346 -47.11 -15.69 -5.12
C LYS D 346 -47.43 -14.92 -3.85
N ASP D 347 -46.44 -14.84 -2.95
CA ASP D 347 -46.62 -14.14 -1.68
C ASP D 347 -46.31 -12.66 -1.88
N LEU D 348 -47.26 -11.96 -2.48
CA LEU D 348 -47.15 -10.52 -2.72
C LEU D 348 -47.67 -9.74 -1.51
N SER D 349 -47.06 -10.03 -0.36
CA SER D 349 -47.45 -9.41 0.90
C SER D 349 -46.71 -8.09 1.09
N PHE D 350 -47.03 -7.40 2.18
CA PHE D 350 -46.41 -6.13 2.52
C PHE D 350 -45.96 -6.15 3.98
N THR D 351 -44.87 -5.45 4.25
CA THR D 351 -44.34 -5.37 5.60
C THR D 351 -45.04 -4.27 6.39
N GLU D 352 -44.56 -4.02 7.61
CA GLU D 352 -45.15 -2.98 8.44
C GLU D 352 -44.90 -1.59 7.86
N GLU D 353 -43.78 -1.39 7.19
CA GLU D 353 -43.45 -0.11 6.58
C GLU D 353 -44.03 0.07 5.18
N GLY D 354 -44.74 -0.93 4.67
CA GLY D 354 -45.29 -0.85 3.34
C GLY D 354 -44.40 -1.36 2.24
N TYR D 355 -43.37 -2.13 2.58
CA TYR D 355 -42.44 -2.67 1.59
C TYR D 355 -42.85 -4.09 1.22
N GLN D 356 -42.77 -4.41 -0.06
CA GLN D 356 -43.14 -5.74 -0.53
C GLN D 356 -42.15 -6.78 0.00
N VAL D 357 -42.70 -7.92 0.45
CA VAL D 357 -41.86 -8.98 0.99
C VAL D 357 -41.02 -9.61 -0.11
N HIS D 358 -41.58 -9.77 -1.30
CA HIS D 358 -40.90 -10.38 -2.44
C HIS D 358 -40.97 -9.46 -3.65
N PRO D 359 -40.20 -8.38 -3.65
CA PRO D 359 -40.14 -7.52 -4.84
C PRO D 359 -39.32 -8.15 -5.95
N ARG D 360 -39.54 -7.66 -7.17
CA ARG D 360 -38.78 -8.14 -8.31
C ARG D 360 -37.33 -7.67 -8.22
N LEU D 361 -37.11 -6.36 -8.28
CA LEU D 361 -35.79 -5.74 -8.13
C LEU D 361 -34.77 -6.40 -9.05
N VAL D 362 -35.01 -6.24 -10.35
CA VAL D 362 -34.14 -6.87 -11.36
C VAL D 362 -32.78 -6.19 -11.35
N VAL D 363 -31.73 -7.00 -11.31
CA VAL D 363 -30.36 -6.50 -11.36
C VAL D 363 -29.92 -6.41 -12.81
N ILE D 364 -29.39 -5.25 -13.20
CA ILE D 364 -28.97 -5.01 -14.57
C ILE D 364 -27.54 -4.49 -14.58
N VAL D 365 -26.88 -4.68 -15.72
CA VAL D 365 -25.51 -4.24 -15.93
C VAL D 365 -25.46 -3.38 -17.19
N LEU D 366 -24.80 -2.23 -17.09
CA LEU D 366 -24.68 -1.32 -18.21
C LEU D 366 -23.84 -1.98 -19.30
N ASN D 367 -24.48 -2.36 -20.40
CA ASN D 367 -23.80 -3.05 -21.48
C ASN D 367 -22.85 -2.11 -22.21
N LYS D 368 -21.89 -2.71 -22.93
CA LYS D 368 -20.92 -1.93 -23.70
C LYS D 368 -21.59 -1.06 -24.75
N ASP D 369 -22.78 -1.43 -25.22
CA ASP D 369 -23.54 -0.62 -26.15
C ASP D 369 -24.35 0.48 -25.46
N ARG D 370 -24.07 0.75 -24.19
CA ARG D 370 -24.77 1.76 -23.40
C ARG D 370 -26.27 1.48 -23.36
N GLU D 371 -26.61 0.26 -22.92
CA GLU D 371 -28.00 -0.15 -22.73
C GLU D 371 -28.09 -0.98 -21.46
N TRP D 372 -29.25 -0.92 -20.82
CA TRP D 372 -29.50 -1.70 -19.61
C TRP D 372 -30.10 -3.04 -19.99
N GLU D 373 -29.40 -4.12 -19.71
CA GLU D 373 -29.83 -5.47 -20.03
C GLU D 373 -30.02 -6.27 -18.75
N LYS D 374 -31.06 -7.09 -18.72
CA LYS D 374 -31.33 -7.93 -17.55
C LYS D 374 -30.28 -9.02 -17.43
N VAL D 375 -29.68 -9.12 -16.25
CA VAL D 375 -28.67 -10.15 -15.99
C VAL D 375 -29.01 -11.02 -14.79
N GLY D 376 -29.92 -10.61 -13.92
CA GLY D 376 -30.25 -11.40 -12.74
C GLY D 376 -31.62 -11.09 -12.22
N LYS D 377 -32.13 -12.01 -11.39
CA LYS D 377 -33.43 -11.88 -10.77
C LYS D 377 -33.32 -12.20 -9.29
N TRP D 378 -34.18 -11.56 -8.48
CA TRP D 378 -34.14 -11.73 -7.04
C TRP D 378 -35.47 -12.15 -6.43
N GLU D 379 -36.59 -12.02 -7.16
CA GLU D 379 -37.90 -12.34 -6.60
C GLU D 379 -38.09 -13.83 -6.34
N ASN D 380 -37.18 -14.69 -6.82
CA ASN D 380 -37.30 -16.14 -6.65
C ASN D 380 -36.92 -16.48 -5.22
N HIS D 381 -37.91 -16.46 -4.32
CA HIS D 381 -37.74 -16.83 -2.92
C HIS D 381 -36.66 -15.99 -2.24
N THR D 382 -36.61 -14.71 -2.61
CA THR D 382 -35.62 -13.76 -2.05
C THR D 382 -34.20 -14.29 -2.21
N LEU D 383 -33.91 -14.87 -3.36
CA LEU D 383 -32.59 -15.40 -3.67
C LEU D 383 -32.09 -14.78 -4.97
N SER D 384 -30.78 -14.54 -5.03
CA SER D 384 -30.17 -13.88 -6.18
C SER D 384 -29.72 -14.94 -7.18
N LEU D 385 -30.38 -14.97 -8.34
CA LEU D 385 -30.00 -15.82 -9.46
C LEU D 385 -29.55 -14.94 -10.61
N ARG D 386 -28.32 -15.14 -11.07
CA ARG D 386 -27.73 -14.29 -12.10
C ARG D 386 -27.20 -15.16 -13.23
N HIS D 387 -27.22 -14.61 -14.45
CA HIS D 387 -26.72 -15.31 -15.61
C HIS D 387 -25.22 -15.55 -15.56
N ALA D 388 -24.50 -14.88 -14.66
CA ALA D 388 -23.06 -15.04 -14.49
C ALA D 388 -22.31 -14.73 -15.78
N VAL D 389 -22.42 -13.48 -16.21
CA VAL D 389 -21.72 -13.00 -17.41
C VAL D 389 -20.58 -12.09 -16.99
N TRP D 390 -19.39 -12.67 -16.79
CA TRP D 390 -18.22 -11.87 -16.42
C TRP D 390 -17.79 -10.89 -17.51
N PRO D 391 -17.65 -11.29 -18.80
CA PRO D 391 -17.18 -10.32 -19.79
C PRO D 391 -18.23 -9.27 -20.15
N ARG D 392 -18.53 -8.38 -19.21
CA ARG D 392 -19.46 -7.28 -19.44
C ARG D 392 -18.92 -5.93 -18.98
N TYR D 393 -17.75 -5.90 -18.36
CA TYR D 393 -17.16 -4.66 -17.85
C TYR D 393 -16.16 -4.15 -18.88
N LYS D 394 -16.54 -3.10 -19.59
CA LYS D 394 -15.69 -2.48 -20.60
C LYS D 394 -15.45 -1.02 -20.20
N SER D 395 -14.19 -0.60 -20.24
CA SER D 395 -13.82 0.76 -19.86
C SER D 395 -14.07 1.68 -21.04
N PHE D 396 -15.25 2.31 -21.06
CA PHE D 396 -15.58 3.26 -22.11
C PHE D 396 -15.28 4.70 -21.72
N SER D 397 -15.36 5.03 -20.42
CA SER D 397 -14.99 6.36 -19.98
C SER D 397 -13.52 6.65 -20.23
N ASP D 398 -12.66 5.67 -19.98
CA ASP D 398 -11.22 5.77 -20.24
C ASP D 398 -10.83 4.62 -21.17
N CYS D 399 -10.54 4.95 -22.42
CA CYS D 399 -10.19 3.96 -23.43
C CYS D 399 -8.74 3.54 -23.21
N GLU D 400 -8.54 2.55 -22.34
CA GLU D 400 -7.22 2.02 -22.05
C GLU D 400 -7.32 0.51 -21.91
N PRO D 401 -6.99 -0.23 -22.96
CA PRO D 401 -7.04 -1.70 -22.87
C PRO D 401 -5.98 -2.23 -21.92
N ASP D 402 -6.30 -3.37 -21.29
CA ASP D 402 -5.38 -4.01 -20.37
C ASP D 402 -5.73 -5.49 -20.29
N ASP D 403 -4.80 -6.27 -19.75
CA ASP D 403 -4.97 -7.71 -19.65
C ASP D 403 -4.88 -8.17 -18.20
N ASN D 404 -5.57 -7.46 -17.30
CA ASN D 404 -5.53 -7.82 -15.88
C ASN D 404 -6.17 -9.19 -15.65
N HIS D 405 -7.25 -9.49 -16.37
CA HIS D 405 -7.92 -10.79 -16.24
C HIS D 405 -7.15 -11.83 -17.03
N LEU D 406 -6.49 -12.75 -16.32
CA LEU D 406 -5.73 -13.82 -16.94
C LEU D 406 -6.37 -15.16 -16.60
N SER D 407 -6.68 -15.94 -17.63
CA SER D 407 -7.28 -17.26 -17.44
C SER D 407 -6.23 -18.27 -17.01
N ILE D 408 -6.56 -19.05 -15.99
CA ILE D 408 -5.66 -20.05 -15.42
C ILE D 408 -6.32 -21.41 -15.53
N VAL D 409 -5.53 -22.42 -15.86
CA VAL D 409 -5.98 -23.80 -15.96
C VAL D 409 -5.23 -24.63 -14.94
N THR D 410 -5.97 -25.41 -14.15
CA THR D 410 -5.40 -26.21 -13.07
C THR D 410 -5.93 -27.63 -13.15
N LEU D 411 -5.13 -28.58 -12.69
CA LEU D 411 -5.47 -30.00 -12.70
C LEU D 411 -5.51 -30.53 -11.28
N GLU D 412 -6.55 -31.29 -10.95
CA GLU D 412 -6.70 -31.89 -9.63
C GLU D 412 -6.17 -33.32 -9.65
N GLU D 413 -4.86 -33.43 -9.79
CA GLU D 413 -4.19 -34.72 -9.73
C GLU D 413 -3.03 -34.74 -8.74
N ALA D 414 -2.27 -33.65 -8.65
CA ALA D 414 -1.17 -33.57 -7.71
C ALA D 414 -1.66 -33.17 -6.32
N PRO D 415 -0.91 -33.52 -5.27
CA PRO D 415 -1.28 -33.05 -3.92
C PRO D 415 -1.25 -31.54 -3.78
N PHE D 416 -0.56 -30.84 -4.68
CA PHE D 416 -0.55 -29.38 -4.66
C PHE D 416 -1.90 -28.77 -5.04
N VAL D 417 -2.84 -29.56 -5.53
CA VAL D 417 -4.19 -29.11 -5.83
C VAL D 417 -5.15 -30.02 -5.08
N ILE D 418 -5.85 -29.45 -4.09
CA ILE D 418 -6.77 -30.21 -3.26
C ILE D 418 -8.17 -29.60 -3.34
N VAL D 419 -8.50 -29.04 -4.50
CA VAL D 419 -9.78 -28.37 -4.68
C VAL D 419 -10.92 -29.32 -4.37
N GLU D 420 -11.85 -28.87 -3.54
CA GLU D 420 -12.99 -29.65 -3.11
C GLU D 420 -14.29 -28.96 -3.49
N ASP D 421 -15.41 -29.62 -3.21
CA ASP D 421 -16.72 -29.07 -3.54
C ASP D 421 -17.05 -27.90 -2.62
N ILE D 422 -17.94 -27.03 -3.11
CA ILE D 422 -18.35 -25.86 -2.33
C ILE D 422 -19.28 -26.29 -1.21
N ASP D 423 -18.97 -25.86 0.01
CA ASP D 423 -19.85 -26.11 1.15
C ASP D 423 -21.03 -25.15 1.10
N PRO D 424 -22.27 -25.64 1.19
CA PRO D 424 -23.43 -24.73 1.15
C PRO D 424 -23.44 -23.72 2.27
N LEU D 425 -22.92 -24.07 3.45
CA LEU D 425 -22.93 -23.17 4.59
C LEU D 425 -21.66 -22.32 4.60
N THR D 426 -21.41 -21.63 5.71
CA THR D 426 -20.23 -20.78 5.92
C THR D 426 -20.26 -19.67 4.86
N GLU D 427 -19.15 -19.38 4.20
CA GLU D 427 -19.07 -18.29 3.22
C GLU D 427 -18.94 -18.83 1.79
N THR D 428 -19.56 -19.99 1.52
CA THR D 428 -19.57 -20.65 0.21
C THR D 428 -18.20 -21.23 -0.11
N CYS D 429 -17.21 -20.93 0.73
CA CYS D 429 -15.85 -21.45 0.61
C CYS D 429 -15.15 -21.21 1.94
N VAL D 430 -13.93 -21.75 2.05
CA VAL D 430 -13.10 -21.50 3.22
C VAL D 430 -12.54 -20.09 3.12
N ARG D 431 -12.00 -19.59 4.24
CA ARG D 431 -11.52 -18.21 4.27
C ARG D 431 -10.26 -18.00 3.46
N ASN D 432 -9.53 -19.08 3.13
CA ASN D 432 -8.28 -18.98 2.37
C ASN D 432 -8.36 -19.97 1.20
N THR D 433 -8.82 -19.48 0.05
CA THR D 433 -8.95 -20.31 -1.14
C THR D 433 -9.03 -19.39 -2.36
N VAL D 434 -9.21 -20.02 -3.52
CA VAL D 434 -9.35 -19.31 -4.79
C VAL D 434 -10.59 -19.84 -5.49
N PRO D 435 -11.45 -18.97 -6.05
CA PRO D 435 -12.63 -19.47 -6.76
C PRO D 435 -12.27 -20.20 -8.04
N CYS D 436 -12.50 -21.52 -8.06
CA CYS D 436 -12.23 -22.35 -9.22
C CYS D 436 -13.53 -22.77 -9.89
N ARG D 437 -13.59 -22.58 -11.20
CA ARG D 437 -14.78 -22.89 -11.99
C ARG D 437 -14.50 -24.07 -12.91
N LYS D 438 -15.41 -25.02 -12.95
CA LYS D 438 -15.25 -26.23 -13.76
C LYS D 438 -16.56 -26.54 -14.47
N PHE D 439 -16.45 -26.96 -15.72
CA PHE D 439 -17.61 -27.36 -16.52
C PHE D 439 -17.80 -28.86 -16.34
N VAL D 440 -18.86 -29.24 -15.63
CA VAL D 440 -19.15 -30.64 -15.33
C VAL D 440 -20.23 -31.14 -16.30
N LYS D 441 -20.08 -32.40 -16.71
CA LYS D 441 -21.05 -33.00 -17.61
C LYS D 441 -22.35 -33.33 -16.87
N ILE D 442 -23.47 -33.16 -17.57
CA ILE D 442 -24.78 -33.38 -16.97
C ILE D 442 -25.30 -34.77 -17.32
N ASN D 443 -24.93 -35.26 -18.50
CA ASN D 443 -25.37 -36.58 -18.94
C ASN D 443 -24.33 -37.15 -19.89
N ASN D 444 -24.29 -38.49 -19.96
CA ASN D 444 -23.31 -39.16 -20.79
C ASN D 444 -23.52 -38.85 -22.27
N SER D 445 -24.77 -38.82 -22.71
CA SER D 445 -25.10 -38.62 -24.12
C SER D 445 -25.27 -37.16 -24.50
N THR D 446 -25.11 -36.23 -23.56
CA THR D 446 -25.25 -34.80 -23.83
C THR D 446 -23.91 -34.11 -23.61
N ASN D 447 -23.50 -33.33 -24.61
CA ASN D 447 -22.24 -32.59 -24.51
C ASN D 447 -22.36 -31.30 -23.73
N GLU D 448 -23.58 -30.90 -23.35
CA GLU D 448 -23.77 -29.66 -22.60
C GLU D 448 -23.16 -29.80 -21.21
N GLY D 449 -22.50 -28.72 -20.75
CA GLY D 449 -21.89 -28.70 -19.45
C GLY D 449 -22.34 -27.51 -18.65
N MET D 450 -22.24 -27.65 -17.32
CA MET D 450 -22.63 -26.62 -16.38
C MET D 450 -21.40 -26.15 -15.60
N ASN D 451 -21.23 -24.83 -15.50
CA ASN D 451 -20.09 -24.25 -14.81
C ASN D 451 -20.40 -24.13 -13.33
N VAL D 452 -19.69 -24.88 -12.51
CA VAL D 452 -19.90 -24.90 -11.06
C VAL D 452 -18.62 -24.42 -10.38
N LYS D 453 -18.77 -23.47 -9.47
CA LYS D 453 -17.63 -22.93 -8.74
C LYS D 453 -17.17 -23.89 -7.66
N LYS D 454 -15.87 -23.86 -7.37
CA LYS D 454 -15.26 -24.69 -6.35
C LYS D 454 -14.20 -23.89 -5.61
N CYS D 455 -13.81 -24.39 -4.44
CA CYS D 455 -12.81 -23.74 -3.60
C CYS D 455 -11.46 -24.42 -3.84
N CYS D 456 -10.46 -23.63 -4.23
CA CYS D 456 -9.17 -24.15 -4.64
C CYS D 456 -8.12 -23.85 -3.57
N LYS D 457 -7.39 -24.87 -3.14
CA LYS D 457 -6.34 -24.73 -2.15
C LYS D 457 -5.16 -25.59 -2.56
N GLY D 458 -3.98 -25.23 -2.06
CA GLY D 458 -2.79 -26.03 -2.28
C GLY D 458 -1.55 -25.17 -2.29
N PHE D 459 -0.41 -25.86 -2.41
CA PHE D 459 0.89 -25.19 -2.41
C PHE D 459 1.08 -24.35 -3.66
N CYS D 460 0.82 -24.94 -4.84
CA CYS D 460 0.95 -24.18 -6.08
C CYS D 460 -0.06 -23.04 -6.14
N ILE D 461 -1.24 -23.23 -5.54
CA ILE D 461 -2.22 -22.16 -5.48
C ILE D 461 -1.73 -21.04 -4.56
N ASP D 462 -1.03 -21.40 -3.48
CA ASP D 462 -0.42 -20.37 -2.63
C ASP D 462 0.67 -19.61 -3.40
N ILE D 463 1.45 -20.33 -4.21
CA ILE D 463 2.44 -19.67 -5.06
C ILE D 463 1.76 -18.70 -6.02
N LEU D 464 0.63 -19.12 -6.60
CA LEU D 464 -0.12 -18.25 -7.50
C LEU D 464 -0.66 -17.04 -6.75
N LYS D 465 -1.09 -17.22 -5.50
CA LYS D 465 -1.54 -16.09 -4.69
C LYS D 465 -0.40 -15.10 -4.46
N LYS D 466 0.79 -15.61 -4.16
CA LYS D 466 1.94 -14.72 -3.97
C LYS D 466 2.30 -14.00 -5.26
N LEU D 467 2.22 -14.69 -6.40
CA LEU D 467 2.47 -14.06 -7.68
C LEU D 467 1.45 -12.95 -7.96
N SER D 468 0.17 -13.20 -7.63
CA SER D 468 -0.85 -12.18 -7.80
C SER D 468 -0.59 -10.98 -6.90
N ARG D 469 -0.16 -11.24 -5.67
CA ARG D 469 0.16 -10.14 -4.75
C ARG D 469 1.32 -9.30 -5.27
N THR D 470 2.35 -9.95 -5.83
CA THR D 470 3.52 -9.22 -6.29
C THR D 470 3.23 -8.47 -7.59
N VAL D 471 2.84 -9.20 -8.63
CA VAL D 471 2.58 -8.58 -9.93
C VAL D 471 1.36 -7.66 -9.88
N LYS D 472 0.50 -7.83 -8.89
CA LYS D 472 -0.69 -7.00 -8.70
C LYS D 472 -1.64 -7.11 -9.90
N PHE D 473 -2.10 -8.34 -10.15
CA PHE D 473 -3.06 -8.62 -11.21
C PHE D 473 -3.97 -9.75 -10.77
N THR D 474 -5.17 -9.78 -11.35
CA THR D 474 -6.16 -10.79 -11.03
C THR D 474 -5.95 -12.04 -11.87
N TYR D 475 -6.52 -13.15 -11.40
CA TYR D 475 -6.39 -14.42 -12.10
C TYR D 475 -7.69 -15.21 -11.94
N ASP D 476 -8.15 -15.80 -13.03
CA ASP D 476 -9.33 -16.66 -13.04
C ASP D 476 -8.89 -18.09 -13.35
N LEU D 477 -9.26 -19.02 -12.47
CA LEU D 477 -8.76 -20.39 -12.54
C LEU D 477 -9.83 -21.32 -13.10
N TYR D 478 -9.45 -22.14 -14.07
CA TYR D 478 -10.30 -23.16 -14.65
C TYR D 478 -9.75 -24.55 -14.32
N LEU D 479 -10.52 -25.57 -14.67
CA LEU D 479 -10.12 -26.95 -14.45
C LEU D 479 -10.24 -27.71 -15.77
N VAL D 480 -9.19 -28.45 -16.12
CA VAL D 480 -9.18 -29.20 -17.38
C VAL D 480 -10.11 -30.40 -17.27
N THR D 481 -10.95 -30.58 -18.28
CA THR D 481 -11.87 -31.70 -18.35
C THR D 481 -11.51 -32.71 -19.43
N ASN D 482 -10.48 -32.42 -20.23
CA ASN D 482 -10.04 -33.30 -21.32
C ASN D 482 -8.62 -33.75 -21.01
N GLY D 483 -8.49 -34.86 -20.29
CA GLY D 483 -7.19 -35.39 -19.95
C GLY D 483 -6.58 -34.70 -18.74
N LYS D 484 -5.43 -35.22 -18.32
CA LYS D 484 -4.71 -34.66 -17.17
C LYS D 484 -3.66 -33.66 -17.61
N HIS D 485 -2.69 -34.10 -18.41
CA HIS D 485 -1.63 -33.24 -18.92
C HIS D 485 -1.78 -32.95 -20.39
N GLY D 486 -1.94 -33.96 -21.22
CA GLY D 486 -2.11 -33.77 -22.65
C GLY D 486 -0.90 -34.29 -23.42
N LYS D 487 -1.16 -34.87 -24.59
CA LYS D 487 -0.11 -35.40 -25.44
C LYS D 487 -0.39 -35.00 -26.88
N LYS D 488 0.68 -34.93 -27.68
CA LYS D 488 0.58 -34.55 -29.08
C LYS D 488 0.21 -35.78 -29.90
N VAL D 489 -1.09 -36.04 -30.00
CA VAL D 489 -1.61 -37.16 -30.79
C VAL D 489 -2.12 -36.61 -32.12
N ASN D 490 -1.59 -37.14 -33.22
CA ASN D 490 -1.93 -36.69 -34.57
C ASN D 490 -1.70 -35.19 -34.72
N ASN D 491 -0.59 -34.70 -34.14
CA ASN D 491 -0.22 -33.29 -34.16
C ASN D 491 -1.30 -32.41 -33.54
N VAL D 492 -2.04 -32.96 -32.56
CA VAL D 492 -3.08 -32.22 -31.85
C VAL D 492 -2.80 -32.34 -30.36
N TRP D 493 -2.79 -31.20 -29.68
CA TRP D 493 -2.54 -31.14 -28.24
C TRP D 493 -3.85 -31.08 -27.46
N ASN D 494 -3.80 -31.53 -26.21
CA ASN D 494 -4.95 -31.50 -25.32
C ASN D 494 -4.43 -31.21 -23.92
N GLY D 495 -5.32 -31.30 -22.93
CA GLY D 495 -4.94 -31.04 -21.56
C GLY D 495 -4.58 -29.58 -21.32
N MET D 496 -3.75 -29.36 -20.30
CA MET D 496 -3.30 -28.01 -19.97
C MET D 496 -2.45 -27.44 -21.10
N ILE D 497 -1.55 -28.24 -21.66
CA ILE D 497 -0.70 -27.77 -22.75
C ILE D 497 -1.54 -27.43 -23.97
N GLY D 498 -2.51 -28.28 -24.29
CA GLY D 498 -3.40 -27.97 -25.40
C GLY D 498 -4.22 -26.73 -25.17
N GLU D 499 -4.65 -26.52 -23.93
CA GLU D 499 -5.40 -25.31 -23.59
C GLU D 499 -4.52 -24.07 -23.77
N VAL D 500 -3.26 -24.15 -23.36
CA VAL D 500 -2.36 -23.00 -23.48
C VAL D 500 -2.04 -22.72 -24.95
N VAL D 501 -1.77 -23.77 -25.73
CA VAL D 501 -1.39 -23.59 -27.13
C VAL D 501 -2.53 -22.95 -27.92
N TYR D 502 -3.76 -23.40 -27.69
CA TYR D 502 -4.92 -22.91 -28.41
C TYR D 502 -5.44 -21.57 -27.88
N GLN D 503 -4.62 -20.86 -27.09
CA GLN D 503 -4.89 -19.52 -26.59
C GLN D 503 -6.11 -19.46 -25.67
N ARG D 504 -6.68 -20.61 -25.28
CA ARG D 504 -7.78 -20.60 -24.33
C ARG D 504 -7.32 -20.12 -22.97
N ALA D 505 -6.13 -20.55 -22.53
CA ALA D 505 -5.55 -20.12 -21.27
C ALA D 505 -4.16 -19.54 -21.53
N VAL D 506 -3.91 -18.35 -20.98
CA VAL D 506 -2.62 -17.70 -21.18
C VAL D 506 -1.57 -18.12 -20.14
N MET D 507 -1.99 -18.76 -19.06
CA MET D 507 -1.07 -19.15 -18.00
C MET D 507 -1.57 -20.44 -17.36
N ALA D 508 -0.66 -21.38 -17.13
CA ALA D 508 -1.00 -22.69 -16.60
C ALA D 508 -0.12 -23.00 -15.39
N VAL D 509 -0.77 -23.40 -14.29
CA VAL D 509 -0.05 -23.88 -13.12
C VAL D 509 -0.78 -25.09 -12.56
N GLY D 510 -0.26 -26.28 -12.84
CA GLY D 510 -0.89 -27.51 -12.41
C GLY D 510 0.10 -28.56 -11.94
N SER D 511 1.27 -28.11 -11.47
CA SER D 511 2.33 -29.00 -11.00
C SER D 511 2.77 -29.96 -12.10
N LEU D 512 2.83 -29.46 -13.32
CA LEU D 512 3.28 -30.24 -14.47
C LEU D 512 4.79 -30.13 -14.63
N THR D 513 5.39 -31.20 -15.13
CA THR D 513 6.84 -31.24 -15.32
C THR D 513 7.23 -30.52 -16.60
N ILE D 514 8.52 -30.55 -16.92
CA ILE D 514 9.07 -29.92 -18.12
C ILE D 514 9.70 -31.01 -18.98
N ASN D 515 9.36 -31.03 -20.26
CA ASN D 515 9.87 -32.01 -21.20
C ASN D 515 10.08 -31.34 -22.56
N GLU D 516 10.84 -32.02 -23.42
CA GLU D 516 11.09 -31.49 -24.75
C GLU D 516 9.80 -31.33 -25.55
N GLU D 517 8.91 -32.33 -25.47
CA GLU D 517 7.64 -32.24 -26.17
C GLU D 517 6.76 -31.13 -25.58
N ARG D 518 6.85 -30.93 -24.26
CA ARG D 518 6.06 -29.88 -23.63
C ARG D 518 6.65 -28.50 -23.92
N SER D 519 7.97 -28.36 -23.86
CA SER D 519 8.61 -27.06 -23.98
C SER D 519 8.72 -26.57 -25.42
N GLU D 520 8.47 -27.43 -26.41
CA GLU D 520 8.56 -27.01 -27.80
C GLU D 520 7.31 -26.26 -28.28
N VAL D 521 6.21 -26.32 -27.52
CA VAL D 521 4.98 -25.65 -27.88
C VAL D 521 4.65 -24.51 -26.92
N VAL D 522 4.95 -24.68 -25.63
CA VAL D 522 4.71 -23.66 -24.63
C VAL D 522 6.04 -23.26 -24.00
N ASP D 523 6.00 -22.23 -23.17
CA ASP D 523 7.19 -21.67 -22.53
C ASP D 523 7.12 -21.91 -21.03
N PHE D 524 8.20 -22.42 -20.45
CA PHE D 524 8.30 -22.68 -19.02
C PHE D 524 9.29 -21.72 -18.38
N SER D 525 8.96 -21.25 -17.18
CA SER D 525 9.82 -20.34 -16.45
C SER D 525 10.79 -21.13 -15.58
N VAL D 526 11.49 -20.44 -14.68
CA VAL D 526 12.45 -21.11 -13.79
C VAL D 526 11.68 -22.01 -12.83
N PRO D 527 12.06 -23.28 -12.70
CA PRO D 527 11.35 -24.17 -11.77
C PRO D 527 11.52 -23.74 -10.33
N PHE D 528 10.52 -24.05 -9.51
CA PHE D 528 10.51 -23.68 -8.11
C PHE D 528 10.47 -24.88 -7.17
N VAL D 529 10.44 -26.10 -7.70
CA VAL D 529 10.40 -27.30 -6.87
C VAL D 529 11.00 -28.46 -7.65
N GLU D 530 11.91 -29.21 -7.02
CA GLU D 530 12.55 -30.33 -7.67
C GLU D 530 11.56 -31.49 -7.84
N THR D 531 11.68 -32.18 -8.97
CA THR D 531 10.83 -33.32 -9.27
C THR D 531 11.57 -34.22 -10.26
N GLY D 532 10.86 -35.20 -10.79
CA GLY D 532 11.45 -36.13 -11.74
C GLY D 532 10.76 -37.48 -11.66
N ILE D 533 11.52 -38.53 -11.94
CA ILE D 533 11.03 -39.90 -11.95
C ILE D 533 11.51 -40.60 -10.68
N SER D 534 10.57 -41.19 -9.95
CA SER D 534 10.89 -41.90 -8.72
C SER D 534 10.10 -43.20 -8.69
N VAL D 535 10.59 -44.14 -7.87
CA VAL D 535 9.99 -45.46 -7.73
C VAL D 535 9.66 -45.69 -6.26
N MET D 536 8.43 -46.16 -6.00
CA MET D 536 7.97 -46.45 -4.65
C MET D 536 7.92 -47.95 -4.45
N VAL D 537 8.49 -48.42 -3.35
CA VAL D 537 8.55 -49.85 -3.02
C VAL D 537 7.91 -50.05 -1.65
N SER D 538 7.19 -51.15 -1.52
CA SER D 538 6.52 -51.47 -0.27
C SER D 538 7.54 -51.79 0.82
N ARG D 539 7.11 -51.65 2.07
CA ARG D 539 7.99 -51.86 3.23
C ARG D 539 8.08 -53.36 3.53
N SER D 540 8.82 -54.04 2.66
CA SER D 540 9.04 -55.47 2.84
C SER D 540 9.94 -55.73 4.03
N ASN D 541 9.61 -56.76 4.80
CA ASN D 541 10.39 -57.14 5.97
C ASN D 541 11.63 -57.93 5.58
N PRO D 546 21.77 -62.72 7.62
CA PRO D 546 23.22 -62.56 7.64
C PRO D 546 23.94 -63.76 8.24
N SER D 547 25.24 -63.63 8.46
CA SER D 547 26.04 -64.71 9.03
C SER D 547 25.84 -64.77 10.54
N ALA D 548 26.44 -65.79 11.16
CA ALA D 548 26.30 -66.03 12.59
C ALA D 548 27.67 -66.00 13.24
N PHE D 549 27.75 -65.34 14.40
CA PHE D 549 28.99 -65.21 15.18
C PHE D 549 30.11 -64.59 14.35
N LEU D 550 29.75 -63.67 13.44
CA LEU D 550 30.72 -63.01 12.59
C LEU D 550 30.53 -61.50 12.63
N GLU D 551 31.23 -60.79 11.73
CA GLU D 551 31.15 -59.33 11.73
C GLU D 551 29.74 -58.79 11.60
N PRO D 552 28.87 -59.28 10.70
CA PRO D 552 27.51 -58.73 10.65
C PRO D 552 26.74 -58.87 11.95
N PHE D 553 26.92 -59.99 12.66
CA PHE D 553 26.19 -60.19 13.91
C PHE D 553 26.70 -59.27 15.02
N SER D 554 28.02 -59.18 15.17
CA SER D 554 28.63 -58.35 16.20
C SER D 554 30.08 -58.12 15.83
N ALA D 555 30.71 -57.17 16.54
CA ALA D 555 32.10 -56.80 16.30
C ALA D 555 32.30 -56.34 14.85
N SER D 556 31.72 -55.17 14.55
CA SER D 556 31.74 -54.66 13.18
C SER D 556 33.15 -54.51 12.63
N VAL D 557 34.13 -54.30 13.50
CA VAL D 557 35.52 -54.23 13.05
C VAL D 557 36.05 -55.62 12.72
N TRP D 558 36.07 -56.50 13.71
CA TRP D 558 36.44 -57.92 13.56
C TRP D 558 37.84 -58.10 12.97
N VAL D 559 38.72 -57.12 13.14
CA VAL D 559 40.08 -57.21 12.58
C VAL D 559 41.15 -57.27 13.67
N MET D 560 40.81 -56.98 14.92
CA MET D 560 41.79 -57.02 16.00
C MET D 560 41.42 -57.96 17.12
N MET D 561 40.14 -58.04 17.51
CA MET D 561 39.75 -58.91 18.61
C MET D 561 39.84 -60.38 18.23
N PHE D 562 39.62 -60.71 16.95
CA PHE D 562 39.63 -62.11 16.53
C PHE D 562 41.00 -62.74 16.72
N VAL D 563 42.07 -62.00 16.42
CA VAL D 563 43.41 -62.52 16.67
C VAL D 563 43.82 -62.27 18.12
N MET D 564 43.27 -61.24 18.76
CA MET D 564 43.60 -60.96 20.14
C MET D 564 43.18 -62.10 21.06
N LEU D 565 41.96 -62.61 20.86
CA LEU D 565 41.49 -63.71 21.69
C LEU D 565 42.36 -64.95 21.47
N LEU D 566 42.73 -65.23 20.22
CA LEU D 566 43.56 -66.38 19.93
C LEU D 566 44.93 -66.27 20.60
N ILE D 567 45.56 -65.09 20.51
CA ILE D 567 46.90 -64.95 21.06
C ILE D 567 46.87 -64.99 22.59
N VAL D 568 45.85 -64.37 23.21
CA VAL D 568 45.79 -64.41 24.66
C VAL D 568 45.48 -65.83 25.15
N SER D 569 44.64 -66.56 24.40
CA SER D 569 44.38 -67.95 24.76
C SER D 569 45.65 -68.80 24.65
N ALA D 570 46.43 -68.58 23.59
CA ALA D 570 47.68 -69.32 23.44
C ALA D 570 48.65 -68.99 24.57
N ILE D 571 48.74 -67.71 24.94
CA ILE D 571 49.61 -67.31 26.04
C ILE D 571 49.16 -67.95 27.34
N ALA D 572 47.85 -67.95 27.61
CA ALA D 572 47.33 -68.57 28.82
C ALA D 572 47.62 -70.07 28.85
N VAL D 573 47.44 -70.74 27.73
CA VAL D 573 47.73 -72.18 27.66
C VAL D 573 49.21 -72.43 27.92
N PHE D 574 50.08 -71.61 27.33
CA PHE D 574 51.51 -71.78 27.53
C PHE D 574 51.90 -71.58 28.99
N VAL D 575 51.37 -70.51 29.61
CA VAL D 575 51.76 -70.20 30.99
C VAL D 575 51.10 -71.14 31.99
N PHE D 576 50.01 -71.81 31.63
CA PHE D 576 49.43 -72.80 32.53
C PHE D 576 50.40 -73.96 32.75
N GLU D 577 51.03 -74.43 31.69
CA GLU D 577 52.05 -75.47 31.83
C GLU D 577 53.37 -74.92 32.33
N TYR D 578 53.72 -73.68 31.95
CA TYR D 578 54.96 -73.09 32.40
C TYR D 578 54.97 -72.87 33.91
N PHE D 579 53.80 -72.55 34.49
CA PHE D 579 53.67 -72.32 35.92
C PHE D 579 53.09 -73.52 36.65
N SER D 580 53.35 -74.74 36.13
CA SER D 580 52.85 -75.93 36.81
C SER D 580 53.40 -76.12 38.22
N PRO D 581 54.69 -75.92 38.51
CA PRO D 581 55.10 -76.07 39.91
C PRO D 581 54.55 -74.97 40.81
N SER D 598 49.87 -81.20 33.27
CA SER D 598 49.45 -82.47 32.68
C SER D 598 49.25 -82.32 31.16
N PHE D 599 47.99 -82.10 30.77
CA PHE D 599 47.63 -81.94 29.37
C PHE D 599 47.39 -80.46 29.10
N THR D 600 48.11 -79.91 28.11
CA THR D 600 48.01 -78.50 27.78
C THR D 600 46.60 -78.16 27.28
N ILE D 601 46.24 -78.72 26.12
CA ILE D 601 44.94 -78.40 25.52
C ILE D 601 43.80 -79.11 26.24
N GLY D 602 44.08 -80.15 27.02
CA GLY D 602 43.04 -80.86 27.74
C GLY D 602 42.63 -80.21 29.05
N LYS D 603 43.48 -79.37 29.63
CA LYS D 603 43.18 -78.75 30.90
C LYS D 603 43.22 -77.23 30.87
N ALA D 604 44.21 -76.63 30.21
CA ALA D 604 44.29 -75.18 30.19
C ALA D 604 43.10 -74.56 29.44
N ILE D 605 42.75 -75.12 28.29
CA ILE D 605 41.62 -74.62 27.53
C ILE D 605 40.32 -74.85 28.30
N TRP D 606 40.20 -75.98 28.97
CA TRP D 606 39.02 -76.25 29.78
C TRP D 606 38.88 -75.25 30.91
N LEU D 607 40.00 -74.92 31.58
CA LEU D 607 39.95 -73.93 32.64
C LEU D 607 39.59 -72.55 32.10
N LEU D 608 40.13 -72.18 30.93
CA LEU D 608 39.80 -70.90 30.33
C LEU D 608 38.31 -70.81 30.01
N TRP D 609 37.76 -71.84 29.37
CA TRP D 609 36.35 -71.82 29.03
C TRP D 609 35.45 -71.97 30.24
N GLY D 610 35.95 -72.53 31.33
CA GLY D 610 35.18 -72.55 32.57
C GLY D 610 35.24 -71.25 33.34
N LEU D 611 36.29 -70.45 33.15
CA LEU D 611 36.38 -69.17 33.83
C LEU D 611 35.77 -68.02 33.05
N VAL D 612 35.64 -68.14 31.72
CA VAL D 612 34.99 -67.08 30.97
C VAL D 612 33.52 -66.97 31.35
N PHE D 613 32.88 -68.11 31.64
CA PHE D 613 31.51 -68.14 32.10
C PHE D 613 31.48 -68.51 33.58
N ASN D 614 30.28 -68.49 34.15
CA ASN D 614 30.08 -68.87 35.55
C ASN D 614 30.45 -70.32 35.79
N THR D 625 47.02 -75.78 42.16
CA THR D 625 48.29 -75.16 42.55
C THR D 625 48.31 -73.68 42.17
N THR D 626 49.51 -73.12 42.04
CA THR D 626 49.65 -71.72 41.66
C THR D 626 49.25 -71.47 40.21
N SER D 627 49.20 -72.52 39.39
CA SER D 627 48.80 -72.35 37.99
C SER D 627 47.37 -71.84 37.90
N LYS D 628 46.47 -72.42 38.71
CA LYS D 628 45.09 -71.94 38.71
C LYS D 628 45.01 -70.49 39.17
N ILE D 629 45.79 -70.12 40.20
CA ILE D 629 45.78 -68.76 40.70
C ILE D 629 46.25 -67.78 39.63
N MET D 630 47.31 -68.14 38.90
CA MET D 630 47.83 -67.22 37.89
C MET D 630 46.93 -67.17 36.65
N VAL D 631 46.24 -68.27 36.32
CA VAL D 631 45.29 -68.23 35.23
C VAL D 631 44.05 -67.43 35.63
N SER D 632 43.76 -67.36 36.93
CA SER D 632 42.61 -66.58 37.41
C SER D 632 42.70 -65.11 37.03
N VAL D 633 43.90 -64.60 36.74
CA VAL D 633 44.04 -63.22 36.31
C VAL D 633 43.33 -62.98 34.99
N TRP D 634 43.28 -64.00 34.13
CA TRP D 634 42.63 -63.88 32.82
C TRP D 634 41.12 -63.69 32.94
N ALA D 635 40.53 -63.91 34.11
CA ALA D 635 39.11 -63.65 34.28
C ALA D 635 38.80 -62.16 34.12
N PHE D 636 39.74 -61.28 34.47
CA PHE D 636 39.55 -59.86 34.23
C PHE D 636 39.45 -59.58 32.73
N PHE D 637 40.33 -60.18 31.94
CA PHE D 637 40.25 -60.02 30.49
C PHE D 637 38.93 -60.60 29.96
N ALA D 638 38.52 -61.75 30.51
CA ALA D 638 37.27 -62.36 30.07
C ALA D 638 36.07 -61.45 30.32
N VAL D 639 35.99 -60.88 31.52
CA VAL D 639 34.86 -60.01 31.83
C VAL D 639 34.92 -58.70 31.05
N ILE D 640 36.13 -58.18 30.81
CA ILE D 640 36.27 -56.99 29.97
C ILE D 640 35.79 -57.27 28.55
N PHE D 641 36.17 -58.43 28.01
CA PHE D 641 35.71 -58.80 26.67
C PHE D 641 34.20 -58.98 26.63
N LEU D 642 33.62 -59.59 27.67
CA LEU D 642 32.17 -59.75 27.70
C LEU D 642 31.46 -58.40 27.74
N ALA D 643 31.97 -57.48 28.56
CA ALA D 643 31.37 -56.14 28.63
C ALA D 643 31.49 -55.41 27.30
N SER D 644 32.66 -55.51 26.65
CA SER D 644 32.85 -54.87 25.35
C SER D 644 31.90 -55.45 24.31
N TYR D 645 31.75 -56.78 24.31
CA TYR D 645 30.82 -57.41 23.38
C TYR D 645 29.39 -56.97 23.63
N THR D 646 28.99 -56.89 24.90
CA THR D 646 27.63 -56.44 25.22
C THR D 646 27.41 -55.00 24.76
N ALA D 647 28.39 -54.12 25.00
CA ALA D 647 28.26 -52.73 24.57
C ALA D 647 28.20 -52.63 23.05
N ASN D 648 29.04 -53.40 22.35
CA ASN D 648 29.04 -53.37 20.89
C ASN D 648 27.72 -53.87 20.33
N LEU D 649 27.16 -54.93 20.91
CA LEU D 649 25.87 -55.43 20.45
C LEU D 649 24.76 -54.44 20.74
N ALA D 650 24.80 -53.78 21.90
CA ALA D 650 23.79 -52.77 22.22
C ALA D 650 23.87 -51.57 21.28
N ALA D 651 25.08 -51.17 20.89
CA ALA D 651 25.23 -50.04 19.99
C ALA D 651 24.91 -50.40 18.55
N PHE D 652 25.18 -51.64 18.13
CA PHE D 652 25.02 -52.02 16.74
C PHE D 652 23.56 -52.25 16.36
N MET D 653 22.71 -52.62 17.32
CA MET D 653 21.32 -52.94 17.00
C MET D 653 20.49 -51.71 16.62
N ILE D 654 21.03 -50.51 16.78
CA ILE D 654 20.32 -49.29 16.41
C ILE D 654 20.46 -49.09 14.90
N GLN D 655 19.49 -49.60 14.15
CA GLN D 655 19.52 -49.52 12.69
C GLN D 655 18.16 -49.14 12.13
N ASP D 660 14.88 -51.11 0.81
CA ASP D 660 15.39 -50.91 -0.54
C ASP D 660 15.81 -52.23 -1.17
N GLN D 661 15.14 -52.62 -2.25
CA GLN D 661 15.43 -53.85 -2.96
C GLN D 661 15.78 -53.66 -4.43
N VAL D 662 15.35 -52.57 -5.05
CA VAL D 662 15.64 -52.32 -6.47
C VAL D 662 16.77 -51.32 -6.67
N THR D 663 17.16 -50.58 -5.63
CA THR D 663 18.33 -49.68 -5.61
C THR D 663 18.34 -48.68 -6.78
N GLY D 664 17.22 -48.52 -7.47
CA GLY D 664 17.10 -47.57 -8.55
C GLY D 664 16.50 -48.22 -9.78
N LEU D 665 16.53 -47.47 -10.89
CA LEU D 665 16.01 -47.94 -12.17
C LEU D 665 17.02 -48.73 -12.97
N SER D 666 18.26 -48.87 -12.49
CA SER D 666 19.28 -49.62 -13.19
C SER D 666 19.29 -51.10 -12.82
N ASP D 667 18.36 -51.54 -11.98
CA ASP D 667 18.30 -52.93 -11.58
C ASP D 667 17.87 -53.81 -12.76
N LYS D 668 18.31 -55.07 -12.73
CA LYS D 668 17.96 -56.02 -13.77
C LYS D 668 16.47 -56.34 -13.79
N LYS D 669 15.78 -56.15 -12.66
CA LYS D 669 14.35 -56.47 -12.61
C LYS D 669 13.55 -55.61 -13.57
N PHE D 670 13.83 -54.31 -13.61
CA PHE D 670 13.12 -53.43 -14.54
C PHE D 670 13.48 -53.73 -15.98
N GLN D 671 14.77 -53.99 -16.24
CA GLN D 671 15.22 -54.24 -17.61
C GLN D 671 14.61 -55.53 -18.16
N ARG D 672 14.58 -56.59 -17.36
CA ARG D 672 14.08 -57.89 -17.81
C ARG D 672 13.54 -58.65 -16.62
N PRO D 673 12.28 -58.42 -16.23
CA PRO D 673 11.71 -59.14 -15.09
C PRO D 673 11.58 -60.65 -15.31
N HIS D 674 11.57 -61.11 -16.56
CA HIS D 674 11.39 -62.53 -16.83
C HIS D 674 12.61 -63.37 -16.46
N ASP D 675 13.73 -62.74 -16.14
CA ASP D 675 14.92 -63.47 -15.71
C ASP D 675 14.89 -63.84 -14.23
N TYR D 676 13.88 -63.38 -13.49
CA TYR D 676 13.72 -63.72 -12.08
C TYR D 676 12.51 -64.62 -11.90
N SER D 677 12.61 -65.53 -10.92
CA SER D 677 11.52 -66.47 -10.66
C SER D 677 10.22 -65.76 -10.27
N PRO D 678 10.20 -64.79 -9.37
CA PRO D 678 8.93 -64.11 -9.07
C PRO D 678 8.54 -63.19 -10.21
N PRO D 679 7.24 -63.10 -10.52
CA PRO D 679 6.77 -62.20 -11.58
C PRO D 679 6.73 -60.74 -11.13
N PHE D 680 7.90 -60.09 -11.22
CA PHE D 680 8.01 -58.69 -10.82
C PHE D 680 7.10 -57.81 -11.68
N ARG D 681 6.33 -56.94 -11.04
CA ARG D 681 5.34 -56.11 -11.72
C ARG D 681 5.57 -54.65 -11.37
N PHE D 682 5.60 -53.80 -12.40
CA PHE D 682 5.71 -52.36 -12.23
C PHE D 682 4.71 -51.68 -13.15
N GLY D 683 4.09 -50.59 -12.65
CA GLY D 683 3.10 -49.88 -13.41
C GLY D 683 3.28 -48.39 -13.30
N THR D 684 2.56 -47.67 -14.16
CA THR D 684 2.59 -46.22 -14.17
C THR D 684 1.29 -45.69 -14.75
N VAL D 685 0.98 -44.43 -14.42
CA VAL D 685 -0.24 -43.79 -14.89
C VAL D 685 -0.01 -43.28 -16.31
N PRO D 686 -0.83 -43.68 -17.28
CA PRO D 686 -0.67 -43.18 -18.65
C PRO D 686 -1.02 -41.71 -18.77
N ASN D 687 -0.85 -41.15 -19.97
CA ASN D 687 -1.14 -39.73 -20.24
C ASN D 687 -0.35 -38.82 -19.30
N GLY D 688 0.92 -39.16 -19.06
CA GLY D 688 1.76 -38.39 -18.17
C GLY D 688 3.17 -38.28 -18.72
N SER D 689 4.03 -37.66 -17.91
CA SER D 689 5.42 -37.47 -18.32
C SER D 689 6.25 -38.73 -18.19
N THR D 690 5.87 -39.65 -17.30
CA THR D 690 6.67 -40.85 -17.08
C THR D 690 6.70 -41.74 -18.33
N GLU D 691 5.54 -41.93 -18.96
CA GLU D 691 5.49 -42.76 -20.16
C GLU D 691 6.28 -42.11 -21.30
N ARG D 692 6.18 -40.79 -21.44
CA ARG D 692 6.95 -40.09 -22.47
C ARG D 692 8.45 -40.24 -22.23
N ASN D 693 8.87 -40.13 -20.96
CA ASN D 693 10.29 -40.28 -20.64
C ASN D 693 10.78 -41.69 -20.91
N ILE D 694 9.99 -42.70 -20.55
CA ILE D 694 10.45 -44.08 -20.73
C ILE D 694 10.34 -44.56 -22.17
N ARG D 695 9.48 -43.94 -22.98
CA ARG D 695 9.37 -44.35 -24.38
C ARG D 695 10.66 -44.09 -25.14
N ASN D 696 11.30 -42.94 -24.88
CA ASN D 696 12.50 -42.57 -25.62
C ASN D 696 13.77 -43.18 -25.06
N ASN D 697 13.71 -43.89 -23.94
CA ASN D 697 14.91 -44.47 -23.35
C ASN D 697 14.78 -45.97 -23.08
N TYR D 698 13.60 -46.43 -22.68
CA TYR D 698 13.36 -47.84 -22.35
C TYR D 698 12.15 -48.33 -23.13
N PRO D 699 12.33 -48.70 -24.41
CA PRO D 699 11.19 -49.15 -25.21
C PRO D 699 10.56 -50.46 -24.70
N TYR D 700 11.39 -51.49 -24.52
CA TYR D 700 10.87 -52.77 -24.05
C TYR D 700 10.32 -52.67 -22.64
N MET D 701 10.98 -51.90 -21.77
CA MET D 701 10.48 -51.71 -20.42
C MET D 701 9.13 -50.99 -20.44
N HIS D 702 8.99 -49.99 -21.29
CA HIS D 702 7.70 -49.31 -21.43
C HIS D 702 6.62 -50.25 -21.94
N GLN D 703 6.97 -51.09 -22.92
CA GLN D 703 6.00 -52.05 -23.44
C GLN D 703 5.56 -53.03 -22.36
N TYR D 704 6.50 -53.50 -21.55
CA TYR D 704 6.13 -54.41 -20.45
C TYR D 704 5.27 -53.70 -19.41
N MET D 705 5.60 -52.44 -19.08
CA MET D 705 4.85 -51.72 -18.06
C MET D 705 3.46 -51.33 -18.55
N THR D 706 3.26 -51.20 -19.87
CA THR D 706 1.93 -50.86 -20.38
C THR D 706 0.88 -51.90 -20.02
N LYS D 707 1.30 -53.13 -19.67
CA LYS D 707 0.35 -54.16 -19.27
C LYS D 707 -0.23 -53.93 -17.88
N PHE D 708 0.31 -52.96 -17.12
CA PHE D 708 -0.13 -52.70 -15.75
C PHE D 708 -0.51 -51.24 -15.58
N ASN D 709 -1.29 -50.72 -16.53
CA ASN D 709 -1.74 -49.34 -16.45
C ASN D 709 -2.75 -49.16 -15.33
N GLN D 710 -2.72 -47.97 -14.72
CA GLN D 710 -3.62 -47.63 -13.62
C GLN D 710 -4.19 -46.24 -13.85
N LYS D 711 -5.36 -46.00 -13.28
CA LYS D 711 -6.12 -44.79 -13.54
C LYS D 711 -5.84 -43.66 -12.55
N GLY D 712 -5.01 -43.88 -11.54
CA GLY D 712 -4.70 -42.83 -10.58
C GLY D 712 -3.69 -43.29 -9.57
N VAL D 713 -3.24 -42.32 -8.76
CA VAL D 713 -2.27 -42.60 -7.71
C VAL D 713 -2.88 -43.46 -6.61
N GLU D 714 -4.17 -43.26 -6.31
CA GLU D 714 -4.82 -44.05 -5.27
C GLU D 714 -4.85 -45.53 -5.64
N ASP D 715 -5.12 -45.84 -6.91
CA ASP D 715 -5.10 -47.22 -7.36
C ASP D 715 -3.72 -47.83 -7.19
N ALA D 716 -2.67 -47.07 -7.53
CA ALA D 716 -1.31 -47.58 -7.33
C ALA D 716 -1.01 -47.82 -5.86
N LEU D 717 -1.44 -46.90 -4.99
CA LEU D 717 -1.19 -47.04 -3.56
C LEU D 717 -1.90 -48.28 -3.00
N VAL D 718 -3.17 -48.48 -3.37
CA VAL D 718 -3.89 -49.64 -2.85
C VAL D 718 -3.33 -50.93 -3.43
N SER D 719 -2.87 -50.91 -4.69
CA SER D 719 -2.25 -52.10 -5.25
C SER D 719 -0.94 -52.43 -4.53
N LEU D 720 -0.13 -51.42 -4.22
CA LEU D 720 1.10 -51.66 -3.47
C LEU D 720 0.80 -52.17 -2.07
N LYS D 721 -0.21 -51.62 -1.41
CA LYS D 721 -0.55 -52.07 -0.06
C LYS D 721 -1.11 -53.48 -0.06
N THR D 722 -1.88 -53.84 -1.08
CA THR D 722 -2.46 -55.18 -1.17
C THR D 722 -1.57 -56.18 -1.90
N GLY D 723 -0.38 -55.76 -2.32
CA GLY D 723 0.53 -56.66 -3.00
C GLY D 723 0.26 -56.88 -4.47
N LYS D 724 -0.67 -56.13 -5.07
CA LYS D 724 -0.96 -56.30 -6.49
C LYS D 724 0.21 -55.86 -7.36
N LEU D 725 1.03 -54.94 -6.86
CA LEU D 725 2.21 -54.46 -7.57
C LEU D 725 3.41 -54.47 -6.64
N ASP D 726 4.58 -54.71 -7.21
CA ASP D 726 5.83 -54.71 -6.45
C ASP D 726 6.46 -53.32 -6.40
N ALA D 727 6.36 -52.54 -7.48
CA ALA D 727 6.92 -51.21 -7.51
C ALA D 727 6.03 -50.33 -8.38
N PHE D 728 6.03 -49.03 -8.09
CA PHE D 728 5.25 -48.05 -8.83
C PHE D 728 6.13 -46.88 -9.21
N ILE D 729 6.00 -46.43 -10.46
CA ILE D 729 6.81 -45.35 -11.01
C ILE D 729 5.88 -44.19 -11.37
N TYR D 730 6.20 -43.00 -10.86
CA TYR D 730 5.39 -41.81 -11.10
C TYR D 730 6.27 -40.59 -10.87
N ASP D 731 5.64 -39.43 -10.80
CA ASP D 731 6.37 -38.18 -10.57
C ASP D 731 7.05 -38.18 -9.20
N ALA D 732 8.23 -37.58 -9.14
CA ALA D 732 9.01 -37.62 -7.91
C ALA D 732 8.32 -36.88 -6.77
N ALA D 733 7.72 -35.72 -7.06
CA ALA D 733 7.12 -34.92 -6.00
C ALA D 733 5.92 -35.63 -5.37
N VAL D 734 5.02 -36.16 -6.20
CA VAL D 734 3.84 -36.84 -5.67
C VAL D 734 4.24 -38.09 -4.90
N LEU D 735 5.20 -38.86 -5.44
CA LEU D 735 5.67 -40.06 -4.75
C LEU D 735 6.31 -39.71 -3.41
N ASN D 736 7.10 -38.65 -3.38
CA ASN D 736 7.73 -38.22 -2.12
C ASN D 736 6.67 -37.78 -1.11
N TYR D 737 5.64 -37.07 -1.56
CA TYR D 737 4.57 -36.67 -0.66
C TYR D 737 3.84 -37.89 -0.09
N LYS D 738 3.52 -38.86 -0.95
CA LYS D 738 2.84 -40.06 -0.49
C LYS D 738 3.68 -40.85 0.49
N ALA D 739 4.99 -40.95 0.23
CA ALA D 739 5.89 -41.60 1.19
C ALA D 739 6.00 -40.79 2.47
N GLY D 740 5.86 -39.47 2.39
CA GLY D 740 5.85 -38.66 3.59
C GLY D 740 4.64 -38.93 4.46
N ARG D 741 3.46 -39.03 3.86
CA ARG D 741 2.29 -39.42 4.62
C ARG D 741 2.38 -40.87 5.07
N ASP D 742 2.38 -41.79 4.10
CA ASP D 742 2.61 -43.23 4.33
C ASP D 742 1.86 -43.74 5.55
N GLU D 743 0.53 -43.65 5.46
CA GLU D 743 -0.32 -44.16 6.54
C GLU D 743 -0.12 -45.66 6.70
N GLY D 744 0.08 -46.10 7.94
CA GLY D 744 0.34 -47.48 8.23
C GLY D 744 1.79 -47.91 8.15
N CYS D 745 2.68 -47.02 7.68
CA CYS D 745 4.11 -47.30 7.56
C CYS D 745 4.36 -48.54 6.71
N LYS D 746 3.98 -48.44 5.43
CA LYS D 746 4.08 -49.56 4.51
C LYS D 746 4.73 -49.22 3.18
N LEU D 747 4.92 -47.95 2.86
CA LEU D 747 5.49 -47.55 1.57
C LEU D 747 6.70 -46.65 1.80
N VAL D 748 7.78 -46.91 1.04
CA VAL D 748 9.00 -46.13 1.12
C VAL D 748 9.48 -45.81 -0.29
N THR D 749 10.35 -44.81 -0.39
CA THR D 749 10.95 -44.41 -1.64
C THR D 749 12.32 -45.06 -1.81
N ILE D 750 12.90 -44.90 -2.99
CA ILE D 750 14.22 -45.51 -3.30
C ILE D 750 15.27 -44.49 -2.88
N GLY D 751 15.63 -44.55 -1.59
CA GLY D 751 16.70 -43.71 -1.08
C GLY D 751 16.41 -42.23 -1.24
N SER D 752 17.39 -41.49 -1.74
CA SER D 752 17.24 -40.07 -2.05
C SER D 752 18.32 -39.67 -3.03
N GLY D 753 17.97 -38.79 -3.96
CA GLY D 753 18.91 -38.30 -4.94
C GLY D 753 19.15 -39.21 -6.12
N TYR D 754 18.42 -40.31 -6.23
CA TYR D 754 18.55 -41.25 -7.35
C TYR D 754 17.48 -41.02 -8.41
N ILE D 755 17.05 -39.78 -8.61
CA ILE D 755 16.05 -39.48 -9.62
C ILE D 755 16.65 -39.67 -11.00
N PHE D 756 15.92 -40.38 -11.86
CA PHE D 756 16.40 -40.64 -13.22
C PHE D 756 16.57 -39.35 -14.00
N ALA D 757 15.48 -38.61 -14.20
CA ALA D 757 15.48 -37.35 -14.94
C ALA D 757 15.06 -36.25 -13.98
N THR D 758 16.04 -35.66 -13.29
CA THR D 758 15.76 -34.62 -12.29
C THR D 758 15.35 -33.34 -12.99
N THR D 759 14.09 -32.93 -12.81
CA THR D 759 13.58 -31.71 -13.42
C THR D 759 12.78 -30.89 -12.42
N GLY D 760 12.08 -29.85 -12.91
CA GLY D 760 11.29 -29.01 -12.05
C GLY D 760 9.90 -28.80 -12.64
N TYR D 761 9.00 -28.28 -11.80
CA TYR D 761 7.63 -28.05 -12.23
C TYR D 761 7.50 -26.76 -13.03
N GLY D 762 7.86 -25.63 -12.43
CA GLY D 762 7.70 -24.36 -13.10
C GLY D 762 6.23 -23.99 -13.23
N ILE D 763 6.01 -22.93 -14.01
CA ILE D 763 4.66 -22.47 -14.36
C ILE D 763 4.62 -22.22 -15.86
N ALA D 764 3.70 -22.90 -16.54
CA ALA D 764 3.66 -22.82 -18.00
C ALA D 764 3.15 -21.46 -18.45
N LEU D 765 3.75 -20.95 -19.52
CA LEU D 765 3.36 -19.67 -20.10
C LEU D 765 3.32 -19.79 -21.62
N GLN D 766 2.50 -18.95 -22.25
CA GLN D 766 2.44 -18.90 -23.69
C GLN D 766 3.73 -18.34 -24.26
N LYS D 767 4.18 -18.91 -25.38
CA LYS D 767 5.41 -18.44 -26.01
C LYS D 767 5.23 -17.00 -26.49
N GLY D 768 6.24 -16.18 -26.23
CA GLY D 768 6.22 -14.79 -26.62
C GLY D 768 5.51 -13.87 -25.65
N SER D 769 4.93 -14.40 -24.58
CA SER D 769 4.25 -13.56 -23.61
C SER D 769 5.26 -12.74 -22.82
N PRO D 770 4.93 -11.49 -22.46
CA PRO D 770 5.86 -10.67 -21.68
C PRO D 770 5.85 -10.99 -20.19
N TRP D 771 5.09 -11.98 -19.75
CA TRP D 771 4.99 -12.29 -18.33
C TRP D 771 6.19 -13.06 -17.80
N LYS D 772 7.00 -13.65 -18.70
CA LYS D 772 8.15 -14.44 -18.25
C LYS D 772 9.13 -13.61 -17.46
N ARG D 773 9.47 -12.42 -17.97
CA ARG D 773 10.52 -11.60 -17.39
C ARG D 773 10.22 -11.17 -15.96
N GLN D 774 8.95 -11.14 -15.57
CA GLN D 774 8.57 -10.82 -14.20
C GLN D 774 8.25 -12.05 -13.37
N ILE D 775 7.63 -13.07 -13.97
CA ILE D 775 7.29 -14.28 -13.24
C ILE D 775 8.55 -15.00 -12.77
N ASP D 776 9.56 -15.12 -13.64
CA ASP D 776 10.79 -15.79 -13.24
C ASP D 776 11.48 -15.04 -12.10
N LEU D 777 11.53 -13.71 -12.19
CA LEU D 777 12.14 -12.92 -11.13
C LEU D 777 11.37 -13.06 -9.82
N ALA D 778 10.03 -13.07 -9.89
CA ALA D 778 9.23 -13.25 -8.68
C ALA D 778 9.48 -14.61 -8.05
N LEU D 779 9.56 -15.66 -8.86
CA LEU D 779 9.82 -16.99 -8.34
C LEU D 779 11.20 -17.07 -7.70
N LEU D 780 12.21 -16.47 -8.34
CA LEU D 780 13.55 -16.48 -7.78
C LEU D 780 13.61 -15.68 -6.49
N GLN D 781 12.88 -14.56 -6.42
CA GLN D 781 12.83 -13.79 -5.18
C GLN D 781 12.15 -14.58 -4.07
N PHE D 782 11.09 -15.33 -4.41
CA PHE D 782 10.44 -16.18 -3.41
C PHE D 782 11.39 -17.26 -2.91
N VAL D 783 12.16 -17.87 -3.82
CA VAL D 783 13.13 -18.89 -3.42
C VAL D 783 14.21 -18.28 -2.52
N GLY D 784 14.71 -17.10 -2.89
CA GLY D 784 15.75 -16.47 -2.09
C GLY D 784 15.26 -16.05 -0.72
N ASP D 785 14.01 -15.59 -0.63
CA ASP D 785 13.43 -15.14 0.63
C ASP D 785 12.88 -16.28 1.47
N GLY D 786 13.06 -17.53 1.04
CA GLY D 786 12.54 -18.66 1.78
C GLY D 786 11.03 -18.72 1.82
N GLU D 787 10.36 -18.36 0.72
CA GLU D 787 8.91 -18.43 0.65
C GLU D 787 8.40 -19.83 0.34
N MET D 788 9.27 -20.73 -0.12
CA MET D 788 8.87 -22.11 -0.41
C MET D 788 9.05 -23.03 0.79
N GLU D 789 10.12 -22.83 1.58
CA GLU D 789 10.38 -23.71 2.71
C GLU D 789 9.25 -23.67 3.72
N GLU D 790 8.76 -22.47 4.04
CA GLU D 790 7.66 -22.35 5.00
C GLU D 790 6.38 -23.00 4.45
N LEU D 791 6.14 -22.87 3.15
CA LEU D 791 5.00 -23.54 2.54
C LEU D 791 5.21 -25.06 2.49
N GLU D 792 6.43 -25.50 2.17
CA GLU D 792 6.70 -26.92 2.09
C GLU D 792 6.61 -27.61 3.45
N THR D 793 6.89 -26.87 4.53
CA THR D 793 6.80 -27.47 5.86
C THR D 793 5.39 -27.90 6.18
N LEU D 794 4.40 -27.09 5.81
CA LEU D 794 3.01 -27.40 6.14
C LEU D 794 2.32 -28.22 5.05
N TRP D 795 2.59 -27.93 3.78
CA TRP D 795 1.96 -28.69 2.71
C TRP D 795 2.58 -30.09 2.58
N LEU D 796 3.89 -30.19 2.74
CA LEU D 796 4.61 -31.46 2.61
C LEU D 796 5.12 -31.84 4.00
N THR D 797 4.29 -32.54 4.76
CA THR D 797 4.62 -32.97 6.12
C THR D 797 4.61 -34.48 6.20
N GLY D 798 4.93 -35.00 7.38
CA GLY D 798 4.95 -36.43 7.61
C GLY D 798 3.58 -37.03 7.84
N SER D 809 14.93 -52.19 20.46
CA SER D 809 14.25 -53.46 20.69
C SER D 809 15.21 -54.63 20.60
N SER D 810 15.34 -55.19 19.39
CA SER D 810 16.21 -56.32 19.09
C SER D 810 15.79 -57.60 19.79
N GLN D 811 16.13 -58.74 19.20
CA GLN D 811 15.75 -60.04 19.74
C GLN D 811 16.67 -61.09 19.13
N LEU D 812 16.65 -62.28 19.73
CA LEU D 812 17.47 -63.39 19.23
C LEU D 812 16.90 -63.91 17.92
N ASP D 813 17.43 -63.41 16.80
CA ASP D 813 16.89 -63.71 15.48
C ASP D 813 17.47 -65.04 14.98
N ILE D 814 17.26 -65.31 13.68
CA ILE D 814 17.74 -66.54 13.07
C ILE D 814 19.26 -66.65 13.12
N ASP D 815 19.96 -65.52 13.29
CA ASP D 815 21.41 -65.57 13.41
C ASP D 815 21.84 -66.39 14.63
N ASN D 816 21.12 -66.24 15.75
CA ASN D 816 21.42 -67.02 16.94
C ASN D 816 21.22 -68.52 16.68
N MET D 817 20.15 -68.88 15.97
CA MET D 817 19.92 -70.29 15.66
C MET D 817 21.01 -70.83 14.75
N ALA D 818 21.44 -70.04 13.77
CA ALA D 818 22.54 -70.46 12.89
C ALA D 818 23.83 -70.64 13.69
N GLY D 819 24.08 -69.74 14.64
CA GLY D 819 25.25 -69.90 15.49
C GLY D 819 25.18 -71.14 16.35
N VAL D 820 23.99 -71.45 16.88
CA VAL D 820 23.81 -72.67 17.65
C VAL D 820 24.12 -73.89 16.80
N PHE D 821 23.60 -73.92 15.57
CA PHE D 821 23.85 -75.04 14.68
C PHE D 821 25.33 -75.16 14.36
N TYR D 822 25.99 -74.04 14.07
CA TYR D 822 27.41 -74.06 13.73
C TYR D 822 28.26 -74.55 14.90
N MET D 823 27.96 -74.06 16.11
CA MET D 823 28.74 -74.47 17.27
C MET D 823 28.49 -75.94 17.61
N LEU D 824 27.25 -76.41 17.43
CA LEU D 824 26.98 -77.84 17.66
C LEU D 824 27.74 -78.70 16.67
N ALA D 825 27.76 -78.30 15.38
CA ALA D 825 28.51 -79.06 14.39
C ALA D 825 30.00 -79.05 14.71
N ALA D 826 30.53 -77.89 15.11
CA ALA D 826 31.95 -77.81 15.45
C ALA D 826 32.27 -78.69 16.66
N ALA D 827 31.40 -78.68 17.68
CA ALA D 827 31.62 -79.52 18.84
C ALA D 827 31.59 -81.00 18.49
N MET D 828 30.64 -81.41 17.65
CA MET D 828 30.59 -82.80 17.21
C MET D 828 31.84 -83.19 16.43
N ALA D 829 32.30 -82.31 15.54
CA ALA D 829 33.50 -82.60 14.77
C ALA D 829 34.72 -82.72 15.68
N LEU D 830 34.84 -81.82 16.65
CA LEU D 830 35.98 -81.88 17.58
C LEU D 830 35.92 -83.14 18.43
N SER D 831 34.73 -83.54 18.88
CA SER D 831 34.59 -84.76 19.65
C SER D 831 34.98 -85.99 18.82
N LEU D 832 34.55 -86.02 17.55
CA LEU D 832 34.92 -87.13 16.69
C LEU D 832 36.42 -87.17 16.44
N ILE D 833 37.04 -86.01 16.23
CA ILE D 833 38.49 -85.95 16.01
C ILE D 833 39.23 -86.45 17.25
N THR D 834 38.81 -86.00 18.44
CA THR D 834 39.46 -86.44 19.66
C THR D 834 39.28 -87.93 19.88
N PHE D 835 38.09 -88.47 19.57
CA PHE D 835 37.87 -89.90 19.70
C PHE D 835 38.77 -90.69 18.75
N ILE D 836 38.91 -90.21 17.51
CA ILE D 836 39.81 -90.86 16.56
C ILE D 836 41.25 -90.76 17.03
N TRP D 837 41.65 -89.58 17.51
CA TRP D 837 43.01 -89.36 17.99
C TRP D 837 43.28 -90.18 19.25
N LYS E 25 3.11 52.52 -35.07
CA LYS E 25 3.10 51.08 -35.33
C LYS E 25 4.12 50.71 -36.39
N ILE E 26 5.39 50.77 -36.03
CA ILE E 26 6.49 50.45 -36.94
C ILE E 26 7.26 49.27 -36.34
N VAL E 27 7.43 48.23 -37.15
CA VAL E 27 8.15 47.02 -36.74
C VAL E 27 9.35 46.84 -37.65
N ASN E 28 10.52 46.67 -37.05
CA ASN E 28 11.78 46.51 -37.78
C ASN E 28 12.32 45.12 -37.58
N ILE E 29 12.95 44.57 -38.61
CA ILE E 29 13.54 43.24 -38.58
C ILE E 29 14.99 43.35 -39.05
N GLY E 30 15.91 42.79 -38.27
CA GLY E 30 17.31 42.80 -38.63
C GLY E 30 17.72 41.57 -39.41
N ALA E 31 18.80 41.71 -40.17
CA ALA E 31 19.33 40.62 -40.98
C ALA E 31 20.85 40.64 -40.95
N VAL E 32 21.45 39.46 -40.83
CA VAL E 32 22.89 39.28 -40.89
C VAL E 32 23.14 38.25 -42.00
N LEU E 33 23.52 38.72 -43.19
CA LEU E 33 23.61 37.88 -44.36
C LEU E 33 25.03 37.88 -44.91
N SER E 34 25.33 36.85 -45.71
CA SER E 34 26.70 36.60 -46.13
C SER E 34 27.19 37.64 -47.14
N THR E 35 26.38 37.92 -48.16
CA THR E 35 26.82 38.74 -49.29
C THR E 35 25.88 39.93 -49.49
N ARG E 36 26.45 40.99 -50.08
CA ARG E 36 25.68 42.21 -50.30
C ARG E 36 24.53 41.99 -51.27
N LYS E 37 24.76 41.22 -52.34
CA LYS E 37 23.70 40.95 -53.31
C LYS E 37 22.56 40.19 -52.65
N HIS E 38 22.89 39.22 -51.80
CA HIS E 38 21.84 38.52 -51.05
C HIS E 38 21.09 39.48 -50.13
N GLU E 39 21.81 40.41 -49.50
CA GLU E 39 21.15 41.39 -48.64
C GLU E 39 20.16 42.23 -49.44
N GLN E 40 20.58 42.71 -50.62
CA GLN E 40 19.69 43.54 -51.42
C GLN E 40 18.48 42.76 -51.91
N MET E 41 18.70 41.54 -52.41
CA MET E 41 17.56 40.77 -52.90
C MET E 41 16.62 40.37 -51.78
N PHE E 42 17.13 40.13 -50.57
CA PHE E 42 16.26 39.79 -49.46
C PHE E 42 15.54 41.01 -48.90
N ARG E 43 16.15 42.20 -49.01
CA ARG E 43 15.41 43.42 -48.71
C ARG E 43 14.27 43.62 -49.70
N GLU E 44 14.52 43.32 -50.98
CA GLU E 44 13.45 43.39 -51.97
C GLU E 44 12.36 42.37 -51.67
N ALA E 45 12.75 41.17 -51.20
CA ALA E 45 11.77 40.17 -50.80
C ALA E 45 10.96 40.64 -49.60
N VAL E 46 11.59 41.32 -48.65
CA VAL E 46 10.87 41.90 -47.52
C VAL E 46 9.87 42.94 -48.00
N ASN E 47 10.29 43.78 -48.95
CA ASN E 47 9.38 44.76 -49.53
C ASN E 47 8.19 44.09 -50.21
N GLN E 48 8.45 43.00 -50.94
CA GLN E 48 7.37 42.24 -51.56
C GLN E 48 6.44 41.66 -50.51
N ALA E 49 6.99 41.19 -49.39
CA ALA E 49 6.16 40.72 -48.29
C ALA E 49 5.28 41.85 -47.74
N ASN E 50 5.82 43.07 -47.69
CA ASN E 50 5.05 44.23 -47.27
C ASN E 50 3.93 44.59 -48.24
N LYS E 51 3.97 44.04 -49.47
CA LYS E 51 2.95 44.33 -50.47
C LYS E 51 1.64 43.58 -50.23
N ARG E 52 1.53 42.86 -49.12
CA ARG E 52 0.32 42.12 -48.82
C ARG E 52 -0.84 43.08 -48.55
N HIS E 53 -2.05 42.62 -48.86
CA HIS E 53 -3.25 43.43 -48.69
C HIS E 53 -3.67 43.59 -47.24
N GLY E 54 -3.32 42.63 -46.37
CA GLY E 54 -3.66 42.74 -44.97
C GLY E 54 -2.70 43.59 -44.16
N SER E 55 -1.62 44.06 -44.76
CA SER E 55 -0.65 44.89 -44.06
C SER E 55 -0.82 46.35 -44.44
N TRP E 56 -0.86 47.20 -43.41
CA TRP E 56 -1.05 48.63 -43.63
C TRP E 56 0.18 49.45 -43.26
N LYS E 57 0.64 49.34 -42.02
CA LYS E 57 1.75 50.15 -41.55
C LYS E 57 3.09 49.52 -41.91
N ILE E 58 4.18 50.09 -41.41
CA ILE E 58 5.52 49.58 -41.70
C ILE E 58 5.83 48.43 -40.75
N GLN E 59 5.43 47.23 -41.12
CA GLN E 59 5.63 46.07 -40.24
C GLN E 59 6.92 45.33 -40.53
N LEU E 60 7.59 45.63 -41.65
CA LEU E 60 8.85 44.94 -41.99
C LEU E 60 9.80 45.96 -42.59
N ASN E 61 10.66 46.51 -41.74
CA ASN E 61 11.79 47.32 -42.21
C ASN E 61 13.02 46.45 -42.33
N ALA E 62 13.80 46.69 -43.39
CA ALA E 62 14.92 45.82 -43.75
C ALA E 62 16.22 46.49 -43.35
N THR E 63 16.97 45.83 -42.46
CA THR E 63 18.32 46.25 -42.08
C THR E 63 19.24 45.05 -42.23
N SER E 64 20.37 45.26 -42.90
CA SER E 64 21.30 44.19 -43.21
C SER E 64 22.72 44.57 -42.82
N VAL E 65 23.52 43.56 -42.49
CA VAL E 65 24.91 43.75 -42.11
C VAL E 65 25.69 42.50 -42.51
N THR E 66 26.87 42.71 -43.07
CA THR E 66 27.70 41.59 -43.50
C THR E 66 28.35 40.91 -42.30
N HIS E 67 28.61 39.62 -42.44
CA HIS E 67 29.24 38.83 -41.37
C HIS E 67 30.68 39.28 -41.20
N LYS E 68 30.93 40.07 -40.16
CA LYS E 68 32.29 40.49 -39.86
C LYS E 68 33.06 39.34 -39.22
N PRO E 69 34.27 39.04 -39.70
CA PRO E 69 35.03 37.93 -39.09
C PRO E 69 35.31 38.11 -37.62
N ASN E 70 35.50 39.34 -37.15
CA ASN E 70 35.73 39.59 -35.74
C ASN E 70 34.44 39.41 -34.96
N ALA E 71 34.51 38.64 -33.87
CA ALA E 71 33.31 38.38 -33.08
C ALA E 71 32.86 39.62 -32.32
N ILE E 72 33.78 40.29 -31.65
CA ILE E 72 33.39 41.47 -30.87
C ILE E 72 32.99 42.61 -31.78
N GLN E 73 33.59 42.71 -32.97
CA GLN E 73 33.17 43.72 -33.93
C GLN E 73 31.75 43.45 -34.41
N MET E 74 31.42 42.19 -34.66
CA MET E 74 30.05 41.83 -35.03
C MET E 74 29.07 42.15 -33.91
N ALA E 75 29.45 41.84 -32.66
CA ALA E 75 28.58 42.14 -31.54
C ALA E 75 28.35 43.64 -31.40
N LEU E 76 29.41 44.43 -31.53
CA LEU E 76 29.27 45.88 -31.46
C LEU E 76 28.40 46.41 -32.58
N SER E 77 28.59 45.90 -33.80
CA SER E 77 27.79 46.34 -34.94
C SER E 77 26.32 46.02 -34.71
N VAL E 78 26.02 44.82 -34.21
CA VAL E 78 24.64 44.46 -33.92
C VAL E 78 24.05 45.39 -32.86
N CYS E 79 24.77 45.55 -31.75
CA CYS E 79 24.28 46.38 -30.64
C CYS E 79 24.04 47.82 -31.07
N GLU E 80 24.86 48.34 -31.99
CA GLU E 80 24.75 49.72 -32.40
C GLU E 80 23.77 49.94 -33.56
N ASP E 81 23.52 48.92 -34.37
CA ASP E 81 22.67 49.07 -35.55
C ASP E 81 21.28 48.46 -35.37
N LEU E 82 21.21 47.18 -35.01
CA LEU E 82 19.93 46.47 -35.01
C LEU E 82 19.12 46.77 -33.76
N ILE E 83 19.72 46.55 -32.58
CA ILE E 83 19.01 46.80 -31.33
C ILE E 83 18.63 48.27 -31.21
N SER E 84 19.51 49.16 -31.68
CA SER E 84 19.21 50.59 -31.65
C SER E 84 18.10 50.97 -32.64
N SER E 85 17.78 50.09 -33.58
CA SER E 85 16.74 50.36 -34.59
C SER E 85 15.44 49.65 -34.28
N GLN E 86 15.26 49.16 -33.05
CA GLN E 86 14.02 48.53 -32.60
C GLN E 86 13.67 47.30 -33.44
N VAL E 87 14.59 46.34 -33.46
CA VAL E 87 14.37 45.10 -34.19
C VAL E 87 13.52 44.15 -33.36
N TYR E 88 12.55 43.52 -34.00
CA TYR E 88 11.73 42.50 -33.34
C TYR E 88 12.28 41.10 -33.54
N ALA E 89 13.02 40.86 -34.62
CA ALA E 89 13.64 39.57 -34.88
C ALA E 89 14.85 39.79 -35.78
N ILE E 90 15.82 38.89 -35.67
CA ILE E 90 17.06 38.97 -36.43
C ILE E 90 17.23 37.68 -37.22
N LEU E 91 17.49 37.82 -38.52
CA LEU E 91 17.70 36.67 -39.40
C LEU E 91 19.19 36.54 -39.69
N VAL E 92 19.76 35.38 -39.38
CA VAL E 92 21.18 35.10 -39.62
C VAL E 92 21.28 33.87 -40.50
N SER E 93 22.05 33.98 -41.58
CA SER E 93 22.19 32.92 -42.57
C SER E 93 23.59 32.30 -42.48
N HIS E 94 23.87 31.40 -43.42
CA HIS E 94 25.16 30.72 -43.43
C HIS E 94 26.28 31.71 -43.74
N PRO E 95 27.46 31.55 -43.14
CA PRO E 95 28.58 32.42 -43.48
C PRO E 95 29.02 32.22 -44.92
N PRO E 96 29.62 33.23 -45.54
CA PRO E 96 30.03 33.07 -46.94
C PRO E 96 31.09 32.00 -47.16
N THR E 97 31.81 31.60 -46.11
CA THR E 97 32.85 30.56 -46.24
C THR E 97 32.40 29.31 -45.51
N PRO E 98 31.90 28.29 -46.21
CA PRO E 98 31.49 27.06 -45.53
C PRO E 98 32.64 26.31 -44.86
N ASN E 99 33.88 26.57 -45.26
CA ASN E 99 35.02 25.87 -44.66
C ASN E 99 35.15 26.18 -43.18
N ASP E 100 34.98 27.45 -42.81
CA ASP E 100 35.01 27.86 -41.41
C ASP E 100 33.62 27.72 -40.80
N HIS E 101 33.57 27.34 -39.53
CA HIS E 101 32.30 27.17 -38.84
C HIS E 101 31.54 28.48 -38.76
N PHE E 102 32.19 29.52 -38.23
CA PHE E 102 31.63 30.87 -38.13
C PHE E 102 30.22 30.84 -37.54
N THR E 103 30.15 30.38 -36.29
CA THR E 103 28.86 30.19 -35.63
C THR E 103 28.16 31.52 -35.40
N PRO E 104 26.82 31.53 -35.47
CA PRO E 104 26.08 32.77 -35.16
C PRO E 104 25.95 33.03 -33.67
N THR E 105 26.75 32.34 -32.87
CA THR E 105 26.72 32.52 -31.42
C THR E 105 26.89 33.98 -30.97
N PRO E 106 27.81 34.78 -31.52
CA PRO E 106 27.92 36.17 -31.02
C PRO E 106 26.64 36.98 -31.12
N VAL E 107 25.87 36.81 -32.19
CA VAL E 107 24.61 37.56 -32.28
C VAL E 107 23.50 36.87 -31.50
N SER E 108 23.56 35.53 -31.40
CA SER E 108 22.53 34.81 -30.66
C SER E 108 22.56 35.17 -29.17
N TYR E 109 23.76 35.26 -28.59
CA TYR E 109 23.86 35.61 -27.18
C TYR E 109 23.36 37.03 -26.93
N THR E 110 23.73 37.98 -27.81
CA THR E 110 23.27 39.35 -27.65
C THR E 110 21.75 39.44 -27.77
N ALA E 111 21.17 38.70 -28.72
CA ALA E 111 19.72 38.69 -28.86
C ALA E 111 19.04 38.07 -27.64
N GLY E 112 19.63 36.99 -27.10
CA GLY E 112 19.07 36.35 -25.92
C GLY E 112 19.22 37.14 -24.65
N PHE E 113 20.18 38.07 -24.60
CA PHE E 113 20.30 38.93 -23.43
C PHE E 113 19.04 39.78 -23.24
N TYR E 114 18.50 40.29 -24.33
CA TYR E 114 17.28 41.08 -24.30
C TYR E 114 16.04 40.25 -24.64
N ARG E 115 16.18 38.92 -24.70
CA ARG E 115 15.08 38.01 -25.03
C ARG E 115 14.52 38.27 -26.41
N ILE E 116 15.34 38.81 -27.32
CA ILE E 116 14.91 39.08 -28.68
C ILE E 116 15.06 37.82 -29.50
N PRO E 117 13.97 37.27 -30.06
CA PRO E 117 14.08 36.04 -30.83
C PRO E 117 14.82 36.23 -32.14
N VAL E 118 15.46 35.16 -32.59
CA VAL E 118 16.14 35.11 -33.88
C VAL E 118 15.70 33.87 -34.62
N LEU E 119 15.85 33.91 -35.94
CA LEU E 119 15.45 32.80 -36.82
C LEU E 119 16.67 32.39 -37.65
N GLY E 120 17.38 31.37 -37.19
CA GLY E 120 18.49 30.83 -37.94
C GLY E 120 18.06 30.26 -39.27
N LEU E 121 18.72 30.66 -40.35
CA LEU E 121 18.31 30.23 -41.68
C LEU E 121 18.86 28.83 -42.01
N THR E 122 20.18 28.70 -42.04
CA THR E 122 20.85 27.46 -42.43
C THR E 122 21.94 27.10 -41.45
N THR E 123 21.63 27.18 -40.15
CA THR E 123 22.56 26.80 -39.09
C THR E 123 22.17 25.41 -38.61
N ARG E 124 22.89 24.40 -39.08
CA ARG E 124 22.56 23.00 -38.79
C ARG E 124 23.29 22.46 -37.57
N MET E 125 24.16 23.24 -36.93
CA MET E 125 24.89 22.77 -35.77
C MET E 125 23.94 22.43 -34.63
N SER E 126 24.18 21.30 -33.98
CA SER E 126 23.33 20.83 -32.90
C SER E 126 23.80 21.34 -31.53
N ILE E 127 23.97 22.66 -31.44
CA ILE E 127 24.34 23.30 -30.19
C ILE E 127 23.25 24.23 -29.68
N TYR E 128 22.38 24.73 -30.56
CA TYR E 128 21.34 25.68 -30.20
C TYR E 128 20.01 24.99 -29.86
N SER E 129 19.97 23.66 -29.90
CA SER E 129 18.75 22.95 -29.54
C SER E 129 18.36 23.19 -28.10
N ASP E 130 19.34 23.18 -27.20
CA ASP E 130 19.08 23.46 -25.79
C ASP E 130 18.93 24.96 -25.60
N LYS E 131 17.75 25.39 -25.17
CA LYS E 131 17.48 26.82 -25.00
C LYS E 131 18.08 27.39 -23.72
N SER E 132 18.62 26.54 -22.84
CA SER E 132 19.31 27.04 -21.65
C SER E 132 20.59 27.80 -22.01
N ILE E 133 21.14 27.56 -23.19
CA ILE E 133 22.32 28.28 -23.67
C ILE E 133 21.87 29.45 -24.50
N HIS E 134 21.14 29.18 -25.58
CA HIS E 134 20.59 30.21 -26.45
C HIS E 134 19.11 30.38 -26.11
N LEU E 135 18.81 31.43 -25.34
CA LEU E 135 17.47 31.59 -24.79
C LEU E 135 16.43 31.83 -25.87
N SER E 136 16.76 32.65 -26.88
CA SER E 136 15.80 33.09 -27.88
C SER E 136 16.30 32.78 -29.28
N PHE E 137 16.75 31.56 -29.50
CA PHE E 137 17.25 31.12 -30.80
C PHE E 137 16.25 30.17 -31.44
N LEU E 138 15.94 30.41 -32.71
CA LEU E 138 15.11 29.53 -33.50
C LEU E 138 15.77 29.30 -34.86
N ARG E 139 15.44 28.18 -35.49
CA ARG E 139 16.00 27.83 -36.78
C ARG E 139 14.98 27.04 -37.59
N THR E 140 14.98 27.27 -38.90
CA THR E 140 14.09 26.56 -39.81
C THR E 140 14.74 25.33 -40.43
N VAL E 141 15.96 25.02 -40.06
CA VAL E 141 16.69 23.86 -40.58
C VAL E 141 16.89 22.86 -39.44
N PRO E 142 16.49 21.60 -39.61
CA PRO E 142 16.72 20.62 -38.56
C PRO E 142 18.21 20.39 -38.35
N PRO E 143 18.64 20.14 -37.12
CA PRO E 143 20.06 19.95 -36.84
C PRO E 143 20.52 18.54 -37.24
N TYR E 144 21.81 18.29 -37.04
CA TYR E 144 22.36 16.98 -37.34
C TYR E 144 21.81 15.91 -36.41
N SER E 145 21.46 16.27 -35.18
CA SER E 145 20.88 15.31 -34.24
C SER E 145 19.53 14.80 -34.72
N HIS E 146 18.78 15.64 -35.44
CA HIS E 146 17.47 15.24 -35.94
C HIS E 146 17.56 14.12 -36.97
N GLN E 147 18.75 13.86 -37.53
CA GLN E 147 18.92 12.76 -38.47
C GLN E 147 18.76 11.40 -37.79
N SER E 148 18.78 11.35 -36.46
CA SER E 148 18.53 10.10 -35.75
C SER E 148 17.13 9.58 -36.03
N SER E 149 16.15 10.47 -36.21
CA SER E 149 14.82 10.04 -36.58
C SER E 149 14.81 9.36 -37.95
N VAL E 150 15.54 9.94 -38.91
CA VAL E 150 15.62 9.32 -40.23
C VAL E 150 16.33 7.97 -40.15
N TRP E 151 17.37 7.89 -39.33
CA TRP E 151 18.06 6.62 -39.15
C TRP E 151 17.13 5.56 -38.55
N PHE E 152 16.33 5.96 -37.56
CA PHE E 152 15.36 5.04 -36.97
C PHE E 152 14.33 4.58 -38.00
N GLU E 153 13.85 5.52 -38.82
CA GLU E 153 12.88 5.15 -39.86
C GLU E 153 13.48 4.18 -40.86
N MET E 154 14.73 4.41 -41.25
CA MET E 154 15.40 3.49 -42.17
C MET E 154 15.61 2.13 -41.53
N MET E 155 15.93 2.10 -40.23
CA MET E 155 16.09 0.83 -39.54
C MET E 155 14.77 0.07 -39.45
N ARG E 156 13.66 0.78 -39.27
CA ARG E 156 12.37 0.12 -39.14
C ARG E 156 11.84 -0.44 -40.46
N VAL E 157 12.35 0.02 -41.60
CA VAL E 157 11.91 -0.46 -42.89
C VAL E 157 12.87 -1.47 -43.52
N TYR E 158 14.14 -1.46 -43.13
CA TYR E 158 15.12 -2.43 -43.63
C TYR E 158 15.46 -3.49 -42.58
N SER E 159 14.74 -3.50 -41.45
CA SER E 159 14.90 -4.53 -40.41
C SER E 159 16.33 -4.56 -39.87
N TRP E 160 16.84 -3.38 -39.50
CA TRP E 160 18.14 -3.30 -38.82
C TRP E 160 17.91 -3.44 -37.32
N ASN E 161 17.73 -4.69 -36.90
CA ASN E 161 17.45 -4.97 -35.49
C ASN E 161 18.63 -4.58 -34.60
N HIS E 162 19.85 -4.88 -35.03
CA HIS E 162 21.05 -4.58 -34.26
C HIS E 162 21.85 -3.49 -34.95
N ILE E 163 22.25 -2.47 -34.17
CA ILE E 163 22.95 -1.32 -34.70
C ILE E 163 24.16 -1.02 -33.83
N ILE E 164 25.17 -0.41 -34.44
CA ILE E 164 26.36 0.06 -33.72
C ILE E 164 26.61 1.50 -34.16
N LEU E 165 26.82 2.38 -33.19
CA LEU E 165 26.98 3.81 -33.44
C LEU E 165 28.43 4.23 -33.18
N LEU E 166 29.03 4.88 -34.17
CA LEU E 166 30.37 5.45 -34.04
C LEU E 166 30.21 6.97 -34.06
N VAL E 167 30.22 7.58 -32.87
CA VAL E 167 29.93 9.00 -32.70
C VAL E 167 31.10 9.65 -31.98
N SER E 168 31.55 10.79 -32.48
CA SER E 168 32.64 11.52 -31.84
C SER E 168 32.17 12.17 -30.55
N ASP E 169 33.13 12.45 -29.67
CA ASP E 169 32.86 13.05 -28.37
C ASP E 169 32.71 14.56 -28.54
N ASP E 170 31.49 14.97 -28.92
CA ASP E 170 31.17 16.38 -29.10
C ASP E 170 29.74 16.61 -28.63
N HIS E 171 29.43 17.88 -28.36
CA HIS E 171 28.08 18.21 -27.88
C HIS E 171 27.03 17.85 -28.92
N GLU E 172 27.30 18.15 -30.20
CA GLU E 172 26.40 17.70 -31.26
C GLU E 172 26.35 16.18 -31.31
N GLY E 173 27.51 15.52 -31.18
CA GLY E 173 27.53 14.06 -31.19
C GLY E 173 26.81 13.47 -29.99
N ARG E 174 27.00 14.06 -28.81
CA ARG E 174 26.31 13.57 -27.62
C ARG E 174 24.80 13.75 -27.75
N ALA E 175 24.36 14.89 -28.28
CA ALA E 175 22.93 15.10 -28.49
C ALA E 175 22.37 14.10 -29.49
N ALA E 176 23.09 13.84 -30.58
CA ALA E 176 22.63 12.87 -31.57
C ALA E 176 22.55 11.48 -30.95
N GLN E 177 23.56 11.10 -30.15
CA GLN E 177 23.53 9.79 -29.50
C GLN E 177 22.37 9.68 -28.54
N LYS E 178 22.10 10.72 -27.75
CA LYS E 178 20.98 10.69 -26.81
C LYS E 178 19.65 10.57 -27.54
N ARG E 179 19.48 11.33 -28.63
CA ARG E 179 18.24 11.24 -29.39
C ARG E 179 18.08 9.86 -30.02
N LEU E 180 19.16 9.30 -30.56
CA LEU E 180 19.09 7.96 -31.15
C LEU E 180 18.73 6.92 -30.11
N GLU E 181 19.34 6.99 -28.92
CA GLU E 181 19.01 6.04 -27.86
C GLU E 181 17.56 6.19 -27.40
N THR E 182 17.09 7.44 -27.27
CA THR E 182 15.71 7.67 -26.87
C THR E 182 14.73 7.10 -27.88
N LEU E 183 15.02 7.28 -29.17
CA LEU E 183 14.13 6.75 -30.19
C LEU E 183 14.22 5.22 -30.29
N LEU E 184 15.40 4.65 -30.05
CA LEU E 184 15.58 3.21 -30.17
C LEU E 184 14.99 2.46 -28.98
N GLU E 185 15.02 3.04 -27.78
CA GLU E 185 14.49 2.35 -26.61
C GLU E 185 12.98 2.19 -26.65
N GLU E 186 12.29 2.88 -27.57
CA GLU E 186 10.85 2.71 -27.69
C GLU E 186 10.49 1.29 -28.08
N ARG E 187 11.25 0.68 -29.00
CA ARG E 187 11.04 -0.69 -29.42
C ARG E 187 11.71 -1.70 -28.50
N GLU E 188 12.07 -1.30 -27.28
CA GLU E 188 12.72 -2.18 -26.30
C GLU E 188 13.99 -2.81 -26.87
N SER E 189 14.75 -2.00 -27.62
CA SER E 189 16.00 -2.44 -28.21
C SER E 189 17.09 -1.40 -27.94
N LYS E 190 18.32 -1.90 -27.83
CA LYS E 190 19.47 -1.04 -27.57
C LYS E 190 20.64 -1.49 -28.44
N ALA E 191 21.54 -0.56 -28.72
CA ALA E 191 22.73 -0.87 -29.50
C ALA E 191 23.69 -1.73 -28.69
N GLU E 192 24.54 -2.46 -29.40
CA GLU E 192 25.51 -3.32 -28.73
C GLU E 192 26.49 -2.50 -27.90
N LYS E 193 27.09 -1.49 -28.51
CA LYS E 193 28.01 -0.61 -27.79
C LYS E 193 28.14 0.69 -28.56
N VAL E 194 28.58 1.74 -27.85
CA VAL E 194 28.77 3.07 -28.41
C VAL E 194 30.21 3.48 -28.16
N LEU E 195 30.89 3.93 -29.20
CA LEU E 195 32.28 4.37 -29.13
C LEU E 195 32.35 5.89 -29.29
N GLN E 196 33.28 6.50 -28.57
CA GLN E 196 33.47 7.95 -28.62
C GLN E 196 34.82 8.27 -29.26
N PHE E 197 34.82 9.26 -30.15
CA PHE E 197 36.01 9.69 -30.86
C PHE E 197 36.36 11.12 -30.45
N ASP E 198 37.65 11.36 -30.20
CA ASP E 198 38.09 12.69 -29.86
C ASP E 198 37.97 13.61 -31.08
N PRO E 199 37.63 14.89 -30.87
CA PRO E 199 37.49 15.81 -32.00
C PRO E 199 38.83 16.20 -32.61
N GLY E 200 39.44 15.29 -33.35
CA GLY E 200 40.70 15.57 -34.00
C GLY E 200 41.71 14.45 -33.89
N THR E 201 41.33 13.36 -33.22
CA THR E 201 42.24 12.23 -33.06
C THR E 201 42.48 11.54 -34.40
N LYS E 202 43.67 10.94 -34.52
CA LYS E 202 44.07 10.24 -35.73
C LYS E 202 44.19 8.74 -35.56
N ASN E 203 44.67 8.27 -34.40
CA ASN E 203 44.85 6.84 -34.15
C ASN E 203 43.52 6.26 -33.66
N VAL E 204 42.63 6.01 -34.60
CA VAL E 204 41.34 5.41 -34.31
C VAL E 204 41.30 3.93 -34.70
N THR E 205 42.47 3.32 -34.91
CA THR E 205 42.52 1.92 -35.33
C THR E 205 41.98 0.99 -34.26
N ALA E 206 42.29 1.27 -32.99
CA ALA E 206 41.87 0.38 -31.91
C ALA E 206 40.35 0.30 -31.80
N LEU E 207 39.66 1.43 -31.96
CA LEU E 207 38.20 1.43 -31.85
C LEU E 207 37.57 0.57 -32.93
N LEU E 208 38.04 0.71 -34.17
CA LEU E 208 37.50 -0.11 -35.25
C LEU E 208 37.87 -1.57 -35.08
N MET E 209 39.08 -1.86 -34.59
CA MET E 209 39.48 -3.24 -34.36
C MET E 209 38.61 -3.91 -33.31
N GLU E 210 38.30 -3.20 -32.22
CA GLU E 210 37.43 -3.78 -31.21
C GLU E 210 35.97 -3.81 -31.64
N ALA E 211 35.56 -2.91 -32.56
CA ALA E 211 34.21 -2.96 -33.10
C ALA E 211 34.03 -4.05 -34.15
N LYS E 212 35.12 -4.53 -34.75
CA LYS E 212 35.01 -5.60 -35.73
C LYS E 212 34.48 -6.88 -35.11
N GLU E 213 34.92 -7.21 -33.90
CA GLU E 213 34.50 -8.43 -33.21
C GLU E 213 33.13 -8.23 -32.54
N LEU E 214 32.16 -7.87 -33.38
CA LEU E 214 30.79 -7.67 -32.93
C LEU E 214 29.83 -8.36 -33.90
N GLU E 215 28.72 -8.85 -33.34
CA GLU E 215 27.73 -9.54 -34.16
C GLU E 215 27.08 -8.58 -35.18
N ALA E 216 26.78 -7.37 -34.75
CA ALA E 216 26.15 -6.41 -35.65
C ALA E 216 27.17 -5.84 -36.63
N ARG E 217 26.72 -5.60 -37.86
CA ARG E 217 27.58 -5.06 -38.91
C ARG E 217 26.88 -3.90 -39.63
N VAL E 218 26.02 -3.18 -38.93
CA VAL E 218 25.31 -2.03 -39.48
C VAL E 218 25.80 -0.81 -38.70
N ILE E 219 26.63 0.01 -39.34
CA ILE E 219 27.36 1.08 -38.67
C ILE E 219 26.72 2.42 -39.02
N ILE E 220 26.46 3.22 -38.00
CA ILE E 220 26.00 4.60 -38.16
C ILE E 220 27.12 5.52 -37.72
N LEU E 221 27.49 6.47 -38.59
CA LEU E 221 28.60 7.37 -38.34
C LEU E 221 28.07 8.79 -38.14
N SER E 222 28.56 9.45 -37.09
CA SER E 222 28.21 10.84 -36.80
C SER E 222 29.45 11.54 -36.26
N ALA E 223 30.17 12.23 -37.13
CA ALA E 223 31.42 12.88 -36.77
C ALA E 223 31.64 14.07 -37.69
N SER E 224 32.85 14.64 -37.64
CA SER E 224 33.21 15.74 -38.52
C SER E 224 33.78 15.19 -39.83
N GLU E 225 34.06 16.11 -40.77
CA GLU E 225 34.57 15.70 -42.08
C GLU E 225 35.91 15.01 -41.96
N ASP E 226 36.84 15.60 -41.20
CA ASP E 226 38.16 14.99 -41.04
C ASP E 226 38.06 13.67 -40.28
N ASP E 227 37.23 13.63 -39.24
CA ASP E 227 37.03 12.38 -38.51
C ASP E 227 36.38 11.32 -39.40
N ALA E 228 35.43 11.73 -40.23
CA ALA E 228 34.80 10.78 -41.15
C ALA E 228 35.81 10.22 -42.14
N ALA E 229 36.68 11.09 -42.68
CA ALA E 229 37.72 10.61 -43.60
C ALA E 229 38.68 9.66 -42.90
N THR E 230 39.06 9.98 -41.66
CA THR E 230 39.95 9.09 -40.91
C THR E 230 39.30 7.73 -40.66
N VAL E 231 38.02 7.73 -40.31
CA VAL E 231 37.31 6.47 -40.08
C VAL E 231 37.21 5.67 -41.38
N TYR E 232 36.96 6.36 -42.49
CA TYR E 232 36.90 5.68 -43.78
C TYR E 232 38.23 5.04 -44.13
N ARG E 233 39.33 5.76 -43.93
CA ARG E 233 40.65 5.20 -44.21
C ARG E 233 40.96 4.02 -43.30
N ALA E 234 40.60 4.13 -42.01
CA ALA E 234 40.84 3.02 -41.09
C ALA E 234 40.02 1.79 -41.47
N ALA E 235 38.77 1.98 -41.88
CA ALA E 235 37.96 0.86 -42.33
C ALA E 235 38.52 0.25 -43.60
N ALA E 236 38.99 1.08 -44.53
CA ALA E 236 39.55 0.57 -45.77
C ALA E 236 40.81 -0.26 -45.51
N MET E 237 41.68 0.22 -44.62
CA MET E 237 42.92 -0.51 -44.34
C MET E 237 42.69 -1.74 -43.47
N LEU E 238 41.56 -1.84 -42.80
CA LEU E 238 41.22 -2.99 -41.97
C LEU E 238 40.22 -3.92 -42.64
N ASN E 239 39.90 -3.69 -43.92
CA ASN E 239 38.96 -4.51 -44.67
C ASN E 239 37.59 -4.57 -43.98
N MET E 240 37.18 -3.44 -43.39
CA MET E 240 35.89 -3.35 -42.72
C MET E 240 34.76 -2.94 -43.66
N THR E 241 35.07 -2.58 -44.89
CA THR E 241 34.07 -2.16 -45.87
C THR E 241 33.73 -3.28 -46.85
N GLY E 242 33.74 -4.53 -46.40
CA GLY E 242 33.43 -5.66 -47.23
C GLY E 242 31.93 -5.89 -47.37
N SER E 243 31.59 -7.03 -47.97
CA SER E 243 30.20 -7.38 -48.17
C SER E 243 29.52 -7.65 -46.84
N GLY E 244 28.27 -7.20 -46.73
CA GLY E 244 27.50 -7.39 -45.52
C GLY E 244 27.44 -6.14 -44.65
N TYR E 245 28.56 -5.43 -44.56
CA TYR E 245 28.60 -4.21 -43.76
C TYR E 245 27.75 -3.11 -44.40
N VAL E 246 26.99 -2.42 -43.56
CA VAL E 246 26.14 -1.30 -43.99
C VAL E 246 26.59 -0.06 -43.23
N TRP E 247 26.90 1.02 -43.96
CA TRP E 247 27.39 2.25 -43.38
C TRP E 247 26.31 3.32 -43.53
N LEU E 248 25.85 3.87 -42.41
CA LEU E 248 24.91 4.98 -42.41
C LEU E 248 25.69 6.27 -42.14
N VAL E 249 25.59 7.23 -43.06
CA VAL E 249 26.40 8.44 -43.03
C VAL E 249 25.50 9.66 -43.10
N GLY E 250 25.76 10.63 -42.24
CA GLY E 250 25.00 11.86 -42.23
C GLY E 250 25.41 12.82 -43.32
N GLU E 251 24.76 13.98 -43.33
CA GLU E 251 25.01 14.98 -44.36
C GLU E 251 26.43 15.55 -44.27
N ARG E 252 26.91 15.80 -43.05
CA ARG E 252 28.21 16.44 -42.88
C ARG E 252 29.36 15.51 -43.24
N GLU E 253 29.16 14.21 -43.11
CA GLU E 253 30.25 13.24 -43.24
C GLU E 253 30.45 12.74 -44.67
N ILE E 254 29.74 13.32 -45.65
CA ILE E 254 29.95 12.96 -47.05
C ILE E 254 30.48 14.17 -47.80
N SER E 255 30.11 15.37 -47.36
CA SER E 255 30.51 16.58 -48.05
C SER E 255 31.97 16.91 -47.76
N GLY E 256 32.66 17.43 -48.76
CA GLY E 256 34.04 17.85 -48.59
C GLY E 256 35.02 16.78 -49.02
N ASN E 257 36.06 16.59 -48.19
CA ASN E 257 37.10 15.62 -48.52
C ASN E 257 36.62 14.18 -48.41
N ALA E 258 35.45 13.95 -47.83
CA ALA E 258 34.94 12.58 -47.68
C ALA E 258 34.65 11.94 -49.03
N LEU E 259 34.36 12.75 -50.05
CA LEU E 259 34.07 12.18 -51.37
C LEU E 259 35.27 11.47 -51.95
N ARG E 260 36.48 11.85 -51.55
CA ARG E 260 37.70 11.22 -52.04
C ARG E 260 38.16 10.06 -51.16
N TYR E 261 37.41 9.72 -50.11
CA TYR E 261 37.77 8.61 -49.25
C TYR E 261 36.60 7.69 -48.92
N ALA E 262 35.37 8.08 -49.19
CA ALA E 262 34.23 7.22 -48.88
C ALA E 262 34.17 6.06 -49.86
N PRO E 263 34.11 4.81 -49.38
CA PRO E 263 34.02 3.66 -50.29
C PRO E 263 32.62 3.55 -50.89
N ASP E 264 32.48 2.64 -51.84
CA ASP E 264 31.20 2.41 -52.47
C ASP E 264 30.21 1.79 -51.50
N GLY E 265 28.93 2.07 -51.72
CA GLY E 265 27.87 1.55 -50.89
C GLY E 265 27.50 2.40 -49.69
N ILE E 266 27.88 3.66 -49.68
CA ILE E 266 27.55 4.56 -48.58
C ILE E 266 26.08 4.95 -48.67
N LEU E 267 25.33 4.74 -47.59
CA LEU E 267 23.93 5.15 -47.48
C LEU E 267 23.90 6.49 -46.77
N GLY E 268 24.11 7.57 -47.54
CA GLY E 268 24.16 8.91 -46.98
C GLY E 268 22.84 9.64 -47.06
N LEU E 269 22.70 10.65 -46.21
CA LEU E 269 21.53 11.51 -46.18
C LEU E 269 21.89 12.90 -46.68
N GLN E 270 20.91 13.56 -47.31
CA GLN E 270 21.09 14.91 -47.80
C GLN E 270 19.79 15.67 -47.60
N LEU E 271 19.92 16.94 -47.20
CA LEU E 271 18.77 17.80 -46.99
C LEU E 271 18.39 18.47 -48.31
N ILE E 272 17.10 18.37 -48.66
CA ILE E 272 16.62 18.99 -49.89
C ILE E 272 16.75 20.50 -49.76
N ASN E 273 17.46 21.12 -50.71
CA ASN E 273 17.79 22.53 -50.72
C ASN E 273 18.18 23.04 -49.34
N GLY E 274 18.97 22.25 -48.61
CA GLY E 274 19.36 22.64 -47.26
C GLY E 274 20.25 23.87 -47.24
N LYS E 275 21.18 23.97 -48.18
CA LYS E 275 22.07 25.11 -48.27
C LYS E 275 21.49 26.26 -49.09
N ASN E 276 20.27 26.12 -49.60
CA ASN E 276 19.63 27.17 -50.40
C ASN E 276 19.18 28.28 -49.46
N GLU E 277 19.96 29.36 -49.41
CA GLU E 277 19.64 30.49 -48.53
C GLU E 277 18.40 31.23 -49.01
N SER E 278 18.18 31.31 -50.33
CA SER E 278 17.08 32.10 -50.86
C SER E 278 15.73 31.56 -50.42
N ALA E 279 15.53 30.24 -50.53
CA ALA E 279 14.27 29.64 -50.14
C ALA E 279 14.02 29.78 -48.64
N HIS E 280 15.06 29.56 -47.84
CA HIS E 280 14.91 29.70 -46.39
C HIS E 280 14.56 31.14 -46.01
N ILE E 281 15.20 32.11 -46.64
CA ILE E 281 14.89 33.52 -46.37
C ILE E 281 13.46 33.83 -46.79
N SER E 282 13.04 33.34 -47.96
CA SER E 282 11.70 33.62 -48.45
C SER E 282 10.64 33.05 -47.52
N ASP E 283 10.89 31.86 -46.98
CA ASP E 283 9.95 31.29 -46.01
C ASP E 283 10.00 32.06 -44.69
N ALA E 284 11.20 32.41 -44.23
CA ALA E 284 11.36 33.02 -42.92
C ALA E 284 10.76 34.42 -42.86
N VAL E 285 10.88 35.20 -43.94
CA VAL E 285 10.31 36.54 -43.92
C VAL E 285 8.79 36.47 -43.80
N GLY E 286 8.16 35.56 -44.54
CA GLY E 286 6.72 35.40 -44.41
C GLY E 286 6.31 34.90 -43.03
N VAL E 287 7.07 33.95 -42.49
CA VAL E 287 6.75 33.41 -41.16
C VAL E 287 6.85 34.51 -40.11
N VAL E 288 7.92 35.31 -40.16
CA VAL E 288 8.10 36.35 -39.16
C VAL E 288 7.08 37.47 -39.36
N ALA E 289 6.70 37.76 -40.60
CA ALA E 289 5.66 38.76 -40.83
C ALA E 289 4.32 38.31 -40.24
N GLN E 290 3.96 37.05 -40.46
CA GLN E 290 2.72 36.54 -39.89
C GLN E 290 2.78 36.52 -38.37
N ALA E 291 3.94 36.15 -37.81
CA ALA E 291 4.10 36.16 -36.37
C ALA E 291 3.98 37.56 -35.79
N VAL E 292 4.56 38.55 -36.46
CA VAL E 292 4.44 39.93 -36.02
C VAL E 292 2.99 40.40 -36.07
N HIS E 293 2.28 40.05 -37.15
CA HIS E 293 0.88 40.43 -37.26
C HIS E 293 0.06 39.80 -36.13
N GLU E 294 0.28 38.52 -35.86
CA GLU E 294 -0.45 37.84 -34.79
C GLU E 294 -0.12 38.45 -33.43
N LEU E 295 1.15 38.77 -33.19
CA LEU E 295 1.55 39.36 -31.92
C LEU E 295 0.93 40.74 -31.73
N LEU E 296 0.89 41.55 -32.80
CA LEU E 296 0.28 42.87 -32.71
C LEU E 296 -1.23 42.77 -32.48
N GLU E 297 -1.89 41.81 -33.14
CA GLU E 297 -3.33 41.67 -33.00
C GLU E 297 -3.74 40.84 -31.78
N LYS E 298 -2.78 40.31 -31.03
CA LYS E 298 -3.11 39.46 -29.88
C LYS E 298 -3.54 40.30 -28.69
N GLU E 299 -2.65 41.15 -28.19
CA GLU E 299 -2.92 41.94 -26.99
C GLU E 299 -1.92 43.10 -26.95
N ASN E 300 -1.91 43.83 -25.84
CA ASN E 300 -0.97 44.93 -25.68
C ASN E 300 0.46 44.40 -25.63
N ILE E 301 1.38 45.12 -26.27
CA ILE E 301 2.77 44.70 -26.38
C ILE E 301 3.66 45.79 -25.81
N THR E 302 4.92 45.42 -25.56
CA THR E 302 5.92 46.35 -25.05
C THR E 302 6.99 46.55 -26.13
N ASP E 303 7.32 47.82 -26.38
CA ASP E 303 8.30 48.14 -27.40
C ASP E 303 9.70 47.70 -26.96
N PRO E 304 10.55 47.31 -27.91
CA PRO E 304 11.92 46.95 -27.56
C PRO E 304 12.70 48.17 -27.08
N PRO E 305 13.76 47.98 -26.30
CA PRO E 305 14.54 49.12 -25.82
C PRO E 305 15.15 49.90 -26.98
N ARG E 306 15.14 51.23 -26.84
CA ARG E 306 15.67 52.08 -27.90
C ARG E 306 17.17 51.93 -28.06
N GLY E 307 17.89 51.81 -26.96
CA GLY E 307 19.34 51.65 -27.00
C GLY E 307 19.79 50.42 -26.26
N CYS E 308 20.85 49.80 -26.77
CA CYS E 308 21.42 48.61 -26.14
C CYS E 308 22.39 48.93 -25.02
N VAL E 309 22.70 50.20 -24.79
CA VAL E 309 23.67 50.63 -23.79
C VAL E 309 22.92 51.17 -22.59
N GLY E 310 23.29 50.71 -21.39
CA GLY E 310 22.70 51.19 -20.16
C GLY E 310 21.37 50.58 -19.80
N ASN E 311 20.88 49.61 -20.56
CA ASN E 311 19.60 48.96 -20.29
C ASN E 311 19.86 47.51 -19.87
N THR E 312 19.34 47.14 -18.70
CA THR E 312 19.49 45.79 -18.16
C THR E 312 18.13 45.13 -17.94
N ASN E 313 17.13 45.51 -18.74
CA ASN E 313 15.78 44.99 -18.64
C ASN E 313 15.46 44.18 -19.88
N ILE E 314 14.96 42.97 -19.69
CA ILE E 314 14.62 42.11 -20.82
C ILE E 314 13.30 42.55 -21.44
N TRP E 315 13.08 42.12 -22.68
CA TRP E 315 11.84 42.45 -23.38
C TRP E 315 10.68 41.66 -22.78
N LYS E 316 9.60 42.37 -22.43
CA LYS E 316 8.44 41.72 -21.85
C LYS E 316 7.69 40.86 -22.87
N THR E 317 7.67 41.29 -24.12
CA THR E 317 6.96 40.57 -25.18
C THR E 317 7.83 39.51 -25.85
N GLY E 318 9.08 39.35 -25.42
CA GLY E 318 9.97 38.37 -26.00
C GLY E 318 9.48 36.95 -25.86
N PRO E 319 9.13 36.52 -24.64
CA PRO E 319 8.53 35.19 -24.48
C PRO E 319 7.25 35.01 -25.27
N LEU E 320 6.42 36.06 -25.36
CA LEU E 320 5.20 35.96 -26.15
C LEU E 320 5.52 35.78 -27.63
N PHE E 321 6.52 36.50 -28.13
CA PHE E 321 6.92 36.33 -29.53
C PHE E 321 7.49 34.94 -29.78
N LYS E 322 8.26 34.41 -28.83
CA LYS E 322 8.76 33.04 -28.99
C LYS E 322 7.62 32.03 -29.00
N ARG E 323 6.64 32.23 -28.13
CA ARG E 323 5.48 31.32 -28.10
C ARG E 323 4.70 31.38 -29.41
N VAL E 324 4.48 32.59 -29.94
CA VAL E 324 3.72 32.69 -31.18
C VAL E 324 4.53 32.15 -32.36
N LEU E 325 5.86 32.24 -32.31
CA LEU E 325 6.69 31.61 -33.33
C LEU E 325 6.59 30.09 -33.25
N MET E 326 6.62 29.54 -32.04
CA MET E 326 6.48 28.10 -31.88
C MET E 326 5.12 27.61 -32.36
N SER E 327 4.06 28.34 -32.03
CA SER E 327 2.71 27.96 -32.46
C SER E 327 2.46 28.24 -33.93
N SER E 328 3.30 29.04 -34.59
CA SER E 328 3.08 29.36 -35.99
C SER E 328 3.32 28.14 -36.87
N LYS E 329 2.46 27.95 -37.86
CA LYS E 329 2.59 26.86 -38.82
C LYS E 329 1.92 27.28 -40.13
N TYR E 330 2.71 27.35 -41.21
CA TYR E 330 2.21 27.81 -42.49
C TYR E 330 2.82 26.96 -43.60
N ALA E 331 1.98 26.58 -44.57
CA ALA E 331 2.39 25.79 -45.71
C ALA E 331 2.69 26.62 -46.94
N ASP E 332 2.62 27.96 -46.84
CA ASP E 332 2.85 28.82 -47.98
C ASP E 332 4.31 28.85 -48.43
N GLY E 333 5.24 28.38 -47.60
CA GLY E 333 6.64 28.39 -47.97
C GLY E 333 6.94 27.45 -49.11
N VAL E 334 7.97 27.80 -49.89
CA VAL E 334 8.36 26.98 -51.02
C VAL E 334 9.00 25.67 -50.57
N THR E 335 9.47 25.60 -49.33
CA THR E 335 10.07 24.38 -48.77
C THR E 335 9.06 23.56 -47.98
N GLY E 336 7.79 23.62 -48.35
CA GLY E 336 6.76 22.91 -47.62
C GLY E 336 6.31 23.65 -46.39
N ARG E 337 5.51 22.95 -45.58
CA ARG E 337 4.99 23.52 -44.35
C ARG E 337 6.14 23.80 -43.37
N VAL E 338 6.12 24.99 -42.77
CA VAL E 338 7.16 25.42 -41.84
C VAL E 338 6.54 25.49 -40.45
N GLU E 339 7.14 24.77 -39.51
CA GLU E 339 6.67 24.75 -38.13
C GLU E 339 7.84 24.47 -37.21
N PHE E 340 7.67 24.85 -35.94
CA PHE E 340 8.73 24.72 -34.94
C PHE E 340 8.22 23.93 -33.74
N ASN E 341 9.10 23.13 -33.16
CA ASN E 341 8.78 22.34 -31.98
C ASN E 341 9.16 23.13 -30.73
N GLU E 342 9.12 22.47 -29.57
CA GLU E 342 9.52 23.12 -28.33
C GLU E 342 11.02 23.36 -28.26
N ASP E 343 11.80 22.71 -29.12
CA ASP E 343 13.25 22.88 -29.17
C ASP E 343 13.68 23.82 -30.29
N GLY E 344 12.74 24.46 -30.98
CA GLY E 344 13.07 25.43 -32.00
C GLY E 344 13.52 24.87 -33.31
N ASP E 345 13.39 23.56 -33.52
CA ASP E 345 13.81 22.92 -34.77
C ASP E 345 12.61 22.65 -35.65
N ARG E 346 12.85 22.60 -36.96
CA ARG E 346 11.80 22.33 -37.92
C ARG E 346 11.29 20.89 -37.77
N LYS E 347 9.98 20.74 -37.87
CA LYS E 347 9.33 19.43 -37.81
C LYS E 347 8.83 19.04 -39.20
N PHE E 348 8.89 17.74 -39.48
CA PHE E 348 8.47 17.17 -40.77
C PHE E 348 9.27 17.77 -41.92
N ALA E 349 10.59 17.65 -41.82
CA ALA E 349 11.49 18.09 -42.86
C ALA E 349 11.66 16.99 -43.91
N ASN E 350 12.10 17.40 -45.11
CA ASN E 350 12.28 16.49 -46.22
C ASN E 350 13.75 16.13 -46.34
N TYR E 351 14.04 14.83 -46.31
CA TYR E 351 15.39 14.30 -46.48
C TYR E 351 15.45 13.44 -47.73
N SER E 352 16.62 13.44 -48.37
CA SER E 352 16.87 12.63 -49.55
C SER E 352 17.93 11.60 -49.22
N ILE E 353 17.61 10.32 -49.44
CA ILE E 353 18.55 9.24 -49.18
C ILE E 353 19.48 9.11 -50.37
N MET E 354 20.78 9.32 -50.15
CA MET E 354 21.78 9.29 -51.19
C MET E 354 22.62 8.03 -51.07
N ASN E 355 22.74 7.29 -52.18
CA ASN E 355 23.56 6.09 -52.23
C ASN E 355 24.75 6.34 -53.15
N LEU E 356 25.95 6.08 -52.66
CA LEU E 356 27.18 6.36 -53.39
C LEU E 356 27.43 5.24 -54.39
N GLN E 357 27.21 5.53 -55.67
CA GLN E 357 27.45 4.57 -56.75
C GLN E 357 28.54 5.11 -57.66
N ASN E 358 29.60 4.30 -57.85
CA ASN E 358 30.73 4.67 -58.70
C ASN E 358 31.32 6.01 -58.28
N ARG E 359 31.45 6.20 -56.96
CA ARG E 359 31.98 7.44 -56.38
C ARG E 359 31.15 8.66 -56.78
N LYS E 360 29.86 8.45 -57.03
CA LYS E 360 28.95 9.53 -57.39
C LYS E 360 27.67 9.40 -56.56
N LEU E 361 27.18 10.54 -56.08
CA LEU E 361 25.96 10.54 -55.27
C LEU E 361 24.75 10.27 -56.15
N VAL E 362 23.93 9.31 -55.76
CA VAL E 362 22.72 8.93 -56.48
C VAL E 362 21.53 9.06 -55.54
N GLN E 363 20.53 9.83 -55.94
CA GLN E 363 19.32 9.98 -55.15
C GLN E 363 18.47 8.73 -55.29
N VAL E 364 18.37 7.95 -54.21
CA VAL E 364 17.68 6.67 -54.23
C VAL E 364 16.47 6.62 -53.33
N GLY E 365 16.29 7.59 -52.43
CA GLY E 365 15.15 7.57 -51.54
C GLY E 365 14.79 8.96 -51.05
N ILE E 366 13.57 9.07 -50.53
CA ILE E 366 13.06 10.33 -49.99
C ILE E 366 12.49 10.06 -48.60
N TYR E 367 12.42 11.13 -47.81
CA TYR E 367 11.89 11.05 -46.45
C TYR E 367 11.02 12.27 -46.22
N ASN E 368 9.71 12.08 -46.24
CA ASN E 368 8.76 13.17 -46.02
C ASN E 368 8.33 13.31 -44.57
N GLY E 369 8.88 12.50 -43.67
CA GLY E 369 8.48 12.54 -42.27
C GLY E 369 7.82 11.26 -41.83
N THR E 370 8.53 10.48 -41.00
CA THR E 370 8.09 9.20 -40.47
C THR E 370 7.79 8.17 -41.56
N HIS E 371 8.19 8.43 -42.80
CA HIS E 371 7.98 7.50 -43.90
C HIS E 371 9.15 7.62 -44.87
N VAL E 372 9.63 6.46 -45.34
CA VAL E 372 10.72 6.39 -46.30
C VAL E 372 10.19 5.73 -47.57
N ILE E 373 10.32 6.42 -48.69
CA ILE E 373 9.84 5.94 -49.98
C ILE E 373 11.05 5.76 -50.90
N PRO E 374 11.50 4.53 -51.10
CA PRO E 374 12.62 4.30 -52.02
C PRO E 374 12.22 4.55 -53.46
N ASN E 375 13.22 4.90 -54.28
CA ASN E 375 13.00 5.16 -55.69
C ASN E 375 13.26 3.90 -56.51
N ASP E 376 13.11 4.02 -57.82
CA ASP E 376 13.28 2.88 -58.71
C ASP E 376 14.74 2.46 -58.86
N ARG E 377 15.68 3.34 -58.53
CA ARG E 377 17.09 3.00 -58.65
C ARG E 377 17.48 1.91 -57.65
N LYS E 378 18.33 0.99 -58.09
CA LYS E 378 18.80 -0.07 -57.22
C LYS E 378 19.79 0.48 -56.19
N ILE E 379 19.81 -0.16 -55.03
CA ILE E 379 20.67 0.24 -53.92
C ILE E 379 21.85 -0.72 -53.86
N ILE E 380 23.05 -0.22 -54.11
CA ILE E 380 24.25 -1.02 -53.98
C ILE E 380 24.74 -0.98 -52.55
N TRP E 381 25.61 -1.91 -52.19
CA TRP E 381 26.12 -2.07 -50.85
C TRP E 381 27.62 -2.24 -50.88
N PRO E 382 28.31 -1.93 -49.78
CA PRO E 382 29.77 -2.09 -49.75
C PRO E 382 30.19 -3.52 -50.02
N GLY E 383 31.32 -3.66 -50.71
CA GLY E 383 31.81 -4.96 -51.13
C GLY E 383 31.40 -5.36 -52.54
N GLY E 384 30.65 -4.52 -53.25
CA GLY E 384 30.23 -4.82 -54.60
C GLY E 384 28.97 -5.64 -54.72
N GLU E 385 28.39 -6.08 -53.61
CA GLU E 385 27.16 -6.87 -53.66
C GLU E 385 25.98 -5.99 -54.06
N THR E 386 25.09 -6.56 -54.88
CA THR E 386 23.89 -5.87 -55.33
C THR E 386 22.66 -6.25 -54.51
N GLU E 387 22.54 -7.50 -54.12
CA GLU E 387 21.43 -7.94 -53.29
C GLU E 387 21.56 -7.34 -51.89
N LYS E 388 20.41 -7.07 -51.28
CA LYS E 388 20.40 -6.47 -49.94
C LYS E 388 20.95 -7.47 -48.93
N PRO E 389 22.01 -7.12 -48.21
CA PRO E 389 22.57 -8.05 -47.23
C PRO E 389 21.78 -8.01 -45.92
N ARG E 390 22.05 -9.01 -45.08
CA ARG E 390 21.44 -9.06 -43.76
C ARG E 390 22.15 -8.11 -42.81
N GLY E 391 21.63 -7.99 -41.59
CA GLY E 391 22.21 -7.12 -40.60
C GLY E 391 23.03 -7.88 -39.58
N TYR E 392 22.45 -8.13 -38.41
CA TYR E 392 23.13 -8.90 -37.37
C TYR E 392 23.43 -10.30 -37.87
N GLN E 393 24.66 -10.75 -37.64
CA GLN E 393 25.11 -12.07 -38.07
C GLN E 393 25.93 -12.70 -36.96
N MET E 394 25.98 -14.03 -36.97
CA MET E 394 26.71 -14.81 -35.99
C MET E 394 28.07 -15.24 -36.53
N SER E 395 28.97 -15.55 -35.61
CA SER E 395 30.31 -16.02 -35.95
C SER E 395 30.63 -17.40 -35.41
N THR E 396 29.74 -17.97 -34.58
CA THR E 396 29.90 -19.31 -34.01
C THR E 396 31.16 -19.44 -33.16
N ARG E 397 31.77 -18.30 -32.80
CA ARG E 397 32.96 -18.28 -31.96
C ARG E 397 32.56 -17.58 -30.66
N LEU E 398 32.08 -18.38 -29.70
CA LEU E 398 31.58 -17.86 -28.44
C LEU E 398 32.68 -17.90 -27.39
N LYS E 399 33.09 -16.72 -26.91
CA LYS E 399 34.04 -16.66 -25.81
C LYS E 399 33.35 -17.10 -24.53
N ILE E 400 33.96 -18.03 -23.81
CA ILE E 400 33.37 -18.65 -22.62
C ILE E 400 34.35 -18.55 -21.47
N VAL E 401 33.86 -18.11 -20.32
CA VAL E 401 34.67 -17.98 -19.10
C VAL E 401 34.06 -18.88 -18.03
N THR E 402 34.93 -19.56 -17.28
CA THR E 402 34.51 -20.47 -16.23
C THR E 402 35.41 -20.28 -15.01
N ILE E 403 34.93 -20.76 -13.87
CA ILE E 403 35.67 -20.66 -12.62
C ILE E 403 36.21 -22.05 -12.26
N HIS E 404 37.25 -22.05 -11.45
CA HIS E 404 37.94 -23.28 -11.05
C HIS E 404 37.24 -23.86 -9.83
N GLN E 405 36.48 -24.95 -10.04
CA GLN E 405 35.85 -25.69 -8.97
C GLN E 405 36.26 -27.15 -9.08
N GLU E 406 36.71 -27.72 -7.96
CA GLU E 406 37.23 -29.09 -7.99
C GLU E 406 36.22 -30.12 -8.48
N PRO E 407 34.99 -30.17 -7.99
CA PRO E 407 34.05 -31.19 -8.50
C PRO E 407 33.61 -30.96 -9.94
N PHE E 408 33.80 -29.76 -10.49
CA PHE E 408 33.29 -29.43 -11.81
C PHE E 408 34.39 -29.17 -12.82
N VAL E 409 35.35 -28.29 -12.51
CA VAL E 409 36.39 -27.89 -13.45
C VAL E 409 37.74 -28.20 -12.83
N TYR E 410 38.34 -29.31 -13.25
CA TYR E 410 39.69 -29.65 -12.82
C TYR E 410 40.68 -28.89 -13.68
N VAL E 411 41.42 -27.96 -13.06
CA VAL E 411 42.38 -27.12 -13.77
C VAL E 411 43.78 -27.59 -13.42
N LYS E 412 44.54 -27.98 -14.43
CA LYS E 412 45.90 -28.47 -14.27
C LYS E 412 46.83 -27.75 -15.24
N PRO E 413 48.09 -27.55 -14.86
CA PRO E 413 49.04 -26.91 -15.77
C PRO E 413 49.36 -27.80 -16.96
N THR E 414 49.70 -27.15 -18.07
CA THR E 414 50.06 -27.88 -19.28
C THR E 414 51.45 -28.47 -19.15
N LEU E 415 51.74 -29.44 -20.03
CA LEU E 415 53.04 -30.10 -20.05
C LEU E 415 54.04 -29.23 -20.81
N SER E 416 55.24 -29.77 -21.04
CA SER E 416 56.27 -29.03 -21.77
C SER E 416 55.90 -28.81 -23.23
N ASP E 417 55.00 -29.63 -23.78
CA ASP E 417 54.57 -29.50 -25.17
C ASP E 417 53.34 -28.62 -25.34
N GLY E 418 52.85 -28.02 -24.26
CA GLY E 418 51.68 -27.15 -24.33
C GLY E 418 50.35 -27.85 -24.24
N THR E 419 50.33 -29.16 -23.98
CA THR E 419 49.07 -29.88 -23.86
C THR E 419 49.02 -30.62 -22.52
N CYS E 420 47.99 -31.45 -22.34
CA CYS E 420 47.80 -32.22 -21.11
C CYS E 420 47.82 -33.71 -21.43
N LYS E 421 48.35 -34.49 -20.49
CA LYS E 421 48.46 -35.93 -20.68
C LYS E 421 47.08 -36.56 -20.77
N GLU E 422 46.90 -37.43 -21.77
CA GLU E 422 45.63 -38.13 -21.93
C GLU E 422 45.51 -39.23 -20.88
N GLU E 423 44.35 -39.30 -20.24
CA GLU E 423 44.10 -40.28 -19.20
C GLU E 423 42.73 -40.92 -19.41
N PHE E 424 42.57 -42.12 -18.86
CA PHE E 424 41.33 -42.87 -18.96
C PHE E 424 40.71 -43.04 -17.58
N THR E 425 39.38 -43.05 -17.55
CA THR E 425 38.64 -43.18 -16.30
C THR E 425 38.66 -44.65 -15.85
N VAL E 426 37.92 -44.94 -14.79
CA VAL E 426 37.84 -46.32 -14.30
C VAL E 426 37.14 -47.22 -15.31
N ASN E 427 36.13 -46.68 -16.00
CA ASN E 427 35.42 -47.44 -17.03
C ASN E 427 36.27 -47.67 -18.27
N GLY E 428 37.36 -46.93 -18.44
CA GLY E 428 38.22 -47.06 -19.59
C GLY E 428 37.98 -46.04 -20.68
N ASP E 429 36.88 -45.28 -20.62
CA ASP E 429 36.63 -44.27 -21.61
C ASP E 429 37.63 -43.13 -21.48
N PRO E 430 38.06 -42.52 -22.58
CA PRO E 430 39.00 -41.40 -22.49
C PRO E 430 38.38 -40.20 -21.81
N VAL E 431 39.23 -39.43 -21.12
CA VAL E 431 38.81 -38.23 -20.42
C VAL E 431 39.03 -37.03 -21.35
N LYS E 432 37.96 -36.33 -21.67
CA LYS E 432 38.06 -35.18 -22.57
C LYS E 432 38.75 -34.02 -21.88
N LYS E 433 39.71 -33.42 -22.57
CA LYS E 433 40.42 -32.26 -22.05
C LYS E 433 40.55 -31.21 -23.15
N VAL E 434 40.52 -29.94 -22.74
CA VAL E 434 40.62 -28.81 -23.67
C VAL E 434 41.65 -27.83 -23.13
N ILE E 435 42.17 -27.01 -24.04
CA ILE E 435 43.13 -25.97 -23.68
C ILE E 435 42.37 -24.76 -23.16
N CYS E 436 42.69 -24.32 -21.95
CA CYS E 436 41.97 -23.25 -21.29
C CYS E 436 42.94 -22.13 -20.93
N THR E 437 42.50 -20.89 -21.12
CA THR E 437 43.32 -19.71 -20.90
C THR E 437 42.92 -19.04 -19.59
N GLY E 438 43.90 -18.81 -18.72
CA GLY E 438 43.64 -18.19 -17.45
C GLY E 438 44.91 -17.78 -16.73
N PRO E 439 44.76 -17.06 -15.61
CA PRO E 439 45.94 -16.63 -14.86
C PRO E 439 46.69 -17.80 -14.26
N ASN E 440 48.01 -17.63 -14.11
CA ASN E 440 48.85 -18.67 -13.53
C ASN E 440 48.49 -18.90 -12.06
N ASP E 441 48.25 -17.83 -11.31
CA ASP E 441 47.89 -17.92 -9.90
C ASP E 441 46.56 -17.21 -9.67
N THR E 442 45.63 -17.91 -9.01
CA THR E 442 44.33 -17.33 -8.73
C THR E 442 44.38 -16.34 -7.57
N SER E 443 45.30 -16.53 -6.62
CA SER E 443 45.38 -15.65 -5.47
C SER E 443 45.86 -14.26 -5.89
N PRO E 444 45.34 -13.21 -5.27
CA PRO E 444 45.78 -11.85 -5.59
C PRO E 444 47.17 -11.56 -5.01
N GLY E 445 47.70 -10.41 -5.40
CA GLY E 445 49.04 -10.02 -4.96
C GLY E 445 50.13 -10.93 -5.47
N SER E 446 50.02 -11.41 -6.69
CA SER E 446 50.97 -12.34 -7.30
C SER E 446 51.25 -11.90 -8.72
N PRO E 447 52.38 -12.33 -9.29
CA PRO E 447 52.67 -11.97 -10.69
C PRO E 447 51.75 -12.68 -11.67
N ARG E 448 50.55 -12.13 -11.85
CA ARG E 448 49.51 -12.75 -12.68
C ARG E 448 49.95 -12.86 -14.14
N HIS E 449 50.23 -14.07 -14.60
CA HIS E 449 50.57 -14.34 -15.99
C HIS E 449 49.47 -15.17 -16.62
N THR E 450 48.97 -14.71 -17.77
CA THR E 450 47.87 -15.40 -18.47
C THR E 450 48.43 -16.51 -19.36
N VAL E 451 49.10 -17.47 -18.72
CA VAL E 451 49.66 -18.62 -19.42
C VAL E 451 48.53 -19.58 -19.79
N PRO E 452 48.61 -20.26 -20.93
CA PRO E 452 47.57 -21.24 -21.28
C PRO E 452 47.65 -22.46 -20.39
N GLN E 453 46.50 -22.93 -19.94
CA GLN E 453 46.39 -24.10 -19.08
C GLN E 453 45.46 -25.12 -19.72
N CYS E 454 45.15 -26.18 -18.97
CA CYS E 454 44.28 -27.25 -19.44
C CYS E 454 43.27 -27.57 -18.34
N CYS E 455 41.99 -27.38 -18.64
CA CYS E 455 40.91 -27.58 -17.67
C CYS E 455 39.94 -28.62 -18.21
N TYR E 456 39.44 -29.48 -17.31
CA TYR E 456 38.55 -30.56 -17.70
C TYR E 456 37.62 -30.88 -16.53
N GLY E 457 36.53 -31.56 -16.83
CA GLY E 457 35.59 -31.98 -15.81
C GLY E 457 34.18 -32.05 -16.37
N PHE E 458 33.22 -31.98 -15.45
CA PHE E 458 31.81 -32.07 -15.83
C PHE E 458 31.40 -30.88 -16.71
N CYS E 459 31.85 -29.68 -16.36
CA CYS E 459 31.46 -28.50 -17.12
C CYS E 459 31.97 -28.56 -18.55
N ILE E 460 33.22 -28.99 -18.75
CA ILE E 460 33.75 -29.06 -20.10
C ILE E 460 33.06 -30.17 -20.89
N ASP E 461 32.67 -31.27 -20.23
CA ASP E 461 31.93 -32.30 -20.93
C ASP E 461 30.57 -31.79 -21.38
N LEU E 462 29.88 -31.05 -20.51
CA LEU E 462 28.61 -30.46 -20.91
C LEU E 462 28.79 -29.47 -22.06
N LEU E 463 29.87 -28.67 -22.01
CA LEU E 463 30.13 -27.72 -23.08
C LEU E 463 30.41 -28.44 -24.40
N ILE E 464 31.16 -29.54 -24.36
CA ILE E 464 31.43 -30.30 -25.57
C ILE E 464 30.15 -30.90 -26.12
N LYS E 465 29.28 -31.42 -25.24
CA LYS E 465 28.00 -31.95 -25.69
C LYS E 465 27.16 -30.88 -26.35
N LEU E 466 27.10 -29.69 -25.74
CA LEU E 466 26.31 -28.60 -26.31
C LEU E 466 26.89 -28.16 -27.66
N ALA E 467 28.21 -28.09 -27.76
CA ALA E 467 28.84 -27.71 -29.04
C ALA E 467 28.54 -28.75 -30.11
N ARG E 468 28.60 -30.03 -29.75
CA ARG E 468 28.29 -31.08 -30.73
C ARG E 468 26.84 -31.00 -31.18
N THR E 469 25.91 -30.74 -30.24
CA THR E 469 24.50 -30.68 -30.60
C THR E 469 24.18 -29.46 -31.45
N MET E 470 24.76 -28.30 -31.11
CA MET E 470 24.41 -27.04 -31.74
C MET E 470 25.46 -26.54 -32.73
N ASN E 471 26.49 -27.35 -33.01
CA ASN E 471 27.53 -27.00 -33.98
C ASN E 471 28.23 -25.70 -33.59
N PHE E 472 28.88 -25.72 -32.43
CA PHE E 472 29.58 -24.58 -31.90
C PHE E 472 31.09 -24.77 -32.01
N THR E 473 31.82 -23.65 -31.92
CA THR E 473 33.28 -23.64 -31.84
C THR E 473 33.63 -22.91 -30.54
N TYR E 474 33.71 -23.66 -29.45
CA TYR E 474 33.83 -23.08 -28.12
C TYR E 474 35.28 -22.73 -27.79
N GLU E 475 35.47 -21.59 -27.13
CA GLU E 475 36.75 -21.20 -26.57
C GLU E 475 36.54 -20.91 -25.09
N VAL E 476 37.39 -21.50 -24.25
CA VAL E 476 37.20 -21.50 -22.80
C VAL E 476 38.25 -20.59 -22.16
N HIS E 477 37.80 -19.69 -21.31
CA HIS E 477 38.66 -18.81 -20.52
C HIS E 477 38.41 -19.06 -19.03
N LEU E 478 39.26 -18.45 -18.21
CA LEU E 478 39.15 -18.53 -16.76
C LEU E 478 38.90 -17.14 -16.19
N VAL E 479 38.21 -17.10 -15.04
CA VAL E 479 37.90 -15.83 -14.40
C VAL E 479 39.18 -15.22 -13.86
N ALA E 480 39.51 -14.01 -14.33
CA ALA E 480 40.72 -13.34 -13.85
C ALA E 480 40.60 -12.99 -12.38
N ASP E 481 39.43 -12.51 -11.95
CA ASP E 481 39.24 -12.17 -10.55
C ASP E 481 39.10 -13.41 -9.66
N GLY E 482 38.71 -14.54 -10.24
CA GLY E 482 38.53 -15.75 -9.45
C GLY E 482 37.30 -15.75 -8.58
N LYS E 483 36.30 -14.93 -8.92
CA LYS E 483 35.08 -14.81 -8.12
C LYS E 483 33.87 -14.99 -9.03
N PHE E 484 32.80 -15.55 -8.45
CA PHE E 484 31.59 -15.80 -9.24
C PHE E 484 30.97 -14.49 -9.71
N GLY E 485 30.90 -13.49 -8.84
CA GLY E 485 30.33 -12.20 -9.22
C GLY E 485 29.25 -11.73 -8.29
N THR E 486 29.38 -10.49 -7.80
CA THR E 486 28.41 -9.90 -6.89
C THR E 486 28.61 -8.39 -6.91
N GLN E 487 27.50 -7.65 -6.94
CA GLN E 487 27.57 -6.19 -6.95
C GLN E 487 28.28 -5.70 -5.69
N GLU E 488 29.25 -4.80 -5.88
CA GLU E 488 30.04 -4.26 -4.79
C GLU E 488 30.21 -2.77 -4.97
N ARG E 489 30.51 -2.08 -3.87
CA ARG E 489 30.74 -0.65 -3.91
C ARG E 489 32.18 -0.35 -4.32
N VAL E 490 32.34 0.60 -5.23
CA VAL E 490 33.65 1.01 -5.74
C VAL E 490 33.74 2.54 -5.60
N ASN E 491 34.79 3.13 -6.16
CA ASN E 491 34.88 4.58 -6.25
C ASN E 491 33.63 5.12 -6.94
N ASN E 492 33.11 6.23 -6.42
CA ASN E 492 31.77 6.71 -6.77
C ASN E 492 30.73 5.64 -6.45
N SER E 493 30.62 5.38 -5.15
CA SER E 493 29.89 4.21 -4.65
C SER E 493 28.44 4.17 -5.10
N ASN E 494 27.86 5.31 -5.47
CA ASN E 494 26.50 5.34 -6.01
C ASN E 494 26.51 4.76 -7.42
N LYS E 495 26.82 3.46 -7.48
CA LYS E 495 26.95 2.75 -8.75
C LYS E 495 26.93 1.26 -8.47
N LYS E 496 26.05 0.54 -9.16
CA LYS E 496 25.93 -0.91 -9.05
C LYS E 496 26.56 -1.53 -10.28
N GLU E 497 27.76 -2.08 -10.13
CA GLU E 497 28.49 -2.69 -11.23
C GLU E 497 28.94 -4.09 -10.82
N TRP E 498 28.64 -5.08 -11.65
CA TRP E 498 29.08 -6.44 -11.40
C TRP E 498 30.56 -6.59 -11.70
N ASN E 499 31.21 -7.47 -10.94
CA ASN E 499 32.62 -7.80 -11.13
C ASN E 499 32.77 -9.30 -11.23
N GLY E 500 34.03 -9.75 -11.37
CA GLY E 500 34.29 -11.17 -11.48
C GLY E 500 33.76 -11.75 -12.77
N MET E 501 33.24 -12.97 -12.69
CA MET E 501 32.73 -13.65 -13.88
C MET E 501 31.52 -12.91 -14.46
N MET E 502 30.61 -12.46 -13.61
CA MET E 502 29.45 -11.71 -14.08
C MET E 502 29.87 -10.40 -14.73
N GLY E 503 30.84 -9.71 -14.14
CA GLY E 503 31.33 -8.49 -14.74
C GLY E 503 31.99 -8.71 -16.08
N GLU E 504 32.76 -9.79 -16.21
CA GLU E 504 33.37 -10.12 -17.49
C GLU E 504 32.31 -10.45 -18.53
N LEU E 505 31.25 -11.18 -18.12
CA LEU E 505 30.18 -11.49 -19.05
C LEU E 505 29.46 -10.22 -19.52
N LEU E 506 29.20 -9.30 -18.59
CA LEU E 506 28.49 -8.06 -18.95
C LEU E 506 29.39 -7.08 -19.71
N SER E 507 30.70 -7.26 -19.67
CA SER E 507 31.62 -6.39 -20.38
C SER E 507 31.86 -6.82 -21.82
N GLY E 508 31.23 -7.90 -22.27
CA GLY E 508 31.41 -8.39 -23.62
C GLY E 508 32.60 -9.32 -23.81
N GLN E 509 33.36 -9.59 -22.75
CA GLN E 509 34.51 -10.49 -22.87
C GLN E 509 34.08 -11.94 -23.02
N ALA E 510 32.83 -12.27 -22.71
CA ALA E 510 32.33 -13.63 -22.84
C ALA E 510 30.91 -13.59 -23.39
N ASP E 511 30.53 -14.67 -24.08
CA ASP E 511 29.20 -14.81 -24.63
C ASP E 511 28.36 -15.90 -23.97
N MET E 512 28.99 -16.84 -23.28
CA MET E 512 28.28 -17.91 -22.60
C MET E 512 29.11 -18.37 -21.42
N ILE E 513 28.45 -18.81 -20.36
CA ILE E 513 29.10 -19.27 -19.14
C ILE E 513 28.63 -20.69 -18.83
N VAL E 514 29.57 -21.63 -18.77
CA VAL E 514 29.29 -22.99 -18.34
C VAL E 514 30.12 -23.22 -17.09
N ALA E 515 29.48 -23.15 -15.93
CA ALA E 515 30.14 -23.24 -14.65
C ALA E 515 29.08 -23.50 -13.58
N PRO E 516 29.49 -24.00 -12.40
CA PRO E 516 28.51 -24.18 -11.32
C PRO E 516 28.04 -22.85 -10.74
N LEU E 517 27.32 -22.08 -11.54
CA LEU E 517 26.81 -20.78 -11.16
C LEU E 517 25.36 -20.93 -10.69
N THR E 518 25.13 -20.73 -9.40
CA THR E 518 23.79 -20.87 -8.84
C THR E 518 22.90 -19.75 -9.35
N ILE E 519 21.67 -20.11 -9.73
CA ILE E 519 20.70 -19.15 -10.23
C ILE E 519 20.09 -18.40 -9.06
N ASN E 520 20.11 -17.07 -9.13
CA ASN E 520 19.54 -16.23 -8.10
C ASN E 520 18.85 -15.04 -8.75
N ASN E 521 17.98 -14.38 -7.97
CA ASN E 521 17.19 -13.29 -8.51
C ASN E 521 18.06 -12.12 -8.95
N GLU E 522 19.10 -11.80 -8.17
CA GLU E 522 19.93 -10.64 -8.48
C GLU E 522 20.64 -10.80 -9.84
N ARG E 523 21.17 -11.98 -10.11
CA ARG E 523 21.85 -12.20 -11.38
C ARG E 523 20.88 -12.31 -12.54
N ALA E 524 19.66 -12.81 -12.29
CA ALA E 524 18.70 -13.00 -13.37
C ALA E 524 18.16 -11.67 -13.88
N GLN E 525 18.18 -10.63 -13.05
CA GLN E 525 17.67 -9.32 -13.47
C GLN E 525 18.52 -8.71 -14.59
N TYR E 526 19.77 -9.15 -14.74
CA TYR E 526 20.65 -8.63 -15.77
C TYR E 526 21.19 -9.70 -16.71
N ILE E 527 21.28 -10.95 -16.28
CA ILE E 527 21.82 -12.04 -17.07
C ILE E 527 20.76 -13.12 -17.22
N GLU E 528 20.48 -13.51 -18.47
CA GLU E 528 19.51 -14.56 -18.72
C GLU E 528 20.09 -15.93 -18.35
N PHE E 529 19.29 -16.74 -17.66
CA PHE E 529 19.68 -18.07 -17.25
C PHE E 529 18.80 -19.10 -17.96
N SER E 530 19.42 -20.15 -18.48
CA SER E 530 18.70 -21.23 -19.12
C SER E 530 18.15 -22.18 -18.05
N LYS E 531 17.61 -23.31 -18.48
CA LYS E 531 17.09 -24.29 -17.53
C LYS E 531 18.24 -24.86 -16.71
N PRO E 532 18.03 -25.09 -15.41
CA PRO E 532 19.11 -25.63 -14.57
C PRO E 532 19.48 -27.04 -14.98
N PHE E 533 20.79 -27.28 -15.13
CA PHE E 533 21.28 -28.61 -15.49
C PHE E 533 21.54 -29.49 -14.26
N LYS E 534 21.41 -28.94 -13.06
CA LYS E 534 21.56 -29.73 -11.84
C LYS E 534 20.80 -29.02 -10.72
N TYR E 535 20.04 -29.80 -9.95
CA TYR E 535 19.25 -29.27 -8.85
C TYR E 535 19.93 -29.61 -7.53
N GLN E 536 20.22 -28.59 -6.73
CA GLN E 536 20.89 -28.78 -5.45
C GLN E 536 20.68 -27.54 -4.60
N GLY E 537 21.03 -27.65 -3.33
CA GLY E 537 20.94 -26.53 -2.41
C GLY E 537 22.27 -26.22 -1.76
N LEU E 538 22.23 -25.87 -0.48
CA LEU E 538 23.42 -25.54 0.29
C LEU E 538 23.49 -26.40 1.55
N THR E 539 24.69 -26.78 1.95
CA THR E 539 24.92 -27.56 3.16
C THR E 539 26.08 -26.93 3.93
N ILE E 540 26.45 -27.57 5.04
CA ILE E 540 27.49 -27.08 5.93
C ILE E 540 28.61 -28.11 5.97
N LEU E 541 29.84 -27.65 5.75
CA LEU E 541 31.02 -28.50 5.80
C LEU E 541 31.68 -28.33 7.16
N VAL E 542 31.80 -29.43 7.90
CA VAL E 542 32.40 -29.42 9.23
C VAL E 542 33.42 -30.55 9.31
N LYS E 543 34.41 -30.37 10.19
CA LYS E 543 35.42 -31.40 10.38
C LYS E 543 34.78 -32.67 10.92
N LYS E 544 35.20 -33.81 10.37
CA LYS E 544 34.64 -35.09 10.79
C LYS E 544 35.04 -35.41 12.23
N GLU E 545 34.24 -36.27 12.86
CA GLU E 545 34.47 -36.70 14.23
C GLU E 545 35.17 -38.06 14.27
N ILE E 546 36.09 -38.28 13.33
CA ILE E 546 36.85 -39.53 13.20
C ILE E 546 37.49 -39.89 14.54
N PRO E 547 38.11 -38.95 15.29
CA PRO E 547 38.50 -39.28 16.66
C PRO E 547 37.30 -39.38 17.61
N ARG E 548 36.96 -40.59 18.00
CA ARG E 548 35.86 -40.86 18.92
C ARG E 548 36.23 -41.99 19.87
N SER E 549 37.42 -41.89 20.47
CA SER E 549 37.95 -42.96 21.33
C SER E 549 37.20 -42.95 22.66
N THR E 550 35.97 -43.47 22.62
CA THR E 550 35.16 -43.60 23.82
C THR E 550 35.58 -44.85 24.59
N LEU E 551 34.92 -45.08 25.73
CA LEU E 551 35.15 -46.21 26.62
C LEU E 551 36.55 -46.21 27.23
N ASP E 552 37.37 -45.20 26.95
CA ASP E 552 38.73 -45.16 27.47
C ASP E 552 38.79 -44.95 28.98
N SER E 553 37.68 -44.52 29.60
CA SER E 553 37.64 -44.33 31.05
C SER E 553 37.37 -45.67 31.75
N PHE E 554 38.25 -46.62 31.50
CA PHE E 554 38.12 -47.94 32.12
C PHE E 554 38.28 -47.86 33.63
N MET E 555 39.22 -47.03 34.10
CA MET E 555 39.47 -46.96 35.54
C MET E 555 38.34 -46.21 36.24
N GLN E 556 38.16 -44.92 35.93
CA GLN E 556 37.10 -44.12 36.51
C GLN E 556 36.97 -42.79 35.78
N PRO E 557 35.75 -42.34 35.48
CA PRO E 557 35.59 -41.01 34.87
C PRO E 557 36.01 -39.90 35.81
N PHE E 558 35.46 -39.90 37.02
CA PHE E 558 35.83 -38.92 38.04
C PHE E 558 35.69 -39.57 39.41
N GLN E 559 36.40 -39.01 40.39
CA GLN E 559 36.45 -39.55 41.75
C GLN E 559 36.97 -40.99 41.73
N SER E 560 38.23 -41.14 41.32
CA SER E 560 38.87 -42.44 41.17
C SER E 560 39.19 -43.11 42.49
N THR E 561 38.96 -42.44 43.62
CA THR E 561 39.25 -43.01 44.93
C THR E 561 38.39 -44.21 45.26
N LEU E 562 37.32 -44.47 44.50
CA LEU E 562 36.47 -45.62 44.77
C LEU E 562 37.21 -46.94 44.52
N TRP E 563 38.15 -46.95 43.56
CA TRP E 563 38.94 -48.15 43.32
C TRP E 563 39.85 -48.47 44.50
N LEU E 564 40.35 -47.46 45.21
CA LEU E 564 41.08 -47.71 46.44
C LEU E 564 40.15 -48.03 47.60
N LEU E 565 38.94 -47.46 47.60
CA LEU E 565 37.99 -47.72 48.67
C LEU E 565 37.52 -49.17 48.65
N VAL E 566 37.26 -49.72 47.46
CA VAL E 566 36.84 -51.12 47.37
C VAL E 566 37.99 -52.04 47.78
N GLY E 567 39.23 -51.67 47.44
CA GLY E 567 40.36 -52.44 47.91
C GLY E 567 40.51 -52.40 49.42
N LEU E 568 40.27 -51.23 50.03
CA LEU E 568 40.27 -51.13 51.49
C LEU E 568 39.17 -52.00 52.09
N SER E 569 37.99 -52.04 51.46
CA SER E 569 36.93 -52.90 51.93
C SER E 569 37.34 -54.37 51.86
N VAL E 570 38.00 -54.76 50.77
CA VAL E 570 38.50 -56.13 50.65
C VAL E 570 39.50 -56.43 51.75
N HIS E 571 40.41 -55.48 52.02
CA HIS E 571 41.41 -55.67 53.07
C HIS E 571 40.77 -55.82 54.44
N VAL E 572 39.78 -54.99 54.75
CA VAL E 572 39.18 -55.06 56.08
C VAL E 572 38.34 -56.32 56.23
N VAL E 573 37.62 -56.75 55.20
CA VAL E 573 36.90 -58.01 55.33
C VAL E 573 37.88 -59.19 55.42
N ALA E 574 39.02 -59.09 54.73
CA ALA E 574 40.03 -60.15 54.83
C ALA E 574 40.60 -60.25 56.24
N VAL E 575 40.94 -59.10 56.84
CA VAL E 575 41.51 -59.15 58.19
C VAL E 575 40.45 -59.57 59.20
N MET E 576 39.18 -59.20 58.97
CA MET E 576 38.11 -59.68 59.85
C MET E 576 37.95 -61.19 59.73
N LEU E 577 38.03 -61.74 58.52
CA LEU E 577 37.95 -63.18 58.34
C LEU E 577 39.14 -63.87 59.03
N TYR E 578 40.33 -63.29 58.91
CA TYR E 578 41.50 -63.85 59.58
C TYR E 578 41.33 -63.84 61.09
N LEU E 579 40.79 -62.74 61.64
CA LEU E 579 40.55 -62.68 63.08
C LEU E 579 39.52 -63.71 63.50
N LEU E 580 38.46 -63.90 62.72
CA LEU E 580 37.48 -64.93 63.04
C LEU E 580 38.10 -66.33 62.98
N ASP E 581 38.98 -66.56 62.01
CA ASP E 581 39.69 -67.84 61.94
C ASP E 581 40.58 -68.04 63.16
N ARG E 582 41.19 -66.96 63.65
CA ARG E 582 41.98 -67.06 64.88
C ARG E 582 41.10 -67.43 66.07
N PHE E 583 39.88 -66.88 66.13
CA PHE E 583 38.95 -67.15 67.21
C PHE E 583 38.09 -68.39 66.96
N SER E 584 38.50 -69.25 66.02
CA SER E 584 37.75 -70.46 65.72
C SER E 584 37.88 -71.49 66.85
N LEU E 601 46.34 -69.37 54.57
CA LEU E 601 45.28 -68.60 55.18
C LEU E 601 45.85 -67.49 56.08
N THR E 602 46.97 -66.91 55.65
CA THR E 602 47.64 -65.89 56.43
C THR E 602 47.60 -64.52 55.76
N LEU E 603 48.05 -64.41 54.51
CA LEU E 603 48.15 -63.12 53.84
C LEU E 603 47.32 -63.02 52.58
N SER E 604 47.51 -63.93 51.63
CA SER E 604 46.95 -63.77 50.29
C SER E 604 45.77 -64.70 50.00
N SER E 605 45.35 -65.52 50.96
CA SER E 605 44.25 -66.45 50.70
C SER E 605 42.92 -65.70 50.52
N ALA E 606 42.62 -64.78 51.43
CA ALA E 606 41.33 -64.09 51.39
C ALA E 606 41.22 -63.18 50.17
N MET E 607 42.29 -62.47 49.82
CA MET E 607 42.24 -61.61 48.65
C MET E 607 42.11 -62.44 47.37
N TRP E 608 42.80 -63.58 47.30
CA TRP E 608 42.66 -64.46 46.14
C TRP E 608 41.23 -64.99 46.03
N PHE E 609 40.63 -65.36 47.16
CA PHE E 609 39.24 -65.81 47.13
C PHE E 609 38.31 -64.67 46.70
N SER E 610 38.59 -63.45 47.13
CA SER E 610 37.78 -62.31 46.72
C SER E 610 37.88 -62.09 45.22
N TRP E 611 39.09 -62.17 44.67
CA TRP E 611 39.25 -62.03 43.22
C TRP E 611 38.55 -63.15 42.47
N GLY E 612 38.61 -64.38 43.01
CA GLY E 612 37.93 -65.49 42.35
C GLY E 612 36.42 -65.37 42.37
N VAL E 613 35.86 -64.96 43.50
CA VAL E 613 34.40 -64.81 43.59
C VAL E 613 33.94 -63.61 42.79
N LEU E 614 34.76 -62.57 42.68
CA LEU E 614 34.39 -61.42 41.87
C LEU E 614 34.65 -61.70 40.39
N LEU E 615 35.90 -61.98 40.04
CA LEU E 615 36.27 -62.40 38.69
C LEU E 615 36.20 -63.92 38.66
N ASN E 616 35.13 -64.45 38.08
CA ASN E 616 34.86 -65.88 38.13
C ASN E 616 35.98 -66.70 37.51
N SER E 617 36.66 -67.50 38.32
CA SER E 617 37.75 -68.35 37.83
C SER E 617 37.74 -69.74 38.47
N GLY E 618 36.72 -70.09 39.23
CA GLY E 618 36.65 -71.38 39.89
C GLY E 618 37.37 -71.48 41.21
N ILE E 619 37.85 -70.37 41.76
CA ILE E 619 38.55 -70.38 43.04
C ILE E 619 37.54 -70.49 44.16
N GLY E 620 37.71 -71.50 45.01
CA GLY E 620 36.80 -71.72 46.13
C GLY E 620 36.40 -73.17 46.29
N SER E 626 35.41 -71.85 62.15
CA SER E 626 34.04 -72.00 61.68
C SER E 626 33.43 -70.65 61.29
N PHE E 627 33.73 -69.63 62.10
CA PHE E 627 33.22 -68.29 61.81
C PHE E 627 33.79 -67.75 60.50
N SER E 628 35.06 -68.03 60.23
CA SER E 628 35.66 -67.55 58.98
C SER E 628 34.97 -68.12 57.76
N ALA E 629 34.66 -69.42 57.79
CA ALA E 629 33.95 -70.04 56.66
C ALA E 629 32.56 -69.44 56.50
N ARG E 630 31.87 -69.20 57.61
CA ARG E 630 30.52 -68.62 57.54
C ARG E 630 30.56 -67.22 56.94
N ILE E 631 31.47 -66.37 57.42
CA ILE E 631 31.54 -65.01 56.88
C ILE E 631 31.99 -65.04 55.42
N LEU E 632 32.89 -65.96 55.06
CA LEU E 632 33.31 -66.09 53.67
C LEU E 632 32.14 -66.46 52.77
N GLY E 633 31.29 -67.39 53.23
CA GLY E 633 30.13 -67.78 52.44
C GLY E 633 29.02 -66.75 52.44
N MET E 634 28.99 -65.87 53.43
CA MET E 634 27.90 -64.91 53.54
C MET E 634 28.21 -63.57 52.87
N VAL E 635 29.27 -62.88 53.33
CA VAL E 635 29.49 -61.50 52.91
C VAL E 635 30.24 -61.36 51.59
N TRP E 636 31.04 -62.37 51.21
CA TRP E 636 31.74 -62.31 49.93
C TRP E 636 30.74 -62.30 48.78
N ALA E 637 29.65 -63.07 48.90
CA ALA E 637 28.63 -63.08 47.86
C ALA E 637 28.00 -61.70 47.70
N GLY E 638 27.67 -61.04 48.82
CA GLY E 638 27.10 -59.71 48.73
C GLY E 638 28.06 -58.70 48.16
N PHE E 639 29.33 -58.76 48.56
CA PHE E 639 30.32 -57.84 48.01
C PHE E 639 30.48 -58.04 46.51
N ALA E 640 30.53 -59.30 46.06
CA ALA E 640 30.66 -59.58 44.64
C ALA E 640 29.44 -59.10 43.86
N MET E 641 28.24 -59.31 44.40
CA MET E 641 27.04 -58.86 43.70
C MET E 641 26.99 -57.34 43.63
N ILE E 642 27.41 -56.65 44.68
CA ILE E 642 27.44 -55.19 44.65
C ILE E 642 28.45 -54.70 43.61
N ILE E 643 29.64 -55.32 43.58
CA ILE E 643 30.66 -54.88 42.64
C ILE E 643 30.22 -55.11 41.20
N VAL E 644 29.62 -56.28 40.92
CA VAL E 644 29.17 -56.54 39.55
C VAL E 644 28.00 -55.63 39.17
N ALA E 645 27.12 -55.32 40.13
CA ALA E 645 26.05 -54.37 39.84
C ALA E 645 26.61 -53.00 39.51
N SER E 646 27.60 -52.54 40.27
CA SER E 646 28.23 -51.26 39.97
C SER E 646 28.91 -51.28 38.60
N TYR E 647 29.58 -52.39 38.27
CA TYR E 647 30.23 -52.50 36.96
C TYR E 647 29.21 -52.46 35.84
N THR E 648 28.08 -53.16 36.00
CA THR E 648 27.04 -53.12 34.98
C THR E 648 26.44 -51.73 34.85
N ALA E 649 26.25 -51.04 35.98
CA ALA E 649 25.75 -49.66 35.91
C ALA E 649 26.72 -48.75 35.18
N ASN E 650 28.02 -48.90 35.44
CA ASN E 650 29.01 -48.10 34.74
C ASN E 650 29.03 -48.41 33.25
N LEU E 651 28.91 -49.70 32.90
CA LEU E 651 28.86 -50.07 31.49
C LEU E 651 27.63 -49.48 30.80
N ALA E 652 26.48 -49.49 31.49
CA ALA E 652 25.28 -48.89 30.94
C ALA E 652 25.44 -47.38 30.76
N ALA E 653 26.07 -46.72 31.74
CA ALA E 653 26.32 -45.28 31.62
C ALA E 653 27.29 -44.98 30.49
N PHE E 654 28.18 -45.93 30.18
CA PHE E 654 29.12 -45.74 29.07
C PHE E 654 28.42 -45.64 27.71
N LEU E 655 27.14 -46.04 27.62
CA LEU E 655 26.42 -45.92 26.36
C LEU E 655 26.28 -44.46 25.94
N VAL E 656 25.96 -43.58 26.88
CA VAL E 656 25.83 -42.15 26.59
C VAL E 656 27.17 -41.41 26.65
N LEU E 657 28.26 -42.13 26.92
CA LEU E 657 29.58 -41.52 26.96
C LEU E 657 30.13 -41.20 25.57
N ASP E 658 29.45 -41.63 24.51
CA ASP E 658 29.92 -41.35 23.15
C ASP E 658 30.03 -39.84 22.91
N ARG E 659 28.97 -39.10 23.22
CA ARG E 659 28.92 -37.64 23.09
C ARG E 659 29.33 -37.21 21.70
N PRO E 660 28.51 -37.47 20.68
CA PRO E 660 28.88 -37.06 19.32
C PRO E 660 28.88 -35.55 19.16
N GLU E 661 29.66 -35.09 18.18
CA GLU E 661 29.72 -33.67 17.89
C GLU E 661 28.36 -33.15 17.45
N GLU E 662 28.06 -31.91 17.82
CA GLU E 662 26.75 -31.33 17.53
C GLU E 662 26.63 -31.03 16.05
N ARG E 663 26.07 -31.97 15.29
CA ARG E 663 25.89 -31.78 13.86
C ARG E 663 24.87 -30.69 13.59
N ILE E 664 25.13 -29.88 12.57
CA ILE E 664 24.26 -28.77 12.22
C ILE E 664 23.02 -29.32 11.53
N THR E 665 21.84 -29.04 12.13
CA THR E 665 20.60 -29.47 11.52
C THR E 665 20.25 -28.64 10.29
N GLY E 666 20.69 -27.40 10.25
CA GLY E 666 20.40 -26.53 9.13
C GLY E 666 20.64 -25.07 9.51
N ILE E 667 20.00 -24.18 8.74
CA ILE E 667 20.12 -22.75 8.99
C ILE E 667 19.42 -22.32 10.27
N ASN E 668 18.56 -23.18 10.83
CA ASN E 668 17.81 -22.86 12.04
C ASN E 668 18.47 -23.41 13.31
N ASP E 669 19.71 -23.87 13.21
CA ASP E 669 20.41 -24.41 14.38
C ASP E 669 20.67 -23.28 15.36
N PRO E 670 20.24 -23.40 16.62
CA PRO E 670 20.46 -22.31 17.59
C PRO E 670 21.93 -21.99 17.81
N ARG E 671 22.82 -22.99 17.70
CA ARG E 671 24.24 -22.74 17.91
C ARG E 671 24.80 -21.80 16.86
N LEU E 672 24.37 -21.97 15.60
CA LEU E 672 24.80 -21.05 14.56
C LEU E 672 24.20 -19.66 14.76
N ARG E 673 23.00 -19.58 15.34
CA ARG E 673 22.35 -18.30 15.57
C ARG E 673 23.10 -17.44 16.59
N ASN E 674 24.04 -18.01 17.33
CA ASN E 674 24.84 -17.29 18.32
C ASN E 674 26.31 -17.53 18.01
N PRO E 675 26.86 -16.84 17.01
CA PRO E 675 28.26 -17.07 16.64
C PRO E 675 29.20 -16.61 17.74
N SER E 676 30.36 -17.28 17.81
CA SER E 676 31.37 -16.97 18.80
C SER E 676 32.74 -17.34 18.23
N ASP E 677 33.79 -16.78 18.84
CA ASP E 677 35.15 -17.05 18.40
C ASP E 677 35.56 -18.50 18.61
N LYS E 678 34.89 -19.21 19.52
CA LYS E 678 35.19 -20.62 19.75
C LYS E 678 34.66 -21.53 18.64
N PHE E 679 33.73 -21.03 17.82
CA PHE E 679 33.18 -21.82 16.71
C PHE E 679 32.88 -20.84 15.58
N ILE E 680 33.79 -20.74 14.62
CA ILE E 680 33.71 -19.76 13.55
C ILE E 680 33.20 -20.45 12.29
N TYR E 681 32.22 -19.82 11.63
CA TYR E 681 31.68 -20.32 10.38
C TYR E 681 31.45 -19.16 9.43
N ALA E 682 31.85 -19.36 8.18
CA ALA E 682 31.69 -18.32 7.16
C ALA E 682 31.83 -18.97 5.78
N THR E 683 31.39 -18.23 4.77
CA THR E 683 31.53 -18.67 3.39
C THR E 683 32.93 -18.33 2.89
N VAL E 684 33.16 -18.50 1.58
CA VAL E 684 34.46 -18.21 0.99
C VAL E 684 34.54 -16.73 0.63
N LYS E 685 33.61 -16.26 -0.21
CA LYS E 685 33.64 -14.89 -0.68
C LYS E 685 32.22 -14.51 -1.13
N GLN E 686 32.12 -13.49 -1.98
CA GLN E 686 30.81 -13.00 -2.41
C GLN E 686 30.22 -13.87 -3.52
N SER E 687 30.01 -15.15 -3.22
CA SER E 687 29.40 -16.07 -4.17
C SER E 687 27.87 -15.97 -4.08
N SER E 688 27.18 -16.94 -4.68
CA SER E 688 25.72 -16.96 -4.60
C SER E 688 25.24 -17.19 -3.17
N VAL E 689 26.03 -17.88 -2.36
CA VAL E 689 25.69 -18.05 -0.94
C VAL E 689 25.66 -16.70 -0.24
N ASP E 690 26.65 -15.85 -0.53
CA ASP E 690 26.66 -14.50 0.03
C ASP E 690 25.45 -13.70 -0.45
N ILE E 691 25.06 -13.89 -1.72
CA ILE E 691 23.87 -13.20 -2.23
C ILE E 691 22.62 -13.64 -1.47
N TYR E 692 22.48 -14.95 -1.24
CA TYR E 692 21.33 -15.44 -0.49
C TYR E 692 21.32 -14.92 0.93
N PHE E 693 22.50 -14.88 1.57
CA PHE E 693 22.58 -14.34 2.93
C PHE E 693 22.23 -12.86 2.96
N ARG E 694 22.68 -12.10 1.95
CA ARG E 694 22.34 -10.68 1.89
C ARG E 694 20.85 -10.47 1.69
N ARG E 695 20.23 -11.28 0.81
CA ARG E 695 18.80 -11.14 0.56
C ARG E 695 17.99 -11.48 1.81
N GLN E 696 18.41 -12.51 2.55
CA GLN E 696 17.71 -12.92 3.76
C GLN E 696 18.07 -11.95 4.89
N VAL E 697 17.08 -11.16 5.32
CA VAL E 697 17.33 -10.08 6.27
C VAL E 697 17.38 -10.55 7.72
N GLU E 698 17.00 -11.80 7.99
CA GLU E 698 16.96 -12.31 9.35
C GLU E 698 18.31 -12.89 9.80
N LEU E 699 19.35 -12.79 8.98
CA LEU E 699 20.66 -13.33 9.29
C LEU E 699 21.69 -12.21 9.48
N SER E 700 21.27 -11.14 10.15
CA SER E 700 22.20 -10.05 10.46
C SER E 700 23.31 -10.54 11.38
N THR E 701 22.96 -11.38 12.36
CA THR E 701 23.98 -11.93 13.25
C THR E 701 24.96 -12.82 12.49
N MET E 702 24.45 -13.59 11.52
CA MET E 702 25.34 -14.37 10.66
C MET E 702 26.26 -13.47 9.85
N TYR E 703 25.72 -12.39 9.30
CA TYR E 703 26.52 -11.51 8.46
C TYR E 703 27.59 -10.78 9.25
N ARG E 704 27.27 -10.39 10.50
CA ARG E 704 28.24 -9.67 11.32
C ARG E 704 29.47 -10.52 11.63
N HIS E 705 29.36 -11.84 11.58
CA HIS E 705 30.49 -12.72 11.82
C HIS E 705 31.09 -13.28 10.54
N MET E 706 30.31 -13.37 9.46
CA MET E 706 30.79 -13.95 8.22
C MET E 706 31.72 -13.00 7.46
N GLU E 707 31.55 -11.69 7.62
CA GLU E 707 32.34 -10.73 6.86
C GLU E 707 33.81 -10.77 7.25
N LYS E 708 34.12 -11.18 8.48
CA LYS E 708 35.49 -11.14 8.98
C LYS E 708 36.28 -12.42 8.67
N HIS E 709 35.63 -13.43 8.11
CA HIS E 709 36.27 -14.72 7.86
C HIS E 709 36.05 -15.17 6.42
N ASN E 710 36.28 -14.26 5.48
CA ASN E 710 36.16 -14.58 4.07
C ASN E 710 37.49 -15.11 3.52
N TYR E 711 37.38 -15.95 2.50
CA TYR E 711 38.53 -16.57 1.87
C TYR E 711 38.59 -16.16 0.39
N GLU E 712 39.50 -16.78 -0.35
CA GLU E 712 39.66 -16.49 -1.77
C GLU E 712 39.04 -17.54 -2.68
N SER E 713 39.21 -18.83 -2.37
CA SER E 713 38.69 -19.90 -3.19
C SER E 713 38.07 -20.97 -2.30
N ALA E 714 37.19 -21.77 -2.90
CA ALA E 714 36.56 -22.86 -2.15
C ALA E 714 37.59 -23.89 -1.70
N ALA E 715 38.60 -24.15 -2.54
CA ALA E 715 39.64 -25.10 -2.17
C ALA E 715 40.42 -24.62 -0.95
N GLU E 716 40.69 -23.32 -0.88
CA GLU E 716 41.37 -22.77 0.30
C GLU E 716 40.53 -22.95 1.56
N ALA E 717 39.23 -22.72 1.46
CA ALA E 717 38.35 -22.93 2.61
C ALA E 717 38.31 -24.39 3.03
N ILE E 718 38.27 -25.31 2.05
CA ILE E 718 38.28 -26.73 2.37
C ILE E 718 39.58 -27.11 3.07
N GLN E 719 40.71 -26.59 2.58
CA GLN E 719 42.00 -26.86 3.21
C GLN E 719 42.04 -26.31 4.63
N ALA E 720 41.49 -25.10 4.83
CA ALA E 720 41.46 -24.52 6.17
C ALA E 720 40.61 -25.36 7.12
N VAL E 721 39.47 -25.86 6.63
CA VAL E 721 38.64 -26.75 7.45
C VAL E 721 39.40 -28.03 7.79
N ARG E 722 40.13 -28.57 6.80
CA ARG E 722 40.96 -29.75 7.05
C ARG E 722 42.03 -29.44 8.09
N ASP E 723 42.65 -28.27 8.01
CA ASP E 723 43.67 -27.85 8.95
C ASP E 723 43.09 -27.38 10.29
N ASN E 724 41.78 -27.56 10.49
CA ASN E 724 41.09 -27.18 11.72
C ASN E 724 41.11 -25.68 11.97
N LYS E 725 41.46 -24.89 10.94
CA LYS E 725 41.43 -23.44 11.09
C LYS E 725 40.01 -22.88 11.03
N LEU E 726 39.15 -23.49 10.23
CA LEU E 726 37.75 -23.08 10.11
C LEU E 726 36.87 -24.19 10.62
N HIS E 727 35.97 -23.85 11.56
CA HIS E 727 35.13 -24.88 12.18
C HIS E 727 34.06 -25.37 11.21
N ALA E 728 33.39 -24.45 10.52
CA ALA E 728 32.32 -24.81 9.61
C ALA E 728 32.40 -23.95 8.35
N PHE E 729 32.01 -24.55 7.23
CA PHE E 729 32.03 -23.89 5.93
C PHE E 729 30.64 -24.00 5.30
N ILE E 730 30.12 -22.87 4.83
CA ILE E 730 28.84 -22.83 4.15
C ILE E 730 29.10 -22.73 2.66
N TRP E 731 28.63 -23.72 1.90
CA TRP E 731 28.92 -23.79 0.47
C TRP E 731 27.86 -24.68 -0.18
N ASP E 732 27.98 -24.86 -1.49
CA ASP E 732 27.00 -25.63 -2.25
C ASP E 732 26.97 -27.09 -1.79
N SER E 733 25.76 -27.67 -1.84
CA SER E 733 25.58 -29.03 -1.37
C SER E 733 26.32 -30.03 -2.25
N ALA E 734 26.31 -29.83 -3.57
CA ALA E 734 26.95 -30.78 -4.46
C ALA E 734 28.46 -30.83 -4.25
N VAL E 735 29.09 -29.66 -4.11
CA VAL E 735 30.54 -29.61 -3.91
C VAL E 735 30.91 -30.27 -2.59
N LEU E 736 30.15 -29.99 -1.54
CA LEU E 736 30.44 -30.58 -0.23
C LEU E 736 30.23 -32.09 -0.25
N GLU E 737 29.18 -32.56 -0.95
CA GLU E 737 28.96 -33.99 -1.07
C GLU E 737 30.10 -34.67 -1.81
N PHE E 738 30.57 -34.05 -2.90
CA PHE E 738 31.71 -34.60 -3.63
C PHE E 738 32.96 -34.64 -2.77
N GLU E 739 33.19 -33.57 -2.00
CA GLU E 739 34.37 -33.53 -1.13
C GLU E 739 34.29 -34.60 -0.06
N ALA E 740 33.10 -34.81 0.52
CA ALA E 740 32.94 -35.86 1.53
C ALA E 740 33.13 -37.25 0.92
N SER E 741 32.63 -37.45 -0.29
CA SER E 741 32.81 -38.75 -0.95
C SER E 741 34.28 -39.01 -1.25
N GLN E 742 34.99 -38.01 -1.78
CA GLN E 742 36.40 -38.20 -2.12
C GLN E 742 37.27 -38.27 -0.87
N LYS E 743 37.05 -37.37 0.08
CA LYS E 743 37.84 -37.31 1.30
C LYS E 743 36.95 -37.59 2.50
N CYS E 744 37.34 -38.57 3.32
CA CYS E 744 36.56 -38.99 4.47
C CYS E 744 36.85 -38.18 5.72
N ASP E 745 37.78 -37.22 5.66
CA ASP E 745 38.10 -36.39 6.81
C ASP E 745 37.10 -35.28 7.05
N LEU E 746 36.14 -35.08 6.14
CA LEU E 746 35.13 -34.05 6.26
C LEU E 746 33.76 -34.65 6.05
N VAL E 747 32.76 -34.10 6.76
CA VAL E 747 31.39 -34.56 6.66
C VAL E 747 30.49 -33.35 6.45
N THR E 748 29.30 -33.61 5.92
CA THR E 748 28.32 -32.59 5.61
C THR E 748 27.17 -32.63 6.61
N THR E 749 26.72 -31.45 7.04
CA THR E 749 25.63 -31.31 7.99
C THR E 749 24.56 -30.39 7.42
N GLY E 750 23.34 -30.58 7.89
CA GLY E 750 22.21 -29.82 7.37
C GLY E 750 21.55 -30.51 6.20
N GLU E 751 20.23 -30.68 6.26
CA GLU E 751 19.53 -31.43 5.22
C GLU E 751 19.65 -30.73 3.87
N LEU E 752 19.03 -29.55 3.73
CA LEU E 752 19.04 -28.78 2.50
C LEU E 752 18.38 -27.43 2.77
N PHE E 753 18.86 -26.41 2.07
CA PHE E 753 18.22 -25.10 2.08
C PHE E 753 18.69 -24.31 0.87
N PHE E 754 17.90 -23.31 0.49
CA PHE E 754 18.16 -22.49 -0.69
C PHE E 754 18.30 -23.35 -1.94
N ARG E 755 17.40 -24.32 -2.07
CA ARG E 755 17.42 -25.28 -3.17
C ARG E 755 16.96 -24.59 -4.44
N SER E 756 17.92 -24.10 -5.22
CA SER E 756 17.65 -23.45 -6.50
C SER E 756 18.28 -24.18 -7.67
N GLY E 757 19.57 -24.47 -7.61
CA GLY E 757 20.27 -25.19 -8.66
C GLY E 757 21.21 -24.28 -9.43
N PHE E 758 21.98 -24.93 -10.31
CA PHE E 758 22.94 -24.23 -11.15
C PHE E 758 22.24 -23.69 -12.40
N GLY E 759 23.02 -23.22 -13.36
CA GLY E 759 22.45 -22.71 -14.59
C GLY E 759 23.54 -22.26 -15.54
N ILE E 760 23.11 -21.83 -16.72
CA ILE E 760 24.00 -21.34 -17.77
C ILE E 760 23.78 -19.84 -17.89
N GLY E 761 24.86 -19.07 -17.76
CA GLY E 761 24.77 -17.63 -17.82
C GLY E 761 24.99 -17.07 -19.22
N MET E 762 23.96 -16.44 -19.78
CA MET E 762 24.04 -15.80 -21.08
C MET E 762 23.38 -14.44 -21.03
N ARG E 763 23.81 -13.55 -21.93
CA ARG E 763 23.23 -12.22 -22.00
C ARG E 763 21.82 -12.29 -22.56
N LYS E 764 21.03 -11.26 -22.25
CA LYS E 764 19.62 -11.24 -22.65
C LYS E 764 19.44 -11.19 -24.16
N ASP E 765 20.45 -10.71 -24.90
CA ASP E 765 20.37 -10.63 -26.35
C ASP E 765 20.99 -11.84 -27.04
N SER E 766 21.35 -12.87 -26.28
CA SER E 766 21.91 -14.07 -26.88
C SER E 766 20.85 -14.75 -27.75
N PRO E 767 21.23 -15.25 -28.93
CA PRO E 767 20.23 -15.84 -29.83
C PRO E 767 19.83 -17.26 -29.46
N TRP E 768 20.75 -18.01 -28.84
CA TRP E 768 20.53 -19.43 -28.59
C TRP E 768 19.35 -19.65 -27.64
N LYS E 769 19.50 -19.23 -26.37
CA LYS E 769 18.42 -19.28 -25.39
C LYS E 769 17.76 -20.66 -25.35
N GLN E 770 16.62 -20.78 -26.04
CA GLN E 770 15.92 -22.05 -26.12
C GLN E 770 16.79 -23.12 -26.75
N ASN E 771 17.72 -22.75 -27.64
CA ASN E 771 18.62 -23.74 -28.22
C ASN E 771 19.47 -24.42 -27.16
N VAL E 772 19.82 -23.71 -26.09
CA VAL E 772 20.55 -24.30 -24.98
C VAL E 772 19.62 -24.98 -23.99
N SER E 773 18.44 -24.38 -23.74
CA SER E 773 17.50 -24.95 -22.80
C SER E 773 17.01 -26.33 -23.26
N LEU E 774 16.67 -26.45 -24.54
CA LEU E 774 16.21 -27.72 -25.07
C LEU E 774 17.33 -28.77 -25.08
N SER E 775 18.56 -28.34 -25.34
CA SER E 775 19.68 -29.28 -25.27
C SER E 775 19.89 -29.79 -23.84
N ILE E 776 19.76 -28.91 -22.85
CA ILE E 776 19.86 -29.34 -21.46
C ILE E 776 18.73 -30.30 -21.11
N LEU E 777 17.52 -30.00 -21.58
CA LEU E 777 16.39 -30.89 -21.33
C LEU E 777 16.61 -32.26 -21.98
N LYS E 778 17.18 -32.27 -23.20
CA LYS E 778 17.50 -33.54 -23.85
C LYS E 778 18.54 -34.31 -23.06
N SER E 779 19.56 -33.62 -22.55
CA SER E 779 20.59 -34.29 -21.75
C SER E 779 19.98 -34.90 -20.50
N HIS E 780 19.05 -34.20 -19.86
CA HIS E 780 18.34 -34.77 -18.72
C HIS E 780 17.45 -35.93 -19.15
N GLU E 781 16.91 -35.89 -20.37
CA GLU E 781 15.97 -36.91 -20.82
C GLU E 781 16.67 -38.22 -21.13
N ASN E 782 17.84 -38.16 -21.76
CA ASN E 782 18.56 -39.34 -22.21
C ASN E 782 19.44 -39.95 -21.12
N GLY E 783 19.48 -39.37 -19.92
CA GLY E 783 20.33 -39.87 -18.87
C GLY E 783 21.79 -39.50 -19.01
N PHE E 784 22.12 -38.59 -19.93
CA PHE E 784 23.51 -38.16 -20.06
C PHE E 784 23.99 -37.45 -18.81
N MET E 785 23.13 -36.63 -18.20
CA MET E 785 23.47 -35.98 -16.95
C MET E 785 23.72 -37.00 -15.84
N GLU E 786 22.89 -38.05 -15.79
CA GLU E 786 23.11 -39.11 -14.80
C GLU E 786 24.43 -39.81 -15.03
N ASP E 787 24.78 -40.08 -16.28
CA ASP E 787 26.07 -40.72 -16.58
C ASP E 787 27.23 -39.82 -16.17
N LEU E 788 27.14 -38.52 -16.46
CA LEU E 788 28.19 -37.60 -16.06
C LEU E 788 28.32 -37.53 -14.54
N ASP E 789 27.19 -37.49 -13.85
CA ASP E 789 27.21 -37.47 -12.38
C ASP E 789 27.88 -38.73 -11.84
N LYS E 790 27.52 -39.89 -12.39
CA LYS E 790 28.12 -41.14 -11.93
C LYS E 790 29.62 -41.17 -12.19
N THR E 791 30.05 -40.66 -13.34
CA THR E 791 31.45 -40.75 -13.72
C THR E 791 32.31 -39.65 -13.10
N TRP E 792 31.72 -38.57 -12.58
CA TRP E 792 32.52 -37.48 -12.06
C TRP E 792 32.29 -37.20 -10.58
N VAL E 793 31.04 -37.17 -10.12
CA VAL E 793 30.73 -36.80 -8.75
C VAL E 793 30.57 -38.04 -7.86
N ARG E 794 29.91 -39.08 -8.36
CA ARG E 794 29.64 -40.27 -7.57
C ARG E 794 30.93 -41.06 -7.36
N TYR E 795 31.47 -40.99 -6.15
CA TYR E 795 32.68 -41.71 -5.77
C TYR E 795 32.35 -42.65 -4.61
N GLN E 796 33.39 -43.26 -4.05
CA GLN E 796 33.24 -44.20 -2.94
C GLN E 796 32.77 -43.47 -1.67
N THR E 809 42.58 -50.97 14.92
CA THR E 809 41.53 -50.14 14.32
C THR E 809 41.79 -48.66 14.59
N PHE E 810 41.54 -48.24 15.82
CA PHE E 810 41.75 -46.85 16.21
C PHE E 810 42.14 -46.84 17.70
N GLU E 811 42.04 -45.67 18.33
CA GLU E 811 42.62 -45.47 19.65
C GLU E 811 41.97 -46.36 20.70
N ASN E 812 40.65 -46.56 20.63
CA ASN E 812 39.97 -47.31 21.69
C ASN E 812 40.40 -48.76 21.74
N MET E 813 40.39 -49.44 20.58
CA MET E 813 40.76 -50.85 20.56
C MET E 813 42.22 -51.05 20.95
N ALA E 814 43.12 -50.21 20.44
CA ALA E 814 44.53 -50.32 20.81
C ALA E 814 44.71 -50.07 22.31
N GLY E 815 43.99 -49.08 22.85
CA GLY E 815 44.11 -48.80 24.27
C GLY E 815 43.63 -49.93 25.15
N VAL E 816 42.47 -50.51 24.81
CA VAL E 816 41.95 -51.60 25.62
C VAL E 816 42.83 -52.84 25.50
N PHE E 817 43.37 -53.10 24.29
CA PHE E 817 44.29 -54.22 24.12
C PHE E 817 45.55 -54.03 24.95
N MET E 818 46.11 -52.81 24.93
CA MET E 818 47.30 -52.54 25.73
C MET E 818 47.00 -52.67 27.21
N LEU E 819 45.83 -52.20 27.65
CA LEU E 819 45.47 -52.28 29.06
C LEU E 819 45.35 -53.74 29.51
N VAL E 820 44.64 -54.57 28.74
CA VAL E 820 44.47 -55.96 29.14
C VAL E 820 45.79 -56.71 29.07
N ALA E 821 46.62 -56.42 28.06
CA ALA E 821 47.93 -57.06 27.96
C ALA E 821 48.81 -56.69 29.15
N GLY E 822 48.80 -55.40 29.52
CA GLY E 822 49.58 -54.98 30.68
C GLY E 822 49.10 -55.61 31.97
N GLY E 823 47.78 -55.71 32.13
CA GLY E 823 47.24 -56.37 33.32
C GLY E 823 47.65 -57.83 33.40
N ILE E 824 47.54 -58.55 32.28
CA ILE E 824 47.93 -59.95 32.27
C ILE E 824 49.43 -60.10 32.54
N VAL E 825 50.25 -59.24 31.93
CA VAL E 825 51.69 -59.32 32.14
C VAL E 825 52.04 -59.03 33.59
N ALA E 826 51.40 -58.01 34.19
CA ALA E 826 51.66 -57.70 35.58
C ALA E 826 51.27 -58.86 36.49
N GLY E 827 50.11 -59.48 36.22
CA GLY E 827 49.69 -60.61 37.04
C GLY E 827 50.64 -61.79 36.95
N ILE E 828 51.03 -62.15 35.72
CA ILE E 828 51.91 -63.30 35.55
C ILE E 828 53.30 -63.01 36.13
N PHE E 829 53.77 -61.76 36.00
CA PHE E 829 55.06 -61.41 36.58
C PHE E 829 55.01 -61.45 38.10
N LEU E 830 53.91 -60.98 38.70
CA LEU E 830 53.77 -61.06 40.15
C LEU E 830 53.74 -62.51 40.62
N ILE E 831 53.01 -63.37 39.89
CA ILE E 831 52.99 -64.78 40.26
C ILE E 831 54.38 -65.40 40.14
N PHE E 832 55.09 -65.07 39.06
CA PHE E 832 56.43 -65.63 38.85
C PHE E 832 57.39 -65.20 39.94
N ILE E 833 57.37 -63.92 40.32
CA ILE E 833 58.29 -63.45 41.36
C ILE E 833 57.89 -64.00 42.72
N GLU E 834 56.58 -64.21 42.96
CA GLU E 834 56.17 -64.85 44.20
C GLU E 834 56.65 -66.29 44.27
N ILE E 835 56.55 -67.02 43.17
CA ILE E 835 57.03 -68.40 43.14
C ILE E 835 58.55 -68.45 43.32
N ALA E 836 59.28 -67.56 42.64
CA ALA E 836 60.73 -67.56 42.73
C ALA E 836 61.20 -67.23 44.14
N TYR E 837 60.55 -66.26 44.78
CA TYR E 837 60.92 -65.87 46.14
C TYR E 837 60.48 -66.92 47.15
N GLN F 20 -52.05 70.32 11.32
CA GLN F 20 -51.03 70.83 10.40
C GLN F 20 -49.77 69.97 10.44
N VAL F 21 -49.31 69.55 9.26
CA VAL F 21 -48.12 68.71 9.16
C VAL F 21 -46.89 69.61 9.32
N GLN F 22 -46.14 69.39 10.41
CA GLN F 22 -44.94 70.15 10.68
C GLN F 22 -43.82 69.21 11.09
N LEU F 23 -42.60 69.57 10.70
CA LEU F 23 -41.41 68.81 11.04
C LEU F 23 -40.41 69.72 11.73
N VAL F 24 -39.94 69.31 12.91
CA VAL F 24 -39.00 70.09 13.70
C VAL F 24 -37.73 69.26 13.89
N GLN F 25 -36.59 69.86 13.56
CA GLN F 25 -35.29 69.22 13.67
C GLN F 25 -34.46 69.93 14.74
N SER F 26 -33.22 69.49 14.89
CA SER F 26 -32.31 70.05 15.87
C SER F 26 -31.55 71.23 15.28
N GLY F 27 -30.86 71.97 16.15
CA GLY F 27 -30.09 73.11 15.73
C GLY F 27 -28.77 72.72 15.09
N ALA F 28 -28.08 73.72 14.56
CA ALA F 28 -26.81 73.50 13.90
C ALA F 28 -25.76 73.05 14.91
N GLU F 29 -24.94 72.07 14.50
CA GLU F 29 -23.90 71.53 15.35
C GLU F 29 -22.59 71.45 14.57
N VAL F 30 -21.48 71.62 15.29
CA VAL F 30 -20.14 71.54 14.73
C VAL F 30 -19.39 70.44 15.47
N ARG F 31 -18.86 69.48 14.71
CA ARG F 31 -18.15 68.34 15.27
C ARG F 31 -16.81 68.16 14.57
N LYS F 32 -15.83 67.68 15.33
CA LYS F 32 -14.52 67.40 14.77
C LYS F 32 -14.58 66.18 13.86
N PRO F 33 -13.66 66.08 12.91
CA PRO F 33 -13.64 64.88 12.05
C PRO F 33 -13.42 63.61 12.85
N GLY F 34 -14.09 62.54 12.42
CA GLY F 34 -14.02 61.27 13.11
C GLY F 34 -14.94 61.12 14.31
N ALA F 35 -15.77 62.12 14.59
CA ALA F 35 -16.68 62.08 15.72
C ALA F 35 -18.05 61.58 15.27
N SER F 36 -19.04 61.66 16.17
CA SER F 36 -20.40 61.23 15.88
C SER F 36 -21.36 62.38 16.10
N VAL F 37 -22.34 62.49 15.21
CA VAL F 37 -23.35 63.56 15.26
C VAL F 37 -24.73 62.92 15.18
N LYS F 38 -25.64 63.37 16.04
CA LYS F 38 -27.01 62.88 16.08
C LYS F 38 -27.95 64.02 15.72
N VAL F 39 -28.88 63.75 14.80
CA VAL F 39 -29.85 64.72 14.33
C VAL F 39 -31.24 64.18 14.60
N SER F 40 -32.09 65.01 15.22
CA SER F 40 -33.45 64.62 15.57
C SER F 40 -34.44 65.19 14.55
N CYS F 41 -35.62 64.56 14.52
CA CYS F 41 -36.69 64.99 13.61
C CYS F 41 -38.02 64.64 14.27
N ARG F 42 -38.77 65.66 14.69
CA ARG F 42 -40.06 65.46 15.34
C ARG F 42 -41.17 65.76 14.35
N ALA F 43 -42.15 64.86 14.29
CA ALA F 43 -43.28 64.96 13.37
C ALA F 43 -44.57 65.20 14.14
N SER F 44 -45.46 66.01 13.56
CA SER F 44 -46.74 66.30 14.18
C SER F 44 -47.77 66.56 13.09
N GLY F 45 -49.04 66.42 13.46
CA GLY F 45 -50.14 66.66 12.55
C GLY F 45 -50.52 65.49 11.68
N TYR F 46 -49.83 64.35 11.78
CA TYR F 46 -50.16 63.19 10.98
C TYR F 46 -49.66 61.94 11.71
N SER F 47 -50.12 60.78 11.23
CA SER F 47 -49.73 59.51 11.83
C SER F 47 -48.25 59.27 11.61
N PHE F 48 -47.48 59.31 12.69
CA PHE F 48 -46.03 59.14 12.58
C PHE F 48 -45.67 57.74 12.10
N THR F 49 -46.36 56.71 12.61
CA THR F 49 -46.07 55.34 12.21
C THR F 49 -46.58 55.01 10.83
N GLY F 50 -47.56 55.76 10.32
CA GLY F 50 -48.17 55.47 9.04
C GLY F 50 -47.48 56.09 7.84
N TYR F 51 -46.32 56.72 8.02
CA TYR F 51 -45.62 57.35 6.92
C TYR F 51 -44.11 57.17 7.09
N TYR F 52 -43.43 56.95 5.98
CA TYR F 52 -41.98 56.78 6.00
C TYR F 52 -41.28 58.11 6.27
N VAL F 53 -40.08 58.03 6.85
CA VAL F 53 -39.23 59.18 7.10
C VAL F 53 -37.92 58.95 6.36
N HIS F 54 -37.58 59.87 5.46
CA HIS F 54 -36.38 59.77 4.63
C HIS F 54 -35.41 60.90 4.97
N TRP F 55 -34.13 60.58 5.01
CA TRP F 55 -33.08 61.56 5.31
C TRP F 55 -32.30 61.86 4.03
N VAL F 56 -32.22 63.13 3.68
CA VAL F 56 -31.51 63.60 2.49
C VAL F 56 -30.56 64.71 2.90
N ARG F 57 -29.30 64.60 2.50
CA ARG F 57 -28.30 65.61 2.78
C ARG F 57 -27.94 66.35 1.50
N GLN F 58 -27.43 67.57 1.66
CA GLN F 58 -27.06 68.41 0.53
C GLN F 58 -25.85 69.24 0.91
N ALA F 59 -24.69 68.94 0.32
CA ALA F 59 -23.50 69.73 0.56
C ALA F 59 -23.57 71.04 -0.23
N PRO F 60 -22.93 72.10 0.26
CA PRO F 60 -22.92 73.36 -0.49
C PRO F 60 -22.29 73.18 -1.87
N GLY F 61 -22.88 73.81 -2.87
CA GLY F 61 -22.41 73.65 -4.23
C GLY F 61 -22.64 72.28 -4.82
N GLN F 62 -23.52 71.49 -4.22
CA GLN F 62 -23.79 70.13 -4.66
C GLN F 62 -25.27 69.85 -4.54
N GLY F 63 -25.76 68.91 -5.35
CA GLY F 63 -27.15 68.54 -5.34
C GLY F 63 -27.52 67.65 -4.17
N LEU F 64 -28.80 67.29 -4.11
CA LEU F 64 -29.31 66.45 -3.04
C LEU F 64 -28.70 65.05 -3.13
N GLU F 65 -28.43 64.46 -1.97
CA GLU F 65 -27.88 63.12 -1.88
C GLU F 65 -28.75 62.27 -0.97
N TRP F 66 -29.13 61.09 -1.43
CA TRP F 66 -30.03 60.21 -0.69
C TRP F 66 -29.24 59.34 0.28
N LEU F 67 -29.65 59.36 1.55
CA LEU F 67 -28.99 58.60 2.60
C LEU F 67 -29.74 57.31 2.94
N GLY F 68 -31.01 57.42 3.31
CA GLY F 68 -31.78 56.25 3.69
C GLY F 68 -33.15 56.64 4.18
N TRP F 69 -33.86 55.65 4.71
CA TRP F 69 -35.20 55.88 5.25
C TRP F 69 -35.46 54.91 6.38
N ILE F 70 -36.43 55.27 7.23
CA ILE F 70 -36.81 54.49 8.39
C ILE F 70 -38.32 54.40 8.44
N ASN F 71 -38.85 53.20 8.69
CA ASN F 71 -40.28 53.00 8.81
C ASN F 71 -40.65 52.91 10.28
N PRO F 72 -41.33 53.91 10.84
CA PRO F 72 -41.69 53.85 12.27
C PRO F 72 -42.59 52.68 12.63
N ASN F 73 -43.45 52.24 11.70
CA ASN F 73 -44.41 51.19 12.02
C ASN F 73 -43.73 49.88 12.35
N THR F 74 -42.69 49.51 11.59
CA THR F 74 -42.02 48.23 11.76
C THR F 74 -40.57 48.36 12.22
N GLY F 75 -40.00 49.57 12.18
CA GLY F 75 -38.62 49.76 12.57
C GLY F 75 -37.60 49.40 11.52
N GLY F 76 -38.03 49.00 10.32
CA GLY F 76 -37.11 48.66 9.25
C GLY F 76 -36.21 49.80 8.83
N THR F 77 -34.91 49.53 8.74
CA THR F 77 -33.93 50.55 8.39
C THR F 77 -33.28 50.17 7.07
N ASP F 78 -33.23 51.14 6.14
CA ASP F 78 -32.57 50.97 4.86
C ASP F 78 -31.50 52.04 4.72
N TYR F 79 -30.28 51.61 4.39
CA TYR F 79 -29.14 52.51 4.28
C TYR F 79 -28.50 52.37 2.91
N SER F 80 -28.00 53.49 2.39
CA SER F 80 -27.29 53.47 1.13
C SER F 80 -25.99 52.70 1.26
N GLN F 81 -25.61 52.00 0.18
CA GLN F 81 -24.43 51.16 0.21
C GLN F 81 -23.17 51.97 0.46
N LYS F 82 -23.14 53.24 0.03
CA LYS F 82 -21.99 54.08 0.30
C LYS F 82 -21.87 54.40 1.79
N PHE F 83 -22.99 54.58 2.47
CA PHE F 83 -23.01 54.99 3.87
C PHE F 83 -23.26 53.84 4.83
N GLN F 84 -23.16 52.60 4.36
CA GLN F 84 -23.37 51.45 5.23
C GLN F 84 -22.28 51.39 6.31
N GLY F 85 -22.67 50.99 7.51
CA GLY F 85 -21.75 50.88 8.62
C GLY F 85 -21.56 52.13 9.44
N ARG F 86 -22.16 53.25 9.03
CA ARG F 86 -22.01 54.51 9.76
C ARG F 86 -23.32 55.21 10.08
N VAL F 87 -24.41 54.88 9.40
CA VAL F 87 -25.70 55.55 9.61
C VAL F 87 -26.61 54.62 10.41
N THR F 88 -27.12 55.11 11.53
CA THR F 88 -28.06 54.38 12.36
C THR F 88 -29.31 55.22 12.57
N MET F 89 -30.47 54.63 12.35
CA MET F 89 -31.75 55.33 12.46
C MET F 89 -32.60 54.68 13.54
N THR F 90 -33.12 55.49 14.44
CA THR F 90 -33.99 55.02 15.52
C THR F 90 -35.25 55.87 15.56
N ARG F 91 -36.35 55.25 16.00
CA ARG F 91 -37.63 55.91 16.09
C ARG F 91 -38.29 55.60 17.42
N ASP F 92 -39.15 56.52 17.88
CA ASP F 92 -39.88 56.36 19.12
C ASP F 92 -41.33 56.73 18.88
N THR F 93 -42.24 55.76 19.04
CA THR F 93 -43.66 56.02 18.81
C THR F 93 -44.25 56.92 19.89
N SER F 94 -43.76 56.81 21.13
CA SER F 94 -44.34 57.58 22.23
C SER F 94 -44.18 59.08 22.03
N ILE F 95 -43.09 59.52 21.40
CA ILE F 95 -42.82 60.93 21.18
C ILE F 95 -42.86 61.31 19.71
N THR F 96 -43.05 60.34 18.81
CA THR F 96 -43.11 60.57 17.37
C THR F 96 -41.89 61.35 16.88
N THR F 97 -40.71 60.90 17.29
CA THR F 97 -39.46 61.54 16.94
C THR F 97 -38.50 60.51 16.36
N ALA F 98 -37.79 60.90 15.30
CA ALA F 98 -36.83 60.03 14.63
C ALA F 98 -35.42 60.60 14.81
N TYR F 99 -34.47 59.71 15.07
CA TYR F 99 -33.09 60.09 15.30
C TYR F 99 -32.17 59.37 14.33
N VAL F 100 -31.20 60.09 13.79
CA VAL F 100 -30.21 59.53 12.88
C VAL F 100 -28.82 59.81 13.45
N GLU F 101 -27.98 58.78 13.51
CA GLU F 101 -26.63 58.88 14.02
C GLU F 101 -25.64 58.56 12.91
N LEU F 102 -24.66 59.45 12.73
CA LEU F 102 -23.62 59.28 11.72
C LEU F 102 -22.26 59.36 12.39
N SER F 103 -21.40 58.39 12.09
CA SER F 103 -20.07 58.31 12.67
C SER F 103 -19.02 58.45 11.57
N SER F 104 -17.76 58.58 11.99
CA SER F 104 -16.62 58.72 11.09
C SER F 104 -16.80 59.92 10.16
N LEU F 105 -17.03 61.08 10.78
CA LEU F 105 -17.25 62.31 10.01
C LEU F 105 -15.97 62.72 9.29
N ILE F 106 -16.14 63.20 8.05
CA ILE F 106 -15.04 63.69 7.24
C ILE F 106 -15.37 65.11 6.78
N SER F 107 -14.39 65.73 6.12
CA SER F 107 -14.58 67.10 5.64
C SER F 107 -15.68 67.17 4.60
N ASP F 108 -15.94 66.08 3.88
CA ASP F 108 -16.98 66.06 2.86
C ASP F 108 -18.38 65.88 3.46
N ASP F 109 -18.49 65.59 4.75
CA ASP F 109 -19.78 65.38 5.38
C ASP F 109 -20.45 66.69 5.81
N THR F 110 -19.78 67.82 5.64
CA THR F 110 -20.37 69.11 5.98
C THR F 110 -21.52 69.41 5.02
N ALA F 111 -22.75 69.27 5.50
CA ALA F 111 -23.93 69.44 4.66
C ALA F 111 -25.12 69.74 5.56
N VAL F 112 -26.28 69.93 4.93
CA VAL F 112 -27.53 70.17 5.64
C VAL F 112 -28.40 68.93 5.47
N TYR F 113 -28.89 68.39 6.59
CA TYR F 113 -29.68 67.17 6.58
C TYR F 113 -31.16 67.51 6.72
N TYR F 114 -31.97 66.91 5.86
CA TYR F 114 -33.41 67.13 5.86
C TYR F 114 -34.14 65.79 6.03
N CYS F 115 -35.17 65.79 6.86
CA CYS F 115 -36.05 64.63 7.02
C CYS F 115 -37.36 64.93 6.30
N ALA F 116 -37.74 64.04 5.38
CA ALA F 116 -38.91 64.25 4.54
C ALA F 116 -39.89 63.09 4.71
N ARG F 117 -41.16 63.43 4.87
CA ARG F 117 -42.21 62.43 5.02
C ARG F 117 -42.56 61.82 3.67
N ASP F 118 -42.88 60.52 3.70
CA ASP F 118 -43.30 59.81 2.50
C ASP F 118 -44.45 58.88 2.85
N ALA F 119 -45.33 58.66 1.87
CA ALA F 119 -46.50 57.83 2.09
C ALA F 119 -46.11 56.35 2.19
N THR F 120 -46.96 55.58 2.87
CA THR F 120 -46.75 54.16 3.08
C THR F 120 -47.60 53.36 2.09
N GLY F 121 -46.96 52.45 1.36
CA GLY F 121 -47.62 51.63 0.37
C GLY F 121 -47.64 52.24 -1.02
N ALA F 122 -47.79 53.56 -1.10
CA ALA F 122 -47.79 54.27 -2.38
C ALA F 122 -46.40 54.83 -2.65
N ALA F 123 -45.90 54.58 -3.86
CA ALA F 123 -44.58 55.04 -4.29
C ALA F 123 -44.70 56.12 -5.35
N SER F 124 -45.68 57.01 -5.21
CA SER F 124 -45.91 58.08 -6.18
C SER F 124 -45.95 59.44 -5.51
N SER F 125 -45.51 59.54 -4.25
CA SER F 125 -45.48 60.81 -3.51
C SER F 125 -44.10 60.99 -2.91
N PRO F 126 -43.10 61.35 -3.74
CA PRO F 126 -41.73 61.48 -3.24
C PRO F 126 -41.51 62.82 -2.56
N PHE F 127 -41.31 62.76 -1.23
CA PHE F 127 -40.95 63.93 -0.42
C PHE F 127 -42.00 65.04 -0.55
N ASP F 128 -43.22 64.72 -0.10
CA ASP F 128 -44.30 65.69 -0.18
C ASP F 128 -44.04 66.89 0.74
N TYR F 129 -43.48 66.65 1.92
CA TYR F 129 -43.21 67.69 2.89
C TYR F 129 -41.75 67.68 3.28
N TRP F 130 -41.21 68.86 3.59
CA TRP F 130 -39.81 69.02 3.95
C TRP F 130 -39.68 69.85 5.22
N GLY F 131 -38.64 69.56 5.99
CA GLY F 131 -38.31 70.34 7.17
C GLY F 131 -37.40 71.51 6.86
N GLN F 132 -37.09 72.28 7.91
CA GLN F 132 -36.21 73.42 7.74
C GLN F 132 -34.75 73.02 7.56
N GLY F 133 -34.38 71.83 7.99
CA GLY F 133 -33.01 71.35 7.80
C GLY F 133 -32.11 71.68 8.97
N THR F 134 -31.08 70.83 9.13
CA THR F 134 -30.08 71.01 10.18
C THR F 134 -28.70 71.00 9.54
N LEU F 135 -27.88 71.99 9.88
CA LEU F 135 -26.55 72.14 9.32
C LEU F 135 -25.52 71.50 10.24
N VAL F 136 -24.67 70.65 9.67
CA VAL F 136 -23.59 69.99 10.40
C VAL F 136 -22.29 70.41 9.76
N THR F 137 -21.37 70.96 10.56
CA THR F 137 -20.09 71.44 10.09
C THR F 137 -18.97 70.58 10.67
N VAL F 138 -18.12 70.07 9.78
CA VAL F 138 -16.98 69.24 10.17
C VAL F 138 -15.70 70.00 9.86
N SER F 139 -14.93 70.32 10.89
CA SER F 139 -13.68 71.05 10.71
C SER F 139 -12.79 70.79 11.91
N SER F 140 -11.50 71.08 11.73
CA SER F 140 -10.50 70.88 12.78
C SER F 140 -10.38 72.11 13.69
N ALA F 141 -11.11 73.18 13.42
CA ALA F 141 -11.05 74.38 14.25
C ALA F 141 -12.01 74.27 15.43
N ASP G 23 -26.02 52.26 -11.30
CA ASP G 23 -27.48 52.41 -11.29
C ASP G 23 -27.96 53.24 -12.47
N ILE G 24 -28.56 54.38 -12.16
CA ILE G 24 -29.09 55.30 -13.17
C ILE G 24 -28.43 56.66 -12.97
N GLN G 25 -27.86 57.21 -14.04
CA GLN G 25 -27.19 58.50 -14.01
C GLN G 25 -28.06 59.53 -14.72
N MET G 26 -28.26 60.68 -14.06
CA MET G 26 -29.08 61.76 -14.59
C MET G 26 -28.20 62.90 -15.06
N THR G 27 -28.42 63.36 -16.28
CA THR G 27 -27.67 64.46 -16.87
C THR G 27 -28.65 65.54 -17.30
N GLN G 28 -28.36 66.78 -16.91
CA GLN G 28 -29.21 67.92 -17.22
C GLN G 28 -28.49 68.88 -18.16
N SER G 29 -29.24 69.43 -19.12
CA SER G 29 -28.71 70.39 -20.07
C SER G 29 -29.76 71.47 -20.33
N PRO G 30 -29.35 72.74 -20.41
CA PRO G 30 -27.98 73.25 -20.25
C PRO G 30 -27.57 73.35 -18.79
N SER G 31 -26.26 73.42 -18.52
CA SER G 31 -25.80 73.55 -17.14
C SER G 31 -26.26 74.86 -16.52
N THR G 32 -26.17 75.95 -17.27
CA THR G 32 -26.60 77.26 -16.81
C THR G 32 -27.42 77.93 -17.92
N LEU G 33 -28.61 78.40 -17.56
CA LEU G 33 -29.50 79.07 -18.50
C LEU G 33 -29.87 80.45 -17.96
N SER G 34 -29.71 81.47 -18.78
CA SER G 34 -30.02 82.84 -18.43
C SER G 34 -31.09 83.38 -19.37
N ALA G 35 -32.15 83.94 -18.81
CA ALA G 35 -33.24 84.49 -19.61
C ALA G 35 -33.90 85.62 -18.84
N SER G 36 -34.60 86.48 -19.58
CA SER G 36 -35.31 87.60 -18.98
C SER G 36 -36.63 87.14 -18.39
N VAL G 37 -37.29 88.06 -17.67
CA VAL G 37 -38.57 87.74 -17.05
C VAL G 37 -39.63 87.52 -18.12
N GLY G 38 -40.36 86.41 -18.01
CA GLY G 38 -41.38 86.06 -18.96
C GLY G 38 -40.91 85.23 -20.14
N ASP G 39 -39.61 84.99 -20.26
CA ASP G 39 -39.08 84.17 -21.34
C ASP G 39 -39.34 82.69 -21.07
N ARG G 40 -39.56 81.95 -22.15
CA ARG G 40 -39.77 80.51 -22.04
C ARG G 40 -38.49 79.81 -21.60
N VAL G 41 -38.63 78.86 -20.68
CA VAL G 41 -37.51 78.12 -20.12
C VAL G 41 -37.70 76.65 -20.47
N THR G 42 -36.67 76.05 -21.08
CA THR G 42 -36.68 74.65 -21.45
C THR G 42 -35.47 73.95 -20.85
N ILE G 43 -35.72 72.88 -20.10
CA ILE G 43 -34.67 72.10 -19.46
C ILE G 43 -34.80 70.66 -19.91
N THR G 44 -33.69 70.10 -20.40
CA THR G 44 -33.65 68.73 -20.89
C THR G 44 -32.85 67.87 -19.93
N CYS G 45 -33.44 66.78 -19.47
CA CYS G 45 -32.80 65.85 -18.55
C CYS G 45 -32.88 64.44 -19.13
N ARG G 46 -31.74 63.76 -19.15
CA ARG G 46 -31.61 62.44 -19.77
C ARG G 46 -31.11 61.43 -18.75
N ALA G 47 -31.66 60.22 -18.81
CA ALA G 47 -31.26 59.13 -17.94
C ALA G 47 -30.40 58.13 -18.70
N SER G 48 -29.54 57.43 -17.95
CA SER G 48 -28.63 56.46 -18.57
C SER G 48 -29.37 55.25 -19.14
N GLN G 49 -30.58 54.97 -18.69
CA GLN G 49 -31.35 53.85 -19.19
C GLN G 49 -32.83 54.15 -19.03
N SER G 50 -33.66 53.33 -19.67
CA SER G 50 -35.10 53.54 -19.65
C SER G 50 -35.64 53.46 -18.23
N ILE G 51 -36.45 54.45 -17.85
CA ILE G 51 -37.05 54.50 -16.53
C ILE G 51 -38.55 54.72 -16.68
N SER G 52 -39.08 54.41 -17.87
CA SER G 52 -40.49 54.61 -18.18
C SER G 52 -40.91 56.06 -17.97
N SER G 53 -41.63 56.33 -16.88
CA SER G 53 -42.06 57.69 -16.57
C SER G 53 -41.89 58.02 -15.10
N TRP G 54 -41.03 57.30 -14.37
CA TRP G 54 -40.84 57.52 -12.94
C TRP G 54 -39.75 58.57 -12.75
N LEU G 55 -40.11 59.81 -13.06
CA LEU G 55 -39.23 60.96 -12.88
C LEU G 55 -40.01 62.11 -12.25
N ALA G 56 -39.34 62.84 -11.36
CA ALA G 56 -39.95 63.97 -10.66
C ALA G 56 -39.05 65.20 -10.78
N TRP G 57 -39.68 66.37 -10.86
CA TRP G 57 -38.97 67.64 -10.96
C TRP G 57 -39.08 68.40 -9.65
N TYR G 58 -37.96 68.89 -9.15
CA TYR G 58 -37.91 69.62 -7.90
C TYR G 58 -37.31 71.01 -8.13
N GLN G 59 -37.82 71.98 -7.39
CA GLN G 59 -37.33 73.35 -7.43
C GLN G 59 -36.81 73.73 -6.05
N GLN G 60 -35.58 74.24 -5.99
CA GLN G 60 -34.95 74.61 -4.74
C GLN G 60 -34.28 75.96 -4.89
N ARG G 61 -34.83 76.97 -4.20
CA ARG G 61 -34.19 78.27 -4.14
C ARG G 61 -33.01 78.21 -3.17
N PRO G 62 -31.99 79.06 -3.37
CA PRO G 62 -30.86 79.07 -2.45
C PRO G 62 -31.30 79.40 -1.02
N GLY G 63 -30.72 78.67 -0.06
CA GLY G 63 -31.08 78.86 1.32
C GLY G 63 -32.49 78.43 1.68
N GLN G 64 -33.10 77.57 0.88
CA GLN G 64 -34.47 77.13 1.11
C GLN G 64 -34.59 75.65 0.76
N ALA G 65 -35.51 74.97 1.43
CA ALA G 65 -35.72 73.56 1.18
C ALA G 65 -36.31 73.33 -0.21
N PRO G 66 -35.95 72.22 -0.86
CA PRO G 66 -36.50 71.95 -2.19
C PRO G 66 -38.01 71.75 -2.16
N LYS G 67 -38.66 72.13 -3.25
CA LYS G 67 -40.10 72.00 -3.41
C LYS G 67 -40.41 71.16 -4.65
N LEU G 68 -41.33 70.22 -4.50
CA LEU G 68 -41.72 69.34 -5.60
C LEU G 68 -42.69 70.07 -6.52
N LEU G 69 -42.33 70.16 -7.81
CA LEU G 69 -43.18 70.81 -8.79
C LEU G 69 -44.05 69.78 -9.54
N ILE G 70 -43.42 68.82 -10.19
CA ILE G 70 -44.13 67.83 -10.99
C ILE G 70 -43.70 66.44 -10.52
N TYR G 71 -44.68 65.57 -10.28
CA TYR G 71 -44.44 64.19 -9.91
C TYR G 71 -44.87 63.28 -11.04
N MET G 72 -44.10 62.20 -11.26
CA MET G 72 -44.30 61.25 -12.34
C MET G 72 -44.09 61.87 -13.72
N ALA G 73 -43.61 63.12 -13.78
CA ALA G 73 -43.30 63.84 -15.02
C ALA G 73 -44.50 64.00 -15.94
N SER G 74 -45.72 63.74 -15.44
CA SER G 74 -46.90 63.86 -16.28
C SER G 74 -47.98 64.68 -15.59
N THR G 75 -48.03 64.64 -14.26
CA THR G 75 -49.06 65.32 -13.48
C THR G 75 -48.42 66.33 -12.55
N LEU G 76 -48.97 67.54 -12.52
CA LEU G 76 -48.44 68.59 -11.67
C LEU G 76 -48.90 68.41 -10.24
N GLN G 77 -48.00 68.72 -9.30
CA GLN G 77 -48.34 68.68 -7.89
C GLN G 77 -49.35 69.79 -7.55
N THR G 78 -50.25 69.48 -6.62
CA THR G 78 -51.26 70.45 -6.22
C THR G 78 -50.61 71.71 -5.64
N GLY G 79 -51.09 72.87 -6.08
CA GLY G 79 -50.54 74.14 -5.66
C GLY G 79 -49.46 74.71 -6.56
N VAL G 80 -48.92 73.90 -7.47
CA VAL G 80 -47.90 74.38 -8.40
C VAL G 80 -48.58 75.21 -9.49
N PRO G 81 -48.03 76.37 -9.85
CA PRO G 81 -48.65 77.17 -10.92
C PRO G 81 -48.67 76.41 -12.24
N SER G 82 -49.71 76.70 -13.04
CA SER G 82 -49.91 76.00 -14.30
C SER G 82 -48.86 76.33 -15.35
N ARG G 83 -48.02 77.34 -15.13
CA ARG G 83 -46.99 77.67 -16.10
C ARG G 83 -45.99 76.53 -16.28
N PHE G 84 -45.70 75.79 -15.22
CA PHE G 84 -44.80 74.65 -15.32
C PHE G 84 -45.49 73.50 -16.06
N SER G 85 -44.70 72.77 -16.86
CA SER G 85 -45.23 71.63 -17.59
C SER G 85 -44.11 70.63 -17.81
N GLY G 86 -44.51 69.37 -18.01
CA GLY G 86 -43.56 68.30 -18.23
C GLY G 86 -43.97 67.44 -19.40
N SER G 87 -42.97 66.91 -20.10
CA SER G 87 -43.21 66.08 -21.27
C SER G 87 -42.04 65.09 -21.41
N GLY G 88 -42.17 64.20 -22.39
CA GLY G 88 -41.16 63.20 -22.66
C GLY G 88 -41.45 61.88 -21.97
N SER G 89 -40.73 60.86 -22.41
CA SER G 89 -40.86 59.52 -21.86
C SER G 89 -39.58 58.75 -22.13
N GLY G 90 -39.51 57.53 -21.60
CA GLY G 90 -38.34 56.70 -21.79
C GLY G 90 -37.11 57.20 -21.06
N THR G 91 -36.13 57.70 -21.81
CA THR G 91 -34.90 58.22 -21.22
C THR G 91 -34.79 59.73 -21.25
N GLU G 92 -35.62 60.41 -22.04
CA GLU G 92 -35.55 61.85 -22.21
C GLU G 92 -36.81 62.49 -21.65
N PHE G 93 -36.63 63.50 -20.79
CA PHE G 93 -37.73 64.26 -20.22
C PHE G 93 -37.41 65.75 -20.35
N THR G 94 -38.45 66.54 -20.56
CA THR G 94 -38.31 67.97 -20.80
C THR G 94 -39.18 68.75 -19.82
N LEU G 95 -38.60 69.78 -19.21
CA LEU G 95 -39.32 70.69 -18.34
C LEU G 95 -39.50 72.02 -19.08
N THR G 96 -40.74 72.49 -19.17
CA THR G 96 -41.08 73.68 -19.93
C THR G 96 -41.81 74.67 -19.03
N ILE G 97 -41.37 75.92 -19.05
CA ILE G 97 -42.00 77.01 -18.32
C ILE G 97 -42.51 78.02 -19.33
N SER G 98 -43.81 78.31 -19.29
CA SER G 98 -44.40 79.22 -20.27
C SER G 98 -43.90 80.64 -20.07
N SER G 99 -43.93 81.13 -18.83
CA SER G 99 -43.49 82.48 -18.51
C SER G 99 -42.59 82.45 -17.28
N LEU G 100 -41.38 83.00 -17.42
CA LEU G 100 -40.46 83.07 -16.29
C LEU G 100 -40.93 84.11 -15.28
N GLN G 101 -40.73 83.81 -14.01
CA GLN G 101 -41.18 84.66 -12.91
C GLN G 101 -40.00 84.94 -11.98
N PRO G 102 -40.06 86.05 -11.24
CA PRO G 102 -38.95 86.36 -10.32
C PRO G 102 -38.70 85.29 -9.28
N ASP G 103 -39.74 84.61 -8.79
CA ASP G 103 -39.56 83.55 -7.81
C ASP G 103 -39.15 82.23 -8.44
N ASP G 104 -39.13 82.14 -9.77
CA ASP G 104 -38.75 80.92 -10.46
C ASP G 104 -37.25 80.80 -10.69
N PHE G 105 -36.46 81.82 -10.30
CA PHE G 105 -35.02 81.78 -10.46
C PHE G 105 -34.43 80.87 -9.39
N ALA G 106 -34.47 79.57 -9.65
CA ALA G 106 -33.96 78.56 -8.73
C ALA G 106 -33.35 77.43 -9.54
N THR G 107 -32.86 76.42 -8.84
CA THR G 107 -32.22 75.26 -9.46
C THR G 107 -33.24 74.12 -9.56
N TYR G 108 -33.33 73.52 -10.74
CA TYR G 108 -34.29 72.45 -11.02
C TYR G 108 -33.54 71.12 -11.11
N TYR G 109 -34.06 70.12 -10.42
CA TYR G 109 -33.46 68.79 -10.37
C TYR G 109 -34.45 67.76 -10.87
N CYS G 110 -33.96 66.80 -11.66
CA CYS G 110 -34.75 65.65 -12.10
C CYS G 110 -34.31 64.41 -11.32
N GLN G 111 -35.26 63.76 -10.68
CA GLN G 111 -34.99 62.61 -9.82
C GLN G 111 -35.84 61.43 -10.26
N HIS G 112 -35.20 60.26 -10.39
CA HIS G 112 -35.91 59.02 -10.68
C HIS G 112 -36.36 58.38 -9.38
N TYR G 113 -37.61 57.94 -9.33
CA TYR G 113 -38.22 57.39 -8.13
C TYR G 113 -37.43 56.23 -7.55
N LYS G 114 -37.11 55.21 -8.36
CA LYS G 114 -36.46 54.02 -7.85
C LYS G 114 -34.99 54.26 -7.53
N SER G 115 -34.30 55.02 -8.40
CA SER G 115 -32.88 55.24 -8.19
C SER G 115 -32.61 56.10 -6.96
N TYR G 116 -33.49 57.07 -6.68
CA TYR G 116 -33.36 58.04 -5.60
C TYR G 116 -32.13 58.93 -5.77
N SER G 117 -31.56 59.00 -6.97
CA SER G 117 -30.41 59.84 -7.23
C SER G 117 -30.88 61.24 -7.63
N PHE G 118 -29.95 62.16 -7.89
CA PHE G 118 -30.30 63.52 -8.25
C PHE G 118 -29.31 64.02 -9.28
N GLY G 119 -29.81 64.78 -10.26
CA GLY G 119 -28.97 65.33 -11.31
C GLY G 119 -28.16 66.51 -10.83
N PRO G 120 -27.28 66.98 -11.71
CA PRO G 120 -26.45 68.15 -11.35
C PRO G 120 -27.27 69.40 -11.04
N GLY G 121 -28.39 69.60 -11.73
CA GLY G 121 -29.23 70.75 -11.49
C GLY G 121 -29.00 71.89 -12.47
N THR G 122 -30.08 72.51 -12.94
CA THR G 122 -30.02 73.64 -13.85
C THR G 122 -30.54 74.88 -13.12
N LYS G 123 -29.73 75.92 -13.08
CA LYS G 123 -30.05 77.15 -12.36
C LYS G 123 -30.42 78.24 -13.35
N VAL G 124 -31.54 78.91 -13.10
CA VAL G 124 -32.01 80.02 -13.93
C VAL G 124 -31.59 81.33 -13.27
N ASP G 125 -30.89 82.17 -14.03
CA ASP G 125 -30.37 83.43 -13.52
C ASP G 125 -30.81 84.56 -14.43
N ILE G 126 -30.87 85.77 -13.85
CA ILE G 126 -31.27 86.94 -14.61
C ILE G 126 -30.20 87.27 -15.64
N LYS G 127 -30.62 87.46 -16.90
CA LYS G 127 -29.68 87.78 -17.96
C LYS G 127 -29.00 89.11 -17.69
N ARG G 128 -27.67 89.13 -17.87
CA ARG G 128 -26.89 90.34 -17.66
C ARG G 128 -25.59 90.30 -18.44
N ASP H 23 -11.53 44.74 -43.31
CA ASP H 23 -10.47 45.63 -43.77
C ASP H 23 -10.95 47.07 -43.82
N ILE H 24 -10.75 47.74 -44.95
CA ILE H 24 -11.13 49.13 -45.16
C ILE H 24 -12.18 49.17 -46.25
N GLN H 25 -13.28 49.88 -45.99
CA GLN H 25 -14.40 50.00 -46.91
C GLN H 25 -14.43 51.42 -47.48
N MET H 26 -14.60 51.52 -48.79
CA MET H 26 -14.61 52.80 -49.49
C MET H 26 -16.05 53.15 -49.87
N THR H 27 -16.48 54.35 -49.48
CA THR H 27 -17.81 54.85 -49.80
C THR H 27 -17.69 56.12 -50.62
N GLN H 28 -18.40 56.17 -51.75
CA GLN H 28 -18.37 57.31 -52.65
C GLN H 28 -19.71 58.02 -52.66
N SER H 29 -19.67 59.35 -52.74
CA SER H 29 -20.86 60.17 -52.79
C SER H 29 -20.63 61.34 -53.73
N PRO H 30 -21.61 61.69 -54.57
CA PRO H 30 -22.93 61.05 -54.72
C PRO H 30 -22.85 59.78 -55.55
N SER H 31 -23.86 58.90 -55.44
CA SER H 31 -23.86 57.68 -56.25
C SER H 31 -23.95 57.99 -57.74
N THR H 32 -24.80 58.94 -58.10
CA THR H 32 -24.95 59.35 -59.49
C THR H 32 -24.99 60.86 -59.56
N LEU H 33 -24.15 61.44 -60.42
CA LEU H 33 -24.06 62.88 -60.59
C LEU H 33 -24.27 63.23 -62.06
N SER H 34 -25.16 64.18 -62.34
CA SER H 34 -25.45 64.63 -63.68
C SER H 34 -25.16 66.12 -63.79
N ALA H 35 -24.39 66.51 -64.79
CA ALA H 35 -24.05 67.91 -65.00
C ALA H 35 -23.82 68.16 -66.48
N SER H 36 -23.92 69.43 -66.87
CA SER H 36 -23.72 69.82 -68.25
C SER H 36 -22.23 69.93 -68.56
N VAL H 37 -21.92 70.14 -69.84
CA VAL H 37 -20.53 70.27 -70.27
C VAL H 37 -19.92 71.53 -69.70
N GLY H 38 -18.74 71.40 -69.09
CA GLY H 38 -18.05 72.52 -68.48
C GLY H 38 -18.40 72.78 -67.04
N ASP H 39 -19.38 72.06 -66.48
CA ASP H 39 -19.76 72.25 -65.08
C ASP H 39 -18.74 71.59 -64.16
N ARG H 40 -18.54 72.21 -63.00
CA ARG H 40 -17.62 71.66 -62.02
C ARG H 40 -18.16 70.37 -61.43
N VAL H 41 -17.28 69.39 -61.27
CA VAL H 41 -17.64 68.07 -60.76
C VAL H 41 -16.89 67.83 -59.46
N THR H 42 -17.60 67.50 -58.40
CA THR H 42 -17.03 67.23 -57.09
C THR H 42 -17.46 65.84 -56.63
N ILE H 43 -16.49 65.01 -56.30
CA ILE H 43 -16.74 63.65 -55.82
C ILE H 43 -16.10 63.49 -54.45
N THR H 44 -16.89 63.04 -53.48
CA THR H 44 -16.42 62.83 -52.12
C THR H 44 -16.34 61.34 -51.83
N CYS H 45 -15.17 60.89 -51.38
CA CYS H 45 -14.95 59.48 -51.06
C CYS H 45 -14.38 59.38 -49.65
N ARG H 46 -14.97 58.50 -48.85
CA ARG H 46 -14.61 58.35 -47.44
C ARG H 46 -14.21 56.90 -47.17
N ALA H 47 -13.18 56.74 -46.34
CA ALA H 47 -12.70 55.43 -45.93
C ALA H 47 -13.17 55.09 -44.52
N SER H 48 -13.10 53.80 -44.18
CA SER H 48 -13.54 53.37 -42.86
C SER H 48 -12.67 53.93 -41.76
N GLN H 49 -11.36 53.97 -41.95
CA GLN H 49 -10.44 54.50 -40.94
C GLN H 49 -9.35 55.29 -41.64
N SER H 50 -8.41 55.81 -40.85
CA SER H 50 -7.33 56.62 -41.37
C SER H 50 -6.43 55.82 -42.31
N ILE H 51 -6.17 56.38 -43.48
CA ILE H 51 -5.28 55.77 -44.46
C ILE H 51 -4.23 56.78 -44.88
N SER H 52 -4.02 57.81 -44.06
CA SER H 52 -3.07 58.88 -44.32
C SER H 52 -3.38 59.56 -45.65
N SER H 53 -2.56 59.29 -46.66
CA SER H 53 -2.77 59.85 -47.99
C SER H 53 -2.62 58.81 -49.09
N TRP H 54 -2.80 57.53 -48.76
CA TRP H 54 -2.62 56.44 -49.72
C TRP H 54 -3.94 56.14 -50.42
N LEU H 55 -4.33 57.04 -51.31
CA LEU H 55 -5.54 56.90 -52.11
C LEU H 55 -5.26 57.32 -53.54
N ALA H 56 -5.95 56.67 -54.48
CA ALA H 56 -5.78 56.96 -55.90
C ALA H 56 -7.15 57.04 -56.56
N TRP H 57 -7.20 57.79 -57.65
CA TRP H 57 -8.43 57.99 -58.42
C TRP H 57 -8.27 57.38 -59.81
N TYR H 58 -9.27 56.65 -60.27
CA TYR H 58 -9.26 56.01 -61.57
C TYR H 58 -10.45 56.48 -62.39
N GLN H 59 -10.27 56.50 -63.72
CA GLN H 59 -11.33 56.83 -64.66
C GLN H 59 -11.52 55.66 -65.62
N GLN H 60 -12.74 55.17 -65.74
CA GLN H 60 -13.05 54.02 -66.57
C GLN H 60 -14.33 54.31 -67.38
N ARG H 61 -14.17 54.49 -68.69
CA ARG H 61 -15.31 54.61 -69.57
C ARG H 61 -15.93 53.23 -69.81
N PRO H 62 -17.23 53.17 -70.10
CA PRO H 62 -17.86 51.88 -70.39
C PRO H 62 -17.20 51.18 -71.57
N GLY H 63 -17.02 49.88 -71.44
CA GLY H 63 -16.36 49.11 -72.49
C GLY H 63 -14.90 49.45 -72.68
N GLN H 64 -14.25 50.07 -71.71
CA GLN H 64 -12.85 50.47 -71.82
C GLN H 64 -12.15 50.20 -70.49
N ALA H 65 -10.84 49.97 -70.58
CA ALA H 65 -10.06 49.70 -69.38
C ALA H 65 -9.95 50.96 -68.51
N PRO H 66 -9.86 50.80 -67.19
CA PRO H 66 -9.69 51.95 -66.31
C PRO H 66 -8.37 52.65 -66.56
N LYS H 67 -8.37 53.96 -66.35
CA LYS H 67 -7.18 54.80 -66.51
C LYS H 67 -6.89 55.51 -65.21
N LEU H 68 -5.63 55.49 -64.79
CA LEU H 68 -5.21 56.13 -63.54
C LEU H 68 -5.06 57.63 -63.77
N LEU H 69 -5.80 58.42 -63.01
CA LEU H 69 -5.75 59.88 -63.10
C LEU H 69 -4.79 60.47 -62.07
N ILE H 70 -5.04 60.22 -60.78
CA ILE H 70 -4.24 60.81 -59.70
C ILE H 70 -3.77 59.68 -58.81
N TYR H 71 -2.47 59.68 -58.49
CA TYR H 71 -1.88 58.73 -57.56
C TYR H 71 -1.46 59.46 -56.30
N MET H 72 -1.63 58.80 -55.15
CA MET H 72 -1.36 59.33 -53.82
C MET H 72 -2.27 60.50 -53.46
N ALA H 73 -3.30 60.77 -54.27
CA ALA H 73 -4.30 61.81 -54.06
C ALA H 73 -3.70 63.21 -53.96
N SER H 74 -2.42 63.38 -54.33
CA SER H 74 -1.80 64.69 -54.24
C SER H 74 -1.09 65.07 -55.53
N THR H 75 -0.61 64.07 -56.27
CA THR H 75 0.14 64.30 -57.50
C THR H 75 -0.57 63.65 -58.67
N LEU H 76 -0.70 64.40 -59.76
CA LEU H 76 -1.38 63.89 -60.96
C LEU H 76 -0.45 62.99 -61.77
N GLN H 77 -1.03 61.95 -62.35
CA GLN H 77 -0.27 61.08 -63.24
C GLN H 77 0.12 61.82 -64.51
N THR H 78 1.29 61.47 -65.05
CA THR H 78 1.77 62.10 -66.27
C THR H 78 0.80 61.85 -67.43
N GLY H 79 0.49 62.89 -68.17
CA GLY H 79 -0.44 62.81 -69.29
C GLY H 79 -1.88 63.14 -68.94
N VAL H 80 -2.22 63.19 -67.66
CA VAL H 80 -3.57 63.52 -67.22
C VAL H 80 -3.79 65.02 -67.38
N PRO H 81 -4.93 65.46 -67.93
CA PRO H 81 -5.18 66.90 -68.06
C PRO H 81 -5.20 67.59 -66.70
N SER H 82 -4.77 68.85 -66.71
CA SER H 82 -4.66 69.63 -65.48
C SER H 82 -6.02 69.97 -64.86
N ARG H 83 -7.12 69.74 -65.57
CA ARG H 83 -8.43 70.05 -65.01
C ARG H 83 -8.74 69.20 -63.79
N PHE H 84 -8.27 67.94 -63.78
CA PHE H 84 -8.47 67.08 -62.62
C PHE H 84 -7.59 67.54 -61.46
N SER H 85 -8.12 67.43 -60.25
CA SER H 85 -7.38 67.80 -59.05
C SER H 85 -7.86 66.95 -57.88
N GLY H 86 -6.99 66.82 -56.89
CA GLY H 86 -7.30 66.04 -55.71
C GLY H 86 -6.93 66.78 -54.45
N SER H 87 -7.69 66.50 -53.39
CA SER H 87 -7.48 67.14 -52.10
C SER H 87 -7.97 66.21 -51.00
N GLY H 88 -7.75 66.62 -49.76
CA GLY H 88 -8.17 65.87 -48.60
C GLY H 88 -7.04 65.00 -48.04
N SER H 89 -7.25 64.56 -46.81
CA SER H 89 -6.28 63.71 -46.11
C SER H 89 -7.01 62.93 -45.04
N GLY H 90 -6.33 61.92 -44.50
CA GLY H 90 -6.92 61.08 -43.46
C GLY H 90 -7.96 60.11 -43.99
N THR H 91 -9.22 60.37 -43.67
CA THR H 91 -10.32 59.49 -44.08
C THR H 91 -11.17 60.07 -45.21
N GLU H 92 -11.09 61.38 -45.46
CA GLU H 92 -11.91 62.02 -46.47
C GLU H 92 -11.02 62.56 -47.59
N PHE H 93 -11.38 62.24 -48.83
CA PHE H 93 -10.69 62.72 -50.00
C PHE H 93 -11.70 63.23 -51.02
N THR H 94 -11.32 64.27 -51.75
CA THR H 94 -12.22 64.94 -52.68
C THR H 94 -11.58 65.00 -54.06
N LEU H 95 -12.34 64.64 -55.08
CA LEU H 95 -11.93 64.75 -56.47
C LEU H 95 -12.68 65.92 -57.11
N THR H 96 -11.93 66.86 -57.71
CA THR H 96 -12.50 68.08 -58.26
C THR H 96 -12.09 68.20 -59.72
N ILE H 97 -13.08 68.49 -60.58
CA ILE H 97 -12.85 68.72 -62.00
C ILE H 97 -13.28 70.15 -62.30
N SER H 98 -12.35 70.94 -62.86
CA SER H 98 -12.64 72.35 -63.12
C SER H 98 -13.69 72.50 -64.22
N SER H 99 -13.52 71.79 -65.33
CA SER H 99 -14.43 71.86 -66.46
C SER H 99 -14.75 70.45 -66.95
N LEU H 100 -16.04 70.14 -67.02
CA LEU H 100 -16.45 68.83 -67.52
C LEU H 100 -16.26 68.75 -69.02
N GLN H 101 -15.87 67.59 -69.50
CA GLN H 101 -15.56 67.35 -70.91
C GLN H 101 -16.35 66.15 -71.40
N PRO H 102 -16.61 66.07 -72.71
CA PRO H 102 -17.37 64.92 -73.24
C PRO H 102 -16.71 63.58 -72.97
N ASP H 103 -15.37 63.51 -72.98
CA ASP H 103 -14.68 62.27 -72.69
C ASP H 103 -14.56 61.98 -71.21
N ASP H 104 -14.97 62.92 -70.35
CA ASP H 104 -14.89 62.73 -68.90
C ASP H 104 -16.14 62.06 -68.34
N PHE H 105 -17.13 61.76 -69.17
CA PHE H 105 -18.34 61.08 -68.71
C PHE H 105 -18.02 59.60 -68.52
N ALA H 106 -17.43 59.30 -67.36
CA ALA H 106 -17.04 57.94 -67.01
C ALA H 106 -17.25 57.74 -65.52
N THR H 107 -16.93 56.54 -65.04
CA THR H 107 -17.07 56.19 -63.64
C THR H 107 -15.73 56.36 -62.92
N TYR H 108 -15.76 57.05 -61.79
CA TYR H 108 -14.56 57.34 -61.01
C TYR H 108 -14.54 56.48 -59.76
N TYR H 109 -13.39 55.88 -59.48
CA TYR H 109 -13.21 54.99 -58.34
C TYR H 109 -12.08 55.49 -57.46
N CYS H 110 -12.26 55.38 -56.15
CA CYS H 110 -11.22 55.67 -55.17
C CYS H 110 -10.76 54.36 -54.54
N GLN H 111 -9.46 54.11 -54.59
CA GLN H 111 -8.89 52.85 -54.11
C GLN H 111 -7.70 53.14 -53.20
N HIS H 112 -7.65 52.44 -52.07
CA HIS H 112 -6.54 52.54 -51.13
C HIS H 112 -5.45 51.56 -51.52
N TYR H 113 -4.20 51.97 -51.33
CA TYR H 113 -3.05 51.18 -51.75
C TYR H 113 -3.01 49.82 -51.07
N LYS H 114 -2.81 49.82 -49.76
CA LYS H 114 -2.69 48.54 -49.05
C LYS H 114 -4.03 48.07 -48.51
N SER H 115 -5.07 48.12 -49.35
CA SER H 115 -6.29 47.38 -49.09
C SER H 115 -6.83 46.84 -50.41
N TYR H 116 -6.35 47.41 -51.51
CA TYR H 116 -6.84 47.10 -52.85
C TYR H 116 -8.36 47.11 -52.94
N SER H 117 -9.01 47.96 -52.14
CA SER H 117 -10.46 48.01 -52.11
C SER H 117 -10.97 49.18 -52.96
N PHE H 118 -11.89 48.88 -53.87
CA PHE H 118 -12.48 49.88 -54.74
C PHE H 118 -13.86 50.27 -54.25
N GLY H 119 -14.20 51.55 -54.39
CA GLY H 119 -15.50 52.04 -53.98
C GLY H 119 -16.58 51.66 -54.96
N PRO H 120 -17.82 52.01 -54.61
CA PRO H 120 -18.95 51.70 -55.50
C PRO H 120 -18.83 52.37 -56.87
N GLY H 121 -18.23 53.56 -56.94
CA GLY H 121 -18.04 54.24 -58.20
C GLY H 121 -19.05 55.33 -58.46
N THR H 122 -18.59 56.48 -58.91
CA THR H 122 -19.44 57.62 -59.25
C THR H 122 -19.39 57.84 -60.74
N LYS H 123 -20.56 57.80 -61.39
CA LYS H 123 -20.66 57.92 -62.84
C LYS H 123 -21.21 59.30 -63.20
N VAL H 124 -20.55 59.97 -64.14
CA VAL H 124 -20.98 61.28 -64.63
C VAL H 124 -21.75 61.07 -65.91
N ASP H 125 -22.99 61.59 -65.95
CA ASP H 125 -23.87 61.43 -67.10
C ASP H 125 -24.36 62.79 -67.54
N ILE H 126 -24.73 62.88 -68.82
CA ILE H 126 -25.25 64.13 -69.37
C ILE H 126 -26.61 64.42 -68.75
N LYS H 127 -26.78 65.66 -68.26
CA LYS H 127 -28.03 66.05 -67.64
C LYS H 127 -29.16 66.02 -68.66
N ARG H 128 -30.28 65.43 -68.27
CA ARG H 128 -31.45 65.33 -69.14
C ARG H 128 -32.73 65.16 -68.34
C1 NAG I . -50.20 41.45 -8.13
C2 NAG I . -50.66 40.74 -9.41
C3 NAG I . -52.18 40.85 -9.57
C4 NAG I . -52.87 40.33 -8.31
C5 NAG I . -52.35 41.06 -7.08
C6 NAG I . -52.91 40.54 -5.79
C7 NAG I . -49.55 40.53 -11.59
C8 NAG I . -48.89 41.25 -12.72
N2 NAG I . -49.99 41.29 -10.58
O3 NAG I . -52.58 40.10 -10.70
O4 NAG I . -54.28 40.50 -8.41
O5 NAG I . -50.92 40.92 -7.00
O6 NAG I . -52.22 41.06 -4.66
O7 NAG I . -49.69 39.31 -11.59
C1 NAG I . -54.88 39.21 -8.64
C2 NAG I . -56.32 39.24 -8.15
C3 NAG I . -57.00 37.90 -8.43
C4 NAG I . -56.87 37.53 -9.91
C5 NAG I . -55.40 37.57 -10.33
C6 NAG I . -55.20 37.34 -11.81
C7 NAG I . -57.35 40.30 -6.20
C8 NAG I . -57.25 40.52 -4.72
N2 NAG I . -56.38 39.56 -6.73
O3 NAG I . -58.37 37.98 -8.07
O4 NAG I . -57.38 36.22 -10.13
O5 NAG I . -54.85 38.87 -10.04
O6 NAG I . -53.88 36.92 -12.10
O7 NAG I . -58.26 40.77 -6.86
C1 NAG J . 19.08 5.30 38.55
C2 NAG J . 19.03 6.06 39.88
C3 NAG J . 20.42 6.56 40.26
C4 NAG J . 21.42 5.41 40.26
C5 NAG J . 21.37 4.69 38.91
C6 NAG J . 22.27 3.47 38.86
C7 NAG J . 17.46 7.68 40.86
C8 NAG J . 16.54 8.83 40.59
N2 NAG J . 18.10 7.18 39.79
O3 NAG J . 20.38 7.15 41.56
O4 NAG J . 22.74 5.91 40.47
O5 NAG J . 20.04 4.24 38.66
O6 NAG J . 21.94 2.63 37.76
O7 NAG J . 17.62 7.23 41.98
C1 NAG K . -42.67 40.28 17.97
C2 NAG K . -43.64 40.79 19.05
C3 NAG K . -43.79 42.31 18.94
C4 NAG K . -42.42 42.98 18.99
C5 NAG K . -41.51 42.38 17.93
C6 NAG K . -40.09 42.91 18.01
C7 NAG K . -45.29 39.07 19.64
C8 NAG K . -46.67 38.53 19.38
N2 NAG K . -44.94 40.14 18.93
O3 NAG K . -44.60 42.77 20.02
O4 NAG K . -42.56 44.37 18.76
O5 NAG K . -41.41 40.96 18.11
O6 NAG K . -39.18 42.06 17.33
O7 NAG K . -44.54 38.56 20.46
C1 NAG L . -22.58 32.67 21.91
C2 NAG L . -21.58 33.07 20.83
C3 NAG L . -20.16 32.75 21.28
C4 NAG L . -19.86 33.37 22.63
C5 NAG L . -20.94 32.95 23.64
C6 NAG L . -20.77 33.63 24.98
C7 NAG L . -22.55 33.03 18.58
C8 NAG L . -22.78 32.21 17.34
N2 NAG L . -21.89 32.43 19.57
O3 NAG L . -19.23 33.24 20.31
O4 NAG L . -18.59 32.95 23.10
O5 NAG L . -22.23 33.31 23.16
O6 NAG L . -20.20 32.75 25.94
O7 NAG L . -22.94 34.20 18.68
C1 NAG M . -29.24 35.70 20.56
C2 NAG M . -29.62 37.18 20.38
C3 NAG M . -28.36 38.02 20.20
C4 NAG M . -27.40 37.78 21.36
C5 NAG M . -27.11 36.30 21.52
C6 NAG M . -26.27 35.99 22.74
C7 NAG M . -31.84 37.42 19.37
C8 NAG M . -32.61 37.59 18.08
N2 NAG M . -30.51 37.35 19.24
O3 NAG M . -28.72 39.40 20.14
O4 NAG M . -26.17 38.48 21.12
O5 NAG M . -28.35 35.58 21.68
O6 NAG M . -24.95 35.61 22.37
O7 NAG M . -32.39 37.35 20.46
C1 NAG N . -13.10 4.76 42.26
C2 NAG N . -14.51 5.17 42.70
C3 NAG N . -14.50 6.63 43.19
C4 NAG N . -13.44 6.83 44.25
C5 NAG N . -12.08 6.34 43.74
C6 NAG N . -11.00 6.40 44.80
C7 NAG N . -16.36 3.99 41.60
C8 NAG N . -17.28 3.96 40.42
N2 NAG N . -15.47 5.00 41.62
O3 NAG N . -15.79 6.96 43.70
O4 NAG N . -13.35 8.20 44.59
O5 NAG N . -12.18 4.97 43.33
O6 NAG N . -9.77 6.84 44.26
O7 NAG N . -16.42 3.15 42.49
C1 NAG O . -5.54 -41.50 -21.43
C2 NAG O . -6.75 -41.96 -20.62
C3 NAG O . -7.64 -42.86 -21.48
C4 NAG O . -8.00 -42.18 -22.79
C5 NAG O . -6.74 -41.70 -23.50
C6 NAG O . -7.03 -40.89 -24.75
C7 NAG O . -6.31 -42.06 -18.21
C8 NAG O . -5.86 -42.91 -17.07
N2 NAG O . -6.33 -42.65 -19.41
O3 NAG O . -8.82 -43.19 -20.75
O4 NAG O . -8.71 -43.07 -23.63
O5 NAG O . -5.98 -40.85 -22.63
O6 NAG O . -5.97 -40.97 -25.68
O7 NAG O . -6.63 -40.88 -18.06
C1 NAG P . 14.60 51.27 -41.53
C2 NAG P . 14.79 52.44 -40.56
C3 NAG P . 15.79 53.45 -41.13
C4 NAG P . 17.09 52.75 -41.49
C5 NAG P . 16.81 51.57 -42.42
C6 NAG P . 18.05 50.77 -42.74
C7 NAG P . 12.86 52.96 -39.13
C8 NAG P . 11.55 53.69 -39.02
N2 NAG P . 13.51 53.09 -40.29
O3 NAG P . 16.03 54.46 -40.16
O4 NAG P . 17.96 53.67 -42.15
O5 NAG P . 15.88 50.67 -41.81
O6 NAG P . 18.25 50.65 -44.14
O7 NAG P . 13.30 52.28 -38.20
C1 NAG Q . 17.03 27.72 -54.49
C2 NAG Q . 17.88 27.50 -55.74
C3 NAG Q . 17.38 28.36 -56.89
C4 NAG Q . 15.88 28.11 -57.12
C5 NAG Q . 15.11 28.29 -55.81
C6 NAG Q . 13.64 27.92 -55.94
C7 NAG Q . 20.20 26.86 -55.19
C8 NAG Q . 21.58 27.34 -54.93
N2 NAG Q . 19.29 27.80 -55.46
O3 NAG Q . 18.11 28.06 -58.06
O4 NAG Q . 15.38 29.01 -58.09
O5 NAG Q . 15.66 27.44 -54.80
O6 NAG Q . 13.23 27.08 -54.87
O7 NAG Q . 19.90 25.67 -55.16
C1 NAG R . 4.59 10.64 -46.35
C2 NAG R . 3.41 11.04 -45.47
C3 NAG R . 2.56 9.82 -45.15
C4 NAG R . 2.14 9.11 -46.44
C5 NAG R . 3.37 8.79 -47.29
C6 NAG R . 3.02 8.20 -48.64
C7 NAG R . 3.92 13.00 -44.09
C8 NAG R . 4.42 13.48 -42.75
N2 NAG R . 3.88 11.67 -44.25
O3 NAG R . 1.40 10.23 -44.44
O4 NAG R . 1.46 7.90 -46.13
O5 NAG R . 4.11 9.99 -47.54
O6 NAG R . 2.92 9.21 -49.63
O7 NAG R . 3.58 13.77 -44.97
C1 NAG S . 8.74 16.23 -49.62
C2 NAG S . 7.67 17.31 -49.51
C3 NAG S . 6.33 16.78 -50.00
C4 NAG S . 6.46 16.19 -51.40
C5 NAG S . 7.59 15.16 -51.43
C6 NAG S . 7.87 14.61 -52.81
C7 NAG S . 7.17 19.06 -47.86
C8 NAG S . 7.11 19.39 -46.39
N2 NAG S . 7.56 17.81 -48.15
O3 NAG S . 5.37 17.84 -50.02
O4 NAG S . 5.25 15.57 -51.79
O5 NAG S . 8.81 15.75 -50.96
O6 NAG S . 9.17 14.95 -53.25
O7 NAG S . 6.90 19.87 -48.72
C1 NAG T . 18.74 -22.96 -32.99
C2 NAG T . 17.51 -23.84 -33.23
C3 NAG T . 16.95 -23.60 -34.62
C4 NAG T . 16.68 -22.12 -34.84
C5 NAG T . 17.93 -21.30 -34.53
C6 NAG T . 17.70 -19.81 -34.60
C7 NAG T . 17.14 -26.06 -32.24
C8 NAG T . 17.61 -27.48 -32.18
N2 NAG T . 17.84 -25.25 -33.04
O3 NAG T . 15.75 -24.35 -34.78
O4 NAG T . 16.28 -21.89 -36.19
O5 NAG T . 18.39 -21.58 -33.19
O6 NAG T . 18.91 -19.12 -34.88
O7 NAG T . 16.17 -25.67 -31.60
#